data_3NQ4
#
_entry.id   3NQ4
#
_cell.length_a   174.430
_cell.length_b   157.490
_cell.length_c   202.788
_cell.angle_alpha   90.00
_cell.angle_beta   91.58
_cell.angle_gamma   90.00
#
_symmetry.space_group_name_H-M   'I 1 2 1'
#
loop_
_entity.id
_entity.type
_entity.pdbx_description
1 polymer '6,7-dimethyl-8-ribityllumazine synthase'
2 non-polymer 'SULFATE ION'
#
_entity_poly.entity_id   1
_entity_poly.type   'polypeptide(L)'
_entity_poly.pdbx_seq_one_letter_code
;MNIIKANVAAPDARVAITIARFNQFINDSLLDGAVDALTRIGQVKDDNITVVWVPGAYELPLATEALAKSGKYDAVVALG
TVIRGGTAHFEYVAGGASNGLASVAQDSGVPVAFGVLTTESIEQAIERAGTKAGNKGAEAALTALEMINVLKAIKA
;
_entity_poly.pdbx_strand_id   A,B,C,D,E,F,G,H,I,J,K,L,M,N,O,P,Q,R,S,T,U,V,W,X,Y,Z,1,2,3,4
#
# COMPACT_ATOMS: atom_id res chain seq x y z
N MET A 1 37.22 -40.17 26.41
CA MET A 1 36.84 -38.77 26.26
C MET A 1 36.70 -38.06 27.58
N ASN A 2 37.54 -37.08 27.85
CA ASN A 2 37.58 -36.42 29.16
C ASN A 2 36.66 -35.23 29.26
N ILE A 3 35.85 -35.21 30.30
CA ILE A 3 34.78 -34.23 30.44
C ILE A 3 34.97 -33.44 31.71
N ILE A 4 34.67 -32.15 31.67
CA ILE A 4 34.83 -31.31 32.85
C ILE A 4 33.49 -30.81 33.36
N LYS A 5 32.98 -31.46 34.40
CA LYS A 5 31.78 -30.97 35.09
C LYS A 5 32.19 -30.55 36.51
N ALA A 6 31.86 -29.32 36.89
CA ALA A 6 32.30 -28.81 38.19
C ALA A 6 31.15 -28.48 39.14
N ASN A 7 31.32 -28.79 40.43
CA ASN A 7 30.30 -28.52 41.43
C ASN A 7 30.34 -27.08 41.94
N VAL A 8 29.39 -26.72 42.81
CA VAL A 8 29.22 -25.35 43.25
C VAL A 8 29.74 -25.09 44.66
N ALA A 9 30.47 -26.06 45.22
CA ALA A 9 31.06 -25.86 46.54
C ALA A 9 32.50 -25.41 46.37
N ALA A 10 32.98 -24.56 47.29
CA ALA A 10 34.31 -23.97 47.14
C ALA A 10 34.68 -23.18 48.35
N PRO A 11 35.16 -23.88 49.35
CA PRO A 11 35.16 -23.48 50.76
C PRO A 11 36.03 -22.27 51.08
N ASP A 12 37.02 -21.96 50.23
CA ASP A 12 38.01 -20.92 50.53
C ASP A 12 37.91 -19.71 49.64
N ALA A 13 37.28 -19.89 48.51
CA ALA A 13 37.11 -18.80 47.57
C ALA A 13 36.63 -17.53 48.26
N ARG A 14 37.48 -16.51 48.26
CA ARG A 14 36.99 -15.23 48.71
C ARG A 14 36.24 -14.55 47.55
N VAL A 15 34.91 -14.46 47.66
CA VAL A 15 34.06 -13.85 46.64
C VAL A 15 33.69 -12.40 46.98
N ALA A 16 33.73 -11.54 45.98
CA ALA A 16 33.31 -10.14 46.15
C ALA A 16 32.00 -9.85 45.41
N ILE A 17 31.00 -9.40 46.17
CA ILE A 17 29.70 -9.04 45.63
C ILE A 17 29.61 -7.55 45.55
N THR A 18 29.20 -7.07 44.37
CA THR A 18 28.97 -5.64 44.12
C THR A 18 27.47 -5.38 43.88
N ILE A 19 26.98 -4.22 44.29
CA ILE A 19 25.55 -3.96 44.24
C ILE A 19 25.22 -2.50 44.01
N ALA A 20 24.22 -2.27 43.17
CA ALA A 20 23.65 -0.92 43.00
C ALA A 20 22.52 -0.66 44.01
N ARG A 21 22.57 0.49 44.67
CA ARG A 21 21.53 0.82 45.64
C ARG A 21 20.26 1.34 44.97
N PHE A 22 20.40 1.92 43.79
CA PHE A 22 19.23 2.26 42.98
C PHE A 22 18.44 0.99 42.68
N ASN A 23 17.14 1.03 42.90
CA ASN A 23 16.34 -0.17 42.82
C ASN A 23 16.69 -1.10 43.95
N GLN A 24 17.04 -0.48 45.07
CA GLN A 24 17.31 -1.21 46.29
C GLN A 24 16.19 -2.18 46.56
N PHE A 25 14.96 -1.69 46.59
CA PHE A 25 13.83 -2.51 47.02
C PHE A 25 13.81 -3.82 46.30
N ILE A 26 14.58 -3.91 45.21
CA ILE A 26 14.64 -5.14 44.43
C ILE A 26 16.00 -5.79 44.53
N ASN A 27 17.06 -4.97 44.43
CA ASN A 27 18.43 -5.46 44.50
C ASN A 27 18.73 -6.07 45.86
N ASP A 28 17.94 -5.73 46.86
CA ASP A 28 18.24 -6.19 48.20
C ASP A 28 18.01 -7.67 48.31
N SER A 29 16.99 -8.17 47.62
CA SER A 29 16.72 -9.61 47.64
C SER A 29 17.81 -10.28 46.85
N LEU A 30 18.23 -9.66 45.75
CA LEU A 30 19.33 -10.16 44.95
C LEU A 30 20.55 -10.50 45.82
N LEU A 31 20.86 -9.60 46.76
CA LEU A 31 21.94 -9.82 47.71
C LEU A 31 21.63 -11.01 48.62
N ASP A 32 20.42 -11.01 49.19
CA ASP A 32 20.02 -12.10 50.07
C ASP A 32 20.18 -13.45 49.37
N GLY A 33 19.68 -13.56 48.15
CA GLY A 33 19.88 -14.77 47.39
C GLY A 33 21.34 -15.08 47.24
N ALA A 34 22.07 -14.14 46.65
CA ALA A 34 23.50 -14.28 46.43
C ALA A 34 24.16 -14.84 47.69
N VAL A 35 24.13 -14.07 48.77
CA VAL A 35 24.84 -14.48 49.98
C VAL A 35 24.46 -15.88 50.46
N ASP A 36 23.15 -16.11 50.63
CA ASP A 36 22.69 -17.42 51.07
C ASP A 36 23.36 -18.49 50.23
N ALA A 37 23.07 -18.47 48.93
CA ALA A 37 23.64 -19.45 48.01
C ALA A 37 25.13 -19.57 48.19
N LEU A 38 25.80 -18.46 48.45
CA LEU A 38 27.27 -18.44 48.56
C LEU A 38 27.76 -19.28 49.73
N THR A 39 27.26 -18.96 50.91
CA THR A 39 27.61 -19.68 52.12
C THR A 39 26.93 -21.04 52.10
N ARG A 40 25.63 -21.06 52.42
CA ARG A 40 24.86 -22.28 52.51
C ARG A 40 25.23 -23.33 51.48
N ILE A 41 25.17 -22.98 50.20
CA ILE A 41 25.42 -23.95 49.12
C ILE A 41 26.90 -24.09 48.78
N GLY A 42 27.60 -22.96 48.70
CA GLY A 42 28.97 -22.94 48.24
C GLY A 42 29.98 -23.14 49.33
N GLN A 43 29.51 -23.30 50.56
CA GLN A 43 30.39 -23.57 51.69
C GLN A 43 31.36 -22.42 51.95
N VAL A 44 31.00 -21.21 51.51
CA VAL A 44 31.89 -20.06 51.69
C VAL A 44 31.74 -19.41 53.05
N LYS A 45 32.86 -19.21 53.74
CA LYS A 45 32.81 -18.55 55.02
C LYS A 45 32.43 -17.08 54.82
N ASP A 46 31.55 -16.59 55.68
CA ASP A 46 30.99 -15.26 55.49
C ASP A 46 31.96 -14.10 55.68
N ASP A 47 33.22 -14.39 55.98
CA ASP A 47 34.22 -13.33 56.04
C ASP A 47 35.14 -13.36 54.82
N ASN A 48 34.92 -14.32 53.94
CA ASN A 48 35.54 -14.31 52.62
C ASN A 48 34.59 -13.68 51.60
N ILE A 49 33.52 -13.12 52.11
CA ILE A 49 32.55 -12.39 51.32
C ILE A 49 32.63 -10.93 51.68
N THR A 50 33.05 -10.11 50.71
CA THR A 50 32.97 -8.67 50.90
C THR A 50 31.95 -8.08 49.94
N VAL A 51 31.22 -7.08 50.38
CA VAL A 51 30.12 -6.53 49.60
C VAL A 51 30.31 -5.03 49.32
N VAL A 52 30.58 -4.70 48.07
CA VAL A 52 30.81 -3.30 47.73
C VAL A 52 29.51 -2.71 47.19
N TRP A 53 29.15 -1.53 47.68
CA TRP A 53 27.92 -0.86 47.28
C TRP A 53 28.19 0.38 46.40
N VAL A 54 28.01 0.25 45.08
CA VAL A 54 28.07 1.41 44.20
C VAL A 54 26.67 1.99 43.99
N PRO A 55 26.59 3.29 43.63
CA PRO A 55 25.30 3.93 43.42
C PRO A 55 24.46 3.17 42.41
N GLY A 56 24.79 3.32 41.12
CA GLY A 56 23.95 2.78 40.05
C GLY A 56 24.53 1.58 39.35
N ALA A 57 23.69 0.87 38.61
CA ALA A 57 24.10 -0.30 37.86
C ALA A 57 25.16 0.05 36.82
N TYR A 58 25.22 1.34 36.46
CA TYR A 58 26.19 1.81 35.48
C TYR A 58 27.59 1.80 36.06
N GLU A 59 27.67 1.76 37.38
CA GLU A 59 28.96 1.84 38.05
C GLU A 59 29.48 0.46 38.38
N LEU A 60 28.61 -0.54 38.31
CA LEU A 60 28.97 -1.93 38.60
C LEU A 60 30.33 -2.35 38.02
N PRO A 61 30.58 -1.97 36.77
CA PRO A 61 31.86 -2.35 36.19
C PRO A 61 33.04 -1.86 37.02
N LEU A 62 33.32 -0.56 36.99
CA LEU A 62 34.50 -0.03 37.67
C LEU A 62 34.71 -0.70 39.02
N ALA A 63 33.64 -0.78 39.81
CA ALA A 63 33.70 -1.48 41.08
C ALA A 63 34.27 -2.89 40.89
N THR A 64 33.62 -3.68 40.04
CA THR A 64 34.02 -5.07 39.89
C THR A 64 35.33 -5.22 39.13
N GLU A 65 35.92 -4.12 38.68
CA GLU A 65 37.27 -4.17 38.11
C GLU A 65 38.31 -3.97 39.19
N ALA A 66 38.21 -2.84 39.89
CA ALA A 66 39.06 -2.59 41.03
C ALA A 66 39.10 -3.81 41.95
N LEU A 67 37.97 -4.51 42.07
CA LEU A 67 37.92 -5.72 42.86
C LEU A 67 38.74 -6.85 42.22
N ALA A 68 38.28 -7.35 41.08
CA ALA A 68 38.98 -8.46 40.42
C ALA A 68 40.46 -8.13 40.24
N LYS A 69 40.74 -6.94 39.73
CA LYS A 69 42.12 -6.51 39.58
C LYS A 69 42.90 -6.76 40.87
N SER A 70 42.44 -6.12 41.94
CA SER A 70 43.03 -6.29 43.26
C SER A 70 43.68 -7.64 43.41
N GLY A 71 42.95 -8.70 43.07
CA GLY A 71 43.47 -10.05 43.15
C GLY A 71 42.96 -10.85 44.34
N LYS A 72 42.69 -10.18 45.46
CA LYS A 72 42.26 -10.85 46.69
C LYS A 72 41.08 -11.82 46.50
N TYR A 73 40.23 -11.56 45.51
CA TYR A 73 39.00 -12.33 45.34
C TYR A 73 39.05 -13.33 44.19
N ASP A 74 38.32 -14.43 44.34
CA ASP A 74 38.29 -15.47 43.33
C ASP A 74 37.17 -15.33 42.32
N ALA A 75 36.21 -14.46 42.61
CA ALA A 75 35.13 -14.16 41.68
C ALA A 75 34.30 -12.99 42.18
N VAL A 76 33.68 -12.28 41.27
CA VAL A 76 32.87 -11.14 41.63
C VAL A 76 31.44 -11.44 41.21
N VAL A 77 30.49 -11.23 42.12
CA VAL A 77 29.07 -11.34 41.76
C VAL A 77 28.50 -9.94 41.62
N ALA A 78 28.14 -9.58 40.40
CA ALA A 78 27.58 -8.26 40.10
C ALA A 78 26.05 -8.24 40.18
N LEU A 79 25.52 -7.38 41.05
CA LEU A 79 24.10 -7.38 41.35
C LEU A 79 23.47 -6.01 41.19
N GLY A 80 22.55 -5.92 40.23
CA GLY A 80 21.84 -4.68 39.95
C GLY A 80 20.51 -4.95 39.28
N THR A 81 19.74 -3.87 39.10
CA THR A 81 18.43 -3.97 38.46
C THR A 81 18.21 -2.72 37.62
N VAL A 82 17.83 -2.94 36.37
CA VAL A 82 17.51 -1.86 35.46
C VAL A 82 16.16 -2.14 34.82
N ILE A 83 15.20 -1.26 35.08
CA ILE A 83 13.86 -1.40 34.53
C ILE A 83 13.55 -0.26 33.56
N ARG A 84 13.31 -0.61 32.31
CA ARG A 84 13.07 0.39 31.26
C ARG A 84 12.04 1.44 31.64
N GLY A 85 12.10 2.59 30.98
CA GLY A 85 11.18 3.68 31.25
C GLY A 85 10.88 4.57 30.05
N GLY A 86 10.59 5.84 30.33
CA GLY A 86 10.20 6.78 29.30
C GLY A 86 11.14 6.86 28.10
N THR A 87 12.44 6.95 28.39
CA THR A 87 13.43 7.07 27.35
C THR A 87 14.30 5.84 27.27
N ALA A 88 15.13 5.78 26.24
CA ALA A 88 16.14 4.74 26.15
C ALA A 88 17.37 5.21 26.92
N HIS A 89 17.18 5.43 28.22
CA HIS A 89 18.30 5.53 29.15
C HIS A 89 18.65 4.07 29.47
N PHE A 90 17.62 3.32 29.87
CA PHE A 90 17.72 1.88 30.09
C PHE A 90 18.73 1.25 29.14
N GLU A 91 18.59 1.60 27.86
CA GLU A 91 19.41 1.04 26.82
C GLU A 91 20.85 1.16 27.21
N TYR A 92 21.29 2.40 27.42
CA TYR A 92 22.70 2.70 27.62
C TYR A 92 23.24 2.20 28.97
N VAL A 93 22.42 2.32 29.99
CA VAL A 93 22.82 1.82 31.29
C VAL A 93 22.98 0.32 31.16
N ALA A 94 21.87 -0.39 31.01
CA ALA A 94 21.91 -1.84 30.93
C ALA A 94 23.08 -2.32 30.05
N GLY A 95 23.24 -1.68 28.90
CA GLY A 95 24.28 -2.08 27.97
C GLY A 95 25.68 -1.80 28.45
N GLY A 96 25.95 -0.53 28.78
CA GLY A 96 27.26 -0.13 29.26
C GLY A 96 27.68 -0.86 30.54
N ALA A 97 26.76 -1.61 31.11
CA ALA A 97 27.06 -2.35 32.33
C ALA A 97 27.00 -3.83 32.05
N SER A 98 26.53 -4.20 30.86
CA SER A 98 26.62 -5.59 30.42
C SER A 98 27.96 -5.76 29.74
N ASN A 99 28.14 -5.04 28.65
CA ASN A 99 29.43 -4.98 27.98
C ASN A 99 30.56 -4.64 28.96
N GLY A 100 30.23 -3.81 29.95
CA GLY A 100 31.20 -3.45 30.95
C GLY A 100 31.67 -4.67 31.74
N LEU A 101 30.78 -5.21 32.57
CA LEU A 101 31.11 -6.37 33.39
C LEU A 101 31.70 -7.50 32.53
N ALA A 102 31.30 -7.56 31.27
CA ALA A 102 31.82 -8.58 30.37
C ALA A 102 33.32 -8.38 30.13
N SER A 103 33.68 -7.14 29.81
CA SER A 103 35.06 -6.81 29.52
C SER A 103 35.93 -7.00 30.77
N VAL A 104 35.40 -6.67 31.94
CA VAL A 104 36.12 -6.85 33.18
C VAL A 104 36.48 -8.31 33.37
N ALA A 105 35.63 -9.19 32.87
CA ALA A 105 35.89 -10.62 32.93
C ALA A 105 37.11 -10.96 32.06
N GLN A 106 36.98 -10.75 30.76
CA GLN A 106 38.00 -11.19 29.81
C GLN A 106 39.37 -10.56 30.03
N ASP A 107 39.41 -9.49 30.83
CA ASP A 107 40.66 -8.79 31.08
C ASP A 107 41.29 -9.11 32.44
N SER A 108 40.54 -9.77 33.30
CA SER A 108 41.00 -10.07 34.66
C SER A 108 41.12 -11.56 34.88
N GLY A 109 40.43 -12.34 34.05
CA GLY A 109 40.46 -13.79 34.16
C GLY A 109 39.66 -14.23 35.36
N VAL A 110 39.12 -13.24 36.05
CA VAL A 110 38.23 -13.51 37.19
C VAL A 110 36.79 -13.63 36.73
N PRO A 111 36.15 -14.77 37.03
CA PRO A 111 34.76 -14.95 36.63
C PRO A 111 33.92 -13.86 37.27
N VAL A 112 32.91 -13.41 36.54
CA VAL A 112 31.98 -12.41 37.04
C VAL A 112 30.56 -12.79 36.65
N ALA A 113 29.69 -12.83 37.65
CA ALA A 113 28.30 -13.21 37.41
C ALA A 113 27.48 -12.00 36.97
N PHE A 114 26.80 -12.13 35.84
CA PHE A 114 25.96 -11.06 35.36
C PHE A 114 24.62 -11.11 36.07
N GLY A 115 24.60 -10.72 37.34
CA GLY A 115 23.36 -10.72 38.11
C GLY A 115 22.58 -9.43 38.00
N VAL A 116 22.45 -8.95 36.77
CA VAL A 116 21.80 -7.67 36.53
C VAL A 116 20.47 -7.87 35.80
N LEU A 117 19.39 -7.57 36.51
CA LEU A 117 18.06 -7.67 35.94
C LEU A 117 17.78 -6.54 34.96
N THR A 118 17.56 -6.91 33.70
CA THR A 118 17.25 -5.95 32.68
C THR A 118 15.85 -6.23 32.20
N THR A 119 14.87 -5.52 32.77
CA THR A 119 13.45 -5.83 32.55
C THR A 119 12.62 -4.68 31.98
N GLU A 120 11.31 -4.79 32.16
CA GLU A 120 10.36 -3.83 31.62
C GLU A 120 9.41 -3.32 32.70
N SER A 121 9.32 -4.05 33.81
CA SER A 121 8.41 -3.70 34.90
C SER A 121 8.93 -4.14 36.26
N ILE A 122 8.38 -3.51 37.29
CA ILE A 122 8.65 -3.93 38.65
C ILE A 122 8.05 -5.32 38.79
N GLU A 123 6.98 -5.56 38.03
CA GLU A 123 6.34 -6.86 37.96
C GLU A 123 7.30 -7.97 37.55
N GLN A 124 7.97 -7.80 36.40
CA GLN A 124 8.96 -8.73 35.92
C GLN A 124 10.14 -8.88 36.88
N ALA A 125 10.62 -7.76 37.41
CA ALA A 125 11.78 -7.80 38.30
C ALA A 125 11.47 -8.61 39.55
N ILE A 126 10.34 -8.30 40.18
CA ILE A 126 9.90 -9.03 41.37
C ILE A 126 9.74 -10.53 41.08
N GLU A 127 9.47 -10.87 39.83
CA GLU A 127 9.38 -12.27 39.42
C GLU A 127 10.76 -12.90 39.45
N ARG A 128 11.76 -12.12 39.08
CA ARG A 128 13.08 -12.66 38.81
C ARG A 128 13.99 -12.42 39.98
N ALA A 129 13.43 -11.93 41.06
CA ALA A 129 14.24 -11.69 42.23
C ALA A 129 13.63 -12.28 43.49
N GLY A 130 13.21 -13.55 43.42
CA GLY A 130 12.72 -14.22 44.60
C GLY A 130 11.43 -14.98 44.43
N THR A 131 10.54 -14.43 43.63
CA THR A 131 9.24 -15.07 43.46
C THR A 131 9.16 -16.03 42.29
N LYS A 132 8.07 -15.92 41.54
CA LYS A 132 7.73 -16.87 40.47
C LYS A 132 8.91 -17.51 39.75
N ALA A 133 9.79 -16.70 39.18
CA ALA A 133 10.88 -17.26 38.38
C ALA A 133 12.25 -17.10 39.04
N GLY A 134 12.42 -17.71 40.19
CA GLY A 134 13.71 -17.76 40.84
C GLY A 134 14.22 -16.46 41.42
N ASN A 135 15.53 -16.40 41.61
CA ASN A 135 16.15 -15.32 42.32
C ASN A 135 17.53 -15.05 41.76
N LYS A 136 17.59 -14.45 40.57
CA LYS A 136 18.84 -14.39 39.79
C LYS A 136 20.08 -14.12 40.64
N GLY A 137 19.90 -13.34 41.70
CA GLY A 137 20.99 -13.05 42.61
C GLY A 137 21.71 -14.29 43.08
N ALA A 138 20.94 -15.28 43.55
CA ALA A 138 21.49 -16.55 44.01
C ALA A 138 22.13 -17.26 42.85
N GLU A 139 21.34 -17.45 41.80
CA GLU A 139 21.85 -18.03 40.57
C GLU A 139 23.23 -17.45 40.25
N ALA A 140 23.30 -16.13 40.15
CA ALA A 140 24.56 -15.46 39.83
C ALA A 140 25.70 -15.99 40.69
N ALA A 141 25.42 -16.23 41.96
CA ALA A 141 26.44 -16.68 42.87
C ALA A 141 26.85 -18.12 42.58
N LEU A 142 25.89 -19.00 42.34
CA LEU A 142 26.22 -20.38 42.02
C LEU A 142 27.04 -20.43 40.73
N THR A 143 26.55 -19.77 39.68
CA THR A 143 27.30 -19.70 38.44
C THR A 143 28.70 -19.09 38.69
N ALA A 144 28.77 -18.13 39.59
CA ALA A 144 30.05 -17.58 40.00
C ALA A 144 30.90 -18.72 40.50
N LEU A 145 30.50 -19.32 41.62
CA LEU A 145 31.22 -20.45 42.18
C LEU A 145 31.59 -21.45 41.09
N GLU A 146 30.60 -22.14 40.55
CA GLU A 146 30.90 -23.14 39.51
C GLU A 146 32.06 -22.69 38.61
N MET A 147 31.93 -21.50 38.01
CA MET A 147 32.98 -20.98 37.14
C MET A 147 34.34 -20.96 37.83
N ILE A 148 34.39 -20.60 39.11
CA ILE A 148 35.63 -20.68 39.85
C ILE A 148 36.29 -22.04 39.65
N ASN A 149 35.57 -23.10 39.98
CA ASN A 149 36.10 -24.45 39.87
C ASN A 149 36.28 -24.93 38.42
N VAL A 150 35.49 -24.37 37.52
CA VAL A 150 35.62 -24.72 36.12
C VAL A 150 36.95 -24.22 35.57
N LEU A 151 37.20 -22.92 35.73
CA LEU A 151 38.48 -22.35 35.32
C LEU A 151 39.63 -23.15 35.97
N LYS A 152 39.51 -23.36 37.28
CA LYS A 152 40.49 -24.13 38.04
C LYS A 152 40.76 -25.44 37.36
N ALA A 153 39.75 -26.03 36.75
CA ALA A 153 39.88 -27.35 36.13
C ALA A 153 40.69 -27.34 34.82
N ILE A 154 41.39 -26.24 34.57
CA ILE A 154 42.20 -26.12 33.36
C ILE A 154 43.52 -25.41 33.69
N MET B 1 46.20 -18.54 -10.65
CA MET B 1 45.45 -18.05 -9.49
C MET B 1 45.31 -19.13 -8.40
N ASN B 2 45.92 -18.88 -7.26
CA ASN B 2 45.94 -19.88 -6.20
C ASN B 2 44.76 -19.76 -5.24
N ILE B 3 44.11 -20.90 -5.01
CA ILE B 3 42.88 -20.94 -4.25
C ILE B 3 43.05 -21.83 -3.04
N ILE B 4 42.47 -21.44 -1.91
CA ILE B 4 42.54 -22.27 -0.72
C ILE B 4 41.18 -22.82 -0.31
N LYS B 5 40.95 -24.09 -0.61
CA LYS B 5 39.75 -24.80 -0.15
C LYS B 5 40.20 -25.91 0.79
N ALA B 6 39.63 -25.93 1.99
CA ALA B 6 40.08 -26.93 2.97
C ALA B 6 39.00 -27.93 3.37
N ASN B 7 39.39 -29.19 3.53
CA ASN B 7 38.46 -30.23 3.97
C ASN B 7 38.24 -30.26 5.49
N VAL B 8 37.30 -31.09 5.94
CA VAL B 8 36.91 -31.15 7.34
C VAL B 8 37.53 -32.30 8.14
N ALA B 9 38.54 -32.96 7.57
CA ALA B 9 39.22 -34.04 8.30
C ALA B 9 40.48 -33.48 8.94
N ALA B 10 40.83 -33.99 10.12
CA ALA B 10 41.97 -33.47 10.85
C ALA B 10 42.21 -34.34 12.08
N PRO B 11 42.55 -35.62 11.85
CA PRO B 11 42.77 -36.66 12.85
C PRO B 11 43.79 -36.33 13.93
N ASP B 12 44.49 -35.21 13.84
CA ASP B 12 45.45 -34.88 14.90
C ASP B 12 44.96 -33.81 15.89
N ALA B 13 44.16 -32.86 15.43
CA ALA B 13 43.82 -31.76 16.31
C ALA B 13 43.23 -32.25 17.62
N ARG B 14 43.44 -31.48 18.66
CA ARG B 14 42.72 -31.69 19.88
C ARG B 14 41.71 -30.56 19.99
N VAL B 15 40.43 -30.90 19.87
CA VAL B 15 39.35 -29.90 19.94
C VAL B 15 38.71 -29.81 21.33
N ALA B 16 38.39 -28.60 21.78
CA ALA B 16 37.70 -28.42 23.06
C ALA B 16 36.29 -27.89 22.91
N ILE B 17 35.33 -28.65 23.42
CA ILE B 17 33.93 -28.29 23.29
C ILE B 17 33.42 -27.75 24.60
N THR B 18 32.82 -26.57 24.57
CA THR B 18 32.23 -25.97 25.76
C THR B 18 30.72 -25.93 25.63
N ILE B 19 30.01 -26.05 26.75
CA ILE B 19 28.57 -26.18 26.72
C ILE B 19 27.86 -25.55 27.92
N ALA B 20 26.74 -24.89 27.69
CA ALA B 20 25.90 -24.42 28.80
C ALA B 20 24.87 -25.47 29.17
N ARG B 21 24.69 -25.72 30.46
CA ARG B 21 23.73 -26.73 30.90
C ARG B 21 22.31 -26.17 30.92
N PHE B 22 22.17 -24.87 31.07
CA PHE B 22 20.88 -24.22 30.91
C PHE B 22 20.39 -24.52 29.49
N ASN B 23 19.13 -24.94 29.40
CA ASN B 23 18.58 -25.36 28.11
C ASN B 23 19.27 -26.64 27.71
N GLN B 24 19.58 -27.44 28.73
CA GLN B 24 20.18 -28.75 28.52
C GLN B 24 19.37 -29.55 27.52
N PHE B 25 18.06 -29.61 27.76
CA PHE B 25 17.20 -30.44 26.93
C PHE B 25 17.42 -30.21 25.42
N ILE B 26 18.07 -29.09 25.10
CA ILE B 26 18.32 -28.72 23.71
C ILE B 26 19.80 -28.71 23.40
N ASN B 27 20.60 -28.15 24.30
CA ASN B 27 22.05 -28.18 24.16
C ASN B 27 22.64 -29.59 24.11
N ASP B 28 21.92 -30.57 24.64
CA ASP B 28 22.46 -31.92 24.71
C ASP B 28 22.60 -32.57 23.34
N SER B 29 21.68 -32.24 22.45
CA SER B 29 21.75 -32.72 21.06
C SER B 29 22.84 -31.97 20.34
N LEU B 30 22.96 -30.68 20.63
CA LEU B 30 24.07 -29.88 20.13
C LEU B 30 25.41 -30.61 20.35
N LEU B 31 25.64 -31.12 21.56
CA LEU B 31 26.85 -31.86 21.87
C LEU B 31 26.91 -33.10 21.05
N ASP B 32 25.82 -33.87 21.02
CA ASP B 32 25.77 -35.10 20.23
C ASP B 32 26.19 -34.85 18.79
N GLY B 33 25.58 -33.84 18.20
CA GLY B 33 25.94 -33.45 16.86
C GLY B 33 27.43 -33.17 16.80
N ALA B 34 27.86 -32.19 17.57
CA ALA B 34 29.25 -31.80 17.59
C ALA B 34 30.17 -33.02 17.62
N VAL B 35 30.08 -33.79 18.70
CA VAL B 35 31.00 -34.91 18.87
C VAL B 35 30.97 -35.87 17.69
N ASP B 36 29.79 -36.35 17.31
CA ASP B 36 29.68 -37.23 16.17
C ASP B 36 30.47 -36.65 15.00
N ALA B 37 30.04 -35.49 14.53
CA ALA B 37 30.71 -34.81 13.44
C ALA B 37 32.21 -34.71 13.65
N LEU B 38 32.62 -34.49 14.89
CA LEU B 38 34.04 -34.34 15.20
C LEU B 38 34.83 -35.61 14.91
N THR B 39 34.41 -36.71 15.51
CA THR B 39 35.06 -37.98 15.31
C THR B 39 34.74 -38.50 13.92
N ARG B 40 33.52 -39.02 13.77
CA ARG B 40 33.06 -39.63 12.53
C ARG B 40 33.57 -38.92 11.28
N ILE B 41 33.32 -37.63 11.18
CA ILE B 41 33.64 -36.90 9.95
C ILE B 41 35.07 -36.36 9.96
N GLY B 42 35.48 -35.82 11.10
CA GLY B 42 36.75 -35.12 11.17
C GLY B 42 37.89 -36.02 11.58
N GLN B 43 37.60 -37.30 11.76
CA GLN B 43 38.64 -38.27 12.05
C GLN B 43 39.33 -37.98 13.38
N VAL B 44 38.65 -37.25 14.26
CA VAL B 44 39.26 -36.89 15.54
C VAL B 44 39.13 -37.99 16.60
N LYS B 45 40.23 -38.31 17.27
CA LYS B 45 40.19 -39.34 18.28
C LYS B 45 39.47 -38.79 19.50
N ASP B 46 38.62 -39.61 20.11
CA ASP B 46 37.72 -39.12 21.14
C ASP B 46 38.40 -38.75 22.44
N ASP B 47 39.73 -38.86 22.50
CA ASP B 47 40.46 -38.43 23.70
C ASP B 47 41.22 -37.13 23.42
N ASN B 48 41.13 -36.65 22.19
CA ASN B 48 41.59 -35.31 21.87
C ASN B 48 40.41 -34.35 21.91
N ILE B 49 39.29 -34.87 22.39
CA ILE B 49 38.09 -34.09 22.64
C ILE B 49 37.85 -33.95 24.14
N THR B 50 37.98 -32.73 24.65
CA THR B 50 37.58 -32.46 26.02
C THR B 50 36.35 -31.55 26.01
N VAL B 51 35.46 -31.77 26.97
CA VAL B 51 34.19 -31.10 27.01
C VAL B 51 34.04 -30.35 28.32
N VAL B 52 34.08 -29.02 28.26
CA VAL B 52 33.93 -28.20 29.45
C VAL B 52 32.47 -27.73 29.59
N TRP B 53 31.90 -27.91 30.77
CA TRP B 53 30.51 -27.57 31.04
C TRP B 53 30.39 -26.33 31.94
N VAL B 54 30.07 -25.17 31.35
CA VAL B 54 29.74 -23.97 32.15
C VAL B 54 28.24 -23.85 32.35
N PRO B 55 27.81 -23.14 33.40
CA PRO B 55 26.38 -22.97 33.70
C PRO B 55 25.61 -22.42 32.51
N GLY B 56 25.71 -21.11 32.30
CA GLY B 56 24.95 -20.47 31.24
C GLY B 56 25.73 -20.07 30.01
N ALA B 57 25.01 -19.86 28.91
CA ALA B 57 25.62 -19.38 27.66
C ALA B 57 26.41 -18.10 27.85
N TYR B 58 26.14 -17.35 28.91
CA TYR B 58 26.84 -16.10 29.17
C TYR B 58 28.27 -16.39 29.61
N GLU B 59 28.50 -17.61 30.05
CA GLU B 59 29.79 -17.98 30.60
C GLU B 59 30.66 -18.62 29.53
N LEU B 60 30.03 -19.00 28.42
CA LEU B 60 30.74 -19.64 27.31
C LEU B 60 32.07 -18.99 26.98
N PRO B 61 32.10 -17.65 26.92
CA PRO B 61 33.35 -16.97 26.62
C PRO B 61 34.50 -17.35 27.56
N LEU B 62 34.44 -16.91 28.82
CA LEU B 62 35.53 -17.17 29.75
C LEU B 62 36.05 -18.60 29.68
N ALA B 63 35.13 -19.56 29.71
CA ALA B 63 35.49 -20.96 29.43
C ALA B 63 36.34 -21.10 28.16
N THR B 64 35.82 -20.63 27.03
CA THR B 64 36.50 -20.85 25.76
C THR B 64 37.72 -19.96 25.60
N GLU B 65 37.98 -19.11 26.59
CA GLU B 65 39.22 -18.34 26.58
C GLU B 65 40.31 -19.10 27.31
N ALA B 66 40.05 -19.42 28.58
CA ALA B 66 40.94 -20.26 29.36
C ALA B 66 41.36 -21.49 28.55
N LEU B 67 40.45 -22.00 27.73
CA LEU B 67 40.77 -23.13 26.88
C LEU B 67 41.76 -22.73 25.78
N ALA B 68 41.30 -21.94 24.80
CA ALA B 68 42.17 -21.53 23.69
C ALA B 68 43.50 -20.97 24.21
N LYS B 69 43.42 -20.05 25.17
CA LYS B 69 44.62 -19.52 25.78
C LYS B 69 45.55 -20.66 26.09
N SER B 70 45.08 -21.56 26.96
CA SER B 70 45.83 -22.73 27.36
C SER B 70 46.80 -23.22 26.28
N GLY B 71 46.30 -23.36 25.07
CA GLY B 71 47.14 -23.71 23.95
C GLY B 71 46.97 -25.15 23.54
N LYS B 72 46.64 -26.01 24.49
CA LYS B 72 46.53 -27.45 24.22
C LYS B 72 45.63 -27.79 23.02
N TYR B 73 44.62 -26.95 22.78
CA TYR B 73 43.59 -27.24 21.80
C TYR B 73 43.75 -26.46 20.51
N ASP B 74 43.30 -27.07 19.41
CA ASP B 74 43.44 -26.47 18.09
C ASP B 74 42.20 -25.67 17.70
N ALA B 75 41.11 -25.90 18.41
CA ALA B 75 39.89 -25.14 18.17
C ALA B 75 38.90 -25.39 19.29
N VAL B 76 37.99 -24.44 19.48
CA VAL B 76 36.97 -24.58 20.51
C VAL B 76 35.63 -24.54 19.84
N VAL B 77 34.79 -25.51 20.15
CA VAL B 77 33.40 -25.49 19.71
C VAL B 77 32.48 -25.00 20.85
N ALA B 78 31.90 -23.83 20.67
CA ALA B 78 31.02 -23.25 21.68
C ALA B 78 29.55 -23.63 21.44
N LEU B 79 28.94 -24.23 22.45
CA LEU B 79 27.59 -24.78 22.31
C LEU B 79 26.66 -24.29 23.42
N GLY B 80 25.66 -23.52 23.02
CA GLY B 80 24.67 -23.02 23.97
C GLY B 80 23.35 -22.75 23.28
N THR B 81 22.32 -22.43 24.07
CA THR B 81 21.02 -22.11 23.51
C THR B 81 20.39 -20.98 24.31
N VAL B 82 19.95 -19.95 23.59
CA VAL B 82 19.30 -18.80 24.21
C VAL B 82 17.98 -18.55 23.53
N ILE B 83 16.88 -18.73 24.26
CA ILE B 83 15.55 -18.49 23.71
C ILE B 83 14.90 -17.29 24.39
N ARG B 84 14.64 -16.25 23.61
CA ARG B 84 14.00 -15.02 24.11
C ARG B 84 12.77 -15.24 25.00
N GLY B 85 12.45 -14.23 25.80
CA GLY B 85 11.37 -14.35 26.76
C GLY B 85 10.75 -13.03 27.14
N GLY B 86 10.24 -12.95 28.38
CA GLY B 86 9.52 -11.78 28.84
C GLY B 86 10.27 -10.48 28.68
N THR B 87 11.54 -10.47 29.07
CA THR B 87 12.35 -9.26 28.99
C THR B 87 13.49 -9.43 27.99
N ALA B 88 14.17 -8.32 27.71
CA ALA B 88 15.37 -8.36 26.91
C ALA B 88 16.52 -8.68 27.83
N HIS B 89 16.47 -9.87 28.42
CA HIS B 89 17.64 -10.49 29.04
C HIS B 89 18.33 -11.20 27.88
N PHE B 90 17.56 -11.97 27.12
CA PHE B 90 18.02 -12.59 25.89
C PHE B 90 19.01 -11.71 25.15
N GLU B 91 18.63 -10.46 24.98
CA GLU B 91 19.45 -9.48 24.29
C GLU B 91 20.87 -9.54 24.80
N TYR B 92 21.04 -9.26 26.09
CA TYR B 92 22.36 -9.12 26.71
C TYR B 92 23.13 -10.41 26.85
N VAL B 93 22.44 -11.50 27.14
CA VAL B 93 23.09 -12.80 27.17
C VAL B 93 23.59 -13.15 25.77
N ALA B 94 22.66 -13.43 24.86
CA ALA B 94 23.04 -13.78 23.49
C ALA B 94 24.17 -12.89 22.96
N GLY B 95 24.03 -11.58 23.17
CA GLY B 95 25.00 -10.62 22.69
C GLY B 95 26.35 -10.70 23.35
N GLY B 96 26.37 -10.57 24.68
CA GLY B 96 27.62 -10.68 25.44
C GLY B 96 28.34 -12.00 25.27
N ALA B 97 27.66 -12.97 24.67
CA ALA B 97 28.24 -14.27 24.43
C ALA B 97 28.48 -14.50 22.95
N SER B 98 27.96 -13.60 22.11
CA SER B 98 28.34 -13.55 20.72
C SER B 98 29.61 -12.73 20.56
N ASN B 99 29.51 -11.43 20.86
CA ASN B 99 30.68 -10.56 20.94
C ASN B 99 31.78 -11.15 21.82
N GLY B 100 31.40 -11.89 22.84
CA GLY B 100 32.36 -12.57 23.69
C GLY B 100 33.18 -13.60 22.94
N LEU B 101 32.54 -14.68 22.53
CA LEU B 101 33.23 -15.74 21.81
C LEU B 101 33.97 -15.19 20.60
N ALA B 102 33.45 -14.12 20.02
CA ALA B 102 34.07 -13.47 18.87
C ALA B 102 35.43 -12.87 19.23
N SER B 103 35.46 -12.14 20.34
CA SER B 103 36.71 -11.54 20.81
C SER B 103 37.73 -12.61 21.20
N VAL B 104 37.28 -13.69 21.84
CA VAL B 104 38.17 -14.79 22.20
C VAL B 104 38.91 -15.33 20.94
N ALA B 105 38.21 -15.33 19.82
CA ALA B 105 38.81 -15.76 18.59
C ALA B 105 39.96 -14.83 18.20
N GLN B 106 39.63 -13.57 17.94
CA GLN B 106 40.59 -12.62 17.39
C GLN B 106 41.78 -12.37 18.30
N ASP B 107 41.68 -12.79 19.56
CA ASP B 107 42.75 -12.56 20.52
C ASP B 107 43.59 -13.80 20.80
N SER B 108 43.11 -14.96 20.34
CA SER B 108 43.78 -16.22 20.60
C SER B 108 44.31 -16.84 19.31
N GLY B 109 43.70 -16.45 18.19
CA GLY B 109 44.07 -17.01 16.90
C GLY B 109 43.51 -18.41 16.76
N VAL B 110 42.84 -18.85 17.81
CA VAL B 110 42.21 -20.17 17.81
C VAL B 110 40.81 -20.04 17.27
N PRO B 111 40.49 -20.82 16.23
CA PRO B 111 39.13 -20.75 15.69
C PRO B 111 38.13 -21.18 16.74
N VAL B 112 36.96 -20.54 16.72
CA VAL B 112 35.91 -20.86 17.66
C VAL B 112 34.55 -20.89 16.94
N ALA B 113 33.84 -21.99 17.11
CA ALA B 113 32.57 -22.18 16.44
C ALA B 113 31.45 -21.53 17.24
N PHE B 114 30.69 -20.65 16.61
CA PHE B 114 29.55 -20.00 17.27
C PHE B 114 28.35 -20.90 17.22
N GLY B 115 28.41 -21.99 17.97
CA GLY B 115 27.32 -22.94 18.02
C GLY B 115 26.28 -22.57 19.05
N VAL B 116 25.86 -21.31 19.03
CA VAL B 116 24.91 -20.81 20.01
C VAL B 116 23.58 -20.45 19.34
N LEU B 117 22.54 -21.21 19.68
CA LEU B 117 21.22 -20.96 19.16
C LEU B 117 20.59 -19.74 19.81
N THR B 118 20.31 -18.72 18.99
CA THR B 118 19.65 -17.52 19.46
C THR B 118 18.30 -17.42 18.77
N THR B 119 17.28 -17.94 19.44
CA THR B 119 15.96 -18.10 18.83
C THR B 119 14.84 -17.36 19.56
N GLU B 120 13.62 -17.81 19.33
CA GLU B 120 12.43 -17.15 19.87
C GLU B 120 11.52 -18.18 20.51
N SER B 121 11.76 -19.46 20.22
CA SER B 121 10.89 -20.51 20.71
C SER B 121 11.64 -21.82 20.87
N ILE B 122 11.11 -22.69 21.71
CA ILE B 122 11.60 -24.06 21.82
C ILE B 122 11.35 -24.71 20.48
N GLU B 123 10.30 -24.25 19.80
CA GLU B 123 9.96 -24.71 18.45
C GLU B 123 11.12 -24.51 17.48
N GLN B 124 11.56 -23.26 17.36
CA GLN B 124 12.70 -22.92 16.51
C GLN B 124 13.97 -23.65 16.92
N ALA B 125 14.22 -23.72 18.21
CA ALA B 125 15.45 -24.36 18.68
C ALA B 125 15.44 -25.82 18.32
N ILE B 126 14.33 -26.51 18.56
CA ILE B 126 14.27 -27.94 18.26
C ILE B 126 14.42 -28.16 16.76
N GLU B 127 14.08 -27.15 15.98
CA GLU B 127 14.29 -27.22 14.52
C GLU B 127 15.76 -27.20 14.17
N ARG B 128 16.51 -26.37 14.89
CA ARG B 128 17.90 -26.07 14.56
C ARG B 128 18.88 -26.91 15.38
N ALA B 129 18.35 -27.91 16.07
CA ALA B 129 19.18 -28.79 16.86
C ALA B 129 18.84 -30.26 16.63
N GLY B 130 18.83 -30.68 15.38
CA GLY B 130 18.62 -32.08 15.10
C GLY B 130 17.53 -32.41 14.09
N THR B 131 16.44 -31.67 14.14
CA THR B 131 15.29 -31.93 13.26
C THR B 131 15.32 -31.13 11.96
N LYS B 132 14.18 -30.55 11.64
CA LYS B 132 13.92 -29.94 10.34
C LYS B 132 15.12 -29.24 9.69
N ALA B 133 15.71 -28.28 10.39
CA ALA B 133 16.80 -27.50 9.80
C ALA B 133 18.15 -27.82 10.42
N GLY B 134 18.56 -29.08 10.32
CA GLY B 134 19.91 -29.45 10.71
C GLY B 134 20.18 -29.47 12.19
N ASN B 135 21.46 -29.38 12.54
CA ASN B 135 21.92 -29.61 13.90
C ASN B 135 23.14 -28.74 14.18
N LYS B 136 22.91 -27.45 14.31
CA LYS B 136 24.00 -26.48 14.34
C LYS B 136 25.23 -26.97 15.11
N GLY B 137 24.99 -27.77 16.13
CA GLY B 137 26.06 -28.30 16.94
C GLY B 137 27.08 -28.98 16.07
N ALA B 138 26.61 -29.87 15.22
CA ALA B 138 27.49 -30.58 14.31
C ALA B 138 28.16 -29.61 13.34
N GLU B 139 27.34 -28.81 12.68
CA GLU B 139 27.83 -27.76 11.81
C GLU B 139 28.99 -27.01 12.47
N ALA B 140 28.75 -26.53 13.69
CA ALA B 140 29.75 -25.78 14.44
C ALA B 140 31.09 -26.52 14.48
N ALA B 141 31.02 -27.83 14.67
CA ALA B 141 32.22 -28.65 14.71
C ALA B 141 32.91 -28.69 13.34
N LEU B 142 32.15 -28.97 12.30
CA LEU B 142 32.73 -29.01 10.96
C LEU B 142 33.40 -27.68 10.61
N THR B 143 32.65 -26.58 10.72
CA THR B 143 33.24 -25.26 10.50
C THR B 143 34.47 -25.07 11.39
N ALA B 144 34.40 -25.62 12.60
CA ALA B 144 35.53 -25.62 13.50
C ALA B 144 36.73 -26.25 12.83
N LEU B 145 36.60 -27.56 12.58
CA LEU B 145 37.65 -28.28 11.87
C LEU B 145 38.12 -27.50 10.63
N GLU B 146 37.28 -27.39 9.60
CA GLU B 146 37.66 -26.69 8.39
C GLU B 146 38.55 -25.50 8.74
N MET B 147 38.07 -24.62 9.60
CA MET B 147 38.84 -23.43 9.92
C MET B 147 40.24 -23.78 10.40
N ILE B 148 40.36 -24.88 11.14
CA ILE B 148 41.66 -25.34 11.60
C ILE B 148 42.62 -25.47 10.43
N ASN B 149 42.23 -26.24 9.43
CA ASN B 149 43.04 -26.44 8.23
C ASN B 149 43.14 -25.19 7.37
N VAL B 150 42.12 -24.34 7.40
CA VAL B 150 42.15 -23.11 6.62
C VAL B 150 43.25 -22.20 7.11
N LEU B 151 43.23 -21.92 8.41
CA LEU B 151 44.26 -21.12 9.04
C LEU B 151 45.60 -21.76 8.73
N LYS B 152 45.70 -23.07 8.98
CA LYS B 152 46.92 -23.82 8.71
C LYS B 152 47.45 -23.54 7.30
N ALA B 153 46.55 -23.37 6.34
CA ALA B 153 46.92 -23.19 4.96
C ALA B 153 47.53 -21.81 4.69
N ILE B 154 47.89 -21.10 5.75
CA ILE B 154 48.51 -19.80 5.59
C ILE B 154 49.69 -19.65 6.56
N MET C 1 45.50 24.37 -2.24
CA MET C 1 44.85 23.31 -1.48
C MET C 1 45.06 21.94 -2.11
N ASN C 2 45.75 21.06 -1.40
CA ASN C 2 46.10 19.76 -1.96
C ASN C 2 45.05 18.68 -1.71
N ILE C 3 44.69 17.99 -2.78
CA ILE C 3 43.59 17.03 -2.74
C ILE C 3 44.09 15.66 -3.13
N ILE C 4 43.55 14.63 -2.50
CA ILE C 4 43.95 13.27 -2.81
C ILE C 4 42.81 12.47 -3.41
N LYS C 5 42.83 12.32 -4.73
CA LYS C 5 41.90 11.43 -5.42
C LYS C 5 42.68 10.29 -6.04
N ALA C 6 42.29 9.06 -5.74
CA ALA C 6 43.06 7.90 -6.21
C ALA C 6 42.29 7.00 -7.18
N ASN C 7 42.99 6.50 -8.21
CA ASN C 7 42.37 5.60 -9.18
C ASN C 7 42.34 4.15 -8.72
N VAL C 8 41.71 3.28 -9.51
CA VAL C 8 41.45 1.91 -9.11
C VAL C 8 42.39 0.90 -9.77
N ALA C 9 43.42 1.41 -10.43
CA ALA C 9 44.40 0.51 -11.03
C ALA C 9 45.58 0.34 -10.06
N ALA C 10 46.16 -0.86 -10.06
CA ALA C 10 47.24 -1.18 -9.15
C ALA C 10 47.79 -2.58 -9.47
N PRO C 11 48.36 -2.74 -10.66
CA PRO C 11 48.79 -4.04 -11.24
C PRO C 11 49.85 -4.79 -10.43
N ASP C 12 50.40 -4.15 -9.40
CA ASP C 12 51.52 -4.72 -8.65
C ASP C 12 51.17 -5.15 -7.22
N ALA C 13 49.96 -4.87 -6.77
CA ALA C 13 49.57 -5.31 -5.42
C ALA C 13 49.06 -6.75 -5.42
N ARG C 14 49.23 -7.46 -4.31
CA ARG C 14 48.67 -8.81 -4.17
C ARG C 14 47.45 -8.77 -3.26
N VAL C 15 46.27 -9.04 -3.81
CA VAL C 15 45.03 -8.95 -3.07
C VAL C 15 44.56 -10.34 -2.64
N ALA C 16 44.05 -10.41 -1.41
CA ALA C 16 43.47 -11.66 -0.93
C ALA C 16 41.94 -11.55 -0.76
N ILE C 17 41.23 -12.49 -1.37
CA ILE C 17 39.78 -12.53 -1.31
C ILE C 17 39.40 -13.70 -0.44
N THR C 18 38.48 -13.44 0.49
CA THR C 18 37.94 -14.45 1.37
C THR C 18 36.45 -14.59 1.11
N ILE C 19 35.93 -15.81 1.29
CA ILE C 19 34.56 -16.10 0.90
C ILE C 19 33.87 -17.17 1.77
N ALA C 20 32.61 -16.93 2.10
CA ALA C 20 31.81 -17.94 2.78
C ALA C 20 31.11 -18.82 1.76
N ARG C 21 31.15 -20.12 1.96
CA ARG C 21 30.50 -21.03 1.03
C ARG C 21 29.00 -21.14 1.30
N PHE C 22 28.59 -20.90 2.55
CA PHE C 22 27.17 -20.79 2.87
C PHE C 22 26.58 -19.65 2.06
N ASN C 23 25.47 -19.92 1.39
CA ASN C 23 24.89 -18.96 0.44
C ASN C 23 25.77 -18.89 -0.78
N GLN C 24 26.39 -20.02 -1.09
CA GLN C 24 27.23 -20.14 -2.27
C GLN C 24 26.49 -19.60 -3.50
N PHE C 25 25.28 -20.10 -3.71
CA PHE C 25 24.55 -19.75 -4.91
C PHE C 25 24.53 -18.26 -5.12
N ILE C 26 24.90 -17.49 -4.11
CA ILE C 26 24.87 -16.04 -4.23
C ILE C 26 26.26 -15.49 -4.10
N ASN C 27 26.99 -15.98 -3.13
CA ASN C 27 28.37 -15.56 -2.96
C ASN C 27 29.21 -15.84 -4.20
N ASP C 28 28.79 -16.79 -5.03
CA ASP C 28 29.64 -17.21 -6.14
C ASP C 28 29.78 -16.11 -7.16
N SER C 29 28.70 -15.35 -7.33
CA SER C 29 28.72 -14.22 -8.24
C SER C 29 29.56 -13.13 -7.62
N LEU C 30 29.43 -12.97 -6.31
CA LEU C 30 30.22 -12.02 -5.59
C LEU C 30 31.68 -12.18 -5.95
N LEU C 31 32.15 -13.43 -5.98
CA LEU C 31 33.54 -13.72 -6.35
C LEU C 31 33.80 -13.31 -7.79
N ASP C 32 32.92 -13.74 -8.69
CA ASP C 32 33.08 -13.41 -10.10
C ASP C 32 33.24 -11.92 -10.30
N GLY C 33 32.37 -11.15 -9.67
CA GLY C 33 32.47 -9.71 -9.74
C GLY C 33 33.85 -9.29 -9.24
N ALA C 34 34.12 -9.62 -7.99
CA ALA C 34 35.39 -9.27 -7.37
C ALA C 34 36.53 -9.51 -8.35
N VAL C 35 36.79 -10.77 -8.65
CA VAL C 35 37.92 -11.12 -9.50
C VAL C 35 37.95 -10.31 -10.81
N ASP C 36 36.84 -10.31 -11.54
CA ASP C 36 36.79 -9.56 -12.80
C ASP C 36 37.30 -8.15 -12.55
N ALA C 37 36.57 -7.41 -11.72
CA ALA C 37 36.94 -6.06 -11.39
C ALA C 37 38.42 -5.95 -11.01
N LEU C 38 38.91 -6.97 -10.30
CA LEU C 38 40.28 -6.96 -9.79
C LEU C 38 41.28 -6.94 -10.93
N THR C 39 41.19 -7.95 -11.77
CA THR C 39 42.11 -8.06 -12.88
C THR C 39 41.75 -7.00 -13.91
N ARG C 40 40.66 -7.25 -14.66
CA ARG C 40 40.20 -6.38 -15.73
C ARG C 40 40.38 -4.89 -15.44
N ILE C 41 39.82 -4.42 -14.33
CA ILE C 41 39.84 -3.00 -14.04
C ILE C 41 41.08 -2.57 -13.31
N GLY C 42 41.50 -3.38 -12.32
CA GLY C 42 42.59 -3.01 -11.42
C GLY C 42 43.97 -3.43 -11.89
N GLN C 43 44.03 -4.08 -13.04
CA GLN C 43 45.28 -4.45 -13.69
C GLN C 43 46.03 -5.46 -12.85
N VAL C 44 45.32 -6.14 -11.96
CA VAL C 44 45.96 -7.13 -11.07
C VAL C 44 46.21 -8.48 -11.74
N LYS C 45 47.44 -8.98 -11.66
CA LYS C 45 47.76 -10.28 -12.24
C LYS C 45 47.08 -11.38 -11.44
N ASP C 46 46.51 -12.36 -12.13
CA ASP C 46 45.64 -13.33 -11.49
C ASP C 46 46.39 -14.31 -10.58
N ASP C 47 47.69 -14.15 -10.43
CA ASP C 47 48.42 -14.98 -9.48
C ASP C 47 48.81 -14.18 -8.25
N ASN C 48 48.48 -12.88 -8.25
CA ASN C 48 48.60 -12.07 -7.03
C ASN C 48 47.27 -12.05 -6.32
N ILE C 49 46.34 -12.85 -6.84
CA ILE C 49 45.03 -13.05 -6.25
C ILE C 49 44.95 -14.42 -5.60
N THR C 50 44.86 -14.47 -4.28
CA THR C 50 44.59 -15.73 -3.61
C THR C 50 43.21 -15.67 -2.96
N VAL C 51 42.50 -16.79 -3.02
CA VAL C 51 41.11 -16.84 -2.58
C VAL C 51 40.94 -17.86 -1.46
N VAL C 52 40.64 -17.38 -0.27
CA VAL C 52 40.50 -18.28 0.88
C VAL C 52 39.00 -18.54 1.12
N TRP C 53 38.66 -19.82 1.30
CA TRP C 53 37.26 -20.21 1.45
C TRP C 53 36.98 -20.67 2.88
N VAL C 54 36.33 -19.82 3.68
CA VAL C 54 35.87 -20.23 5.00
C VAL C 54 34.41 -20.66 4.93
N PRO C 55 33.97 -21.49 5.89
CA PRO C 55 32.58 -21.94 5.90
C PRO C 55 31.56 -20.80 5.87
N GLY C 56 31.37 -20.14 7.00
CA GLY C 56 30.31 -19.14 7.12
C GLY C 56 30.82 -17.72 7.20
N ALA C 57 29.91 -16.76 6.99
CA ALA C 57 30.26 -15.35 7.01
C ALA C 57 30.81 -14.96 8.36
N TYR C 58 30.50 -15.76 9.37
CA TYR C 58 30.95 -15.50 10.74
C TYR C 58 32.46 -15.75 10.90
N GLU C 59 33.01 -16.50 9.95
CA GLU C 59 34.41 -16.86 10.01
C GLU C 59 35.25 -15.90 9.20
N LEU C 60 34.60 -15.13 8.36
CA LEU C 60 35.28 -14.16 7.49
C LEU C 60 36.40 -13.42 8.20
N PRO C 61 36.13 -12.95 9.43
CA PRO C 61 37.15 -12.19 10.15
C PRO C 61 38.45 -12.97 10.30
N LEU C 62 38.44 -14.01 11.12
CA LEU C 62 39.66 -14.74 11.42
C LEU C 62 40.46 -14.97 10.14
N ALA C 63 39.78 -15.46 9.12
CA ALA C 63 40.40 -15.62 7.82
C ALA C 63 41.10 -14.34 7.39
N THR C 64 40.35 -13.26 7.26
CA THR C 64 40.91 -12.00 6.79
C THR C 64 41.93 -11.36 7.77
N GLU C 65 42.10 -11.94 8.95
CA GLU C 65 43.13 -11.45 9.85
C GLU C 65 44.43 -12.17 9.60
N ALA C 66 44.36 -13.49 9.66
CA ALA C 66 45.50 -14.30 9.32
C ALA C 66 46.08 -13.86 7.97
N LEU C 67 45.22 -13.44 7.06
CA LEU C 67 45.70 -12.95 5.77
C LEU C 67 46.43 -11.62 5.91
N ALA C 68 45.70 -10.57 6.25
CA ALA C 68 46.30 -9.26 6.39
C ALA C 68 47.53 -9.32 7.31
N LYS C 69 47.39 -9.93 8.48
CA LYS C 69 48.51 -10.06 9.39
C LYS C 69 49.72 -10.57 8.62
N SER C 70 49.59 -11.76 8.03
CA SER C 70 50.63 -12.38 7.20
C SER C 70 51.55 -11.35 6.55
N GLY C 71 50.95 -10.37 5.88
CA GLY C 71 51.71 -9.28 5.31
C GLY C 71 51.78 -9.34 3.80
N LYS C 72 51.76 -10.57 3.27
CA LYS C 72 51.96 -10.77 1.83
C LYS C 72 51.00 -9.96 0.96
N TYR C 73 49.80 -9.67 1.50
CA TYR C 73 48.75 -9.05 0.70
C TYR C 73 48.56 -7.55 1.00
N ASP C 74 48.12 -6.82 -0.02
CA ASP C 74 47.99 -5.38 0.07
C ASP C 74 46.59 -4.98 0.44
N ALA C 75 45.66 -5.92 0.31
CA ALA C 75 44.29 -5.71 0.75
C ALA C 75 43.51 -7.02 0.73
N VAL C 76 42.45 -7.06 1.53
CA VAL C 76 41.61 -8.25 1.59
C VAL C 76 40.22 -7.88 1.17
N VAL C 77 39.66 -8.64 0.24
CA VAL C 77 38.25 -8.47 -0.13
C VAL C 77 37.39 -9.53 0.53
N ALA C 78 36.52 -9.09 1.45
CA ALA C 78 35.67 -10.00 2.21
C ALA C 78 34.30 -10.18 1.55
N LEU C 79 33.98 -11.41 1.19
CA LEU C 79 32.76 -11.72 0.45
C LEU C 79 31.90 -12.79 1.13
N GLY C 80 30.72 -12.35 1.53
CA GLY C 80 29.75 -13.23 2.16
C GLY C 80 28.33 -12.73 1.97
N THR C 81 27.37 -13.54 2.37
CA THR C 81 25.96 -13.18 2.27
C THR C 81 25.20 -13.71 3.47
N VAL C 82 24.48 -12.80 4.12
CA VAL C 82 23.64 -13.16 5.26
C VAL C 82 22.22 -12.67 5.01
N ILE C 83 21.28 -13.60 4.94
CA ILE C 83 19.88 -13.24 4.72
C ILE C 83 19.05 -13.62 5.93
N ARG C 84 18.42 -12.63 6.54
CA ARG C 84 17.65 -12.82 7.78
C ARG C 84 16.65 -13.96 7.70
N GLY C 85 16.22 -14.44 8.87
CA GLY C 85 15.30 -15.56 8.92
C GLY C 85 14.44 -15.57 10.17
N GLY C 86 14.05 -16.77 10.58
CA GLY C 86 13.17 -16.96 11.71
C GLY C 86 13.61 -16.30 13.00
N THR C 87 14.89 -16.42 13.32
CA THR C 87 15.40 -15.81 14.53
C THR C 87 16.39 -14.70 14.23
N ALA C 88 16.77 -13.95 15.25
CA ALA C 88 17.87 -13.01 15.13
C ALA C 88 19.19 -13.75 15.34
N HIS C 89 19.45 -14.72 14.46
CA HIS C 89 20.78 -15.26 14.31
C HIS C 89 21.46 -14.27 13.37
N PHE C 90 20.80 -14.00 12.25
CA PHE C 90 21.25 -12.97 11.34
C PHE C 90 21.93 -11.82 12.08
N GLU C 91 21.27 -11.36 13.12
CA GLU C 91 21.76 -10.23 13.90
C GLU C 91 23.21 -10.44 14.27
N TYR C 92 23.45 -11.51 15.01
CA TYR C 92 24.77 -11.78 15.57
C TYR C 92 25.82 -12.14 14.52
N VAL C 93 25.40 -12.86 13.49
CA VAL C 93 26.34 -13.21 12.44
C VAL C 93 26.76 -11.95 11.69
N ALA C 94 25.82 -11.38 10.97
CA ALA C 94 26.09 -10.16 10.23
C ALA C 94 26.92 -9.18 11.07
N GLY C 95 26.52 -8.95 12.31
CA GLY C 95 27.21 -8.01 13.17
C GLY C 95 28.62 -8.42 13.57
N GLY C 96 28.75 -9.61 14.17
CA GLY C 96 30.05 -10.12 14.58
C GLY C 96 31.02 -10.27 13.42
N ALA C 97 30.51 -10.13 12.20
CA ALA C 97 31.34 -10.23 11.01
C ALA C 97 31.47 -8.87 10.34
N SER C 98 30.68 -7.90 10.78
CA SER C 98 30.89 -6.53 10.34
C SER C 98 31.90 -5.87 11.28
N ASN C 99 31.56 -5.83 12.57
CA ASN C 99 32.46 -5.34 13.58
C ASN C 99 33.76 -6.10 13.53
N GLY C 100 33.67 -7.37 13.13
CA GLY C 100 34.84 -8.20 12.98
C GLY C 100 35.77 -7.65 11.91
N LEU C 101 35.36 -7.76 10.67
CA LEU C 101 36.18 -7.31 9.54
C LEU C 101 36.63 -5.86 9.78
N ALA C 102 35.82 -5.10 10.49
CA ALA C 102 36.15 -3.71 10.76
C ALA C 102 37.40 -3.63 11.64
N SER C 103 37.38 -4.40 12.73
CA SER C 103 38.50 -4.40 13.67
C SER C 103 39.77 -4.90 13.02
N VAL C 104 39.64 -5.90 12.14
CA VAL C 104 40.79 -6.43 11.40
C VAL C 104 41.46 -5.33 10.61
N ALA C 105 40.65 -4.41 10.11
CA ALA C 105 41.19 -3.27 9.37
C ALA C 105 42.06 -2.40 10.27
N GLN C 106 41.42 -1.80 11.27
CA GLN C 106 42.08 -0.82 12.12
C GLN C 106 43.30 -1.37 12.87
N ASP C 107 43.43 -2.69 12.91
CA ASP C 107 44.55 -3.30 13.63
C ASP C 107 45.66 -3.80 12.71
N SER C 108 45.39 -3.86 11.40
CA SER C 108 46.37 -4.38 10.46
C SER C 108 46.87 -3.30 9.52
N GLY C 109 46.08 -2.23 9.40
CA GLY C 109 46.38 -1.14 8.49
C GLY C 109 46.08 -1.54 7.06
N VAL C 110 45.68 -2.80 6.89
CA VAL C 110 45.37 -3.31 5.57
C VAL C 110 43.92 -3.06 5.28
N PRO C 111 43.65 -2.38 4.16
CA PRO C 111 42.26 -2.11 3.81
C PRO C 111 41.52 -3.42 3.60
N VAL C 112 40.25 -3.42 3.99
CA VAL C 112 39.40 -4.59 3.82
C VAL C 112 38.01 -4.16 3.31
N ALA C 113 37.56 -4.79 2.25
CA ALA C 113 36.27 -4.46 1.64
C ALA C 113 35.15 -5.22 2.31
N PHE C 114 34.18 -4.49 2.83
CA PHE C 114 33.03 -5.12 3.44
C PHE C 114 32.04 -5.61 2.39
N GLY C 115 32.40 -6.67 1.69
CA GLY C 115 31.56 -7.18 0.62
C GLY C 115 30.56 -8.21 1.11
N VAL C 116 29.93 -7.88 2.22
CA VAL C 116 29.03 -8.82 2.86
C VAL C 116 27.59 -8.35 2.74
N LEU C 117 26.81 -9.10 1.98
CA LEU C 117 25.42 -8.79 1.81
C LEU C 117 24.64 -9.09 3.10
N THR C 118 24.04 -8.07 3.65
CA THR C 118 23.16 -8.22 4.80
C THR C 118 21.72 -7.82 4.44
N THR C 119 20.92 -8.80 4.05
CA THR C 119 19.61 -8.51 3.47
C THR C 119 18.43 -9.13 4.21
N GLU C 120 17.32 -9.28 3.50
CA GLU C 120 16.07 -9.81 4.06
C GLU C 120 15.47 -10.89 3.16
N SER C 121 15.98 -11.01 1.95
CA SER C 121 15.47 -11.98 0.99
C SER C 121 16.49 -12.41 -0.04
N ILE C 122 16.25 -13.57 -0.61
CA ILE C 122 17.06 -14.02 -1.71
C ILE C 122 16.85 -13.03 -2.83
N GLU C 123 15.66 -12.44 -2.85
CA GLU C 123 15.26 -11.42 -3.83
C GLU C 123 16.22 -10.24 -3.79
N GLN C 124 16.36 -9.66 -2.61
CA GLN C 124 17.26 -8.52 -2.37
C GLN C 124 18.71 -8.89 -2.68
N ALA C 125 19.15 -10.05 -2.20
CA ALA C 125 20.52 -10.51 -2.44
C ALA C 125 20.83 -10.67 -3.95
N ILE C 126 19.94 -11.34 -4.67
CA ILE C 126 20.13 -11.47 -6.10
C ILE C 126 20.15 -10.10 -6.78
N GLU C 127 19.48 -9.13 -6.19
CA GLU C 127 19.52 -7.78 -6.74
C GLU C 127 20.90 -7.17 -6.62
N ARG C 128 21.53 -7.41 -5.47
CA ARG C 128 22.78 -6.77 -5.07
C ARG C 128 24.02 -7.60 -5.42
N ALA C 129 23.81 -8.67 -6.15
CA ALA C 129 24.92 -9.52 -6.54
C ALA C 129 24.92 -9.85 -8.03
N GLY C 130 24.79 -8.82 -8.87
CA GLY C 130 24.86 -9.03 -10.31
C GLY C 130 23.75 -8.40 -11.13
N THR C 131 22.54 -8.39 -10.59
CA THR C 131 21.38 -7.90 -11.32
C THR C 131 21.07 -6.43 -11.05
N LYS C 132 19.79 -6.15 -10.83
CA LYS C 132 19.25 -4.79 -10.76
C LYS C 132 20.18 -3.75 -10.14
N ALA C 133 20.63 -4.00 -8.91
CA ALA C 133 21.44 -3.02 -8.23
C ALA C 133 22.90 -3.42 -8.09
N GLY C 134 23.58 -3.59 -9.22
CA GLY C 134 25.01 -3.85 -9.22
C GLY C 134 25.46 -5.21 -8.70
N ASN C 135 26.69 -5.25 -8.23
CA ASN C 135 27.34 -6.52 -7.88
C ASN C 135 28.37 -6.24 -6.81
N LYS C 136 27.88 -6.00 -5.59
CA LYS C 136 28.73 -5.55 -4.48
C LYS C 136 30.10 -6.21 -4.42
N GLY C 137 30.18 -7.48 -4.84
CA GLY C 137 31.44 -8.18 -4.91
C GLY C 137 32.51 -7.41 -5.67
N ALA C 138 32.13 -6.95 -6.86
CA ALA C 138 33.02 -6.16 -7.69
C ALA C 138 33.33 -4.85 -7.02
N GLU C 139 32.28 -4.13 -6.66
CA GLU C 139 32.44 -2.88 -5.93
C GLU C 139 33.49 -3.03 -4.79
N ALA C 140 33.25 -4.02 -3.93
CA ALA C 140 34.15 -4.30 -2.83
C ALA C 140 35.61 -4.33 -3.31
N ALA C 141 35.86 -4.95 -4.45
CA ALA C 141 37.21 -5.04 -4.97
C ALA C 141 37.76 -3.67 -5.40
N LEU C 142 36.92 -2.88 -6.06
CA LEU C 142 37.35 -1.57 -6.53
C LEU C 142 37.66 -0.70 -5.32
N THR C 143 36.73 -0.63 -4.38
CA THR C 143 36.96 0.12 -3.15
C THR C 143 38.22 -0.40 -2.46
N ALA C 144 38.40 -1.71 -2.49
CA ALA C 144 39.62 -2.33 -2.01
C ALA C 144 40.82 -1.66 -2.66
N LEU C 145 40.96 -1.85 -3.99
CA LEU C 145 42.03 -1.23 -4.76
C LEU C 145 42.21 0.23 -4.41
N GLU C 146 41.21 1.05 -4.76
CA GLU C 146 41.28 2.49 -4.47
C GLU C 146 41.92 2.74 -3.10
N MET C 147 41.37 2.14 -2.06
CA MET C 147 41.90 2.33 -0.73
C MET C 147 43.40 2.06 -0.68
N ILE C 148 43.85 1.00 -1.38
CA ILE C 148 45.27 0.67 -1.45
C ILE C 148 46.10 1.89 -1.83
N ASN C 149 45.74 2.50 -2.96
CA ASN C 149 46.42 3.69 -3.44
C ASN C 149 46.15 4.94 -2.59
N VAL C 150 44.97 4.98 -1.93
CA VAL C 150 44.65 6.09 -1.05
C VAL C 150 45.57 6.13 0.15
N LEU C 151 45.62 5.01 0.86
CA LEU C 151 46.53 4.89 1.98
C LEU C 151 47.95 5.20 1.47
N LYS C 152 48.33 4.57 0.37
CA LYS C 152 49.64 4.82 -0.21
C LYS C 152 49.92 6.30 -0.34
N ALA C 153 48.87 7.08 -0.62
CA ALA C 153 49.05 8.49 -0.88
C ALA C 153 49.29 9.30 0.39
N ILE C 154 49.63 8.61 1.47
CA ILE C 154 49.95 9.31 2.70
C ILE C 154 51.14 8.64 3.41
N MET D 1 36.70 29.37 40.56
CA MET D 1 36.38 28.22 39.74
C MET D 1 36.82 28.43 38.29
N ASN D 2 37.77 27.63 37.83
CA ASN D 2 38.32 27.82 36.48
C ASN D 2 37.57 27.07 35.39
N ILE D 3 37.22 27.80 34.34
CA ILE D 3 36.36 27.28 33.27
C ILE D 3 37.09 27.33 31.95
N ILE D 4 36.90 26.30 31.12
CA ILE D 4 37.53 26.27 29.81
C ILE D 4 36.53 26.41 28.66
N LYS D 5 36.44 27.60 28.10
CA LYS D 5 35.62 27.83 26.92
C LYS D 5 36.55 28.22 25.77
N ALA D 6 36.47 27.49 24.66
CA ALA D 6 37.41 27.69 23.56
C ALA D 6 36.74 28.15 22.26
N ASN D 7 37.38 29.11 21.59
CA ASN D 7 36.85 29.65 20.34
C ASN D 7 37.18 28.77 19.13
N VAL D 8 36.64 29.13 17.96
CA VAL D 8 36.75 28.32 16.76
C VAL D 8 37.82 28.80 15.77
N ALA D 9 38.63 29.79 16.17
CA ALA D 9 39.68 30.27 15.29
C ALA D 9 40.96 29.55 15.64
N ALA D 10 41.78 29.31 14.63
CA ALA D 10 43.01 28.55 14.79
C ALA D 10 43.79 28.53 13.48
N PRO D 11 44.19 29.72 13.01
CA PRO D 11 44.84 29.92 11.70
C PRO D 11 45.93 28.90 11.36
N ASP D 12 46.82 28.64 12.31
CA ASP D 12 48.01 27.84 12.03
C ASP D 12 47.70 26.35 11.93
N ALA D 13 46.44 25.96 12.02
CA ALA D 13 46.12 24.54 12.10
C ALA D 13 46.11 23.76 10.78
N ARG D 14 46.79 22.62 10.74
CA ARG D 14 46.64 21.82 9.54
C ARG D 14 45.53 20.79 9.71
N VAL D 15 44.37 21.06 9.13
CA VAL D 15 43.24 20.16 9.20
C VAL D 15 43.16 19.21 7.97
N ALA D 16 42.83 17.94 8.23
CA ALA D 16 42.59 17.00 7.15
C ALA D 16 41.09 16.62 7.05
N ILE D 17 40.53 16.83 5.87
CA ILE D 17 39.14 16.47 5.59
C ILE D 17 39.09 15.20 4.75
N THR D 18 38.31 14.22 5.19
CA THR D 18 38.11 13.00 4.43
C THR D 18 36.65 12.90 3.98
N ILE D 19 36.41 12.31 2.82
CA ILE D 19 35.08 12.35 2.21
C ILE D 19 34.75 11.11 1.38
N ALA D 20 33.53 10.61 1.53
CA ALA D 20 33.04 9.53 0.67
C ALA D 20 32.41 10.10 -0.61
N ARG D 21 32.80 9.58 -1.77
CA ARG D 21 32.23 10.03 -3.04
C ARG D 21 30.83 9.46 -3.30
N PHE D 22 30.53 8.31 -2.73
CA PHE D 22 29.17 7.78 -2.74
C PHE D 22 28.26 8.76 -2.04
N ASN D 23 27.14 9.07 -2.67
CA ASN D 23 26.29 10.15 -2.19
C ASN D 23 27.01 11.48 -2.39
N GLN D 24 27.75 11.56 -3.48
CA GLN D 24 28.47 12.77 -3.82
C GLN D 24 27.51 13.93 -3.83
N PHE D 25 26.43 13.78 -4.59
CA PHE D 25 25.48 14.87 -4.79
C PHE D 25 25.07 15.53 -3.48
N ILE D 26 25.40 14.88 -2.37
CA ILE D 26 25.08 15.40 -1.04
C ILE D 26 26.32 15.68 -0.20
N ASN D 27 27.28 14.76 -0.28
CA ASN D 27 28.56 14.95 0.38
C ASN D 27 29.32 16.16 -0.14
N ASP D 28 29.00 16.60 -1.36
CA ASP D 28 29.73 17.71 -1.96
C ASP D 28 29.49 19.03 -1.25
N SER D 29 28.25 19.25 -0.80
CA SER D 29 27.93 20.43 -0.02
C SER D 29 28.63 20.35 1.33
N LEU D 30 28.58 19.15 1.91
CA LEU D 30 29.27 18.89 3.17
C LEU D 30 30.69 19.43 3.12
N LEU D 31 31.39 19.18 2.02
CA LEU D 31 32.75 19.68 1.87
C LEU D 31 32.73 21.20 1.81
N ASP D 32 31.84 21.74 1.00
CA ASP D 32 31.76 23.20 0.81
C ASP D 32 31.57 23.85 2.14
N GLY D 33 30.63 23.34 2.91
CA GLY D 33 30.42 23.84 4.26
C GLY D 33 31.71 23.76 5.06
N ALA D 34 32.23 22.54 5.21
CA ALA D 34 33.44 22.28 5.97
C ALA D 34 34.49 23.32 5.61
N VAL D 35 34.91 23.35 4.36
CA VAL D 35 36.03 24.20 3.95
C VAL D 35 35.75 25.67 4.29
N ASP D 36 34.61 26.16 3.84
CA ASP D 36 34.26 27.55 4.11
C ASP D 36 34.48 27.85 5.57
N ALA D 37 33.71 27.17 6.42
CA ALA D 37 33.82 27.29 7.87
C ALA D 37 35.26 27.20 8.37
N LEU D 38 36.04 26.34 7.74
CA LEU D 38 37.44 26.12 8.11
C LEU D 38 38.28 27.36 7.90
N THR D 39 38.27 27.88 6.68
CA THR D 39 39.05 29.05 6.37
C THR D 39 38.36 30.27 6.95
N ARG D 40 37.28 30.69 6.29
CA ARG D 40 36.51 31.88 6.68
C ARG D 40 36.40 32.09 8.20
N ILE D 41 35.87 31.10 8.91
CA ILE D 41 35.62 31.22 10.34
C ILE D 41 36.84 30.87 11.21
N GLY D 42 37.51 29.79 10.87
CA GLY D 42 38.62 29.29 11.67
C GLY D 42 39.99 29.87 11.33
N GLN D 43 40.02 30.77 10.36
CA GLN D 43 41.26 31.46 10.00
C GLN D 43 42.32 30.49 9.46
N VAL D 44 41.89 29.33 8.98
CA VAL D 44 42.82 28.33 8.44
C VAL D 44 43.27 28.60 7.00
N LYS D 45 44.57 28.61 6.77
CA LYS D 45 45.08 28.82 5.42
C LYS D 45 44.75 27.61 4.56
N ASP D 46 44.32 27.86 3.33
CA ASP D 46 43.76 26.79 2.51
C ASP D 46 44.79 25.78 2.02
N ASP D 47 46.04 25.94 2.43
CA ASP D 47 47.05 24.92 2.09
C ASP D 47 47.42 24.09 3.32
N ASN D 48 46.81 24.42 4.44
CA ASN D 48 46.89 23.55 5.63
C ASN D 48 45.68 22.65 5.68
N ILE D 49 44.91 22.69 4.60
CA ILE D 49 43.76 21.82 4.42
C ILE D 49 44.07 20.82 3.34
N THR D 50 44.15 19.55 3.70
CA THR D 50 44.22 18.52 2.67
C THR D 50 42.94 17.68 2.70
N VAL D 51 42.52 17.23 1.53
CA VAL D 51 41.24 16.56 1.40
C VAL D 51 41.42 15.17 0.80
N VAL D 52 41.13 14.15 1.58
CA VAL D 52 41.31 12.80 1.10
C VAL D 52 39.96 12.21 0.76
N TRP D 53 39.86 11.62 -0.42
CA TRP D 53 38.60 11.12 -0.96
C TRP D 53 38.56 9.59 -0.98
N VAL D 54 37.88 8.98 -0.02
CA VAL D 54 37.71 7.53 -0.07
C VAL D 54 36.40 7.17 -0.74
N PRO D 55 36.28 5.95 -1.26
CA PRO D 55 35.05 5.53 -1.92
C PRO D 55 33.84 5.73 -1.06
N GLY D 56 33.62 4.84 -0.11
CA GLY D 56 32.41 4.87 0.71
C GLY D 56 32.60 5.29 2.14
N ALA D 57 31.51 5.64 2.79
CA ALA D 57 31.53 6.07 4.18
C ALA D 57 32.13 5.01 5.06
N TYR D 58 32.09 3.77 4.61
CA TYR D 58 32.65 2.65 5.37
C TYR D 58 34.16 2.74 5.48
N GLU D 59 34.76 3.48 4.55
CA GLU D 59 36.20 3.56 4.45
C GLU D 59 36.72 4.78 5.18
N LEU D 60 35.83 5.71 5.52
CA LEU D 60 36.19 6.92 6.26
C LEU D 60 37.18 6.69 7.39
N PRO D 61 36.95 5.63 8.21
CA PRO D 61 37.88 5.34 9.32
C PRO D 61 39.32 5.20 8.87
N LEU D 62 39.65 4.11 8.19
CA LEU D 62 41.02 3.84 7.78
C LEU D 62 41.71 5.09 7.21
N ALA D 63 41.03 5.78 6.33
CA ALA D 63 41.52 7.07 5.84
C ALA D 63 41.89 7.99 6.99
N THR D 64 40.92 8.28 7.86
CA THR D 64 41.12 9.22 8.96
C THR D 64 42.04 8.69 10.06
N GLU D 65 42.46 7.43 9.96
CA GLU D 65 43.46 6.93 10.88
C GLU D 65 44.85 7.19 10.31
N ALA D 66 45.10 6.70 9.09
CA ALA D 66 46.36 6.96 8.43
C ALA D 66 46.68 8.46 8.47
N LEU D 67 45.64 9.28 8.42
CA LEU D 67 45.81 10.74 8.54
C LEU D 67 46.26 11.13 9.94
N ALA D 68 45.38 10.97 10.91
CA ALA D 68 45.70 11.37 12.27
C ALA D 68 46.99 10.73 12.76
N LYS D 69 47.13 9.42 12.53
CA LYS D 69 48.38 8.72 12.85
C LYS D 69 49.58 9.50 12.32
N SER D 70 49.65 9.64 10.98
CA SER D 70 50.65 10.46 10.32
C SER D 70 51.23 11.57 11.20
N GLY D 71 50.38 12.33 11.87
CA GLY D 71 50.84 13.36 12.79
C GLY D 71 50.75 14.77 12.24
N LYS D 72 50.93 14.91 10.92
CA LYS D 72 50.97 16.21 10.29
C LYS D 72 49.75 17.06 10.59
N TYR D 73 48.60 16.43 10.84
CA TYR D 73 47.34 17.18 10.99
C TYR D 73 46.88 17.34 12.45
N ASP D 74 46.19 18.44 12.72
CA ASP D 74 45.75 18.75 14.08
C ASP D 74 44.35 18.24 14.34
N ALA D 75 43.62 17.94 13.28
CA ALA D 75 42.28 17.36 13.41
C ALA D 75 41.80 16.85 12.06
N VAL D 76 40.90 15.86 12.11
CA VAL D 76 40.33 15.30 10.89
C VAL D 76 38.83 15.55 10.84
N VAL D 77 38.34 16.10 9.73
CA VAL D 77 36.90 16.26 9.57
C VAL D 77 36.39 15.16 8.67
N ALA D 78 35.60 14.25 9.23
CA ALA D 78 35.06 13.14 8.48
C ALA D 78 33.69 13.47 7.86
N LEU D 79 33.58 13.36 6.54
CA LEU D 79 32.37 13.77 5.82
C LEU D 79 31.83 12.65 4.92
N GLY D 80 30.62 12.21 5.25
CA GLY D 80 29.97 11.17 4.48
C GLY D 80 28.46 11.24 4.64
N THR D 81 27.75 10.43 3.84
CA THR D 81 26.30 10.39 3.92
C THR D 81 25.81 8.96 3.70
N VAL D 82 24.95 8.51 4.60
CA VAL D 82 24.39 7.17 4.53
C VAL D 82 22.90 7.27 4.72
N ILE D 83 22.17 6.91 3.67
CA ILE D 83 20.71 6.95 3.69
C ILE D 83 20.13 5.54 3.61
N ARG D 84 19.39 5.16 4.65
CA ARG D 84 18.83 3.82 4.75
C ARG D 84 18.11 3.36 3.48
N GLY D 85 17.95 2.06 3.32
CA GLY D 85 17.27 1.52 2.17
C GLY D 85 16.59 0.20 2.42
N GLY D 86 16.52 -0.63 1.38
CA GLY D 86 15.84 -1.91 1.42
C GLY D 86 16.27 -2.85 2.55
N THR D 87 17.57 -2.97 2.75
CA THR D 87 18.09 -3.84 3.80
C THR D 87 18.78 -3.05 4.90
N ALA D 88 19.12 -3.73 5.98
CA ALA D 88 19.94 -3.10 6.99
C ALA D 88 21.41 -3.24 6.60
N HIS D 89 21.76 -2.66 5.46
CA HIS D 89 23.15 -2.44 5.12
C HIS D 89 23.51 -1.16 5.84
N PHE D 90 22.66 -0.15 5.66
CA PHE D 90 22.77 1.11 6.36
C PHE D 90 23.28 0.88 7.76
N GLU D 91 22.67 -0.08 8.43
CA GLU D 91 22.98 -0.39 9.81
C GLU D 91 24.47 -0.52 10.00
N TYR D 92 25.05 -1.46 9.26
CA TYR D 92 26.44 -1.87 9.43
C TYR D 92 27.44 -0.83 8.91
N VAL D 93 27.11 -0.20 7.81
CA VAL D 93 27.93 0.90 7.30
C VAL D 93 27.96 2.04 8.31
N ALA D 94 26.82 2.71 8.48
CA ALA D 94 26.71 3.82 9.41
C ALA D 94 27.42 3.53 10.73
N GLY D 95 27.13 2.36 11.29
CA GLY D 95 27.72 1.91 12.53
C GLY D 95 29.23 1.68 12.48
N GLY D 96 29.66 0.80 11.58
CA GLY D 96 31.07 0.49 11.44
C GLY D 96 31.91 1.70 11.11
N ALA D 97 31.25 2.80 10.78
CA ALA D 97 31.93 4.04 10.45
C ALA D 97 31.68 5.11 11.51
N SER D 98 30.77 4.83 12.42
CA SER D 98 30.61 5.68 13.59
C SER D 98 31.60 5.18 14.65
N ASN D 99 31.38 3.95 15.10
CA ASN D 99 32.29 3.31 16.03
C ASN D 99 33.70 3.36 15.50
N GLY D 100 33.83 3.34 14.18
CA GLY D 100 35.13 3.44 13.53
C GLY D 100 35.80 4.77 13.85
N LEU D 101 35.26 5.84 13.28
CA LEU D 101 35.82 7.18 13.46
C LEU D 101 35.95 7.51 14.94
N ALA D 102 35.08 6.93 15.76
CA ALA D 102 35.17 7.13 17.22
C ALA D 102 36.46 6.54 17.81
N SER D 103 36.77 5.30 17.41
CA SER D 103 37.96 4.61 17.88
C SER D 103 39.23 5.31 17.42
N VAL D 104 39.20 5.81 16.19
CA VAL D 104 40.34 6.54 15.64
C VAL D 104 40.67 7.74 16.51
N ALA D 105 39.64 8.33 17.08
CA ALA D 105 39.82 9.47 17.97
C ALA D 105 40.57 9.05 19.22
N GLN D 106 39.95 8.15 19.99
CA GLN D 106 40.49 7.77 21.30
C GLN D 106 41.87 7.13 21.25
N ASP D 107 42.30 6.71 20.05
CA ASP D 107 43.59 6.06 19.90
C ASP D 107 44.68 6.96 19.33
N SER D 108 44.28 8.12 18.80
CA SER D 108 45.22 9.03 18.16
C SER D 108 45.35 10.31 18.95
N GLY D 109 44.33 10.62 19.74
CA GLY D 109 44.29 11.84 20.51
C GLY D 109 43.93 13.02 19.63
N VAL D 110 43.80 12.75 18.33
CA VAL D 110 43.43 13.78 17.37
C VAL D 110 41.93 13.86 17.29
N PRO D 111 41.38 15.05 17.52
CA PRO D 111 39.93 15.24 17.41
C PRO D 111 39.44 14.89 16.01
N VAL D 112 38.25 14.32 15.92
CA VAL D 112 37.68 13.94 14.64
C VAL D 112 36.20 14.26 14.62
N ALA D 113 35.78 15.04 13.63
CA ALA D 113 34.40 15.46 13.55
C ALA D 113 33.56 14.37 12.88
N PHE D 114 32.50 13.96 13.57
CA PHE D 114 31.57 13.01 13.00
C PHE D 114 30.58 13.68 12.01
N GLY D 115 31.09 14.11 10.86
CA GLY D 115 30.27 14.75 9.86
C GLY D 115 29.65 13.75 8.90
N VAL D 116 29.05 12.71 9.46
CA VAL D 116 28.43 11.69 8.66
C VAL D 116 26.91 11.70 8.84
N LEU D 117 26.21 12.03 7.76
CA LEU D 117 24.77 12.03 7.80
C LEU D 117 24.23 10.60 7.76
N THR D 118 23.53 10.24 8.83
CA THR D 118 22.85 8.96 8.93
C THR D 118 21.32 9.17 8.95
N THR D 119 20.71 9.11 7.77
CA THR D 119 19.31 9.49 7.60
C THR D 119 18.41 8.40 7.04
N GLU D 120 17.27 8.84 6.50
CA GLU D 120 16.26 7.92 6.03
C GLU D 120 15.85 8.31 4.63
N SER D 121 16.20 9.52 4.25
CA SER D 121 15.77 10.03 2.95
C SER D 121 16.73 11.05 2.37
N ILE D 122 16.64 11.25 1.06
CA ILE D 122 17.40 12.29 0.40
C ILE D 122 16.84 13.58 0.95
N GLU D 123 15.55 13.54 1.24
CA GLU D 123 14.81 14.67 1.80
C GLU D 123 15.49 15.16 3.07
N GLN D 124 15.65 14.25 4.04
CA GLN D 124 16.32 14.55 5.30
C GLN D 124 17.78 14.95 5.11
N ALA D 125 18.49 14.25 4.22
CA ALA D 125 19.88 14.59 3.96
C ALA D 125 20.00 15.99 3.39
N ILE D 126 19.18 16.30 2.38
CA ILE D 126 19.24 17.64 1.81
C ILE D 126 18.92 18.73 2.84
N GLU D 127 18.12 18.38 3.85
CA GLU D 127 17.83 19.28 4.97
C GLU D 127 19.08 19.56 5.83
N ARG D 128 19.86 18.51 6.05
CA ARG D 128 20.98 18.58 6.99
C ARG D 128 22.32 18.87 6.31
N ALA D 129 22.25 19.23 5.04
CA ALA D 129 23.46 19.55 4.28
C ALA D 129 23.28 20.83 3.47
N GLY D 130 22.89 21.90 4.15
CA GLY D 130 22.84 23.20 3.50
C GLY D 130 21.54 23.97 3.63
N THR D 131 20.42 23.26 3.58
CA THR D 131 19.10 23.88 3.61
C THR D 131 18.51 24.01 5.03
N LYS D 132 17.23 23.68 5.14
CA LYS D 132 16.46 23.90 6.35
C LYS D 132 17.22 23.80 7.67
N ALA D 133 17.84 22.65 7.93
CA ALA D 133 18.49 22.46 9.23
C ALA D 133 20.00 22.47 9.12
N GLY D 134 20.58 23.59 8.68
CA GLY D 134 22.01 23.75 8.66
C GLY D 134 22.79 22.93 7.65
N ASN D 135 24.06 22.72 7.95
CA ASN D 135 24.99 22.14 6.99
C ASN D 135 26.08 21.35 7.76
N LYS D 136 25.71 20.20 8.30
CA LYS D 136 26.56 19.47 9.24
C LYS D 136 28.03 19.51 8.88
N GLY D 137 28.32 19.53 7.60
CA GLY D 137 29.69 19.58 7.13
C GLY D 137 30.47 20.73 7.74
N ALA D 138 29.89 21.93 7.68
CA ALA D 138 30.48 23.10 8.30
C ALA D 138 30.59 22.88 9.83
N GLU D 139 29.46 22.58 10.45
CA GLU D 139 29.43 22.28 11.88
C GLU D 139 30.58 21.37 12.26
N ALA D 140 30.71 20.25 11.55
CA ALA D 140 31.77 19.29 11.82
C ALA D 140 33.14 19.96 11.87
N ALA D 141 33.36 20.92 10.98
CA ALA D 141 34.62 21.65 10.96
C ALA D 141 34.78 22.55 12.19
N LEU D 142 33.73 23.27 12.56
CA LEU D 142 33.82 24.16 13.70
C LEU D 142 34.08 23.35 14.97
N THR D 143 33.28 22.30 15.17
CA THR D 143 33.48 21.44 16.34
C THR D 143 34.88 20.83 16.27
N ALA D 144 35.36 20.51 15.06
CA ALA D 144 36.74 20.10 14.87
C ALA D 144 37.68 21.14 15.48
N LEU D 145 37.74 22.31 14.85
CA LEU D 145 38.52 23.43 15.37
C LEU D 145 38.38 23.55 16.89
N GLU D 146 37.22 24.00 17.37
CA GLU D 146 37.00 24.16 18.80
C GLU D 146 37.74 23.06 19.60
N MET D 147 37.50 21.81 19.24
CA MET D 147 38.13 20.69 19.93
C MET D 147 39.63 20.81 19.92
N ILE D 148 40.19 21.26 18.80
CA ILE D 148 41.64 21.51 18.75
C ILE D 148 42.10 22.39 19.91
N ASN D 149 41.48 23.55 20.03
CA ASN D 149 41.83 24.48 21.09
C ASN D 149 41.39 24.02 22.48
N VAL D 150 40.33 23.22 22.54
CA VAL D 150 39.90 22.65 23.82
C VAL D 150 40.96 21.71 24.40
N LEU D 151 41.33 20.71 23.60
CA LEU D 151 42.38 19.78 23.99
C LEU D 151 43.61 20.58 24.38
N LYS D 152 44.02 21.50 23.50
CA LYS D 152 45.15 22.38 23.76
C LYS D 152 45.07 23.02 25.14
N ALA D 153 43.87 23.32 25.59
CA ALA D 153 43.68 24.02 26.87
C ALA D 153 43.89 23.11 28.08
N ILE D 154 44.52 21.97 27.87
CA ILE D 154 44.82 21.05 28.95
C ILE D 154 46.20 20.42 28.73
N MET E 1 31.52 -10.39 58.26
CA MET E 1 31.39 -10.03 56.85
C MET E 1 31.61 -8.54 56.61
N ASN E 2 32.65 -8.21 55.87
CA ASN E 2 33.02 -6.81 55.67
C ASN E 2 32.34 -6.15 54.46
N ILE E 3 31.74 -5.01 54.71
CA ILE E 3 30.90 -4.33 53.73
C ILE E 3 31.48 -2.97 53.43
N ILE E 4 31.37 -2.53 52.18
CA ILE E 4 31.89 -1.23 51.82
C ILE E 4 30.77 -0.29 51.41
N LYS E 5 30.38 0.61 52.29
CA LYS E 5 29.42 1.65 51.93
C LYS E 5 30.10 2.99 52.04
N ALA E 6 30.08 3.78 50.96
CA ALA E 6 30.80 5.05 50.95
C ALA E 6 29.89 6.26 50.85
N ASN E 7 30.22 7.32 51.60
CA ASN E 7 29.46 8.58 51.57
C ASN E 7 29.85 9.51 50.42
N VAL E 8 29.14 10.61 50.28
CA VAL E 8 29.26 11.49 49.12
C VAL E 8 30.07 12.75 49.41
N ALA E 9 30.77 12.75 50.53
CA ALA E 9 31.58 13.90 50.88
C ALA E 9 33.03 13.59 50.56
N ALA E 10 33.75 14.59 50.07
CA ALA E 10 35.12 14.37 49.63
C ALA E 10 35.77 15.69 49.33
N PRO E 11 36.00 16.44 50.39
CA PRO E 11 36.49 17.81 50.30
C PRO E 11 37.69 17.96 49.38
N ASP E 12 38.82 17.38 49.76
CA ASP E 12 40.07 17.82 49.18
C ASP E 12 40.25 17.48 47.67
N ALA E 13 39.46 16.54 47.15
CA ALA E 13 39.61 16.12 45.75
C ALA E 13 39.27 17.18 44.66
N ARG E 14 39.75 16.94 43.44
CA ARG E 14 39.50 17.84 42.32
C ARG E 14 38.69 17.16 41.20
N VAL E 15 37.46 17.64 40.98
CA VAL E 15 36.55 17.06 40.00
C VAL E 15 36.52 17.87 38.69
N ALA E 16 36.49 17.17 37.56
CA ALA E 16 36.37 17.85 36.28
C ALA E 16 35.04 17.53 35.66
N ILE E 17 34.30 18.60 35.35
CA ILE E 17 32.98 18.55 34.68
C ILE E 17 33.12 18.95 33.21
N THR E 18 32.59 18.09 32.34
CA THR E 18 32.57 18.37 30.91
C THR E 18 31.13 18.53 30.41
N ILE E 19 30.92 19.41 29.45
CA ILE E 19 29.57 19.73 29.04
C ILE E 19 29.44 20.03 27.54
N ALA E 20 28.34 19.57 26.96
CA ALA E 20 28.03 19.92 25.57
C ALA E 20 27.14 21.16 25.53
N ARG E 21 27.49 22.15 24.69
CA ARG E 21 26.70 23.37 24.59
C ARG E 21 25.46 23.18 23.75
N PHE E 22 25.50 22.22 22.84
CA PHE E 22 24.30 21.81 22.10
C PHE E 22 23.27 21.35 23.10
N ASN E 23 22.03 21.83 22.98
CA ASN E 23 21.04 21.58 24.00
C ASN E 23 21.45 22.27 25.30
N GLN E 24 22.07 23.43 25.13
CA GLN E 24 22.41 24.30 26.24
C GLN E 24 21.21 24.55 27.12
N PHE E 25 20.10 24.98 26.53
CA PHE E 25 18.93 25.33 27.32
C PHE E 25 18.55 24.26 28.36
N ILE E 26 19.10 23.06 28.20
CA ILE E 26 18.80 21.96 29.11
C ILE E 26 20.04 21.52 29.84
N ASN E 27 21.15 21.43 29.13
CA ASN E 27 22.43 21.09 29.74
C ASN E 27 22.87 22.09 30.80
N ASP E 28 22.33 23.31 30.75
CA ASP E 28 22.78 24.35 31.67
C ASP E 28 22.32 24.06 33.08
N SER E 29 21.13 23.51 33.21
CA SER E 29 20.61 23.10 34.51
C SER E 29 21.43 21.90 35.01
N LEU E 30 21.74 20.99 34.10
CA LEU E 30 22.58 19.86 34.41
C LEU E 30 23.84 20.31 35.14
N LEU E 31 24.47 21.37 34.64
CA LEU E 31 25.65 21.93 35.28
C LEU E 31 25.31 22.49 36.66
N ASP E 32 24.29 23.32 36.72
CA ASP E 32 23.85 23.87 38.00
C ASP E 32 23.67 22.78 39.04
N GLY E 33 22.95 21.73 38.67
CA GLY E 33 22.79 20.59 39.55
C GLY E 33 24.14 20.03 39.94
N ALA E 34 24.91 19.63 38.94
CA ALA E 34 26.22 19.07 39.19
C ALA E 34 26.98 19.91 40.22
N VAL E 35 27.25 21.17 39.87
CA VAL E 35 28.08 22.02 40.71
C VAL E 35 27.54 22.12 42.14
N ASP E 36 26.28 22.51 42.29
CA ASP E 36 25.68 22.61 43.62
C ASP E 36 25.98 21.35 44.41
N ALA E 37 25.48 20.21 43.94
CA ALA E 37 25.70 18.93 44.60
C ALA E 37 27.17 18.69 44.91
N LEU E 38 28.05 19.13 44.01
CA LEU E 38 29.48 18.94 44.18
C LEU E 38 30.03 19.66 45.42
N THR E 39 29.79 20.97 45.46
CA THR E 39 30.23 21.79 46.57
C THR E 39 29.35 21.50 47.77
N ARG E 40 28.13 22.06 47.74
CA ARG E 40 27.18 21.93 48.84
C ARG E 40 27.20 20.57 49.53
N ILE E 41 26.98 19.51 48.75
CA ILE E 41 26.88 18.16 49.32
C ILE E 41 28.24 17.48 49.48
N GLY E 42 29.08 17.59 48.47
CA GLY E 42 30.34 16.88 48.49
C GLY E 42 31.49 17.62 49.14
N GLN E 43 31.22 18.81 49.65
CA GLN E 43 32.21 19.59 50.38
C GLN E 43 33.37 20.00 49.50
N VAL E 44 33.17 19.97 48.19
CA VAL E 44 34.25 20.29 47.26
C VAL E 44 34.45 21.80 47.08
N LYS E 45 35.70 22.26 47.23
CA LYS E 45 35.99 23.66 47.04
C LYS E 45 35.86 24.00 45.57
N ASP E 46 35.26 25.16 45.29
CA ASP E 46 34.87 25.50 43.93
C ASP E 46 36.04 25.82 43.00
N ASP E 47 37.27 25.70 43.49
CA ASP E 47 38.44 25.88 42.63
C ASP E 47 39.10 24.55 42.37
N ASN E 48 38.56 23.49 42.95
CA ASN E 48 38.95 22.15 42.57
C ASN E 48 37.97 21.60 41.55
N ILE E 49 37.09 22.49 41.09
CA ILE E 49 36.15 22.19 40.02
C ILE E 49 36.55 22.95 38.76
N THR E 50 36.93 22.21 37.72
CA THR E 50 37.14 22.83 36.41
C THR E 50 36.06 22.32 35.47
N VAL E 51 35.60 23.20 34.58
CA VAL E 51 34.49 22.88 33.71
C VAL E 51 34.91 23.01 32.25
N VAL E 52 34.99 21.89 31.55
CA VAL E 52 35.38 21.93 30.15
C VAL E 52 34.13 21.89 29.25
N TRP E 53 34.09 22.79 28.26
CA TRP E 53 32.95 22.92 27.36
C TRP E 53 33.31 22.45 25.95
N VAL E 54 32.85 21.26 25.59
CA VAL E 54 32.95 20.79 24.20
C VAL E 54 31.67 21.08 23.45
N PRO E 55 31.73 21.16 22.12
CA PRO E 55 30.54 21.43 21.32
C PRO E 55 29.42 20.44 21.60
N GLY E 56 29.53 19.24 21.05
CA GLY E 56 28.45 18.26 21.13
C GLY E 56 28.69 17.10 22.07
N ALA E 57 27.62 16.42 22.45
CA ALA E 57 27.69 15.26 23.32
C ALA E 57 28.58 14.17 22.73
N TYR E 58 28.79 14.22 21.42
CA TYR E 58 29.63 13.24 20.76
C TYR E 58 31.09 13.43 21.13
N GLU E 59 31.39 14.64 21.62
CA GLU E 59 32.75 15.03 21.89
C GLU E 59 33.11 14.80 23.34
N LEU E 60 32.08 14.61 24.16
CA LEU E 60 32.26 14.39 25.61
C LEU E 60 33.40 13.43 25.95
N PRO E 61 33.50 12.29 25.24
CA PRO E 61 34.58 11.35 25.51
C PRO E 61 35.95 12.00 25.44
N LEU E 62 36.42 12.34 24.23
CA LEU E 62 37.77 12.87 24.08
C LEU E 62 38.11 13.89 25.16
N ALA E 63 37.19 14.81 25.40
CA ALA E 63 37.35 15.76 26.49
C ALA E 63 37.63 15.02 27.80
N THR E 64 36.70 14.15 28.19
CA THR E 64 36.80 13.45 29.47
C THR E 64 37.96 12.42 29.52
N GLU E 65 38.64 12.22 28.41
CA GLU E 65 39.82 11.37 28.44
C GLU E 65 41.04 12.23 28.71
N ALA E 66 41.23 13.26 27.89
CA ALA E 66 42.32 14.21 28.10
C ALA E 66 42.31 14.67 29.56
N LEU E 67 41.12 14.82 30.13
CA LEU E 67 41.02 15.19 31.54
C LEU E 67 41.51 14.09 32.46
N ALA E 68 40.78 12.98 32.53
CA ALA E 68 41.15 11.87 33.39
C ALA E 68 42.60 11.44 33.19
N LYS E 69 43.00 11.31 31.92
CA LYS E 69 44.37 10.98 31.58
C LYS E 69 45.31 11.92 32.32
N SER E 70 45.18 13.21 32.00
CA SER E 70 45.92 14.27 32.70
C SER E 70 46.35 13.87 34.11
N GLY E 71 45.41 13.36 34.91
CA GLY E 71 45.72 12.90 36.25
C GLY E 71 45.27 13.85 37.34
N LYS E 72 45.33 15.14 37.04
CA LYS E 72 44.99 16.16 38.03
C LYS E 72 43.65 15.94 38.73
N TYR E 73 42.70 15.31 38.05
CA TYR E 73 41.33 15.18 38.58
C TYR E 73 41.03 13.81 39.17
N ASP E 74 40.15 13.77 40.17
CA ASP E 74 39.79 12.52 40.86
C ASP E 74 38.55 11.88 40.24
N ALA E 75 37.82 12.65 39.45
CA ALA E 75 36.67 12.13 38.73
C ALA E 75 36.14 13.14 37.71
N VAL E 76 35.47 12.65 36.69
CA VAL E 76 34.95 13.50 35.66
C VAL E 76 33.45 13.35 35.64
N VAL E 77 32.74 14.45 35.69
CA VAL E 77 31.31 14.39 35.50
C VAL E 77 30.99 14.81 34.08
N ALA E 78 30.49 13.86 33.28
CA ALA E 78 30.06 14.12 31.89
C ALA E 78 28.60 14.58 31.77
N LEU E 79 28.39 15.74 31.17
CA LEU E 79 27.06 16.33 31.10
C LEU E 79 26.67 16.70 29.68
N GLY E 80 25.63 16.04 29.18
CA GLY E 80 25.11 16.32 27.86
C GLY E 80 23.66 15.92 27.72
N THR E 81 23.05 16.27 26.60
CA THR E 81 21.65 15.95 26.35
C THR E 81 21.46 15.62 24.88
N VAL E 82 20.86 14.47 24.62
CA VAL E 82 20.58 14.01 23.26
C VAL E 82 19.12 13.63 23.16
N ILE E 83 18.38 14.35 22.34
CA ILE E 83 16.96 14.08 22.18
C ILE E 83 16.69 13.63 20.75
N ARG E 84 16.15 12.42 20.61
CA ARG E 84 15.90 11.80 19.30
C ARG E 84 15.16 12.71 18.32
N GLY E 85 15.32 12.43 17.04
CA GLY E 85 14.64 13.20 16.01
C GLY E 85 14.27 12.43 14.75
N GLY E 86 14.24 13.14 13.63
CA GLY E 86 13.89 12.57 12.34
C GLY E 86 14.62 11.29 11.97
N THR E 87 15.95 11.29 12.15
CA THR E 87 16.74 10.12 11.80
C THR E 87 17.35 9.48 13.03
N ALA E 88 17.94 8.31 12.82
CA ALA E 88 18.78 7.70 13.86
C ALA E 88 20.20 8.28 13.80
N HIS E 89 20.30 9.59 14.04
CA HIS E 89 21.55 10.23 14.34
C HIS E 89 21.70 10.04 15.84
N PHE E 90 20.62 10.36 16.56
CA PHE E 90 20.54 10.12 18.01
C PHE E 90 21.21 8.82 18.37
N GLU E 91 20.87 7.79 17.62
CA GLU E 91 21.40 6.45 17.85
C GLU E 91 22.91 6.53 18.04
N TYR E 92 23.59 6.99 17.00
CA TYR E 92 25.05 6.97 16.95
C TYR E 92 25.71 7.96 17.92
N VAL E 93 25.11 9.13 18.07
CA VAL E 93 25.62 10.11 19.00
C VAL E 93 25.52 9.54 20.40
N ALA E 94 24.30 9.43 20.91
CA ALA E 94 24.08 8.86 22.23
C ALA E 94 24.96 7.63 22.50
N GLY E 95 24.98 6.70 21.55
CA GLY E 95 25.80 5.49 21.68
C GLY E 95 27.30 5.72 21.74
N GLY E 96 27.86 6.30 20.67
CA GLY E 96 29.29 6.59 20.62
C GLY E 96 29.79 7.46 21.76
N ALA E 97 28.87 7.97 22.58
CA ALA E 97 29.22 8.82 23.69
C ALA E 97 28.84 8.14 24.97
N SER E 98 28.11 7.03 24.86
CA SER E 98 27.90 6.18 26.02
C SER E 98 29.05 5.19 26.12
N ASN E 99 29.17 4.35 25.10
CA ASN E 99 30.32 3.45 24.98
C ASN E 99 31.62 4.23 25.11
N GLY E 100 31.61 5.48 24.64
CA GLY E 100 32.77 6.34 24.73
C GLY E 100 33.17 6.59 26.18
N LEU E 101 32.35 7.37 26.88
CA LEU E 101 32.63 7.72 28.27
C LEU E 101 32.88 6.48 29.11
N ALA E 102 32.24 5.37 28.72
CA ALA E 102 32.44 4.09 29.42
C ALA E 102 33.88 3.56 29.27
N SER E 103 34.39 3.59 28.04
CA SER E 103 35.73 3.13 27.77
C SER E 103 36.77 4.02 28.46
N VAL E 104 36.53 5.33 28.45
CA VAL E 104 37.41 6.27 29.14
C VAL E 104 37.56 5.86 30.60
N ALA E 105 36.47 5.35 31.18
CA ALA E 105 36.49 4.91 32.55
C ALA E 105 37.45 3.74 32.72
N GLN E 106 37.13 2.65 32.06
CA GLN E 106 37.84 1.40 32.29
C GLN E 106 39.32 1.50 31.93
N ASP E 107 39.69 2.57 31.23
CA ASP E 107 41.07 2.73 30.77
C ASP E 107 41.86 3.73 31.58
N SER E 108 41.16 4.54 32.37
CA SER E 108 41.81 5.57 33.16
C SER E 108 41.76 5.28 34.67
N GLY E 109 40.78 4.46 35.06
CA GLY E 109 40.59 4.10 36.45
C GLY E 109 39.91 5.24 37.17
N VAL E 110 39.66 6.31 36.40
CA VAL E 110 39.01 7.47 36.96
C VAL E 110 37.51 7.31 36.76
N PRO E 111 36.74 7.40 37.86
CA PRO E 111 35.30 7.27 37.74
C PRO E 111 34.76 8.37 36.82
N VAL E 112 33.73 8.04 36.05
CA VAL E 112 33.09 9.02 35.21
C VAL E 112 31.56 8.90 35.24
N ALA E 113 30.89 10.02 35.50
CA ALA E 113 29.46 10.01 35.69
C ALA E 113 28.79 10.14 34.33
N PHE E 114 27.90 9.20 34.01
CA PHE E 114 27.18 9.26 32.76
C PHE E 114 25.99 10.18 32.90
N GLY E 115 26.24 11.48 33.01
CA GLY E 115 25.19 12.47 33.13
C GLY E 115 24.66 12.93 31.77
N VAL E 116 24.39 11.97 30.90
CA VAL E 116 23.93 12.30 29.55
C VAL E 116 22.48 11.87 29.35
N LEU E 117 21.61 12.86 29.18
CA LEU E 117 20.21 12.57 28.93
C LEU E 117 20.00 12.05 27.51
N THR E 118 19.50 10.82 27.42
CA THR E 118 19.15 10.22 26.14
C THR E 118 17.66 9.98 26.09
N THR E 119 16.93 10.95 25.52
CA THR E 119 15.47 10.99 25.61
C THR E 119 14.77 10.99 24.27
N GLU E 120 13.51 11.41 24.29
CA GLU E 120 12.67 11.44 23.08
C GLU E 120 12.00 12.81 22.86
N SER E 121 12.03 13.65 23.89
CA SER E 121 11.36 14.94 23.85
C SER E 121 12.01 15.95 24.75
N ILE E 122 11.81 17.22 24.45
CA ILE E 122 12.21 18.30 25.33
C ILE E 122 11.39 18.14 26.60
N GLU E 123 10.19 17.58 26.47
CA GLU E 123 9.34 17.27 27.61
C GLU E 123 10.03 16.35 28.61
N GLN E 124 10.52 15.20 28.14
CA GLN E 124 11.22 14.23 28.96
C GLN E 124 12.51 14.79 29.53
N ALA E 125 13.27 15.51 28.71
CA ALA E 125 14.53 16.10 29.17
C ALA E 125 14.30 17.10 30.31
N ILE E 126 13.35 18.02 30.13
CA ILE E 126 13.02 18.98 31.15
C ILE E 126 12.53 18.31 32.43
N GLU E 127 11.98 17.11 32.30
CA GLU E 127 11.62 16.31 33.47
C GLU E 127 12.85 15.82 34.24
N ARG E 128 13.85 15.42 33.49
CA ARG E 128 15.03 14.76 34.07
C ARG E 128 16.18 15.72 34.36
N ALA E 129 15.91 17.01 34.25
CA ALA E 129 16.95 18.00 34.44
C ALA E 129 16.46 19.12 35.32
N GLY E 130 15.87 18.75 36.45
CA GLY E 130 15.47 19.74 37.43
C GLY E 130 14.06 19.65 37.96
N THR E 131 13.12 19.25 37.09
CA THR E 131 11.71 19.21 37.46
C THR E 131 11.27 17.83 37.94
N LYS E 132 10.12 17.40 37.45
CA LYS E 132 9.41 16.22 37.95
C LYS E 132 10.31 15.10 38.48
N ALA E 133 11.22 14.61 37.63
CA ALA E 133 12.04 13.45 37.98
C ALA E 133 13.49 13.82 38.21
N GLY E 134 13.73 14.67 39.19
CA GLY E 134 15.10 14.99 39.56
C GLY E 134 15.92 15.78 38.55
N ASN E 135 17.24 15.66 38.68
CA ASN E 135 18.17 16.55 38.01
C ASN E 135 19.46 15.80 37.74
N LYS E 136 19.40 14.83 36.85
CA LYS E 136 20.51 13.91 36.63
C LYS E 136 21.91 14.51 36.76
N GLY E 137 22.04 15.79 36.39
CA GLY E 137 23.31 16.48 36.50
C GLY E 137 23.90 16.35 37.90
N ALA E 138 23.08 16.68 38.89
CA ALA E 138 23.46 16.56 40.30
C ALA E 138 23.76 15.11 40.62
N GLU E 139 22.76 14.26 40.42
CA GLU E 139 22.94 12.82 40.58
C GLU E 139 24.30 12.41 40.09
N ALA E 140 24.58 12.72 38.82
CA ALA E 140 25.84 12.34 38.22
C ALA E 140 27.01 12.77 39.07
N ALA E 141 26.91 13.95 39.68
CA ALA E 141 27.98 14.41 40.56
C ALA E 141 28.10 13.57 41.84
N LEU E 142 26.97 13.28 42.47
CA LEU E 142 27.01 12.49 43.69
C LEU E 142 27.56 11.11 43.42
N THR E 143 27.04 10.44 42.40
CA THR E 143 27.55 9.13 42.02
C THR E 143 29.04 9.24 41.70
N ALA E 144 29.43 10.36 41.09
CA ALA E 144 30.84 10.65 40.86
C ALA E 144 31.61 10.58 42.15
N LEU E 145 31.31 11.51 43.04
CA LEU E 145 31.90 11.52 44.39
C LEU E 145 31.91 10.13 45.02
N GLU E 146 30.74 9.62 45.39
CA GLU E 146 30.67 8.29 45.98
C GLU E 146 31.69 7.35 45.37
N MET E 147 31.69 7.23 44.05
CA MET E 147 32.63 6.34 43.38
C MET E 147 34.07 6.64 43.72
N ILE E 148 34.41 7.92 43.82
CA ILE E 148 35.72 8.31 44.28
C ILE E 148 36.10 7.59 45.57
N ASN E 149 35.30 7.74 46.62
CA ASN E 149 35.56 7.08 47.89
C ASN E 149 35.37 5.57 47.86
N VAL E 150 34.53 5.09 46.94
CA VAL E 150 34.35 3.64 46.80
C VAL E 150 35.62 2.99 46.31
N LEU E 151 36.11 3.47 45.16
CA LEU E 151 37.37 3.00 44.63
C LEU E 151 38.45 3.12 45.71
N LYS E 152 38.55 4.30 46.33
CA LYS E 152 39.50 4.53 47.41
C LYS E 152 39.43 3.46 48.47
N ALA E 153 38.22 2.94 48.70
CA ALA E 153 38.01 1.93 49.73
C ALA E 153 38.58 0.55 49.36
N ILE E 154 39.41 0.50 48.32
CA ILE E 154 40.01 -0.75 47.91
C ILE E 154 41.45 -0.52 47.47
N MET F 1 3.11 55.63 -32.67
CA MET F 1 3.15 55.21 -31.26
C MET F 1 4.50 54.60 -30.87
N ASN F 2 5.19 55.26 -29.95
CA ASN F 2 6.54 54.81 -29.59
C ASN F 2 6.57 53.77 -28.44
N ILE F 3 7.31 52.69 -28.70
CA ILE F 3 7.32 51.53 -27.81
C ILE F 3 8.73 51.28 -27.31
N ILE F 4 8.84 50.91 -26.04
CA ILE F 4 10.14 50.59 -25.48
C ILE F 4 10.28 49.12 -25.14
N LYS F 5 11.01 48.38 -25.97
CA LYS F 5 11.32 47.00 -25.67
C LYS F 5 12.84 46.90 -25.57
N ALA F 6 13.35 46.35 -24.48
CA ALA F 6 14.80 46.32 -24.27
C ALA F 6 15.37 44.92 -24.20
N ASN F 7 16.55 44.73 -24.79
CA ASN F 7 17.22 43.43 -24.75
C ASN F 7 18.02 43.16 -23.49
N VAL F 8 18.55 41.96 -23.38
CA VAL F 8 19.20 41.53 -22.14
C VAL F 8 20.71 41.60 -22.23
N ALA F 9 21.23 42.24 -23.27
CA ALA F 9 22.66 42.40 -23.37
C ALA F 9 23.07 43.76 -22.83
N ALA F 10 24.22 43.81 -22.16
CA ALA F 10 24.71 45.03 -21.53
C ALA F 10 26.16 44.84 -21.06
N PRO F 11 27.04 44.53 -22.04
CA PRO F 11 28.45 44.12 -21.97
C PRO F 11 29.37 45.21 -21.49
N ASP F 12 28.95 45.98 -20.49
CA ASP F 12 29.82 47.04 -20.01
C ASP F 12 29.55 47.45 -18.57
N ALA F 13 28.31 47.28 -18.11
CA ALA F 13 27.94 47.78 -16.78
C ALA F 13 28.11 46.72 -15.68
N ARG F 14 28.30 47.19 -14.45
CA ARG F 14 28.77 46.35 -13.37
C ARG F 14 27.62 45.93 -12.47
N VAL F 15 27.39 44.61 -12.42
CA VAL F 15 26.29 44.07 -11.63
C VAL F 15 26.74 43.49 -10.28
N ALA F 16 25.97 43.74 -9.23
CA ALA F 16 26.29 43.16 -7.96
C ALA F 16 25.26 42.11 -7.57
N ILE F 17 25.75 40.91 -7.27
CA ILE F 17 24.94 39.81 -6.78
C ILE F 17 25.15 39.60 -5.28
N THR F 18 24.03 39.54 -4.54
CA THR F 18 24.05 39.27 -3.11
C THR F 18 23.41 37.90 -2.87
N ILE F 19 23.86 37.21 -1.84
CA ILE F 19 23.39 35.85 -1.59
C ILE F 19 23.35 35.43 -0.10
N ALA F 20 22.29 34.72 0.29
CA ALA F 20 22.25 34.15 1.63
C ALA F 20 22.86 32.75 1.63
N ARG F 21 23.73 32.48 2.59
CA ARG F 21 24.37 31.17 2.67
C ARG F 21 23.45 30.13 3.32
N PHE F 22 22.51 30.57 4.13
CA PHE F 22 21.46 29.70 4.64
C PHE F 22 20.67 29.16 3.45
N ASN F 23 20.43 27.86 3.44
CA ASN F 23 19.87 27.21 2.26
C ASN F 23 20.87 27.26 1.12
N GLN F 24 22.14 27.17 1.48
CA GLN F 24 23.21 27.15 0.50
C GLN F 24 22.95 26.09 -0.53
N PHE F 25 22.67 24.87 -0.09
CA PHE F 25 22.51 23.76 -1.02
C PHE F 25 21.51 24.07 -2.12
N ILE F 26 20.78 25.16 -2.01
CA ILE F 26 19.81 25.57 -3.01
C ILE F 26 20.14 26.93 -3.59
N ASN F 27 20.52 27.87 -2.75
CA ASN F 27 21.01 29.15 -3.21
C ASN F 27 22.24 29.09 -4.11
N ASP F 28 23.00 27.98 -4.04
CA ASP F 28 24.25 27.87 -4.79
C ASP F 28 24.01 27.75 -6.27
N SER F 29 22.94 27.04 -6.63
CA SER F 29 22.50 26.96 -8.03
C SER F 29 22.00 28.30 -8.51
N LEU F 30 21.24 28.96 -7.64
CA LEU F 30 20.76 30.31 -7.90
C LEU F 30 21.89 31.20 -8.39
N LEU F 31 23.04 31.09 -7.75
CA LEU F 31 24.21 31.87 -8.15
C LEU F 31 24.72 31.42 -9.49
N ASP F 32 24.81 30.11 -9.66
CA ASP F 32 25.30 29.56 -10.92
C ASP F 32 24.46 30.05 -12.05
N GLY F 33 23.14 29.97 -11.87
CA GLY F 33 22.23 30.51 -12.86
C GLY F 33 22.47 31.98 -13.14
N ALA F 34 22.35 32.78 -12.09
CA ALA F 34 22.60 34.21 -12.18
C ALA F 34 23.86 34.49 -13.01
N VAL F 35 25.01 34.07 -12.50
CA VAL F 35 26.28 34.39 -13.15
C VAL F 35 26.33 33.96 -14.62
N ASP F 36 26.04 32.69 -14.90
CA ASP F 36 26.01 32.24 -16.28
C ASP F 36 25.22 33.22 -17.13
N ALA F 37 23.93 33.33 -16.86
CA ALA F 37 23.04 34.24 -17.57
C ALA F 37 23.64 35.65 -17.70
N LEU F 38 24.32 36.10 -16.64
CA LEU F 38 24.92 37.43 -16.60
C LEU F 38 26.00 37.61 -17.68
N THR F 39 27.00 36.75 -17.65
CA THR F 39 28.08 36.81 -18.60
C THR F 39 27.60 36.30 -19.94
N ARG F 40 27.48 34.98 -20.06
CA ARG F 40 27.04 34.30 -21.29
C ARG F 40 25.97 35.07 -22.08
N ILE F 41 24.83 35.34 -21.44
CA ILE F 41 23.73 36.00 -22.14
C ILE F 41 23.86 37.51 -22.17
N GLY F 42 24.21 38.11 -21.03
CA GLY F 42 24.23 39.55 -20.91
C GLY F 42 25.52 40.22 -21.34
N GLN F 43 26.51 39.41 -21.72
CA GLN F 43 27.79 39.90 -22.24
C GLN F 43 28.58 40.62 -21.16
N VAL F 44 28.28 40.33 -19.91
CA VAL F 44 28.95 41.01 -18.80
C VAL F 44 30.31 40.41 -18.47
N LYS F 45 31.33 41.25 -18.37
CA LYS F 45 32.66 40.75 -18.04
C LYS F 45 32.68 40.32 -16.59
N ASP F 46 33.29 39.18 -16.31
CA ASP F 46 33.16 38.57 -15.01
C ASP F 46 33.89 39.33 -13.90
N ASP F 47 34.49 40.48 -14.23
CA ASP F 47 35.09 41.31 -13.18
C ASP F 47 34.26 42.57 -12.94
N ASN F 48 33.16 42.70 -13.65
CA ASN F 48 32.16 43.71 -13.31
C ASN F 48 31.05 43.08 -12.47
N ILE F 49 31.29 41.84 -12.10
CA ILE F 49 30.41 41.08 -11.22
C ILE F 49 31.08 40.91 -9.87
N THR F 50 30.50 41.53 -8.85
CA THR F 50 30.94 41.26 -7.48
C THR F 50 29.84 40.54 -6.72
N VAL F 51 30.22 39.62 -5.86
CA VAL F 51 29.25 38.78 -5.19
C VAL F 51 29.33 38.91 -3.69
N VAL F 52 28.31 39.51 -3.09
CA VAL F 52 28.37 39.71 -1.65
C VAL F 52 27.58 38.60 -0.99
N TRP F 53 28.16 38.02 0.08
CA TRP F 53 27.53 36.90 0.80
C TRP F 53 27.09 37.32 2.20
N VAL F 54 25.80 37.55 2.39
CA VAL F 54 25.26 37.77 3.73
C VAL F 54 24.74 36.47 4.31
N PRO F 55 24.65 36.38 5.64
CA PRO F 55 24.17 35.15 6.29
C PRO F 55 22.79 34.74 5.77
N GLY F 56 21.75 35.41 6.25
CA GLY F 56 20.38 35.03 5.91
C GLY F 56 19.64 35.93 4.92
N ALA F 57 18.57 35.40 4.34
CA ALA F 57 17.79 36.14 3.35
C ALA F 57 17.26 37.41 3.97
N TYR F 58 17.17 37.44 5.30
CA TYR F 58 16.67 38.62 6.01
C TYR F 58 17.64 39.78 5.89
N GLU F 59 18.88 39.47 5.57
CA GLU F 59 19.94 40.46 5.53
C GLU F 59 20.12 40.97 4.13
N LEU F 60 19.58 40.24 3.16
CA LEU F 60 19.70 40.62 1.76
C LEU F 60 19.52 42.12 1.52
N PRO F 61 18.50 42.74 2.15
CA PRO F 61 18.27 44.18 1.94
C PRO F 61 19.50 45.01 2.24
N LEU F 62 19.85 45.12 3.52
CA LEU F 62 20.96 45.99 3.92
C LEU F 62 22.15 45.82 2.98
N ALA F 63 22.53 44.57 2.70
CA ALA F 63 23.56 44.30 1.73
C ALA F 63 23.27 45.04 0.41
N THR F 64 22.10 44.77 -0.15
CA THR F 64 21.77 45.30 -1.48
C THR F 64 21.51 46.81 -1.45
N GLU F 65 21.51 47.40 -0.26
CA GLU F 65 21.39 48.86 -0.17
C GLU F 65 22.77 49.50 -0.21
N ALA F 66 23.62 49.06 0.70
CA ALA F 66 25.01 49.50 0.73
C ALA F 66 25.62 49.37 -0.67
N LEU F 67 25.21 48.33 -1.38
CA LEU F 67 25.69 48.16 -2.75
C LEU F 67 25.13 49.24 -3.67
N ALA F 68 23.83 49.19 -3.94
CA ALA F 68 23.20 50.16 -4.84
C ALA F 68 23.55 51.59 -4.46
N LYS F 69 23.44 51.90 -3.17
CA LYS F 69 23.81 53.20 -2.66
C LYS F 69 25.19 53.57 -3.16
N SER F 70 26.18 52.73 -2.81
CA SER F 70 27.55 52.90 -3.28
C SER F 70 27.69 53.56 -4.65
N GLY F 71 26.91 53.07 -5.62
CA GLY F 71 26.83 53.70 -6.92
C GLY F 71 27.59 52.93 -7.98
N LYS F 72 28.65 52.25 -7.56
CA LYS F 72 29.49 51.55 -8.51
C LYS F 72 28.72 50.61 -9.43
N TYR F 73 27.61 50.05 -8.95
CA TYR F 73 26.92 48.99 -9.68
C TYR F 73 25.69 49.50 -10.41
N ASP F 74 25.35 48.85 -11.52
CA ASP F 74 24.19 49.25 -12.33
C ASP F 74 22.91 48.51 -11.96
N ALA F 75 23.08 47.42 -11.23
CA ALA F 75 21.95 46.64 -10.74
C ALA F 75 22.40 45.58 -9.73
N VAL F 76 21.49 45.21 -8.86
CA VAL F 76 21.78 44.21 -7.85
C VAL F 76 20.88 43.02 -8.02
N VAL F 77 21.49 41.84 -8.12
CA VAL F 77 20.72 40.61 -8.12
C VAL F 77 20.69 39.98 -6.71
N ALA F 78 19.50 39.98 -6.11
CA ALA F 78 19.30 39.43 -4.77
C ALA F 78 18.90 37.97 -4.82
N LEU F 79 19.69 37.12 -4.19
CA LEU F 79 19.51 35.68 -4.27
C LEU F 79 19.39 35.03 -2.89
N GLY F 80 18.24 34.44 -2.62
CA GLY F 80 18.04 33.76 -1.37
C GLY F 80 16.97 32.70 -1.51
N THR F 81 16.83 31.90 -0.45
CA THR F 81 15.80 30.86 -0.41
C THR F 81 15.20 30.77 0.98
N VAL F 82 13.87 30.81 1.05
CA VAL F 82 13.14 30.71 2.33
C VAL F 82 12.07 29.65 2.21
N ILE F 83 12.20 28.58 2.99
CA ILE F 83 11.23 27.51 2.91
C ILE F 83 10.47 27.40 4.20
N ARG F 84 9.15 27.58 4.14
CA ARG F 84 8.29 27.59 5.32
C ARG F 84 8.52 26.40 6.24
N GLY F 85 8.13 26.55 7.50
CA GLY F 85 8.32 25.50 8.48
C GLY F 85 7.30 25.52 9.61
N GLY F 86 7.74 25.07 10.79
CA GLY F 86 6.86 24.90 11.93
C GLY F 86 6.10 26.14 12.35
N THR F 87 6.77 27.29 12.33
CA THR F 87 6.15 28.56 12.70
C THR F 87 6.10 29.51 11.52
N ALA F 88 5.38 30.60 11.69
CA ALA F 88 5.43 31.69 10.72
C ALA F 88 6.63 32.59 11.04
N HIS F 89 7.83 32.00 10.94
CA HIS F 89 9.06 32.76 10.87
C HIS F 89 9.21 33.09 9.41
N PHE F 90 9.04 32.08 8.58
CA PHE F 90 9.00 32.25 7.14
C PHE F 90 8.28 33.55 6.76
N GLU F 91 7.11 33.74 7.36
CA GLU F 91 6.30 34.91 7.09
C GLU F 91 7.16 36.16 7.13
N TYR F 92 7.74 36.40 8.30
CA TYR F 92 8.45 37.66 8.59
C TYR F 92 9.77 37.80 7.85
N VAL F 93 10.46 36.68 7.66
CA VAL F 93 11.70 36.72 6.90
C VAL F 93 11.38 37.04 5.44
N ALA F 94 10.72 36.12 4.76
CA ALA F 94 10.34 36.34 3.36
C ALA F 94 9.79 37.76 3.14
N GLY F 95 8.89 38.17 4.01
CA GLY F 95 8.26 39.46 3.88
C GLY F 95 9.25 40.60 4.04
N GLY F 96 9.87 40.67 5.22
CA GLY F 96 10.81 41.73 5.53
C GLY F 96 11.97 41.80 4.56
N ALA F 97 12.07 40.79 3.70
CA ALA F 97 13.12 40.76 2.70
C ALA F 97 12.54 40.91 1.30
N SER F 98 11.23 40.86 1.21
CA SER F 98 10.59 41.24 -0.04
C SER F 98 10.36 42.75 0.00
N ASN F 99 9.53 43.19 0.94
CA ASN F 99 9.35 44.61 1.17
C ASN F 99 10.68 45.35 1.31
N GLY F 100 11.67 44.64 1.85
CA GLY F 100 12.98 45.22 1.99
C GLY F 100 13.57 45.55 0.65
N LEU F 101 13.91 44.51 -0.11
CA LEU F 101 14.58 44.66 -1.41
C LEU F 101 13.77 45.58 -2.32
N ALA F 102 12.45 45.58 -2.13
CA ALA F 102 11.56 46.47 -2.87
C ALA F 102 11.85 47.94 -2.58
N SER F 103 11.95 48.26 -1.30
CA SER F 103 12.21 49.63 -0.86
C SER F 103 13.60 50.09 -1.32
N VAL F 104 14.59 49.20 -1.26
CA VAL F 104 15.94 49.53 -1.72
C VAL F 104 15.93 49.94 -3.17
N ALA F 105 15.01 49.37 -3.95
CA ALA F 105 14.86 49.75 -5.34
C ALA F 105 14.34 51.18 -5.47
N GLN F 106 13.14 51.42 -4.96
CA GLN F 106 12.48 52.71 -5.15
C GLN F 106 13.26 53.88 -4.55
N ASP F 107 14.24 53.59 -3.70
CA ASP F 107 15.02 54.64 -3.05
C ASP F 107 16.39 54.85 -3.66
N SER F 108 16.81 53.93 -4.52
CA SER F 108 18.15 53.99 -5.08
C SER F 108 18.09 54.19 -6.57
N GLY F 109 16.95 53.87 -7.15
CA GLY F 109 16.77 53.97 -8.59
C GLY F 109 17.52 52.87 -9.30
N VAL F 110 18.21 52.04 -8.52
CA VAL F 110 18.92 50.90 -9.06
C VAL F 110 18.00 49.71 -9.09
N PRO F 111 17.85 49.11 -10.27
CA PRO F 111 17.00 47.92 -10.36
C PRO F 111 17.53 46.82 -9.48
N VAL F 112 16.63 46.02 -8.92
CA VAL F 112 17.01 44.90 -8.08
C VAL F 112 16.12 43.70 -8.37
N ALA F 113 16.76 42.57 -8.64
CA ALA F 113 16.05 41.35 -8.99
C ALA F 113 15.64 40.61 -7.72
N PHE F 114 14.34 40.35 -7.59
CA PHE F 114 13.83 39.60 -6.45
C PHE F 114 14.02 38.11 -6.68
N GLY F 115 15.28 37.67 -6.61
CA GLY F 115 15.61 36.28 -6.83
C GLY F 115 15.53 35.50 -5.53
N VAL F 116 14.44 35.68 -4.81
CA VAL F 116 14.26 35.01 -3.53
C VAL F 116 13.13 33.98 -3.60
N LEU F 117 13.51 32.72 -3.47
CA LEU F 117 12.55 31.64 -3.47
C LEU F 117 11.78 31.59 -2.15
N THR F 118 10.47 31.80 -2.25
CA THR F 118 9.59 31.71 -1.09
C THR F 118 8.63 30.55 -1.27
N THR F 119 9.01 29.39 -0.75
CA THR F 119 8.29 28.15 -1.05
C THR F 119 7.74 27.45 0.17
N GLU F 120 7.50 26.14 0.01
CA GLU F 120 6.89 25.33 1.07
C GLU F 120 7.66 24.04 1.29
N SER F 121 8.51 23.70 0.32
CA SER F 121 9.27 22.45 0.37
C SER F 121 10.62 22.55 -0.33
N ILE F 122 11.54 21.68 0.06
CA ILE F 122 12.79 21.57 -0.64
C ILE F 122 12.44 21.08 -2.04
N GLU F 123 11.36 20.33 -2.11
CA GLU F 123 10.81 19.86 -3.39
C GLU F 123 10.53 21.01 -4.36
N GLN F 124 9.68 21.95 -3.93
CA GLN F 124 9.38 23.14 -4.69
C GLN F 124 10.62 23.99 -5.01
N ALA F 125 11.50 24.18 -4.03
CA ALA F 125 12.69 24.99 -4.25
C ALA F 125 13.58 24.35 -5.28
N ILE F 126 13.79 23.05 -5.18
CA ILE F 126 14.64 22.37 -6.16
C ILE F 126 14.03 22.46 -7.56
N GLU F 127 12.72 22.57 -7.61
CA GLU F 127 12.03 22.76 -8.88
C GLU F 127 12.38 24.10 -9.49
N ARG F 128 12.40 25.13 -8.65
CA ARG F 128 12.54 26.50 -9.10
C ARG F 128 14.00 27.00 -9.13
N ALA F 129 14.94 26.09 -8.94
CA ALA F 129 16.33 26.47 -8.91
C ALA F 129 17.17 25.52 -9.74
N GLY F 130 16.73 25.24 -10.96
CA GLY F 130 17.54 24.50 -11.90
C GLY F 130 16.80 23.41 -12.67
N THR F 131 15.85 22.77 -12.00
CA THR F 131 15.18 21.62 -12.60
C THR F 131 13.88 21.99 -13.30
N LYS F 132 12.83 21.23 -12.97
CA LYS F 132 11.54 21.29 -13.66
C LYS F 132 11.10 22.69 -14.12
N ALA F 133 10.97 23.62 -13.18
CA ALA F 133 10.48 24.96 -13.51
C ALA F 133 11.57 26.04 -13.49
N GLY F 134 12.56 25.92 -14.37
CA GLY F 134 13.58 26.94 -14.53
C GLY F 134 14.56 27.11 -13.38
N ASN F 135 15.15 28.30 -13.32
CA ASN F 135 16.25 28.58 -12.39
C ASN F 135 16.22 30.06 -12.00
N LYS F 136 15.27 30.43 -11.16
CA LYS F 136 14.96 31.83 -10.90
C LYS F 136 16.20 32.71 -10.78
N GLY F 137 17.28 32.14 -10.27
CA GLY F 137 18.53 32.86 -10.17
C GLY F 137 18.94 33.52 -11.48
N ALA F 138 18.95 32.71 -12.55
CA ALA F 138 19.28 33.19 -13.89
C ALA F 138 18.26 34.23 -14.34
N GLU F 139 16.99 33.85 -14.26
CA GLU F 139 15.91 34.78 -14.56
C GLU F 139 16.15 36.12 -13.88
N ALA F 140 16.38 36.09 -12.56
CA ALA F 140 16.58 37.32 -11.81
C ALA F 140 17.63 38.17 -12.49
N ALA F 141 18.68 37.54 -13.00
CA ALA F 141 19.76 38.28 -13.65
C ALA F 141 19.32 38.90 -14.96
N LEU F 142 18.61 38.13 -15.76
CA LEU F 142 18.13 38.66 -17.04
C LEU F 142 17.21 39.84 -16.80
N THR F 143 16.22 39.66 -15.92
CA THR F 143 15.31 40.73 -15.61
C THR F 143 16.12 41.91 -15.06
N ALA F 144 17.16 41.60 -14.30
CA ALA F 144 18.08 42.63 -13.80
C ALA F 144 18.59 43.43 -14.99
N LEU F 145 19.38 42.76 -15.84
CA LEU F 145 19.87 43.35 -17.09
C LEU F 145 18.79 44.15 -17.84
N GLU F 146 17.80 43.45 -18.39
CA GLU F 146 16.73 44.11 -19.11
C GLU F 146 16.35 45.44 -18.44
N MET F 147 16.05 45.39 -17.15
CA MET F 147 15.66 46.59 -16.43
C MET F 147 16.70 47.69 -16.56
N ILE F 148 17.98 47.33 -16.49
CA ILE F 148 19.06 48.27 -16.70
C ILE F 148 18.84 49.10 -17.98
N ASN F 149 18.73 48.40 -19.09
CA ASN F 149 18.48 49.06 -20.36
C ASN F 149 17.10 49.72 -20.45
N VAL F 150 16.13 49.17 -19.72
CA VAL F 150 14.80 49.75 -19.74
C VAL F 150 14.81 51.13 -19.13
N LEU F 151 15.32 51.19 -17.91
CA LEU F 151 15.47 52.47 -17.22
C LEU F 151 16.26 53.43 -18.10
N LYS F 152 17.40 52.94 -18.61
CA LYS F 152 18.24 53.71 -19.52
C LYS F 152 17.42 54.34 -20.67
N ALA F 153 16.40 53.61 -21.14
CA ALA F 153 15.60 54.05 -22.27
C ALA F 153 14.63 55.18 -21.93
N ILE F 154 14.86 55.83 -20.80
CA ILE F 154 14.03 56.95 -20.41
C ILE F 154 14.89 58.02 -19.75
N MET G 1 -23.81 73.59 -2.88
CA MET G 1 -22.85 72.51 -2.65
C MET G 1 -22.14 72.12 -3.93
N ASN G 2 -20.82 72.35 -3.99
CA ASN G 2 -20.07 72.12 -5.21
C ASN G 2 -19.52 70.70 -5.36
N ILE G 3 -19.81 70.09 -6.49
CA ILE G 3 -19.48 68.69 -6.72
C ILE G 3 -18.49 68.57 -7.87
N ILE G 4 -17.55 67.62 -7.76
CA ILE G 4 -16.60 67.39 -8.83
C ILE G 4 -16.80 66.02 -9.49
N LYS G 5 -17.41 66.00 -10.66
CA LYS G 5 -17.52 64.79 -11.46
C LYS G 5 -16.78 65.04 -12.76
N ALA G 6 -15.85 64.14 -13.10
CA ALA G 6 -15.00 64.36 -14.28
C ALA G 6 -15.18 63.30 -15.34
N ASN G 7 -15.17 63.73 -16.60
CA ASN G 7 -15.30 62.79 -17.72
C ASN G 7 -13.97 62.10 -18.10
N VAL G 8 -14.05 61.16 -19.04
CA VAL G 8 -12.91 60.34 -19.41
C VAL G 8 -12.24 60.78 -20.72
N ALA G 9 -12.62 61.94 -21.22
CA ALA G 9 -11.94 62.45 -22.41
C ALA G 9 -10.82 63.39 -22.00
N ALA G 10 -9.72 63.34 -22.73
CA ALA G 10 -8.58 64.18 -22.41
C ALA G 10 -7.59 64.22 -23.55
N PRO G 11 -8.04 64.83 -24.67
CA PRO G 11 -7.51 65.12 -26.01
C PRO G 11 -6.08 65.66 -26.13
N ASP G 12 -5.32 65.71 -25.05
CA ASP G 12 -3.97 66.21 -25.19
C ASP G 12 -3.03 65.36 -24.35
N ALA G 13 -3.41 65.12 -23.11
CA ALA G 13 -2.62 64.35 -22.18
C ALA G 13 -1.76 63.22 -22.82
N ARG G 14 -0.50 63.12 -22.38
CA ARG G 14 0.37 62.03 -22.83
C ARG G 14 0.40 60.96 -21.77
N VAL G 15 -0.17 59.81 -22.11
CA VAL G 15 -0.24 58.68 -21.18
C VAL G 15 0.89 57.65 -21.40
N ALA G 16 1.46 57.12 -20.31
CA ALA G 16 2.44 56.03 -20.41
C ALA G 16 1.93 54.70 -19.87
N ILE G 17 1.98 53.69 -20.73
CA ILE G 17 1.51 52.36 -20.37
C ILE G 17 2.70 51.46 -20.20
N THR G 18 2.74 50.79 -19.06
CA THR G 18 3.78 49.84 -18.74
C THR G 18 3.18 48.45 -18.67
N ILE G 19 3.97 47.44 -19.05
CA ILE G 19 3.47 46.07 -19.21
C ILE G 19 4.50 44.97 -18.93
N ALA G 20 4.07 43.93 -18.22
CA ALA G 20 4.90 42.77 -17.97
C ALA G 20 4.70 41.76 -19.09
N ARG G 21 5.78 41.22 -19.63
CA ARG G 21 5.65 40.27 -20.72
C ARG G 21 5.31 38.88 -20.22
N PHE G 22 5.70 38.59 -18.98
CA PHE G 22 5.28 37.36 -18.32
C PHE G 22 3.75 37.33 -18.27
N ASN G 23 3.15 36.21 -18.62
CA ASN G 23 1.71 36.15 -18.77
C ASN G 23 1.29 37.04 -19.93
N GLN G 24 2.15 37.07 -20.94
CA GLN G 24 1.87 37.79 -22.18
C GLN G 24 0.51 37.38 -22.71
N PHE G 25 0.31 36.08 -22.88
CA PHE G 25 -0.91 35.58 -23.48
C PHE G 25 -2.16 36.21 -22.84
N ILE G 26 -1.99 36.86 -21.70
CA ILE G 26 -3.12 37.48 -21.04
C ILE G 26 -2.92 38.98 -20.94
N ASN G 27 -1.70 39.41 -20.67
CA ASN G 27 -1.40 40.82 -20.60
C ASN G 27 -1.56 41.54 -21.93
N ASP G 28 -1.51 40.78 -23.02
CA ASP G 28 -1.61 41.37 -24.37
C ASP G 28 -2.97 41.98 -24.65
N SER G 29 -4.03 41.31 -24.21
CA SER G 29 -5.39 41.86 -24.27
C SER G 29 -5.52 43.08 -23.37
N LEU G 30 -4.94 42.99 -22.18
CA LEU G 30 -4.90 44.13 -21.29
C LEU G 30 -4.44 45.37 -22.03
N LEU G 31 -3.37 45.24 -22.82
CA LEU G 31 -2.87 46.39 -23.56
C LEU G 31 -3.91 46.82 -24.59
N ASP G 32 -4.44 45.86 -25.33
CA ASP G 32 -5.43 46.15 -26.37
C ASP G 32 -6.55 46.96 -25.78
N GLY G 33 -7.07 46.48 -24.66
CA GLY G 33 -8.12 47.21 -23.99
C GLY G 33 -7.67 48.62 -23.64
N ALA G 34 -6.58 48.69 -22.91
CA ALA G 34 -6.01 49.97 -22.51
C ALA G 34 -5.99 50.93 -23.69
N VAL G 35 -5.17 50.61 -24.68
CA VAL G 35 -4.97 51.51 -25.81
C VAL G 35 -6.28 51.92 -26.46
N ASP G 36 -7.10 50.94 -26.83
CA ASP G 36 -8.39 51.26 -27.42
C ASP G 36 -9.08 52.31 -26.58
N ALA G 37 -9.43 51.95 -25.36
CA ALA G 37 -10.09 52.86 -24.44
C ALA G 37 -9.40 54.23 -24.40
N LEU G 38 -8.07 54.22 -24.46
CA LEU G 38 -7.28 55.46 -24.39
C LEU G 38 -7.58 56.40 -25.56
N THR G 39 -7.38 55.90 -26.77
CA THR G 39 -7.64 56.71 -27.93
C THR G 39 -9.14 56.85 -28.13
N ARG G 40 -9.77 55.79 -28.66
CA ARG G 40 -11.20 55.77 -28.95
C ARG G 40 -12.06 56.56 -27.97
N ILE G 41 -11.96 56.23 -26.67
CA ILE G 41 -12.80 56.86 -25.65
C ILE G 41 -12.21 58.15 -25.12
N GLY G 42 -10.90 58.14 -24.86
CA GLY G 42 -10.25 59.25 -24.19
C GLY G 42 -9.75 60.32 -25.14
N GLN G 43 -9.95 60.12 -26.44
CA GLN G 43 -9.56 61.09 -27.45
C GLN G 43 -8.05 61.33 -27.47
N VAL G 44 -7.29 60.38 -26.94
CA VAL G 44 -5.82 60.50 -26.89
C VAL G 44 -5.14 60.13 -28.20
N LYS G 45 -4.29 61.02 -28.70
CA LYS G 45 -3.59 60.77 -29.95
C LYS G 45 -2.57 59.67 -29.70
N ASP G 46 -2.45 58.74 -30.64
CA ASP G 46 -1.68 57.52 -30.41
C ASP G 46 -0.16 57.74 -30.37
N ASP G 47 0.28 58.99 -30.49
CA ASP G 47 1.70 59.28 -30.32
C ASP G 47 1.96 59.97 -28.98
N ASN G 48 0.90 60.20 -28.21
CA ASN G 48 1.06 60.64 -26.84
C ASN G 48 0.96 59.44 -25.92
N ILE G 49 0.92 58.27 -26.55
CA ILE G 49 0.94 56.99 -25.84
C ILE G 49 2.29 56.33 -26.03
N THR G 50 3.05 56.18 -24.96
CA THR G 50 4.25 55.37 -25.04
C THR G 50 4.06 54.12 -24.20
N VAL G 51 4.65 53.00 -24.64
CA VAL G 51 4.40 51.74 -23.97
C VAL G 51 5.69 51.11 -23.53
N VAL G 52 5.91 51.06 -22.23
CA VAL G 52 7.14 50.48 -21.71
C VAL G 52 6.96 49.00 -21.30
N TRP G 53 7.86 48.13 -21.76
CA TRP G 53 7.73 46.70 -21.52
C TRP G 53 8.79 46.21 -20.54
N VAL G 54 8.40 45.98 -19.28
CA VAL G 54 9.32 45.34 -18.33
C VAL G 54 9.06 43.83 -18.29
N PRO G 55 10.06 43.05 -17.86
CA PRO G 55 9.91 41.60 -17.76
C PRO G 55 8.69 41.19 -16.95
N GLY G 56 8.79 41.23 -15.61
CA GLY G 56 7.73 40.79 -14.72
C GLY G 56 6.92 41.87 -13.99
N ALA G 57 5.75 41.49 -13.50
CA ALA G 57 4.86 42.41 -12.80
C ALA G 57 5.57 43.05 -11.63
N TYR G 58 6.62 42.36 -11.14
CA TYR G 58 7.40 42.84 -10.01
C TYR G 58 8.19 44.09 -10.36
N GLU G 59 8.41 44.28 -11.66
CA GLU G 59 9.22 45.38 -12.12
C GLU G 59 8.37 46.56 -12.50
N LEU G 60 7.05 46.34 -12.60
CA LEU G 60 6.12 47.40 -12.98
C LEU G 60 6.40 48.72 -12.29
N PRO G 61 6.62 48.67 -10.96
CA PRO G 61 6.85 49.90 -10.21
C PRO G 61 8.01 50.73 -10.77
N LEU G 62 9.25 50.25 -10.65
CA LEU G 62 10.41 51.03 -11.06
C LEU G 62 10.18 51.67 -12.43
N ALA G 63 9.65 50.89 -13.36
CA ALA G 63 9.25 51.39 -14.67
C ALA G 63 8.33 52.60 -14.50
N THR G 64 7.19 52.38 -13.86
CA THR G 64 6.19 53.44 -13.72
C THR G 64 6.64 54.60 -12.82
N GLU G 65 7.81 54.48 -12.19
CA GLU G 65 8.37 55.61 -11.44
C GLU G 65 9.25 56.46 -12.35
N ALA G 66 10.24 55.83 -12.98
CA ALA G 66 11.07 56.53 -13.95
C ALA G 66 10.21 57.28 -14.95
N LEU G 67 9.03 56.71 -15.27
CA LEU G 67 8.09 57.36 -16.16
C LEU G 67 7.47 58.58 -15.51
N ALA G 68 6.61 58.37 -14.51
CA ALA G 68 5.94 59.50 -13.84
C ALA G 68 6.94 60.58 -13.41
N LYS G 69 8.01 60.15 -12.73
CA LYS G 69 9.10 61.06 -12.35
C LYS G 69 9.46 61.95 -13.55
N SER G 70 9.92 61.31 -14.63
CA SER G 70 10.28 62.00 -15.87
C SER G 70 9.49 63.28 -16.07
N GLY G 71 8.17 63.19 -15.91
CA GLY G 71 7.32 64.37 -15.99
C GLY G 71 6.52 64.47 -17.28
N LYS G 72 7.09 63.96 -18.36
CA LYS G 72 6.48 64.04 -19.69
C LYS G 72 5.04 63.55 -19.75
N TYR G 73 4.71 62.58 -18.90
CA TYR G 73 3.40 61.91 -18.95
C TYR G 73 2.42 62.43 -17.90
N ASP G 74 1.14 62.37 -18.23
CA ASP G 74 0.12 62.86 -17.33
C ASP G 74 -0.46 61.75 -16.46
N ALA G 75 -0.20 60.50 -16.86
CA ALA G 75 -0.63 59.33 -16.09
C ALA G 75 0.03 58.06 -16.62
N VAL G 76 0.14 57.08 -15.73
CA VAL G 76 0.73 55.81 -16.10
C VAL G 76 -0.28 54.70 -15.92
N VAL G 77 -0.47 53.90 -16.96
CA VAL G 77 -1.32 52.74 -16.84
C VAL G 77 -0.47 51.50 -16.65
N ALA G 78 -0.53 50.91 -15.45
CA ALA G 78 0.24 49.71 -15.12
C ALA G 78 -0.52 48.42 -15.45
N LEU G 79 0.08 47.59 -16.30
CA LEU G 79 -0.60 46.40 -16.78
C LEU G 79 0.22 45.12 -16.57
N GLY G 80 -0.31 44.23 -15.74
CA GLY G 80 0.35 42.98 -15.47
C GLY G 80 -0.64 41.92 -15.06
N THR G 81 -0.17 40.68 -14.91
CA THR G 81 -1.02 39.58 -14.51
C THR G 81 -0.23 38.64 -13.63
N VAL G 82 -0.79 38.35 -12.45
CA VAL G 82 -0.17 37.42 -11.51
C VAL G 82 -1.17 36.36 -11.08
N ILE G 83 -0.90 35.12 -11.44
CA ILE G 83 -1.80 34.04 -11.10
C ILE G 83 -1.14 33.07 -10.12
N ARG G 84 -1.74 32.95 -8.93
CA ARG G 84 -1.16 32.15 -7.85
C ARG G 84 -0.71 30.76 -8.32
N GLY G 85 0.20 30.13 -7.56
CA GLY G 85 0.65 28.78 -7.86
C GLY G 85 1.05 27.98 -6.63
N GLY G 86 2.01 27.09 -6.84
CA GLY G 86 2.48 26.19 -5.79
C GLY G 86 2.88 26.85 -4.49
N THR G 87 3.64 27.94 -4.57
CA THR G 87 4.09 28.63 -3.38
C THR G 87 3.46 30.01 -3.27
N ALA G 88 3.69 30.67 -2.14
CA ALA G 88 3.32 32.06 -1.99
C ALA G 88 4.45 32.93 -2.52
N HIS G 89 4.73 32.78 -3.80
CA HIS G 89 5.54 33.73 -4.56
C HIS G 89 4.53 34.81 -4.97
N PHE G 90 3.44 34.37 -5.57
CA PHE G 90 2.32 35.24 -5.91
C PHE G 90 2.13 36.33 -4.85
N GLU G 91 2.16 35.91 -3.59
CA GLU G 91 1.99 36.81 -2.46
C GLU G 91 2.89 38.03 -2.61
N TYR G 92 4.20 37.77 -2.67
CA TYR G 92 5.23 38.81 -2.64
C TYR G 92 5.29 39.63 -3.93
N VAL G 93 5.10 38.97 -5.07
CA VAL G 93 5.07 39.68 -6.33
C VAL G 93 3.84 40.61 -6.35
N ALA G 94 2.65 40.03 -6.43
CA ALA G 94 1.43 40.82 -6.41
C ALA G 94 1.51 41.98 -5.39
N GLY G 95 1.90 41.67 -4.17
CA GLY G 95 1.97 42.69 -3.13
C GLY G 95 3.01 43.77 -3.40
N GLY G 96 4.26 43.35 -3.59
CA GLY G 96 5.37 44.26 -3.83
C GLY G 96 5.18 45.09 -5.08
N ALA G 97 4.16 44.75 -5.86
CA ALA G 97 3.83 45.48 -7.07
C ALA G 97 2.51 46.20 -6.93
N SER G 98 1.76 45.89 -5.88
CA SER G 98 0.60 46.70 -5.51
C SER G 98 1.05 47.88 -4.65
N ASN G 99 1.61 47.57 -3.49
CA ASN G 99 2.21 48.59 -2.64
C ASN G 99 3.23 49.42 -3.39
N GLY G 100 3.87 48.80 -4.38
CA GLY G 100 4.81 49.49 -5.23
C GLY G 100 4.14 50.60 -6.03
N LEU G 101 3.32 50.21 -7.00
CA LEU G 101 2.64 51.18 -7.86
C LEU G 101 1.90 52.21 -7.03
N ALA G 102 1.41 51.78 -5.87
CA ALA G 102 0.71 52.68 -4.97
C ALA G 102 1.62 53.81 -4.49
N SER G 103 2.81 53.44 -4.02
CA SER G 103 3.78 54.41 -3.52
C SER G 103 4.24 55.36 -4.64
N VAL G 104 4.43 54.82 -5.84
CA VAL G 104 4.81 55.64 -6.99
C VAL G 104 3.79 56.74 -7.23
N ALA G 105 2.53 56.45 -6.94
CA ALA G 105 1.48 57.43 -7.07
C ALA G 105 1.66 58.57 -6.07
N GLN G 106 1.59 58.22 -4.79
CA GLN G 106 1.58 59.22 -3.72
C GLN G 106 2.85 60.09 -3.69
N ASP G 107 3.89 59.64 -4.40
CA ASP G 107 5.16 60.34 -4.38
C ASP G 107 5.41 61.15 -5.65
N SER G 108 4.60 60.92 -6.69
CA SER G 108 4.80 61.59 -7.97
C SER G 108 3.65 62.54 -8.28
N GLY G 109 2.51 62.29 -7.63
CA GLY G 109 1.30 63.07 -7.86
C GLY G 109 0.66 62.67 -9.17
N VAL G 110 1.31 61.76 -9.89
CA VAL G 110 0.82 61.27 -11.18
C VAL G 110 -0.08 60.08 -10.94
N PRO G 111 -1.32 60.17 -11.42
CA PRO G 111 -2.24 59.05 -11.24
C PRO G 111 -1.65 57.80 -11.89
N VAL G 112 -1.92 56.64 -11.29
CA VAL G 112 -1.46 55.37 -11.83
C VAL G 112 -2.58 54.34 -11.71
N ALA G 113 -2.90 53.70 -12.84
CA ALA G 113 -3.96 52.69 -12.87
C ALA G 113 -3.45 51.33 -12.44
N PHE G 114 -4.08 50.76 -11.41
CA PHE G 114 -3.71 49.43 -10.94
C PHE G 114 -4.34 48.35 -11.85
N GLY G 115 -3.84 48.25 -13.07
CA GLY G 115 -4.33 47.26 -14.00
C GLY G 115 -3.59 45.95 -13.90
N VAL G 116 -3.44 45.48 -12.66
CA VAL G 116 -2.73 44.22 -12.40
C VAL G 116 -3.69 43.14 -11.92
N LEU G 117 -3.86 42.11 -12.74
CA LEU G 117 -4.72 41.00 -12.38
C LEU G 117 -4.05 40.11 -11.35
N THR G 118 -4.67 40.01 -10.18
CA THR G 118 -4.18 39.14 -9.11
C THR G 118 -5.19 38.05 -8.85
N THR G 119 -5.01 36.90 -9.49
CA THR G 119 -6.04 35.87 -9.53
C THR G 119 -5.60 34.53 -8.97
N GLU G 120 -6.32 33.48 -9.39
CA GLU G 120 -6.07 32.12 -8.93
C GLU G 120 -6.00 31.14 -10.10
N SER G 121 -6.47 31.56 -11.27
CA SER G 121 -6.48 30.66 -12.42
C SER G 121 -6.35 31.44 -13.71
N ILE G 122 -5.96 30.73 -14.76
CA ILE G 122 -5.97 31.30 -16.09
C ILE G 122 -7.43 31.55 -16.41
N GLU G 123 -8.30 30.74 -15.80
CA GLU G 123 -9.75 30.85 -15.97
C GLU G 123 -10.23 32.22 -15.56
N GLN G 124 -9.93 32.58 -14.31
CA GLN G 124 -10.30 33.88 -13.75
C GLN G 124 -9.67 35.05 -14.52
N ALA G 125 -8.40 34.90 -14.91
CA ALA G 125 -7.73 35.97 -15.63
C ALA G 125 -8.38 36.19 -16.99
N ILE G 126 -8.63 35.11 -17.73
CA ILE G 126 -9.28 35.25 -19.03
C ILE G 126 -10.67 35.86 -18.89
N GLU G 127 -11.28 35.69 -17.73
CA GLU G 127 -12.55 36.33 -17.43
C GLU G 127 -12.37 37.85 -17.32
N ARG G 128 -11.29 38.25 -16.68
CA ARG G 128 -11.10 39.64 -16.31
C ARG G 128 -10.26 40.41 -17.32
N ALA G 129 -9.99 39.78 -18.46
CA ALA G 129 -9.17 40.43 -19.46
C ALA G 129 -9.80 40.31 -20.83
N GLY G 130 -11.09 40.66 -20.94
CA GLY G 130 -11.74 40.71 -22.22
C GLY G 130 -13.07 39.99 -22.30
N THR G 131 -13.19 38.87 -21.58
CA THR G 131 -14.40 38.05 -21.68
C THR G 131 -15.45 38.40 -20.61
N LYS G 132 -15.99 37.36 -20.01
CA LYS G 132 -17.13 37.48 -19.11
C LYS G 132 -17.18 38.76 -18.28
N ALA G 133 -16.13 39.02 -17.52
CA ALA G 133 -16.15 40.17 -16.61
C ALA G 133 -15.25 41.33 -17.06
N GLY G 134 -15.57 41.94 -18.19
CA GLY G 134 -14.83 43.09 -18.63
C GLY G 134 -13.38 42.87 -19.03
N ASN G 135 -12.65 43.96 -19.06
CA ASN G 135 -11.28 43.96 -19.59
C ASN G 135 -10.41 44.94 -18.80
N LYS G 136 -10.06 44.58 -17.57
CA LYS G 136 -9.47 45.53 -16.63
C LYS G 136 -8.48 46.49 -17.26
N GLY G 137 -7.77 46.02 -18.29
CA GLY G 137 -6.81 46.86 -18.98
C GLY G 137 -7.42 48.17 -19.45
N ALA G 138 -8.57 48.08 -20.11
CA ALA G 138 -9.30 49.24 -20.59
C ALA G 138 -9.77 50.07 -19.41
N GLU G 139 -10.47 49.44 -18.47
CA GLU G 139 -10.90 50.10 -17.24
C GLU G 139 -9.77 50.91 -16.61
N ALA G 140 -8.61 50.28 -16.46
CA ALA G 140 -7.44 50.94 -15.88
C ALA G 140 -7.15 52.24 -16.60
N ALA G 141 -7.27 52.23 -17.93
CA ALA G 141 -7.04 53.43 -18.72
C ALA G 141 -8.12 54.52 -18.49
N LEU G 142 -9.39 54.14 -18.53
CA LEU G 142 -10.44 55.08 -18.20
C LEU G 142 -10.26 55.70 -16.81
N THR G 143 -10.12 54.87 -15.80
CA THR G 143 -9.84 55.39 -14.47
C THR G 143 -8.60 56.27 -14.52
N ALA G 144 -7.60 55.87 -15.31
CA ALA G 144 -6.40 56.67 -15.50
C ALA G 144 -6.83 58.05 -15.92
N LEU G 145 -7.37 58.13 -17.15
CA LEU G 145 -7.90 59.38 -17.67
C LEU G 145 -8.72 60.15 -16.62
N GLU G 146 -9.89 59.63 -16.27
CA GLU G 146 -10.73 60.30 -15.30
C GLU G 146 -9.87 60.96 -14.21
N MET G 147 -9.00 60.19 -13.58
CA MET G 147 -8.15 60.72 -12.50
C MET G 147 -7.33 61.94 -12.94
N ILE G 148 -6.84 61.90 -14.18
CA ILE G 148 -6.16 63.05 -14.74
C ILE G 148 -7.01 64.33 -14.56
N ASN G 149 -8.22 64.30 -15.09
CA ASN G 149 -9.12 65.46 -15.03
C ASN G 149 -9.63 65.74 -13.61
N VAL G 150 -9.73 64.68 -12.80
CA VAL G 150 -10.15 64.85 -11.42
C VAL G 150 -9.14 65.67 -10.63
N LEU G 151 -7.90 65.22 -10.64
CA LEU G 151 -6.80 65.96 -10.03
C LEU G 151 -6.80 67.39 -10.57
N LYS G 152 -6.85 67.51 -11.88
CA LYS G 152 -6.89 68.80 -12.55
C LYS G 152 -7.92 69.70 -11.91
N ALA G 153 -9.04 69.11 -11.52
CA ALA G 153 -10.18 69.87 -11.01
C ALA G 153 -9.94 70.40 -9.61
N ILE G 154 -8.71 70.38 -9.16
CA ILE G 154 -8.36 70.93 -7.87
C ILE G 154 -7.03 71.66 -7.95
N MET H 1 -6.65 66.91 36.78
CA MET H 1 -6.41 66.14 35.56
C MET H 1 -7.22 66.66 34.36
N ASN H 2 -6.54 67.16 33.34
CA ASN H 2 -7.24 67.77 32.20
C ASN H 2 -7.59 66.78 31.10
N ILE H 3 -8.86 66.82 30.69
CA ILE H 3 -9.39 65.86 29.74
C ILE H 3 -9.88 66.57 28.49
N ILE H 4 -9.67 65.97 27.33
CA ILE H 4 -10.15 66.57 26.10
C ILE H 4 -11.26 65.73 25.47
N LYS H 5 -12.51 66.17 25.62
CA LYS H 5 -13.63 65.55 24.92
C LYS H 5 -14.20 66.58 23.96
N ALA H 6 -14.34 66.22 22.69
CA ALA H 6 -14.79 67.20 21.70
C ALA H 6 -16.12 66.82 21.06
N ASN H 7 -16.97 67.83 20.84
CA ASN H 7 -18.26 67.62 20.18
C ASN H 7 -18.18 67.55 18.63
N VAL H 8 -19.31 67.25 17.99
CA VAL H 8 -19.34 67.03 16.55
C VAL H 8 -19.90 68.21 15.78
N ALA H 9 -20.05 69.36 16.44
CA ALA H 9 -20.48 70.55 15.73
C ALA H 9 -19.26 71.38 15.32
N ALA H 10 -19.35 72.03 14.16
CA ALA H 10 -18.25 72.81 13.62
C ALA H 10 -18.71 73.53 12.36
N PRO H 11 -19.75 74.35 12.50
CA PRO H 11 -20.47 75.19 11.52
C PRO H 11 -19.63 76.11 10.65
N ASP H 12 -18.32 75.90 10.62
CA ASP H 12 -17.43 76.87 10.01
C ASP H 12 -16.49 76.29 8.96
N ALA H 13 -15.72 75.30 9.38
CA ALA H 13 -14.72 74.71 8.51
C ALA H 13 -15.35 73.99 7.32
N ARG H 14 -14.52 73.71 6.33
CA ARG H 14 -14.97 73.22 5.03
C ARG H 14 -14.51 71.77 4.83
N VAL H 15 -15.46 70.86 4.72
CA VAL H 15 -15.16 69.44 4.59
C VAL H 15 -15.18 68.95 3.13
N ALA H 16 -14.22 68.12 2.75
CA ALA H 16 -14.25 67.53 1.43
C ALA H 16 -14.54 66.03 1.46
N ILE H 17 -15.60 65.64 0.76
CA ILE H 17 -15.99 64.24 0.67
C ILE H 17 -15.59 63.64 -0.68
N THR H 18 -14.90 62.51 -0.62
CA THR H 18 -14.49 61.78 -1.82
C THR H 18 -15.26 60.46 -1.92
N ILE H 19 -15.53 60.02 -3.15
CA ILE H 19 -16.40 58.87 -3.35
C ILE H 19 -16.07 58.04 -4.59
N ALA H 20 -16.10 56.72 -4.44
CA ALA H 20 -15.93 55.83 -5.58
C ALA H 20 -17.30 55.51 -6.21
N ARG H 21 -17.41 55.61 -7.54
CA ARG H 21 -18.68 55.36 -8.20
C ARG H 21 -18.93 53.87 -8.40
N PHE H 22 -17.87 53.09 -8.40
CA PHE H 22 -18.00 51.64 -8.40
C PHE H 22 -18.67 51.22 -7.10
N ASN H 23 -19.68 50.36 -7.19
CA ASN H 23 -20.53 50.06 -6.04
C ASN H 23 -21.35 51.29 -5.65
N GLN H 24 -21.74 52.02 -6.69
CA GLN H 24 -22.58 53.21 -6.52
C GLN H 24 -23.81 52.83 -5.76
N PHE H 25 -24.47 51.77 -6.19
CA PHE H 25 -25.73 51.40 -5.56
C PHE H 25 -25.61 51.32 -4.04
N ILE H 26 -24.40 51.30 -3.52
CA ILE H 26 -24.18 51.23 -2.09
C ILE H 26 -23.47 52.47 -1.58
N ASN H 27 -22.44 52.91 -2.30
CA ASN H 27 -21.76 54.16 -1.93
C ASN H 27 -22.67 55.38 -1.90
N ASP H 28 -23.81 55.30 -2.57
CA ASP H 28 -24.65 56.48 -2.74
C ASP H 28 -25.35 56.83 -1.44
N SER H 29 -25.71 55.80 -0.68
CA SER H 29 -26.27 55.99 0.65
C SER H 29 -25.18 56.53 1.54
N LEU H 30 -23.98 55.96 1.41
CA LEU H 30 -22.82 56.43 2.14
C LEU H 30 -22.71 57.96 2.07
N LEU H 31 -22.89 58.49 0.87
CA LEU H 31 -22.84 59.94 0.70
C LEU H 31 -24.00 60.60 1.43
N ASP H 32 -25.20 60.05 1.25
CA ASP H 32 -26.39 60.61 1.90
C ASP H 32 -26.19 60.71 3.39
N GLY H 33 -25.69 59.63 3.97
CA GLY H 33 -25.38 59.59 5.40
C GLY H 33 -24.40 60.70 5.72
N ALA H 34 -23.26 60.64 5.06
CA ALA H 34 -22.20 61.63 5.26
C ALA H 34 -22.76 63.05 5.27
N VAL H 35 -23.27 63.48 4.13
CA VAL H 35 -23.76 64.84 4.00
C VAL H 35 -24.78 65.20 5.09
N ASP H 36 -25.86 64.42 5.21
CA ASP H 36 -26.84 64.71 6.26
C ASP H 36 -26.14 64.99 7.59
N ALA H 37 -25.41 64.01 8.10
CA ALA H 37 -24.68 64.13 9.35
C ALA H 37 -23.81 65.40 9.37
N LEU H 38 -23.25 65.73 8.21
CA LEU H 38 -22.33 66.85 8.12
C LEU H 38 -23.02 68.16 8.41
N THR H 39 -24.08 68.45 7.65
CA THR H 39 -24.89 69.66 7.81
C THR H 39 -25.75 69.58 9.06
N ARG H 40 -26.83 68.79 8.99
CA ARG H 40 -27.73 68.58 10.12
C ARG H 40 -27.07 68.52 11.49
N ILE H 41 -26.15 67.57 11.68
CA ILE H 41 -25.49 67.40 12.99
C ILE H 41 -24.31 68.33 13.23
N GLY H 42 -23.45 68.48 12.24
CA GLY H 42 -22.23 69.22 12.43
C GLY H 42 -22.34 70.70 12.15
N GLN H 43 -23.54 71.15 11.80
CA GLN H 43 -23.80 72.56 11.54
C GLN H 43 -23.02 73.10 10.33
N VAL H 44 -22.56 72.22 9.44
CA VAL H 44 -21.78 72.64 8.28
C VAL H 44 -22.63 73.16 7.12
N LYS H 45 -22.30 74.36 6.64
CA LYS H 45 -23.03 74.95 5.51
C LYS H 45 -22.73 74.15 4.24
N ASP H 46 -23.77 73.92 3.44
CA ASP H 46 -23.65 72.95 2.37
C ASP H 46 -22.80 73.45 1.21
N ASP H 47 -22.22 74.64 1.33
CA ASP H 47 -21.29 75.11 0.31
C ASP H 47 -19.85 75.07 0.80
N ASN H 48 -19.66 74.62 2.04
CA ASN H 48 -18.33 74.30 2.55
C ASN H 48 -18.07 72.83 2.40
N ILE H 49 -19.01 72.16 1.72
CA ILE H 49 -18.92 70.75 1.36
C ILE H 49 -18.68 70.61 -0.12
N THR H 50 -17.50 70.11 -0.48
CA THR H 50 -17.28 69.73 -1.87
C THR H 50 -17.17 68.22 -1.97
N VAL H 51 -17.62 67.67 -3.08
CA VAL H 51 -17.68 66.23 -3.23
C VAL H 51 -16.94 65.78 -4.47
N VAL H 52 -15.82 65.12 -4.27
CA VAL H 52 -15.03 64.67 -5.42
C VAL H 52 -15.35 63.20 -5.72
N TRP H 53 -15.59 62.91 -7.00
CA TRP H 53 -15.96 61.56 -7.44
C TRP H 53 -14.83 60.89 -8.22
N VAL H 54 -14.12 59.95 -7.60
CA VAL H 54 -13.13 59.15 -8.32
C VAL H 54 -13.76 57.83 -8.74
N PRO H 55 -13.20 57.20 -9.77
CA PRO H 55 -13.75 55.93 -10.25
C PRO H 55 -13.85 54.89 -9.15
N GLY H 56 -12.72 54.28 -8.77
CA GLY H 56 -12.72 53.21 -7.79
C GLY H 56 -12.12 53.54 -6.43
N ALA H 57 -12.45 52.72 -5.43
CA ALA H 57 -11.97 52.89 -4.07
C ALA H 57 -10.45 52.94 -4.04
N TYR H 58 -9.81 52.35 -5.04
CA TYR H 58 -8.36 52.36 -5.12
C TYR H 58 -7.82 53.76 -5.35
N GLU H 59 -8.68 54.64 -5.87
CA GLU H 59 -8.24 55.97 -6.27
C GLU H 59 -8.49 56.95 -5.14
N LEU H 60 -9.31 56.54 -4.17
CA LEU H 60 -9.66 57.38 -3.02
C LEU H 60 -8.46 58.16 -2.46
N PRO H 61 -7.33 57.47 -2.28
CA PRO H 61 -6.16 58.16 -1.72
C PRO H 61 -5.76 59.40 -2.51
N LEU H 62 -5.24 59.23 -3.73
CA LEU H 62 -4.75 60.37 -4.50
C LEU H 62 -5.73 61.53 -4.46
N ALA H 63 -7.00 61.23 -4.65
CA ALA H 63 -8.04 62.24 -4.48
C ALA H 63 -7.90 62.92 -3.14
N THR H 64 -8.01 62.15 -2.07
CA THR H 64 -8.02 62.75 -0.75
C THR H 64 -6.67 63.34 -0.35
N GLU H 65 -5.67 63.22 -1.21
CA GLU H 65 -4.38 63.85 -0.93
C GLU H 65 -4.37 65.22 -1.57
N ALA H 66 -4.62 65.26 -2.88
CA ALA H 66 -4.74 66.52 -3.59
C ALA H 66 -5.66 67.47 -2.83
N LEU H 67 -6.70 66.91 -2.22
CA LEU H 67 -7.65 67.70 -1.42
C LEU H 67 -7.00 68.24 -0.18
N ALA H 68 -6.67 67.36 0.76
CA ALA H 68 -6.05 67.77 2.03
C ALA H 68 -4.81 68.66 1.79
N LYS H 69 -3.92 68.19 0.92
CA LYS H 69 -2.77 68.99 0.53
C LYS H 69 -3.23 70.42 0.24
N SER H 70 -4.09 70.56 -0.77
CA SER H 70 -4.66 71.85 -1.17
C SER H 70 -4.74 72.86 -0.01
N GLY H 71 -5.27 72.40 1.11
CA GLY H 71 -5.33 73.21 2.31
C GLY H 71 -6.71 73.74 2.57
N LYS H 72 -7.46 74.01 1.50
CA LYS H 72 -8.77 74.62 1.63
C LYS H 72 -9.70 73.92 2.63
N TYR H 73 -9.54 72.61 2.80
CA TYR H 73 -10.48 71.82 3.61
C TYR H 73 -9.92 71.45 4.98
N ASP H 74 -10.82 71.28 5.94
CA ASP H 74 -10.44 70.99 7.31
C ASP H 74 -10.43 69.49 7.57
N ALA H 75 -11.09 68.74 6.70
CA ALA H 75 -11.11 67.28 6.82
C ALA H 75 -11.70 66.64 5.57
N VAL H 76 -11.28 65.40 5.32
CA VAL H 76 -11.73 64.68 4.15
C VAL H 76 -12.49 63.45 4.59
N VAL H 77 -13.69 63.26 4.07
CA VAL H 77 -14.43 62.05 4.34
C VAL H 77 -14.32 61.13 3.13
N ALA H 78 -13.66 59.99 3.32
CA ALA H 78 -13.44 59.04 2.24
C ALA H 78 -14.54 57.98 2.23
N LEU H 79 -15.22 57.86 1.09
CA LEU H 79 -16.37 56.97 0.99
C LEU H 79 -16.27 56.00 -0.18
N GLY H 80 -16.18 54.72 0.15
CA GLY H 80 -16.11 53.69 -0.86
C GLY H 80 -16.67 52.38 -0.35
N THR H 81 -16.80 51.43 -1.26
CA THR H 81 -17.25 50.09 -0.88
C THR H 81 -16.49 49.01 -1.68
N VAL H 82 -15.93 48.05 -0.95
CA VAL H 82 -15.19 46.95 -1.58
C VAL H 82 -15.75 45.63 -1.05
N ILE H 83 -16.31 44.83 -1.96
CA ILE H 83 -16.89 43.55 -1.55
C ILE H 83 -16.10 42.42 -2.22
N ARG H 84 -15.52 41.55 -1.38
CA ARG H 84 -14.68 40.45 -1.88
C ARG H 84 -15.32 39.62 -2.99
N GLY H 85 -14.49 38.91 -3.74
CA GLY H 85 -15.02 38.11 -4.83
C GLY H 85 -14.13 36.92 -5.14
N GLY H 86 -14.13 36.52 -6.40
CA GLY H 86 -13.44 35.32 -6.84
C GLY H 86 -11.97 35.27 -6.48
N THR H 87 -11.27 36.38 -6.69
CA THR H 87 -9.84 36.43 -6.41
C THR H 87 -9.56 37.38 -5.26
N ALA H 88 -8.31 37.39 -4.83
CA ALA H 88 -7.87 38.38 -3.87
C ALA H 88 -7.43 39.65 -4.61
N HIS H 89 -8.38 40.24 -5.33
CA HIS H 89 -8.25 41.61 -5.81
C HIS H 89 -8.67 42.46 -4.63
N PHE H 90 -9.84 42.15 -4.07
CA PHE H 90 -10.33 42.78 -2.85
C PHE H 90 -9.19 43.11 -1.90
N GLU H 91 -8.33 42.13 -1.68
CA GLU H 91 -7.19 42.27 -0.79
C GLU H 91 -6.43 43.55 -1.09
N TYR H 92 -5.93 43.64 -2.31
CA TYR H 92 -5.02 44.72 -2.71
C TYR H 92 -5.73 46.08 -2.80
N VAL H 93 -6.97 46.07 -3.29
CA VAL H 93 -7.73 47.30 -3.37
C VAL H 93 -7.99 47.81 -1.95
N ALA H 94 -8.79 47.07 -1.21
CA ALA H 94 -9.11 47.44 0.18
C ALA H 94 -7.88 47.90 0.94
N GLY H 95 -6.81 47.13 0.82
CA GLY H 95 -5.56 47.42 1.50
C GLY H 95 -4.86 48.68 1.02
N GLY H 96 -4.52 48.73 -0.26
CA GLY H 96 -3.88 49.91 -0.83
C GLY H 96 -4.69 51.19 -0.72
N ALA H 97 -5.94 51.08 -0.28
CA ALA H 97 -6.81 52.23 -0.07
C ALA H 97 -7.09 52.46 1.41
N SER H 98 -6.71 51.48 2.24
CA SER H 98 -6.70 51.69 3.68
C SER H 98 -5.35 52.30 4.08
N ASN H 99 -4.27 51.56 3.86
CA ASN H 99 -2.93 52.10 4.06
C ASN H 99 -2.74 53.40 3.30
N GLY H 100 -3.44 53.54 2.19
CA GLY H 100 -3.39 54.77 1.42
C GLY H 100 -3.94 55.95 2.21
N LEU H 101 -5.25 55.94 2.42
CA LEU H 101 -5.92 57.03 3.13
C LEU H 101 -5.28 57.28 4.48
N ALA H 102 -4.70 56.23 5.06
CA ALA H 102 -4.00 56.36 6.35
C ALA H 102 -2.75 57.23 6.23
N SER H 103 -1.96 56.96 5.20
CA SER H 103 -0.74 57.72 4.97
C SER H 103 -1.05 59.19 4.63
N VAL H 104 -2.11 59.41 3.85
CA VAL H 104 -2.55 60.77 3.53
C VAL H 104 -2.83 61.57 4.79
N ALA H 105 -3.33 60.88 5.82
CA ALA H 105 -3.58 61.52 7.11
C ALA H 105 -2.29 61.97 7.74
N GLN H 106 -1.42 61.01 8.04
CA GLN H 106 -0.20 61.28 8.79
C GLN H 106 0.76 62.23 8.08
N ASP H 107 0.54 62.47 6.80
CA ASP H 107 1.40 63.37 6.06
C ASP H 107 0.81 64.75 5.81
N SER H 108 -0.48 64.91 6.10
CA SER H 108 -1.17 66.16 5.80
C SER H 108 -1.64 66.85 7.07
N GLY H 109 -1.77 66.07 8.14
CA GLY H 109 -2.28 66.57 9.41
C GLY H 109 -3.77 66.80 9.36
N VAL H 110 -4.34 66.56 8.19
CA VAL H 110 -5.77 66.69 8.02
C VAL H 110 -6.45 65.37 8.32
N PRO H 111 -7.40 65.39 9.26
CA PRO H 111 -8.10 64.16 9.61
C PRO H 111 -8.80 63.58 8.36
N VAL H 112 -8.85 62.26 8.28
CA VAL H 112 -9.54 61.61 7.17
C VAL H 112 -10.35 60.42 7.67
N ALA H 113 -11.62 60.39 7.30
CA ALA H 113 -12.53 59.35 7.77
C ALA H 113 -12.43 58.14 6.86
N PHE H 114 -12.14 56.99 7.44
CA PHE H 114 -12.10 55.76 6.67
C PHE H 114 -13.51 55.19 6.49
N GLY H 115 -14.31 55.88 5.70
CA GLY H 115 -15.65 55.40 5.40
C GLY H 115 -15.69 54.43 4.24
N VAL H 116 -14.82 53.42 4.30
CA VAL H 116 -14.72 52.44 3.23
C VAL H 116 -15.19 51.08 3.73
N LEU H 117 -16.31 50.63 3.16
CA LEU H 117 -16.85 49.31 3.50
C LEU H 117 -16.01 48.18 2.88
N THR H 118 -15.40 47.36 3.75
CA THR H 118 -14.62 46.22 3.29
C THR H 118 -15.30 44.94 3.75
N THR H 119 -16.19 44.42 2.91
CA THR H 119 -17.06 43.32 3.31
C THR H 119 -16.90 42.03 2.50
N GLU H 120 -17.93 41.19 2.54
CA GLU H 120 -17.91 39.88 1.90
C GLU H 120 -19.15 39.68 1.02
N SER H 121 -20.18 40.51 1.27
CA SER H 121 -21.45 40.39 0.55
C SER H 121 -22.15 41.72 0.37
N ILE H 122 -23.02 41.77 -0.63
CA ILE H 122 -23.89 42.92 -0.80
C ILE H 122 -24.78 42.97 0.44
N GLU H 123 -24.98 41.79 1.03
CA GLU H 123 -25.74 41.62 2.27
C GLU H 123 -25.16 42.41 3.44
N GLN H 124 -23.91 42.15 3.72
CA GLN H 124 -23.19 42.87 4.75
C GLN H 124 -23.07 44.34 4.46
N ALA H 125 -22.77 44.71 3.21
CA ALA H 125 -22.67 46.12 2.84
C ALA H 125 -23.98 46.89 3.05
N ILE H 126 -25.08 46.33 2.56
CA ILE H 126 -26.38 46.95 2.77
C ILE H 126 -26.74 47.10 4.26
N GLU H 127 -26.19 46.20 5.08
CA GLU H 127 -26.34 46.30 6.52
C GLU H 127 -25.62 47.53 7.07
N ARG H 128 -24.44 47.78 6.54
CA ARG H 128 -23.53 48.78 7.08
C ARG H 128 -23.65 50.13 6.37
N ALA H 129 -24.64 50.23 5.50
CA ALA H 129 -24.83 51.45 4.76
C ALA H 129 -26.28 51.91 4.80
N GLY H 130 -26.85 51.98 6.00
CA GLY H 130 -28.19 52.54 6.17
C GLY H 130 -29.16 51.69 6.97
N THR H 131 -29.06 50.38 6.84
CA THR H 131 -30.00 49.48 7.48
C THR H 131 -29.52 48.97 8.83
N LYS H 132 -29.67 47.67 9.03
CA LYS H 132 -29.46 47.04 10.33
C LYS H 132 -28.38 47.66 11.23
N ALA H 133 -27.15 47.74 10.72
CA ALA H 133 -26.04 48.21 11.52
C ALA H 133 -25.52 49.58 11.06
N GLY H 134 -26.38 50.58 11.18
CA GLY H 134 -25.97 51.95 10.93
C GLY H 134 -25.67 52.32 9.49
N ASN H 135 -24.91 53.39 9.34
CA ASN H 135 -24.64 53.99 8.04
C ASN H 135 -23.24 54.58 8.04
N LYS H 136 -22.21 53.72 7.93
CA LYS H 136 -20.82 54.14 8.13
C LYS H 136 -20.46 55.49 7.51
N GLY H 137 -21.11 55.81 6.38
CA GLY H 137 -20.92 57.08 5.73
C GLY H 137 -21.10 58.25 6.70
N ALA H 138 -22.24 58.26 7.38
CA ALA H 138 -22.54 59.29 8.36
C ALA H 138 -21.52 59.24 9.48
N GLU H 139 -21.40 58.09 10.09
CA GLU H 139 -20.38 57.90 11.10
C GLU H 139 -19.09 58.57 10.65
N ALA H 140 -18.60 58.19 9.48
CA ALA H 140 -17.33 58.69 8.97
C ALA H 140 -17.28 60.21 9.09
N ALA H 141 -18.40 60.84 8.78
CA ALA H 141 -18.48 62.29 8.83
C ALA H 141 -18.37 62.81 10.27
N LEU H 142 -19.13 62.19 11.17
CA LEU H 142 -19.07 62.63 12.55
C LEU H 142 -17.64 62.48 13.12
N THR H 143 -17.06 61.30 12.96
CA THR H 143 -15.70 61.08 13.41
C THR H 143 -14.78 62.10 12.73
N ALA H 144 -15.08 62.40 11.47
CA ALA H 144 -14.35 63.44 10.75
C ALA H 144 -14.42 64.73 11.57
N LEU H 145 -15.63 65.29 11.64
CA LEU H 145 -15.86 66.48 12.45
C LEU H 145 -15.13 66.39 13.78
N GLU H 146 -15.61 65.52 14.67
CA GLU H 146 -15.01 65.37 16.00
C GLU H 146 -13.49 65.54 15.95
N MET H 147 -12.84 64.77 15.08
CA MET H 147 -11.40 64.86 14.94
C MET H 147 -10.93 66.28 14.65
N ILE H 148 -11.73 67.00 13.87
CA ILE H 148 -11.42 68.40 13.57
C ILE H 148 -11.19 69.18 14.84
N ASN H 149 -12.21 69.19 15.70
CA ASN H 149 -12.14 69.84 17.00
C ASN H 149 -11.15 69.20 18.00
N VAL H 150 -10.96 67.89 17.92
CA VAL H 150 -9.99 67.24 18.76
C VAL H 150 -8.59 67.77 18.47
N LEU H 151 -8.19 67.69 17.20
CA LEU H 151 -6.88 68.20 16.81
C LEU H 151 -6.77 69.66 17.24
N LYS H 152 -7.80 70.42 16.90
CA LYS H 152 -7.88 71.83 17.30
C LYS H 152 -7.57 72.01 18.79
N ALA H 153 -8.02 71.06 19.61
CA ALA H 153 -7.87 71.16 21.07
C ALA H 153 -6.44 70.93 21.53
N ILE H 154 -5.48 71.00 20.61
CA ILE H 154 -4.10 70.84 20.99
C ILE H 154 -3.27 71.83 20.18
N MET I 1 30.80 44.57 31.76
CA MET I 1 29.71 44.63 30.81
C MET I 1 28.57 45.46 31.34
N ASN I 2 28.27 46.57 30.67
CA ASN I 2 27.25 47.50 31.17
C ASN I 2 25.83 47.18 30.71
N ILE I 3 24.90 47.15 31.65
CA ILE I 3 23.55 46.73 31.38
C ILE I 3 22.56 47.83 31.73
N ILE I 4 21.51 47.98 30.93
CA ILE I 4 20.50 48.97 31.20
C ILE I 4 19.16 48.35 31.59
N LYS I 5 18.84 48.36 32.88
CA LYS I 5 17.52 47.95 33.33
C LYS I 5 16.86 49.15 33.97
N ALA I 6 15.65 49.48 33.55
CA ALA I 6 15.01 50.68 34.04
C ALA I 6 13.71 50.40 34.80
N ASN I 7 13.48 51.15 35.87
CA ASN I 7 12.27 51.00 36.67
C ASN I 7 11.08 51.79 36.10
N VAL I 8 9.91 51.60 36.72
CA VAL I 8 8.67 52.14 36.20
C VAL I 8 8.22 53.37 36.94
N ALA I 9 9.11 53.94 37.74
CA ALA I 9 8.75 55.18 38.41
C ALA I 9 9.31 56.37 37.63
N ALA I 10 8.54 57.47 37.60
CA ALA I 10 8.95 58.63 36.85
C ALA I 10 8.08 59.81 37.18
N PRO I 11 8.24 60.31 38.41
CA PRO I 11 7.49 61.37 39.08
C PRO I 11 7.71 62.76 38.46
N ASP I 12 7.98 62.82 37.17
CA ASP I 12 8.26 64.09 36.50
C ASP I 12 7.62 64.23 35.12
N ALA I 13 7.81 63.20 34.31
CA ALA I 13 7.28 63.23 32.96
C ALA I 13 5.77 63.50 32.99
N ARG I 14 5.27 64.05 31.88
CA ARG I 14 3.86 64.28 31.66
C ARG I 14 3.39 63.30 30.58
N VAL I 15 2.51 62.38 30.94
CA VAL I 15 2.04 61.34 30.03
C VAL I 15 0.71 61.69 29.40
N ALA I 16 0.57 61.42 28.10
CA ALA I 16 -0.72 61.62 27.44
C ALA I 16 -1.38 60.30 27.04
N ILE I 17 -2.63 60.13 27.48
CA ILE I 17 -3.40 58.91 27.21
C ILE I 17 -4.47 59.26 26.19
N THR I 18 -4.55 58.46 25.13
CA THR I 18 -5.57 58.58 24.09
C THR I 18 -6.49 57.38 24.12
N ILE I 19 -7.76 57.57 23.79
CA ILE I 19 -8.73 56.49 23.95
C ILE I 19 -9.88 56.57 22.96
N ALA I 20 -10.25 55.41 22.41
CA ALA I 20 -11.41 55.29 21.53
C ALA I 20 -12.68 55.02 22.36
N ARG I 21 -13.75 55.76 22.07
CA ARG I 21 -14.99 55.59 22.84
C ARG I 21 -15.81 54.40 22.34
N PHE I 22 -15.59 54.03 21.08
CA PHE I 22 -16.16 52.79 20.55
C PHE I 22 -15.61 51.62 21.33
N ASN I 23 -16.51 50.75 21.80
CA ASN I 23 -16.13 49.70 22.73
C ASN I 23 -15.78 50.34 24.05
N GLN I 24 -16.51 51.39 24.38
CA GLN I 24 -16.34 52.06 25.65
C GLN I 24 -16.44 51.06 26.80
N PHE I 25 -17.48 50.24 26.76
CA PHE I 25 -17.72 49.32 27.86
C PHE I 25 -16.49 48.49 28.20
N ILE I 26 -15.51 48.47 27.30
CA ILE I 26 -14.27 47.72 27.53
C ILE I 26 -13.05 48.62 27.63
N ASN I 27 -12.99 49.62 26.76
CA ASN I 27 -11.94 50.63 26.85
C ASN I 27 -11.92 51.40 28.17
N ASP I 28 -13.05 51.44 28.86
CA ASP I 28 -13.13 52.26 30.06
C ASP I 28 -12.26 51.69 31.18
N SER I 29 -12.23 50.37 31.29
CA SER I 29 -11.35 49.70 32.25
C SER I 29 -9.90 49.91 31.84
N LEU I 30 -9.63 49.82 30.54
CA LEU I 30 -8.31 50.11 30.00
C LEU I 30 -7.78 51.42 30.57
N LEU I 31 -8.62 52.45 30.58
CA LEU I 31 -8.22 53.73 31.15
C LEU I 31 -7.96 53.62 32.63
N ASP I 32 -8.91 53.01 33.35
CA ASP I 32 -8.76 52.85 34.81
C ASP I 32 -7.42 52.20 35.12
N GLY I 33 -7.13 51.10 34.44
CA GLY I 33 -5.86 50.43 34.60
C GLY I 33 -4.71 51.37 34.34
N ALA I 34 -4.71 51.95 33.12
CA ALA I 34 -3.69 52.90 32.72
C ALA I 34 -3.41 53.95 33.80
N VAL I 35 -4.43 54.74 34.12
CA VAL I 35 -4.28 55.83 35.09
C VAL I 35 -3.80 55.35 36.46
N ASP I 36 -4.47 54.39 37.06
CA ASP I 36 -3.99 53.80 38.31
C ASP I 36 -2.48 53.52 38.22
N ALA I 37 -2.12 52.59 37.36
CA ALA I 37 -0.73 52.23 37.20
C ALA I 37 0.15 53.45 37.01
N LEU I 38 -0.37 54.48 36.35
CA LEU I 38 0.42 55.66 36.04
C LEU I 38 0.79 56.42 37.29
N THR I 39 -0.22 56.76 38.07
CA THR I 39 0.01 57.50 39.31
C THR I 39 0.57 56.56 40.35
N ARG I 40 -0.30 55.72 40.91
CA ARG I 40 0.07 54.74 41.94
C ARG I 40 1.49 54.16 41.79
N ILE I 41 1.75 53.54 40.66
CA ILE I 41 3.00 52.83 40.49
C ILE I 41 4.10 53.76 39.98
N GLY I 42 3.76 54.60 39.01
CA GLY I 42 4.74 55.42 38.32
C GLY I 42 5.00 56.77 38.97
N GLN I 43 4.29 57.02 40.07
CA GLN I 43 4.51 58.24 40.85
C GLN I 43 4.16 59.48 40.06
N VAL I 44 3.32 59.34 39.03
CA VAL I 44 2.96 60.49 38.18
C VAL I 44 1.83 61.31 38.76
N LYS I 45 2.03 62.62 38.85
CA LYS I 45 0.99 63.50 39.36
C LYS I 45 -0.18 63.57 38.39
N ASP I 46 -1.39 63.56 38.92
CA ASP I 46 -2.54 63.37 38.06
C ASP I 46 -2.88 64.57 37.20
N ASP I 47 -2.06 65.62 37.26
CA ASP I 47 -2.27 66.76 36.37
C ASP I 47 -1.20 66.80 35.30
N ASN I 48 -0.30 65.82 35.33
CA ASN I 48 0.64 65.63 34.23
C ASN I 48 0.07 64.56 33.32
N ILE I 49 -1.15 64.15 33.62
CA ILE I 49 -1.87 63.19 32.81
C ILE I 49 -2.99 63.90 32.08
N THR I 50 -2.92 63.95 30.75
CA THR I 50 -4.05 64.45 29.98
C THR I 50 -4.60 63.28 29.17
N VAL I 51 -5.92 63.27 29.01
CA VAL I 51 -6.58 62.15 28.35
C VAL I 51 -7.36 62.62 27.15
N VAL I 52 -6.91 62.23 25.96
CA VAL I 52 -7.60 62.65 24.74
C VAL I 52 -8.53 61.53 24.27
N TRP I 53 -9.78 61.91 23.96
CA TRP I 53 -10.80 60.95 23.53
C TRP I 53 -11.12 61.06 22.03
N VAL I 54 -10.60 60.14 21.21
CA VAL I 54 -11.00 60.08 19.82
C VAL I 54 -12.14 59.08 19.62
N PRO I 55 -12.93 59.23 18.53
CA PRO I 55 -14.01 58.28 18.26
C PRO I 55 -13.56 56.83 18.24
N GLY I 56 -12.98 56.40 17.12
CA GLY I 56 -12.57 55.02 16.95
C GLY I 56 -11.08 54.73 17.03
N ALA I 57 -10.77 53.45 17.22
CA ALA I 57 -9.40 53.00 17.34
C ALA I 57 -8.60 53.37 16.12
N TYR I 58 -9.29 53.62 15.02
CA TYR I 58 -8.64 53.99 13.75
C TYR I 58 -8.06 55.40 13.82
N GLU I 59 -8.56 56.18 14.79
CA GLU I 59 -8.18 57.58 14.91
C GLU I 59 -7.04 57.72 15.89
N LEU I 60 -6.83 56.69 16.70
CA LEU I 60 -5.78 56.71 17.73
C LEU I 60 -4.50 57.36 17.22
N PRO I 61 -4.07 57.00 16.00
CA PRO I 61 -2.77 57.51 15.54
C PRO I 61 -2.75 59.03 15.52
N LEU I 62 -3.56 59.65 14.65
CA LEU I 62 -3.52 61.10 14.47
C LEU I 62 -3.51 61.80 15.82
N ALA I 63 -4.40 61.36 16.70
CA ALA I 63 -4.42 61.87 18.06
C ALA I 63 -3.05 61.79 18.70
N THR I 64 -2.51 60.58 18.76
CA THR I 64 -1.21 60.35 19.42
C THR I 64 -0.01 60.93 18.68
N GLU I 65 -0.25 61.48 17.48
CA GLU I 65 0.81 62.18 16.77
C GLU I 65 0.80 63.66 17.15
N ALA I 66 -0.35 64.29 16.97
CA ALA I 66 -0.51 65.66 17.42
C ALA I 66 -0.01 65.81 18.86
N LEU I 67 -0.23 64.78 19.68
CA LEU I 67 0.25 64.81 21.06
C LEU I 67 1.77 64.75 21.12
N ALA I 68 2.35 63.61 20.74
CA ALA I 68 3.80 63.43 20.79
C ALA I 68 4.52 64.57 20.09
N LYS I 69 4.08 64.89 18.88
CA LYS I 69 4.62 66.03 18.15
C LYS I 69 4.68 67.25 19.07
N SER I 70 3.51 67.67 19.55
CA SER I 70 3.38 68.82 20.46
C SER I 70 4.63 68.99 21.30
N GLY I 71 5.09 67.90 21.92
CA GLY I 71 6.32 67.93 22.71
C GLY I 71 6.08 67.91 24.21
N LYS I 72 4.95 68.49 24.64
CA LYS I 72 4.66 68.64 26.07
C LYS I 72 4.74 67.31 26.83
N TYR I 73 4.46 66.21 26.14
CA TYR I 73 4.37 64.91 26.81
C TYR I 73 5.61 64.02 26.60
N ASP I 74 5.88 63.17 27.61
CA ASP I 74 7.05 62.30 27.61
C ASP I 74 6.75 60.91 27.06
N ALA I 75 5.46 60.58 26.99
CA ALA I 75 5.01 59.35 26.35
C ALA I 75 3.49 59.34 26.15
N VAL I 76 3.05 58.54 25.19
CA VAL I 76 1.63 58.46 24.91
C VAL I 76 1.16 57.05 25.14
N VAL I 77 0.10 56.89 25.93
CA VAL I 77 -0.51 55.58 26.09
C VAL I 77 -1.76 55.50 25.22
N ALA I 78 -1.70 54.65 24.20
CA ALA I 78 -2.81 54.44 23.26
C ALA I 78 -3.73 53.32 23.71
N LEU I 79 -5.01 53.63 23.88
CA LEU I 79 -5.96 52.68 24.45
C LEU I 79 -7.21 52.52 23.57
N GLY I 80 -7.39 51.31 23.06
CA GLY I 80 -8.52 51.01 22.21
C GLY I 80 -8.85 49.54 22.21
N THR I 81 -9.99 49.20 21.63
CA THR I 81 -10.41 47.81 21.56
C THR I 81 -11.07 47.54 20.21
N VAL I 82 -10.57 46.51 19.51
CA VAL I 82 -11.12 46.08 18.23
C VAL I 82 -11.45 44.60 18.27
N ILE I 83 -12.73 44.28 18.12
CA ILE I 83 -13.15 42.89 18.16
C ILE I 83 -13.70 42.50 16.81
N ARG I 84 -13.07 41.51 16.20
CA ARG I 84 -13.44 41.05 14.86
C ARG I 84 -14.93 40.78 14.72
N GLY I 85 -15.42 40.79 13.48
CA GLY I 85 -16.82 40.55 13.20
C GLY I 85 -17.08 39.93 11.85
N GLY I 86 -18.24 40.28 11.28
CA GLY I 86 -18.69 39.69 10.04
C GLY I 86 -17.70 39.82 8.89
N THR I 87 -17.11 41.00 8.73
CA THR I 87 -16.20 41.24 7.62
C THR I 87 -14.78 41.48 8.15
N ALA I 88 -13.84 41.54 7.23
CA ALA I 88 -12.52 42.01 7.58
C ALA I 88 -12.47 43.53 7.53
N HIS I 89 -13.26 44.16 8.38
CA HIS I 89 -13.06 45.55 8.72
C HIS I 89 -12.01 45.55 9.84
N PHE I 90 -12.25 44.73 10.86
CA PHE I 90 -11.27 44.50 11.92
C PHE I 90 -9.85 44.54 11.37
N GLU I 91 -9.64 43.83 10.27
CA GLU I 91 -8.31 43.73 9.66
C GLU I 91 -7.70 45.12 9.50
N TYR I 92 -8.38 45.95 8.72
CA TYR I 92 -7.87 47.27 8.33
C TYR I 92 -7.80 48.27 9.50
N VAL I 93 -8.80 48.23 10.37
CA VAL I 93 -8.79 49.09 11.54
C VAL I 93 -7.59 48.70 12.40
N ALA I 94 -7.65 47.50 12.98
CA ALA I 94 -6.60 47.03 13.85
C ALA I 94 -5.21 47.30 13.25
N GLY I 95 -5.06 46.95 11.99
CA GLY I 95 -3.79 47.14 11.30
C GLY I 95 -3.39 48.59 11.13
N GLY I 96 -4.24 49.37 10.45
CA GLY I 96 -4.00 50.80 10.24
C GLY I 96 -3.80 51.60 11.52
N ALA I 97 -4.07 50.97 12.66
CA ALA I 97 -3.90 51.63 13.94
C ALA I 97 -2.79 50.96 14.72
N SER I 98 -2.31 49.83 14.19
CA SER I 98 -1.09 49.24 14.74
C SER I 98 0.11 49.85 14.05
N ASN I 99 0.17 49.66 12.74
CA ASN I 99 1.18 50.30 11.92
C ASN I 99 1.17 51.81 12.09
N GLY I 100 -0.02 52.34 12.35
CA GLY I 100 -0.16 53.76 12.68
C GLY I 100 0.65 54.16 13.91
N LEU I 101 0.14 53.77 15.09
CA LEU I 101 0.80 54.12 16.36
C LEU I 101 2.28 53.77 16.32
N ALA I 102 2.63 52.74 15.55
CA ALA I 102 4.02 52.32 15.41
C ALA I 102 4.84 53.42 14.73
N SER I 103 4.33 53.92 13.60
CA SER I 103 5.02 54.96 12.84
C SER I 103 5.13 56.26 13.67
N VAL I 104 4.08 56.57 14.42
CA VAL I 104 4.11 57.76 15.25
C VAL I 104 5.28 57.70 16.22
N ALA I 105 5.61 56.48 16.64
CA ALA I 105 6.71 56.31 17.56
C ALA I 105 8.03 56.65 16.89
N GLN I 106 8.36 55.91 15.83
CA GLN I 106 9.66 56.02 15.19
C GLN I 106 9.91 57.41 14.60
N ASP I 107 8.86 58.22 14.48
CA ASP I 107 8.99 59.55 13.88
C ASP I 107 9.03 60.66 14.91
N SER I 108 8.65 60.34 16.14
CA SER I 108 8.55 61.36 17.19
C SER I 108 9.59 61.15 18.27
N GLY I 109 10.09 59.91 18.36
CA GLY I 109 11.04 59.55 19.39
C GLY I 109 10.36 59.39 20.73
N VAL I 110 9.06 59.69 20.75
CA VAL I 110 8.25 59.54 21.95
C VAL I 110 7.67 58.14 22.03
N PRO I 111 7.99 57.43 23.12
CA PRO I 111 7.49 56.07 23.28
C PRO I 111 5.99 56.07 23.23
N VAL I 112 5.39 55.03 22.68
CA VAL I 112 3.95 54.91 22.63
C VAL I 112 3.51 53.49 22.95
N ALA I 113 2.59 53.35 23.90
CA ALA I 113 2.16 52.03 24.35
C ALA I 113 1.05 51.52 23.45
N PHE I 114 1.26 50.31 22.92
CA PHE I 114 0.23 49.71 22.07
C PHE I 114 -0.83 49.03 22.93
N GLY I 115 -1.63 49.83 23.60
CA GLY I 115 -2.66 49.31 24.47
C GLY I 115 -3.97 49.09 23.73
N VAL I 116 -3.85 48.43 22.56
CA VAL I 116 -5.02 48.20 21.74
C VAL I 116 -5.36 46.72 21.68
N LEU I 117 -6.53 46.38 22.22
CA LEU I 117 -6.98 44.99 22.22
C LEU I 117 -7.47 44.58 20.84
N THR I 118 -6.79 43.61 20.25
CA THR I 118 -7.21 43.08 18.96
C THR I 118 -7.62 41.62 19.12
N THR I 119 -8.92 41.40 19.32
CA THR I 119 -9.40 40.09 19.74
C THR I 119 -10.42 39.48 18.80
N GLU I 120 -11.20 38.54 19.33
CA GLU I 120 -12.20 37.81 18.54
C GLU I 120 -13.55 37.79 19.24
N SER I 121 -13.55 38.09 20.54
CA SER I 121 -14.80 38.09 21.30
C SER I 121 -14.82 39.12 22.42
N ILE I 122 -16.02 39.46 22.87
CA ILE I 122 -16.15 40.29 24.04
C ILE I 122 -15.58 39.48 25.19
N GLU I 123 -15.68 38.16 25.04
CA GLU I 123 -15.11 37.21 26.01
C GLU I 123 -13.60 37.40 26.21
N GLN I 124 -12.86 37.31 25.12
CA GLN I 124 -11.43 37.55 25.14
C GLN I 124 -11.06 38.97 25.62
N ALA I 125 -11.82 39.97 25.17
CA ALA I 125 -11.53 41.34 25.56
C ALA I 125 -11.72 41.55 27.06
N ILE I 126 -12.81 41.02 27.59
CA ILE I 126 -13.04 41.16 29.01
C ILE I 126 -11.98 40.41 29.81
N GLU I 127 -11.39 39.37 29.22
CA GLU I 127 -10.26 38.68 29.83
C GLU I 127 -9.03 39.59 29.96
N ARG I 128 -8.77 40.34 28.89
CA ARG I 128 -7.53 41.09 28.75
C ARG I 128 -7.66 42.55 29.19
N ALA I 129 -8.77 42.88 29.83
CA ALA I 129 -9.00 44.23 30.32
C ALA I 129 -9.50 44.20 31.74
N GLY I 130 -8.78 43.50 32.62
CA GLY I 130 -9.09 43.54 34.04
C GLY I 130 -9.25 42.19 34.73
N THR I 131 -9.78 41.21 34.01
CA THR I 131 -10.08 39.93 34.61
C THR I 131 -8.96 38.91 34.42
N LYS I 132 -9.35 37.69 34.07
CA LYS I 132 -8.45 36.56 34.00
C LYS I 132 -7.01 36.92 33.63
N ALA I 133 -6.81 37.49 32.45
CA ALA I 133 -5.44 37.73 31.99
C ALA I 133 -5.03 39.20 32.03
N GLY I 134 -5.00 39.75 33.22
CA GLY I 134 -4.48 41.10 33.39
C GLY I 134 -5.36 42.21 32.86
N ASN I 135 -4.72 43.35 32.60
CA ASN I 135 -5.43 44.58 32.27
C ASN I 135 -4.56 45.44 31.34
N LYS I 136 -4.45 45.03 30.08
CA LYS I 136 -3.45 45.59 29.17
C LYS I 136 -3.30 47.10 29.27
N GLY I 137 -4.39 47.80 29.58
CA GLY I 137 -4.34 49.24 29.76
C GLY I 137 -3.25 49.65 30.73
N ALA I 138 -3.24 49.02 31.91
CA ALA I 138 -2.24 49.30 32.92
C ALA I 138 -0.88 48.95 32.38
N GLU I 139 -0.74 47.71 31.95
CA GLU I 139 0.49 47.24 31.34
C GLU I 139 1.02 48.28 30.37
N ALA I 140 0.17 48.73 29.47
CA ALA I 140 0.56 49.71 28.47
C ALA I 140 1.21 50.91 29.13
N ALA I 141 0.66 51.32 30.28
CA ALA I 141 1.19 52.47 31.01
C ALA I 141 2.57 52.17 31.60
N LEU I 142 2.71 51.04 32.25
CA LEU I 142 4.00 50.66 32.80
C LEU I 142 5.09 50.62 31.72
N THR I 143 4.79 49.90 30.64
CA THR I 143 5.74 49.80 29.53
C THR I 143 6.02 51.20 28.99
N ALA I 144 4.98 52.04 29.00
CA ALA I 144 5.14 53.44 28.64
C ALA I 144 6.23 54.06 29.50
N LEU I 145 5.95 54.11 30.80
CA LEU I 145 6.91 54.61 31.78
C LEU I 145 8.30 54.03 31.59
N GLU I 146 8.44 52.73 31.85
CA GLU I 146 9.73 52.08 31.68
C GLU I 146 10.45 52.63 30.45
N MET I 147 9.79 52.61 29.29
CA MET I 147 10.40 53.10 28.05
C MET I 147 10.91 54.52 28.16
N ILE I 148 10.15 55.38 28.82
CA ILE I 148 10.61 56.73 29.12
C ILE I 148 12.01 56.73 29.71
N ASN I 149 12.19 56.03 30.83
CA ASN I 149 13.49 55.96 31.50
C ASN I 149 14.53 55.18 30.70
N VAL I 150 14.06 54.23 29.89
CA VAL I 150 14.98 53.44 29.06
C VAL I 150 15.64 54.32 28.04
N LEU I 151 14.82 55.00 27.24
CA LEU I 151 15.33 55.94 26.25
C LEU I 151 16.25 56.93 26.96
N LYS I 152 15.77 57.50 28.07
CA LYS I 152 16.54 58.45 28.87
C LYS I 152 17.92 57.89 29.17
N ALA I 153 18.00 56.58 29.37
CA ALA I 153 19.27 55.93 29.74
C ALA I 153 20.27 55.84 28.59
N ILE I 154 20.00 56.57 27.51
CA ILE I 154 20.90 56.61 26.37
C ILE I 154 21.02 58.04 25.83
N MET J 1 36.70 37.71 -11.26
CA MET J 1 35.45 37.99 -10.57
C MET J 1 35.64 38.14 -9.07
N ASN J 2 35.40 39.33 -8.55
CA ASN J 2 35.64 39.60 -7.14
C ASN J 2 34.46 39.24 -6.23
N ILE J 3 34.77 38.52 -5.16
CA ILE J 3 33.76 37.99 -4.26
C ILE J 3 33.97 38.51 -2.84
N ILE J 4 32.87 38.78 -2.14
CA ILE J 4 32.99 39.25 -0.77
C ILE J 4 32.43 38.22 0.19
N LYS J 5 33.31 37.46 0.85
CA LYS J 5 32.90 36.57 1.94
C LYS J 5 33.51 37.10 3.21
N ALA J 6 32.70 37.32 4.25
CA ALA J 6 33.23 37.90 5.47
C ALA J 6 33.12 36.97 6.67
N ASN J 7 34.15 36.99 7.53
CA ASN J 7 34.17 36.18 8.74
C ASN J 7 33.41 36.82 9.92
N VAL J 8 33.30 36.09 11.02
CA VAL J 8 32.48 36.51 12.17
C VAL J 8 33.31 37.06 13.33
N ALA J 9 34.59 37.31 13.10
CA ALA J 9 35.41 37.90 14.15
C ALA J 9 35.50 39.40 13.94
N ALA J 10 35.52 40.16 15.02
CA ALA J 10 35.52 41.61 14.94
C ALA J 10 35.82 42.28 16.26
N PRO J 11 37.09 42.21 16.68
CA PRO J 11 37.63 42.66 17.97
C PRO J 11 37.51 44.13 18.30
N ASP J 12 37.24 45.03 17.36
CA ASP J 12 37.20 46.45 17.76
C ASP J 12 35.83 47.18 17.73
N ALA J 13 34.78 46.41 17.45
CA ALA J 13 33.43 46.95 17.33
C ALA J 13 32.52 46.73 18.57
N ARG J 14 31.77 47.76 18.90
CA ARG J 14 30.93 47.73 20.09
C ARG J 14 29.49 47.38 19.72
N VAL J 15 29.02 46.22 20.20
CA VAL J 15 27.70 45.72 19.85
C VAL J 15 26.69 46.03 20.92
N ALA J 16 25.48 46.43 20.52
CA ALA J 16 24.42 46.62 21.51
C ALA J 16 23.31 45.57 21.41
N ILE J 17 23.07 44.87 22.50
CA ILE J 17 22.00 43.87 22.57
C ILE J 17 20.77 44.42 23.30
N THR J 18 19.59 44.27 22.67
CA THR J 18 18.33 44.68 23.28
C THR J 18 17.46 43.45 23.55
N ILE J 19 16.67 43.50 24.61
CA ILE J 19 15.94 42.31 25.01
C ILE J 19 14.61 42.61 25.67
N ALA J 20 13.59 41.82 25.33
CA ALA J 20 12.30 41.91 26.01
C ALA J 20 12.26 40.98 27.20
N ARG J 21 11.81 41.48 28.34
CA ARG J 21 11.75 40.66 29.56
C ARG J 21 10.54 39.75 29.58
N PHE J 22 9.49 40.14 28.86
CA PHE J 22 8.35 39.25 28.65
C PHE J 22 8.86 38.00 27.92
N ASN J 23 8.44 36.84 28.41
CA ASN J 23 8.98 35.58 27.92
C ASN J 23 10.44 35.47 28.33
N GLN J 24 10.74 36.01 29.50
CA GLN J 24 12.07 35.98 30.05
C GLN J 24 12.56 34.56 30.03
N PHE J 25 11.76 33.65 30.58
CA PHE J 25 12.19 32.27 30.71
C PHE J 25 12.74 31.69 29.42
N ILE J 26 12.50 32.38 28.31
CA ILE J 26 13.01 31.95 27.02
C ILE J 26 14.02 32.91 26.42
N ASN J 27 13.69 34.19 26.46
CA ASN J 27 14.61 35.22 26.03
C ASN J 27 15.96 35.20 26.76
N ASP J 28 16.00 34.66 27.98
CA ASP J 28 17.22 34.65 28.80
C ASP J 28 18.33 33.79 28.22
N SER J 29 17.95 32.67 27.59
CA SER J 29 18.89 31.82 26.86
C SER J 29 19.31 32.55 25.60
N LEU J 30 18.37 33.22 24.96
CA LEU J 30 18.68 34.02 23.78
C LEU J 30 19.87 34.92 24.05
N LEU J 31 19.85 35.59 25.20
CA LEU J 31 20.95 36.48 25.59
C LEU J 31 22.21 35.67 25.75
N ASP J 32 22.12 34.58 26.52
CA ASP J 32 23.27 33.75 26.78
C ASP J 32 23.94 33.37 25.45
N GLY J 33 23.13 32.91 24.52
CA GLY J 33 23.64 32.52 23.22
C GLY J 33 24.34 33.72 22.64
N ALA J 34 23.58 34.81 22.52
CA ALA J 34 24.09 36.03 21.92
C ALA J 34 25.47 36.35 22.47
N VAL J 35 25.52 36.64 23.76
CA VAL J 35 26.75 37.09 24.39
C VAL J 35 27.91 36.11 24.14
N ASP J 36 27.68 34.83 24.43
CA ASP J 36 28.74 33.85 24.23
C ASP J 36 29.29 34.02 22.85
N ALA J 37 28.45 33.78 21.84
CA ALA J 37 28.84 33.87 20.45
C ALA J 37 29.58 35.18 20.16
N LEU J 38 29.10 36.26 20.78
CA LEU J 38 29.68 37.58 20.57
C LEU J 38 31.14 37.64 20.98
N THR J 39 31.41 37.33 22.26
CA THR J 39 32.76 37.32 22.78
C THR J 39 33.55 36.13 22.23
N ARG J 40 33.27 34.95 22.78
CA ARG J 40 33.94 33.71 22.38
C ARG J 40 34.27 33.63 20.89
N ILE J 41 33.25 33.74 20.04
CA ILE J 41 33.44 33.58 18.60
C ILE J 41 33.86 34.85 17.88
N GLY J 42 33.22 35.97 18.24
CA GLY J 42 33.44 37.25 17.58
C GLY J 42 34.58 38.07 18.15
N GLN J 43 35.25 37.55 19.18
CA GLN J 43 36.41 38.21 19.76
C GLN J 43 36.06 39.57 20.37
N VAL J 44 34.80 39.79 20.65
CA VAL J 44 34.36 41.06 21.20
C VAL J 44 34.62 41.16 22.71
N LYS J 45 35.28 42.23 23.13
CA LYS J 45 35.48 42.45 24.56
C LYS J 45 34.15 42.74 25.25
N ASP J 46 33.96 42.15 26.43
CA ASP J 46 32.66 42.19 27.06
C ASP J 46 32.25 43.58 27.59
N ASP J 47 33.08 44.58 27.37
CA ASP J 47 32.70 45.94 27.76
C ASP J 47 32.33 46.78 26.55
N ASN J 48 32.43 46.17 25.36
CA ASN J 48 31.92 46.80 24.16
C ASN J 48 30.55 46.24 23.87
N ILE J 49 30.07 45.44 24.82
CA ILE J 49 28.72 44.91 24.78
C ILE J 49 27.85 45.62 25.82
N THR J 50 26.86 46.38 25.38
CA THR J 50 25.87 46.89 26.31
C THR J 50 24.53 46.23 26.02
N VAL J 51 23.75 46.02 27.07
CA VAL J 51 22.50 45.25 26.96
C VAL J 51 21.34 46.08 27.45
N VAL J 52 20.47 46.46 26.52
CA VAL J 52 19.29 47.25 26.89
C VAL J 52 18.06 46.36 27.04
N TRP J 53 17.37 46.51 28.16
CA TRP J 53 16.22 45.69 28.48
C TRP J 53 14.91 46.48 28.36
N VAL J 54 14.20 46.32 27.25
CA VAL J 54 12.85 46.86 27.14
C VAL J 54 11.79 45.85 27.60
N PRO J 55 10.61 46.35 28.04
CA PRO J 55 9.55 45.45 28.49
C PRO J 55 9.22 44.37 27.46
N GLY J 56 8.46 44.72 26.42
CA GLY J 56 7.97 43.78 25.44
C GLY J 56 8.65 43.83 24.09
N ALA J 57 8.48 42.77 23.31
CA ALA J 57 9.08 42.68 21.98
C ALA J 57 8.59 43.80 21.06
N TYR J 58 7.46 44.39 21.42
CA TYR J 58 6.90 45.51 20.68
C TYR J 58 7.75 46.75 20.81
N GLU J 59 8.55 46.79 21.87
CA GLU J 59 9.34 47.97 22.16
C GLU J 59 10.74 47.84 21.56
N LEU J 60 11.12 46.63 21.21
CA LEU J 60 12.44 46.35 20.66
C LEU J 60 12.91 47.41 19.68
N PRO J 61 12.01 47.83 18.77
CA PRO J 61 12.42 48.82 17.77
C PRO J 61 12.95 50.10 18.41
N LEU J 62 12.09 50.87 19.07
CA LEU J 62 12.49 52.16 19.62
C LEU J 62 13.83 52.07 20.36
N ALA J 63 13.95 51.07 21.21
CA ALA J 63 15.23 50.77 21.84
C ALA J 63 16.33 50.68 20.80
N THR J 64 16.19 49.77 19.84
CA THR J 64 17.24 49.55 18.86
C THR J 64 17.43 50.70 17.85
N GLU J 65 16.57 51.70 17.92
CA GLU J 65 16.79 52.91 17.13
C GLU J 65 17.62 53.93 17.90
N ALA J 66 17.18 54.28 19.10
CA ALA J 66 17.96 55.16 19.97
C ALA J 66 19.41 54.67 20.11
N LEU J 67 19.58 53.35 20.07
CA LEU J 67 20.91 52.76 20.10
C LEU J 67 21.65 53.04 18.81
N ALA J 68 21.22 52.43 17.71
CA ALA J 68 21.88 52.61 16.41
C ALA J 68 22.07 54.07 16.05
N LYS J 69 21.00 54.86 16.16
CA LYS J 69 21.09 56.31 15.96
C LYS J 69 22.28 56.86 16.72
N SER J 70 22.26 56.69 18.05
CA SER J 70 23.35 57.12 18.93
C SER J 70 24.68 57.14 18.18
N GLY J 71 25.03 56.01 17.57
CA GLY J 71 26.24 55.93 16.78
C GLY J 71 27.30 55.06 17.42
N LYS J 72 27.35 55.08 18.74
CA LYS J 72 28.41 54.41 19.49
C LYS J 72 28.57 52.94 19.13
N TYR J 73 27.49 52.30 18.67
CA TYR J 73 27.51 50.86 18.40
C TYR J 73 27.61 50.51 16.92
N ASP J 74 28.24 49.37 16.64
CA ASP J 74 28.47 48.92 15.27
C ASP J 74 27.38 47.99 14.76
N ALA J 75 26.59 47.47 15.68
CA ALA J 75 25.45 46.64 15.33
C ALA J 75 24.56 46.41 16.56
N VAL J 76 23.30 46.11 16.31
CA VAL J 76 22.36 45.86 17.39
C VAL J 76 21.82 44.46 17.23
N VAL J 77 21.89 43.68 18.30
CA VAL J 77 21.24 42.39 18.29
C VAL J 77 19.93 42.46 19.04
N ALA J 78 18.83 42.27 18.30
CA ALA J 78 17.47 42.34 18.85
C ALA J 78 16.99 40.97 19.29
N LEU J 79 16.62 40.87 20.56
CA LEU J 79 16.26 39.58 21.15
C LEU J 79 14.92 39.61 21.87
N GLY J 80 13.96 38.87 21.34
CA GLY J 80 12.65 38.77 21.93
C GLY J 80 11.98 37.46 21.57
N THR J 81 10.87 37.18 22.24
CA THR J 81 10.09 35.98 21.94
C THR J 81 8.59 36.27 21.95
N VAL J 82 7.90 35.87 20.87
CA VAL J 82 6.46 36.06 20.75
C VAL J 82 5.80 34.74 20.37
N ILE J 83 4.96 34.25 21.28
CA ILE J 83 4.30 32.98 21.04
C ILE J 83 2.78 33.20 20.94
N ARG J 84 2.23 32.90 19.76
CA ARG J 84 0.81 33.10 19.49
C ARG J 84 -0.10 32.59 20.61
N GLY J 85 -1.33 33.10 20.62
CA GLY J 85 -2.30 32.70 21.62
C GLY J 85 -3.74 32.87 21.17
N GLY J 86 -4.62 33.18 22.13
CA GLY J 86 -6.06 33.24 21.89
C GLY J 86 -6.43 34.14 20.72
N THR J 87 -5.84 35.31 20.68
CA THR J 87 -6.19 36.29 19.67
C THR J 87 -5.01 36.56 18.78
N ALA J 88 -5.26 37.30 17.70
CA ALA J 88 -4.17 37.78 16.86
C ALA J 88 -3.64 39.10 17.44
N HIS J 89 -3.12 38.99 18.66
CA HIS J 89 -2.28 40.04 19.21
C HIS J 89 -0.90 39.71 18.65
N PHE J 90 -0.49 38.45 18.80
CA PHE J 90 0.75 37.95 18.22
C PHE J 90 1.02 38.57 16.86
N GLU J 91 -0.03 38.61 16.04
CA GLU J 91 0.07 39.15 14.70
C GLU J 91 0.73 40.52 14.76
N TYR J 92 0.08 41.44 15.46
CA TYR J 92 0.50 42.85 15.45
C TYR J 92 1.81 43.10 16.20
N VAL J 93 2.05 42.35 17.26
CA VAL J 93 3.30 42.49 17.98
C VAL J 93 4.44 42.01 17.10
N ALA J 94 4.47 40.70 16.84
CA ALA J 94 5.51 40.14 16.00
C ALA J 94 5.76 41.02 14.76
N GLY J 95 4.69 41.40 14.07
CA GLY J 95 4.80 42.20 12.86
C GLY J 95 5.39 43.59 13.10
N GLY J 96 4.70 44.37 13.92
CA GLY J 96 5.16 45.72 14.23
C GLY J 96 6.57 45.77 14.80
N ALA J 97 7.12 44.60 15.10
CA ALA J 97 8.44 44.53 15.68
C ALA J 97 9.37 43.84 14.70
N SER J 98 8.78 43.29 13.65
CA SER J 98 9.60 42.82 12.54
C SER J 98 9.82 43.97 11.57
N ASN J 99 8.73 44.48 11.02
CA ASN J 99 8.80 45.65 10.17
C ASN J 99 9.50 46.79 10.90
N GLY J 100 9.36 46.80 12.21
CA GLY J 100 10.01 47.81 13.03
C GLY J 100 11.52 47.72 12.94
N LEU J 101 12.08 46.67 13.53
CA LEU J 101 13.53 46.45 13.51
C LEU J 101 14.09 46.50 12.10
N ALA J 102 13.28 46.13 11.11
CA ALA J 102 13.69 46.20 9.71
C ALA J 102 13.91 47.65 9.25
N SER J 103 12.95 48.52 9.56
CA SER J 103 13.04 49.93 9.21
C SER J 103 14.21 50.62 9.93
N VAL J 104 14.42 50.28 11.20
CA VAL J 104 15.55 50.82 11.97
C VAL J 104 16.86 50.53 11.26
N ALA J 105 16.96 49.38 10.60
CA ALA J 105 18.14 49.02 9.85
C ALA J 105 18.33 49.97 8.65
N GLN J 106 17.36 49.97 7.73
CA GLN J 106 17.50 50.69 6.47
C GLN J 106 17.66 52.20 6.67
N ASP J 107 17.35 52.69 7.87
CA ASP J 107 17.41 54.12 8.16
C ASP J 107 18.65 54.54 8.95
N SER J 108 19.36 53.55 9.49
CA SER J 108 20.52 53.83 10.34
C SER J 108 21.80 53.32 9.69
N GLY J 109 21.65 52.38 8.77
CA GLY J 109 22.80 51.77 8.13
C GLY J 109 23.50 50.81 9.06
N VAL J 110 23.01 50.73 10.29
CA VAL J 110 23.55 49.81 11.27
C VAL J 110 22.83 48.47 11.18
N PRO J 111 23.60 47.41 10.94
CA PRO J 111 22.99 46.08 10.85
C PRO J 111 22.24 45.76 12.13
N VAL J 112 21.16 45.02 12.00
CA VAL J 112 20.38 44.61 13.16
C VAL J 112 19.93 43.17 12.98
N ALA J 113 20.22 42.35 13.97
CA ALA J 113 19.87 40.93 13.93
C ALA J 113 18.43 40.72 14.37
N PHE J 114 17.63 40.09 13.53
CA PHE J 114 16.26 39.77 13.89
C PHE J 114 16.19 38.50 14.77
N GLY J 115 16.68 38.62 16.00
CA GLY J 115 16.67 37.50 16.93
C GLY J 115 15.39 37.41 17.70
N VAL J 116 14.27 37.48 16.98
CA VAL J 116 12.95 37.44 17.62
C VAL J 116 12.22 36.16 17.24
N LEU J 117 11.97 35.32 18.24
CA LEU J 117 11.26 34.07 18.00
C LEU J 117 9.79 34.34 17.81
N THR J 118 9.27 33.96 16.65
CA THR J 118 7.86 34.12 16.37
C THR J 118 7.27 32.74 16.17
N THR J 119 6.69 32.18 17.22
CA THR J 119 6.31 30.77 17.20
C THR J 119 4.84 30.51 17.53
N GLU J 120 4.55 29.28 17.92
CA GLU J 120 3.17 28.85 18.20
C GLU J 120 3.10 28.16 19.55
N SER J 121 4.25 27.78 20.11
CA SER J 121 4.28 27.04 21.38
C SER J 121 5.54 27.32 22.16
N ILE J 122 5.46 27.12 23.47
CA ILE J 122 6.64 27.13 24.32
C ILE J 122 7.52 26.00 23.80
N GLU J 123 6.86 24.97 23.27
CA GLU J 123 7.56 23.82 22.68
C GLU J 123 8.51 24.24 21.58
N GLN J 124 7.96 24.91 20.58
CA GLN J 124 8.76 25.39 19.45
C GLN J 124 9.83 26.40 19.87
N ALA J 125 9.47 27.31 20.78
CA ALA J 125 10.42 28.30 21.29
C ALA J 125 11.61 27.64 21.97
N ILE J 126 11.34 26.72 22.90
CA ILE J 126 12.40 26.02 23.59
C ILE J 126 13.30 25.24 22.62
N GLU J 127 12.75 24.86 21.48
CA GLU J 127 13.52 24.21 20.42
C GLU J 127 14.51 25.18 19.78
N ARG J 128 14.05 26.40 19.57
CA ARG J 128 14.80 27.40 18.82
C ARG J 128 15.63 28.32 19.70
N ALA J 129 15.71 27.98 20.98
CA ALA J 129 16.47 28.79 21.91
C ALA J 129 17.38 27.97 22.79
N GLY J 130 18.15 27.08 22.18
CA GLY J 130 19.16 26.33 22.93
C GLY J 130 19.16 24.83 22.68
N THR J 131 17.98 24.26 22.49
CA THR J 131 17.86 22.82 22.33
C THR J 131 17.89 22.35 20.86
N LYS J 132 16.97 21.44 20.55
CA LYS J 132 16.94 20.74 19.27
C LYS J 132 17.42 21.56 18.06
N ALA J 133 16.79 22.69 17.78
CA ALA J 133 17.16 23.44 16.59
C ALA J 133 17.92 24.73 16.88
N GLY J 134 19.09 24.61 17.50
CA GLY J 134 19.96 25.74 17.72
C GLY J 134 19.50 26.75 18.75
N ASN J 135 20.01 27.96 18.62
CA ASN J 135 19.86 28.99 19.65
C ASN J 135 19.85 30.34 18.97
N LYS J 136 18.76 30.67 18.29
CA LYS J 136 18.70 31.86 17.41
C LYS J 136 19.41 33.08 17.98
N GLY J 137 19.42 33.22 19.30
CA GLY J 137 20.10 34.31 19.97
C GLY J 137 21.56 34.45 19.53
N ALA J 138 22.27 33.32 19.59
CA ALA J 138 23.67 33.28 19.17
C ALA J 138 23.77 33.56 17.69
N GLU J 139 22.98 32.85 16.89
CA GLU J 139 22.91 33.05 15.46
C GLU J 139 22.77 34.53 15.14
N ALA J 140 21.76 35.16 15.73
CA ALA J 140 21.55 36.60 15.57
C ALA J 140 22.82 37.42 15.77
N ALA J 141 23.63 37.02 16.74
CA ALA J 141 24.88 37.72 17.02
C ALA J 141 25.92 37.49 15.92
N LEU J 142 26.09 36.25 15.52
CA LEU J 142 27.02 35.96 14.43
C LEU J 142 26.63 36.69 13.14
N THR J 143 25.37 36.57 12.74
CA THR J 143 24.88 37.28 11.57
C THR J 143 25.09 38.78 11.78
N ALA J 144 24.95 39.22 13.02
CA ALA J 144 25.21 40.60 13.36
C ALA J 144 26.63 40.90 12.97
N LEU J 145 27.56 40.26 13.66
CA LEU J 145 28.97 40.42 13.35
C LEU J 145 29.23 40.35 11.85
N GLU J 146 29.08 39.18 11.27
CA GLU J 146 29.34 39.04 9.84
C GLU J 146 28.92 40.30 9.10
N MET J 147 27.67 40.72 9.31
CA MET J 147 27.14 41.88 8.58
C MET J 147 28.00 43.12 8.78
N ILE J 148 28.51 43.27 9.98
CA ILE J 148 29.41 44.37 10.29
C ILE J 148 30.53 44.40 9.25
N ASN J 149 31.25 43.30 9.15
CA ASN J 149 32.39 43.21 8.24
C ASN J 149 31.96 43.18 6.76
N VAL J 150 30.76 42.68 6.49
CA VAL J 150 30.25 42.68 5.14
C VAL J 150 30.06 44.11 4.66
N LEU J 151 29.28 44.88 5.42
CA LEU J 151 29.06 46.27 5.08
C LEU J 151 30.42 46.97 4.95
N LYS J 152 31.27 46.78 5.95
CA LYS J 152 32.62 47.30 5.94
C LYS J 152 33.33 47.02 4.61
N ALA J 153 33.10 45.84 4.04
CA ALA J 153 33.76 45.44 2.80
C ALA J 153 33.23 46.18 1.55
N ILE J 154 32.53 47.28 1.77
CA ILE J 154 32.06 48.10 0.68
C ILE J 154 32.15 49.57 1.09
N MET K 1 -41.75 33.38 73.94
CA MET K 1 -40.55 32.99 73.18
C MET K 1 -39.88 34.17 72.50
N ASN K 2 -38.67 34.51 72.93
CA ASN K 2 -38.02 35.72 72.45
C ASN K 2 -37.18 35.50 71.21
N ILE K 3 -37.42 36.33 70.21
CA ILE K 3 -36.81 36.19 68.91
C ILE K 3 -35.96 37.40 68.57
N ILE K 4 -34.83 37.17 67.92
CA ILE K 4 -33.97 38.28 67.50
C ILE K 4 -33.93 38.43 65.97
N LYS K 5 -34.68 39.41 65.46
CA LYS K 5 -34.60 39.78 64.05
C LYS K 5 -34.06 41.20 63.94
N ALA K 6 -32.99 41.38 63.20
CA ALA K 6 -32.34 42.70 63.14
C ALA K 6 -32.37 43.31 61.74
N ASN K 7 -32.58 44.63 61.70
CA ASN K 7 -32.61 45.37 60.45
C ASN K 7 -31.23 45.74 59.91
N VAL K 8 -31.19 46.33 58.72
CA VAL K 8 -29.93 46.62 58.04
C VAL K 8 -29.51 48.08 58.12
N ALA K 9 -30.18 48.86 58.97
CA ALA K 9 -29.77 50.25 59.19
C ALA K 9 -28.85 50.36 60.42
N ALA K 10 -27.90 51.27 60.36
CA ALA K 10 -26.91 51.38 61.42
C ALA K 10 -26.05 52.59 61.17
N PRO K 11 -26.67 53.78 61.29
CA PRO K 11 -26.01 55.03 60.93
C PRO K 11 -24.95 55.49 61.94
N ASP K 12 -24.43 54.60 62.78
CA ASP K 12 -23.33 55.01 63.66
C ASP K 12 -22.07 54.14 63.61
N ALA K 13 -22.10 53.07 62.81
CA ALA K 13 -21.05 52.04 62.81
C ALA K 13 -20.06 52.07 61.62
N ARG K 14 -18.80 52.41 61.91
CA ARG K 14 -17.76 52.57 60.88
C ARG K 14 -17.37 51.25 60.20
N VAL K 15 -17.70 51.12 58.92
CA VAL K 15 -17.43 49.88 58.19
C VAL K 15 -16.14 49.97 57.37
N ALA K 16 -15.37 48.89 57.35
CA ALA K 16 -14.19 48.85 56.49
C ALA K 16 -14.33 47.83 55.33
N ILE K 17 -14.19 48.33 54.12
CA ILE K 17 -14.27 47.51 52.93
C ILE K 17 -12.90 47.24 52.35
N THR K 18 -12.60 45.97 52.13
CA THR K 18 -11.34 45.55 51.52
C THR K 18 -11.59 44.95 50.13
N ILE K 19 -10.65 45.11 49.21
CA ILE K 19 -10.87 44.77 47.83
C ILE K 19 -9.61 44.35 47.10
N ALA K 20 -9.73 43.30 46.29
CA ALA K 20 -8.62 42.90 45.42
C ALA K 20 -8.71 43.59 44.07
N ARG K 21 -7.58 44.12 43.59
CA ARG K 21 -7.59 44.83 42.31
C ARG K 21 -7.54 43.88 41.14
N PHE K 22 -6.98 42.70 41.36
CA PHE K 22 -7.02 41.61 40.37
C PHE K 22 -8.48 41.27 40.09
N ASN K 23 -8.85 41.17 38.82
CA ASN K 23 -10.26 41.06 38.45
C ASN K 23 -11.01 42.34 38.80
N GLN K 24 -10.31 43.46 38.63
CA GLN K 24 -10.86 44.78 38.87
C GLN K 24 -12.14 44.95 38.09
N PHE K 25 -12.06 44.64 36.80
CA PHE K 25 -13.19 44.86 35.93
C PHE K 25 -14.48 44.27 36.47
N ILE K 26 -14.37 43.44 37.50
CA ILE K 26 -15.53 42.79 38.12
C ILE K 26 -15.65 43.17 39.57
N ASN K 27 -14.53 43.22 40.28
CA ASN K 27 -14.56 43.66 41.66
C ASN K 27 -15.04 45.10 41.83
N ASP K 28 -14.90 45.91 40.77
CA ASP K 28 -15.24 47.32 40.86
C ASP K 28 -16.72 47.55 41.09
N SER K 29 -17.55 46.73 40.46
CA SER K 29 -19.00 46.77 40.68
C SER K 29 -19.29 46.29 42.09
N LEU K 30 -18.57 45.25 42.50
CA LEU K 30 -18.70 44.75 43.85
C LEU K 30 -18.62 45.90 44.85
N LEU K 31 -17.63 46.77 44.66
CA LEU K 31 -17.47 47.93 45.52
C LEU K 31 -18.66 48.89 45.41
N ASP K 32 -19.06 49.20 44.17
CA ASP K 32 -20.19 50.09 43.96
C ASP K 32 -21.40 49.57 44.70
N GLY K 33 -21.66 48.27 44.57
CA GLY K 33 -22.79 47.67 45.27
C GLY K 33 -22.64 47.86 46.77
N ALA K 34 -21.52 47.37 47.29
CA ALA K 34 -21.23 47.47 48.70
C ALA K 34 -21.53 48.87 49.15
N VAL K 35 -20.77 49.84 48.63
CA VAL K 35 -20.89 51.21 49.13
C VAL K 35 -22.33 51.75 49.08
N ASP K 36 -22.96 51.69 47.91
CA ASP K 36 -24.35 52.13 47.78
C ASP K 36 -25.16 51.55 48.91
N ALA K 37 -25.29 50.23 48.94
CA ALA K 37 -26.05 49.55 49.97
C ALA K 37 -25.68 50.03 51.37
N LEU K 38 -24.40 50.32 51.55
CA LEU K 38 -23.89 50.74 52.86
C LEU K 38 -24.52 52.05 53.29
N THR K 39 -24.33 53.09 52.48
CA THR K 39 -24.86 54.40 52.80
C THR K 39 -26.37 54.39 52.62
N ARG K 40 -26.82 54.41 51.36
CA ARG K 40 -28.24 54.44 50.98
C ARG K 40 -29.12 53.59 51.90
N ILE K 41 -28.83 52.30 52.00
CA ILE K 41 -29.66 51.39 52.79
C ILE K 41 -29.31 51.37 54.27
N GLY K 42 -28.02 51.31 54.59
CA GLY K 42 -27.58 51.20 55.97
C GLY K 42 -27.40 52.51 56.71
N GLN K 43 -27.68 53.62 56.04
CA GLN K 43 -27.66 54.95 56.65
C GLN K 43 -26.26 55.31 57.11
N VAL K 44 -25.25 54.66 56.55
CA VAL K 44 -23.87 54.90 56.96
C VAL K 44 -23.29 56.14 56.30
N LYS K 45 -22.75 57.05 57.11
CA LYS K 45 -22.07 58.22 56.57
C LYS K 45 -20.79 57.81 55.82
N ASP K 46 -20.56 58.42 54.68
CA ASP K 46 -19.52 57.95 53.77
C ASP K 46 -18.10 58.23 54.24
N ASP K 47 -17.95 58.81 55.42
CA ASP K 47 -16.61 58.98 55.98
C ASP K 47 -16.39 58.00 57.12
N ASN K 48 -17.41 57.18 57.40
CA ASN K 48 -17.24 56.04 58.31
C ASN K 48 -16.96 54.78 57.51
N ILE K 49 -16.75 54.99 56.21
CA ILE K 49 -16.40 53.94 55.27
C ILE K 49 -14.98 54.16 54.79
N THR K 50 -14.08 53.25 55.14
CA THR K 50 -12.74 53.30 54.57
C THR K 50 -12.57 52.09 53.70
N VAL K 51 -11.82 52.24 52.63
CA VAL K 51 -11.68 51.20 51.64
C VAL K 51 -10.22 50.86 51.44
N VAL K 52 -9.85 49.64 51.82
CA VAL K 52 -8.48 49.20 51.69
C VAL K 52 -8.31 48.32 50.45
N TRP K 53 -7.30 48.63 49.64
CA TRP K 53 -7.05 47.91 48.37
C TRP K 53 -5.81 47.01 48.41
N VAL K 54 -6.02 45.71 48.59
CA VAL K 54 -4.91 44.77 48.50
C VAL K 54 -4.82 44.22 47.08
N PRO K 55 -3.63 43.77 46.67
CA PRO K 55 -3.47 43.20 45.33
C PRO K 55 -4.50 42.11 45.04
N GLY K 56 -4.25 40.91 45.54
CA GLY K 56 -5.10 39.75 45.28
C GLY K 56 -6.07 39.29 46.37
N ALA K 57 -7.06 38.50 45.98
CA ALA K 57 -8.03 37.97 46.90
C ALA K 57 -7.34 37.13 47.95
N TYR K 58 -6.14 36.64 47.66
CA TYR K 58 -5.37 35.86 48.63
C TYR K 58 -4.94 36.72 49.83
N GLU K 59 -4.89 38.04 49.62
CA GLU K 59 -4.37 38.95 50.61
C GLU K 59 -5.50 39.50 51.43
N LEU K 60 -6.73 39.33 50.94
CA LEU K 60 -7.92 39.83 51.64
C LEU K 60 -7.87 39.61 53.14
N PRO K 61 -7.51 38.40 53.57
CA PRO K 61 -7.45 38.13 55.02
C PRO K 61 -6.58 39.13 55.79
N LEU K 62 -5.27 39.08 55.60
CA LEU K 62 -4.37 39.93 56.40
C LEU K 62 -4.87 41.36 56.47
N ALA K 63 -5.30 41.89 55.34
CA ALA K 63 -5.93 43.19 55.32
C ALA K 63 -7.08 43.27 56.33
N THR K 64 -8.08 42.41 56.17
CA THR K 64 -9.26 42.44 57.03
C THR K 64 -8.98 41.98 58.45
N GLU K 65 -7.76 41.55 58.74
CA GLU K 65 -7.41 41.31 60.12
C GLU K 65 -6.86 42.58 60.75
N ALA K 66 -5.82 43.14 60.15
CA ALA K 66 -5.26 44.40 60.61
C ALA K 66 -6.38 45.39 60.82
N LEU K 67 -7.40 45.31 59.98
CA LEU K 67 -8.55 46.21 60.12
C LEU K 67 -9.34 45.86 61.36
N ALA K 68 -9.98 44.69 61.36
CA ALA K 68 -10.83 44.31 62.48
C ALA K 68 -10.08 44.41 63.80
N LYS K 69 -8.87 43.85 63.84
CA LYS K 69 -7.99 43.97 65.00
C LYS K 69 -7.93 45.40 65.47
N SER K 70 -7.43 46.29 64.63
CA SER K 70 -7.41 47.73 64.89
C SER K 70 -8.50 48.19 65.88
N GLY K 71 -9.75 47.79 65.64
CA GLY K 71 -10.84 48.13 66.53
C GLY K 71 -11.76 49.23 66.04
N LYS K 72 -11.18 50.17 65.31
CA LYS K 72 -11.93 51.33 64.84
C LYS K 72 -13.22 50.97 64.10
N TYR K 73 -13.26 49.81 63.46
CA TYR K 73 -14.39 49.47 62.59
C TYR K 73 -15.34 48.46 63.21
N ASP K 74 -16.61 48.53 62.82
CA ASP K 74 -17.64 47.66 63.39
C ASP K 74 -17.88 46.42 62.55
N ALA K 75 -17.42 46.46 61.31
CA ALA K 75 -17.48 45.32 60.41
C ALA K 75 -16.61 45.51 59.16
N VAL K 76 -16.19 44.41 58.58
CA VAL K 76 -15.35 44.46 57.39
C VAL K 76 -16.06 43.77 56.24
N VAL K 77 -16.16 44.46 55.12
CA VAL K 77 -16.72 43.82 53.94
C VAL K 77 -15.60 43.44 53.02
N ALA K 78 -15.40 42.13 52.86
CA ALA K 78 -14.35 41.57 51.99
C ALA K 78 -14.84 41.35 50.57
N LEU K 79 -14.17 41.98 49.62
CA LEU K 79 -14.61 41.98 48.22
C LEU K 79 -13.50 41.52 47.28
N GLY K 80 -13.75 40.40 46.61
CA GLY K 80 -12.82 39.87 45.65
C GLY K 80 -13.49 38.96 44.64
N THR K 81 -12.74 38.57 43.62
CA THR K 81 -13.26 37.68 42.60
C THR K 81 -12.18 36.68 42.17
N VAL K 82 -12.54 35.40 42.19
CA VAL K 82 -11.64 34.34 41.77
C VAL K 82 -12.37 33.48 40.76
N ILE K 83 -11.87 33.47 39.52
CA ILE K 83 -12.44 32.64 38.48
C ILE K 83 -11.46 31.54 38.05
N ARG K 84 -11.88 30.28 38.23
CA ARG K 84 -11.05 29.13 37.95
C ARG K 84 -10.37 29.18 36.57
N GLY K 85 -9.29 28.42 36.42
CA GLY K 85 -8.58 28.38 35.16
C GLY K 85 -7.87 27.07 34.89
N GLY K 86 -6.75 27.16 34.17
CA GLY K 86 -6.00 25.99 33.75
C GLY K 86 -5.63 25.02 34.87
N THR K 87 -5.16 25.57 36.00
CA THR K 87 -4.75 24.75 37.13
C THR K 87 -5.66 24.98 38.32
N ALA K 88 -5.49 24.15 39.35
CA ALA K 88 -6.13 24.41 40.63
C ALA K 88 -5.27 25.37 41.44
N HIS K 89 -5.09 26.57 40.91
CA HIS K 89 -4.59 27.70 41.67
C HIS K 89 -5.81 28.23 42.36
N PHE K 90 -6.85 28.42 41.57
CA PHE K 90 -8.16 28.81 42.09
C PHE K 90 -8.49 28.16 43.41
N GLU K 91 -8.23 26.85 43.45
CA GLU K 91 -8.50 26.05 44.63
C GLU K 91 -7.93 26.73 45.84
N TYR K 92 -6.60 26.90 45.83
CA TYR K 92 -5.85 27.38 46.98
C TYR K 92 -6.10 28.85 47.32
N VAL K 93 -6.27 29.68 46.30
CA VAL K 93 -6.55 31.08 46.54
C VAL K 93 -7.93 31.19 47.16
N ALA K 94 -8.96 30.85 46.39
CA ALA K 94 -10.31 30.88 46.90
C ALA K 94 -10.41 30.33 48.33
N GLY K 95 -9.85 29.15 48.53
CA GLY K 95 -9.89 28.50 49.83
C GLY K 95 -9.14 29.25 50.91
N GLY K 96 -7.85 29.48 50.70
CA GLY K 96 -7.00 30.19 51.64
C GLY K 96 -7.52 31.59 51.95
N ALA K 97 -8.51 32.04 51.19
CA ALA K 97 -9.09 33.35 51.43
C ALA K 97 -10.52 33.21 51.92
N SER K 98 -11.04 31.99 51.89
CA SER K 98 -12.34 31.72 52.51
C SER K 98 -12.08 31.33 53.95
N ASN K 99 -11.32 30.26 54.14
CA ASN K 99 -10.92 29.87 55.48
C ASN K 99 -10.20 31.00 56.18
N GLY K 100 -9.54 31.84 55.39
CA GLY K 100 -8.86 33.00 55.92
C GLY K 100 -9.84 33.97 56.56
N LEU K 101 -10.62 34.64 55.73
CA LEU K 101 -11.60 35.62 56.21
C LEU K 101 -12.48 35.02 57.32
N ALA K 102 -12.68 33.70 57.26
CA ALA K 102 -13.51 33.01 58.24
C ALA K 102 -12.83 33.08 59.59
N SER K 103 -11.54 32.75 59.63
CA SER K 103 -10.79 32.75 60.88
C SER K 103 -10.67 34.16 61.46
N VAL K 104 -10.51 35.16 60.60
CA VAL K 104 -10.39 36.54 61.05
C VAL K 104 -11.64 36.93 61.80
N ALA K 105 -12.77 36.35 61.39
CA ALA K 105 -14.05 36.62 62.05
C ALA K 105 -14.04 36.06 63.48
N GLN K 106 -13.88 34.74 63.59
CA GLN K 106 -13.99 34.05 64.88
C GLN K 106 -12.95 34.50 65.89
N ASP K 107 -11.91 35.17 65.43
CA ASP K 107 -10.84 35.62 66.31
C ASP K 107 -10.93 37.09 66.67
N SER K 108 -11.78 37.84 65.97
CA SER K 108 -11.86 39.27 66.19
C SER K 108 -13.21 39.66 66.76
N GLY K 109 -14.19 38.79 66.54
CA GLY K 109 -15.55 39.05 66.98
C GLY K 109 -16.20 40.07 66.09
N VAL K 110 -15.43 40.57 65.13
CA VAL K 110 -15.94 41.51 64.12
C VAL K 110 -16.53 40.75 62.94
N PRO K 111 -17.80 41.00 62.65
CA PRO K 111 -18.43 40.34 61.50
C PRO K 111 -17.66 40.66 60.24
N VAL K 112 -17.59 39.72 59.33
CA VAL K 112 -16.93 39.94 58.06
C VAL K 112 -17.73 39.31 56.95
N ALA K 113 -18.00 40.10 55.89
CA ALA K 113 -18.81 39.64 54.76
C ALA K 113 -17.96 38.89 53.72
N PHE K 114 -18.33 37.65 53.47
CA PHE K 114 -17.63 36.90 52.45
C PHE K 114 -18.13 37.34 51.06
N GLY K 115 -17.75 38.54 50.63
CA GLY K 115 -18.11 39.00 49.30
C GLY K 115 -17.11 38.61 48.22
N VAL K 116 -16.73 37.34 48.22
CA VAL K 116 -15.74 36.88 47.27
C VAL K 116 -16.38 35.93 46.29
N LEU K 117 -16.39 36.33 45.03
CA LEU K 117 -16.94 35.50 43.98
C LEU K 117 -15.99 34.39 43.62
N THR K 118 -16.45 33.15 43.79
CA THR K 118 -15.67 31.96 43.45
C THR K 118 -16.37 31.16 42.34
N THR K 119 -16.02 31.46 41.09
CA THR K 119 -16.81 31.01 39.95
C THR K 119 -16.00 30.18 38.96
N GLU K 120 -16.50 30.10 37.73
CA GLU K 120 -15.91 29.29 36.67
C GLU K 120 -15.77 30.08 35.38
N SER K 121 -16.45 31.21 35.28
CA SER K 121 -16.37 32.02 34.08
C SER K 121 -16.57 33.50 34.35
N ILE K 122 -16.13 34.33 33.40
CA ILE K 122 -16.40 35.75 33.48
C ILE K 122 -17.91 35.91 33.34
N GLU K 123 -18.50 34.93 32.66
CA GLU K 123 -19.94 34.86 32.48
C GLU K 123 -20.68 34.82 33.82
N GLN K 124 -20.34 33.81 34.62
CA GLN K 124 -20.91 33.64 35.95
C GLN K 124 -20.64 34.84 36.87
N ALA K 125 -19.40 35.33 36.87
CA ALA K 125 -19.05 36.47 37.71
C ALA K 125 -19.87 37.70 37.34
N ILE K 126 -19.97 38.00 36.04
CA ILE K 126 -20.76 39.15 35.62
C ILE K 126 -22.24 38.98 35.97
N GLU K 127 -22.67 37.73 36.12
CA GLU K 127 -24.01 37.44 36.59
C GLU K 127 -24.18 37.83 38.06
N ARG K 128 -23.16 37.53 38.84
CA ARG K 128 -23.24 37.67 40.29
C ARG K 128 -22.70 39.00 40.82
N ALA K 129 -22.42 39.93 39.91
CA ALA K 129 -21.87 41.21 40.32
C ALA K 129 -22.59 42.35 39.63
N GLY K 130 -23.91 42.32 39.64
CA GLY K 130 -24.70 43.44 39.13
C GLY K 130 -25.84 43.08 38.20
N THR K 131 -25.65 42.04 37.40
CA THR K 131 -26.67 41.65 36.42
C THR K 131 -27.62 40.58 36.94
N LYS K 132 -27.85 39.60 36.09
CA LYS K 132 -28.87 38.58 36.28
C LYS K 132 -29.15 38.20 37.73
N ALA K 133 -28.14 37.75 38.43
CA ALA K 133 -28.34 37.26 39.79
C ALA K 133 -27.76 38.16 40.87
N GLY K 134 -28.22 39.40 40.91
CA GLY K 134 -27.83 40.28 41.99
C GLY K 134 -26.42 40.83 41.92
N ASN K 135 -25.92 41.25 43.07
CA ASN K 135 -24.68 41.99 43.13
C ASN K 135 -24.04 41.72 44.47
N LYS K 136 -23.47 40.52 44.63
CA LYS K 136 -23.00 40.04 45.94
C LYS K 136 -22.29 41.08 46.77
N GLY K 137 -21.56 41.98 46.11
CA GLY K 137 -20.95 43.10 46.82
C GLY K 137 -21.91 43.82 47.77
N ALA K 138 -23.07 44.23 47.25
CA ALA K 138 -24.06 44.92 48.04
C ALA K 138 -24.54 43.98 49.11
N GLU K 139 -24.98 42.79 48.69
CA GLU K 139 -25.41 41.77 49.64
C GLU K 139 -24.42 41.65 50.80
N ALA K 140 -23.17 41.42 50.49
CA ALA K 140 -22.13 41.34 51.50
C ALA K 140 -22.26 42.47 52.51
N ALA K 141 -22.50 43.68 52.04
CA ALA K 141 -22.57 44.81 52.94
C ALA K 141 -23.80 44.73 53.84
N LEU K 142 -24.96 44.40 53.27
CA LEU K 142 -26.20 44.29 54.05
C LEU K 142 -26.05 43.23 55.12
N THR K 143 -25.59 42.05 54.72
CA THR K 143 -25.29 40.98 55.68
C THR K 143 -24.29 41.47 56.71
N ALA K 144 -23.31 42.26 56.26
CA ALA K 144 -22.39 42.92 57.17
C ALA K 144 -23.17 43.70 58.21
N LEU K 145 -23.83 44.74 57.75
CA LEU K 145 -24.66 45.54 58.63
C LEU K 145 -25.47 44.65 59.54
N GLU K 146 -26.49 43.97 59.00
CA GLU K 146 -27.37 43.13 59.82
C GLU K 146 -26.59 42.43 60.94
N MET K 147 -25.50 41.76 60.59
CA MET K 147 -24.71 41.07 61.59
C MET K 147 -24.24 42.00 62.68
N ILE K 148 -23.87 43.22 62.31
CA ILE K 148 -23.53 44.22 63.32
C ILE K 148 -24.60 44.31 64.40
N ASN K 149 -25.83 44.58 63.99
CA ASN K 149 -26.94 44.69 64.91
C ASN K 149 -27.37 43.37 65.55
N VAL K 150 -27.17 42.28 64.83
CA VAL K 150 -27.45 40.97 65.43
C VAL K 150 -26.54 40.70 66.63
N LEU K 151 -25.23 40.79 66.41
CA LEU K 151 -24.28 40.60 67.48
C LEU K 151 -24.64 41.54 68.61
N LYS K 152 -24.86 42.80 68.27
CA LYS K 152 -25.24 43.80 69.24
C LYS K 152 -26.41 43.32 70.09
N ALA K 153 -27.31 42.56 69.47
CA ALA K 153 -28.53 42.11 70.13
C ALA K 153 -28.29 41.04 71.19
N ILE K 154 -27.03 40.82 71.55
CA ILE K 154 -26.69 39.81 72.55
C ILE K 154 -25.58 40.34 73.45
N MET L 1 -19.04 -2.91 84.11
CA MET L 1 -18.76 -1.96 83.04
C MET L 1 -19.79 -0.86 82.98
N ASN L 2 -19.37 0.37 83.24
CA ASN L 2 -20.31 1.49 83.30
C ASN L 2 -20.57 2.17 81.95
N ILE L 3 -21.84 2.36 81.65
CA ILE L 3 -22.27 2.85 80.34
C ILE L 3 -23.06 4.14 80.48
N ILE L 4 -22.87 5.07 79.56
CA ILE L 4 -23.58 6.34 79.63
C ILE L 4 -24.52 6.48 78.44
N LYS L 5 -25.81 6.23 78.69
CA LYS L 5 -26.85 6.49 77.69
C LYS L 5 -27.76 7.58 78.20
N ALA L 6 -27.91 8.64 77.42
CA ALA L 6 -28.68 9.81 77.88
C ALA L 6 -29.97 10.08 77.08
N ASN L 7 -31.04 10.42 77.79
CA ASN L 7 -32.31 10.72 77.14
C ASN L 7 -32.38 12.15 76.59
N VAL L 8 -33.49 12.47 75.94
CA VAL L 8 -33.64 13.74 75.23
C VAL L 8 -34.52 14.75 75.96
N ALA L 9 -34.84 14.47 77.22
CA ALA L 9 -35.62 15.41 78.01
C ALA L 9 -34.69 16.24 78.88
N ALA L 10 -35.03 17.51 79.07
CA ALA L 10 -34.16 18.41 79.80
C ALA L 10 -34.86 19.70 80.08
N PRO L 11 -35.80 19.65 81.03
CA PRO L 11 -36.69 20.76 81.36
C PRO L 11 -36.05 22.00 81.99
N ASP L 12 -34.72 22.10 82.07
CA ASP L 12 -34.14 23.30 82.67
C ASP L 12 -33.16 24.07 81.77
N ALA L 13 -32.57 23.36 80.82
CA ALA L 13 -31.61 23.92 79.86
C ALA L 13 -32.26 24.95 78.96
N ARG L 14 -31.69 26.16 78.90
CA ARG L 14 -32.11 27.18 77.93
C ARG L 14 -31.34 27.02 76.61
N VAL L 15 -32.08 26.69 75.54
CA VAL L 15 -31.47 26.43 74.25
C VAL L 15 -31.57 27.65 73.32
N ALA L 16 -30.49 27.94 72.59
CA ALA L 16 -30.54 29.02 71.59
C ALA L 16 -30.48 28.47 70.15
N ILE L 17 -31.50 28.83 69.36
CA ILE L 17 -31.57 28.41 67.96
C ILE L 17 -31.17 29.55 67.06
N THR L 18 -30.25 29.28 66.15
CA THR L 18 -29.83 30.25 65.15
C THR L 18 -30.29 29.81 63.76
N ILE L 19 -30.58 30.77 62.90
CA ILE L 19 -31.18 30.47 61.60
C ILE L 19 -30.82 31.44 60.46
N ALA L 20 -30.54 30.90 59.28
CA ALA L 20 -30.30 31.73 58.09
C ALA L 20 -31.61 31.96 57.37
N ARG L 21 -31.89 33.21 57.05
CA ARG L 21 -33.13 33.52 56.34
C ARG L 21 -33.07 33.19 54.86
N PHE L 22 -31.86 33.19 54.29
CA PHE L 22 -31.65 32.72 52.92
C PHE L 22 -32.08 31.26 52.86
N ASN L 23 -32.85 30.91 51.85
CA ASN L 23 -33.45 29.58 51.81
C ASN L 23 -34.50 29.43 52.90
N GLN L 24 -35.16 30.56 53.19
CA GLN L 24 -36.22 30.62 54.18
C GLN L 24 -37.25 29.55 53.90
N PHE L 25 -37.74 29.54 52.68
CA PHE L 25 -38.77 28.59 52.33
C PHE L 25 -38.44 27.17 52.76
N ILE L 26 -37.20 26.92 53.13
CA ILE L 26 -36.80 25.59 53.55
C ILE L 26 -36.34 25.57 55.00
N ASN L 27 -35.53 26.55 55.35
CA ASN L 27 -35.12 26.74 56.74
C ASN L 27 -36.28 26.94 57.73
N ASP L 28 -37.42 27.42 57.24
CA ASP L 28 -38.55 27.70 58.13
C ASP L 28 -39.12 26.44 58.75
N SER L 29 -39.16 25.35 57.98
CA SER L 29 -39.60 24.06 58.49
C SER L 29 -38.56 23.55 59.47
N LEU L 30 -37.29 23.74 59.13
CA LEU L 30 -36.20 23.41 60.03
C LEU L 30 -36.45 23.93 61.45
N LEU L 31 -36.86 25.20 61.55
CA LEU L 31 -37.18 25.80 62.83
C LEU L 31 -38.38 25.13 63.45
N ASP L 32 -39.45 24.93 62.68
CA ASP L 32 -40.65 24.30 63.20
C ASP L 32 -40.28 22.97 63.79
N GLY L 33 -39.53 22.16 63.06
CA GLY L 33 -39.07 20.89 63.58
C GLY L 33 -38.33 21.09 64.90
N ALA L 34 -37.27 21.89 64.82
CA ALA L 34 -36.44 22.19 65.99
C ALA L 34 -37.30 22.50 67.20
N VAL L 35 -38.04 23.59 67.13
CA VAL L 35 -38.83 24.05 68.25
C VAL L 35 -39.77 22.96 68.78
N ASP L 36 -40.57 22.37 67.90
CA ASP L 36 -41.48 21.31 68.33
C ASP L 36 -40.73 20.28 69.16
N ALA L 37 -39.78 19.62 68.53
CA ALA L 37 -38.93 18.65 69.22
C ALA L 37 -38.36 19.17 70.55
N LEU L 38 -38.00 20.44 70.57
CA LEU L 38 -37.41 21.04 71.75
C LEU L 38 -38.37 21.04 72.93
N THR L 39 -39.53 21.65 72.72
CA THR L 39 -40.55 21.69 73.77
C THR L 39 -41.20 20.33 73.93
N ARG L 40 -42.12 20.00 73.03
CA ARG L 40 -42.84 18.74 73.02
C ARG L 40 -42.02 17.57 73.56
N ILE L 41 -40.87 17.29 72.96
CA ILE L 41 -40.07 16.10 73.31
C ILE L 41 -39.11 16.34 74.46
N GLY L 42 -38.43 17.48 74.40
CA GLY L 42 -37.40 17.78 75.38
C GLY L 42 -37.87 18.48 76.64
N GLN L 43 -39.17 18.77 76.70
CA GLN L 43 -39.77 19.33 77.90
C GLN L 43 -39.26 20.75 78.14
N VAL L 44 -38.74 21.39 77.09
CA VAL L 44 -38.20 22.74 77.27
C VAL L 44 -39.25 23.82 77.23
N LYS L 45 -39.26 24.70 78.22
CA LYS L 45 -40.22 25.80 78.25
C LYS L 45 -39.91 26.80 77.15
N ASP L 46 -40.96 27.29 76.48
CA ASP L 46 -40.76 28.05 75.26
C ASP L 46 -40.16 29.43 75.48
N ASP L 47 -39.85 29.76 76.73
CA ASP L 47 -39.19 31.03 77.00
C ASP L 47 -37.71 30.79 77.35
N ASN L 48 -37.31 29.54 77.38
CA ASN L 48 -35.90 29.23 77.49
C ASN L 48 -35.34 28.98 76.12
N ILE L 49 -36.17 29.25 75.11
CA ILE L 49 -35.78 29.16 73.72
C ILE L 49 -35.69 30.57 73.17
N THR L 50 -34.50 30.96 72.77
CA THR L 50 -34.34 32.20 72.01
C THR L 50 -33.85 31.85 70.60
N VAL L 51 -34.33 32.60 69.62
CA VAL L 51 -34.08 32.29 68.20
C VAL L 51 -33.40 33.47 67.53
N VAL L 52 -32.13 33.30 67.20
CA VAL L 52 -31.38 34.35 66.52
C VAL L 52 -31.37 34.15 65.00
N TRP L 53 -31.74 35.21 64.27
CA TRP L 53 -31.84 35.17 62.81
C TRP L 53 -30.67 35.91 62.10
N VAL L 54 -29.69 35.16 61.60
CA VAL L 54 -28.63 35.77 60.80
C VAL L 54 -29.00 35.64 59.33
N PRO L 55 -28.40 36.49 58.48
CA PRO L 55 -28.70 36.46 57.06
C PRO L 55 -28.45 35.09 56.44
N GLY L 56 -27.19 34.77 56.19
CA GLY L 56 -26.84 33.54 55.51
C GLY L 56 -26.19 32.49 56.38
N ALA L 57 -26.16 31.26 55.87
CA ALA L 57 -25.57 30.14 56.59
C ALA L 57 -24.10 30.37 56.88
N TYR L 58 -23.49 31.30 56.15
CA TYR L 58 -22.09 31.61 56.39
C TYR L 58 -21.89 32.34 57.71
N GLU L 59 -22.98 32.92 58.22
CA GLU L 59 -22.93 33.76 59.40
C GLU L 59 -23.27 32.93 60.63
N LEU L 60 -23.87 31.77 60.41
CA LEU L 60 -24.27 30.88 61.51
C LEU L 60 -23.24 30.82 62.64
N PRO L 61 -21.97 30.64 62.27
CA PRO L 61 -20.96 30.56 63.32
C PRO L 61 -20.99 31.76 64.24
N LEU L 62 -20.56 32.92 63.76
CA LEU L 62 -20.40 34.07 64.65
C LEU L 62 -21.58 34.22 65.59
N ALA L 63 -22.77 34.08 65.03
CA ALA L 63 -23.98 34.07 65.83
C ALA L 63 -23.88 33.04 66.96
N THR L 64 -23.65 31.78 66.58
CA THR L 64 -23.64 30.70 67.54
C THR L 64 -22.43 30.72 68.47
N GLU L 65 -21.51 31.66 68.24
CA GLU L 65 -20.38 31.84 69.18
C GLU L 65 -20.77 32.88 70.24
N ALA L 66 -21.15 34.06 69.79
CA ALA L 66 -21.65 35.09 70.70
C ALA L 66 -22.71 34.50 71.63
N LEU L 67 -23.48 33.53 71.12
CA LEU L 67 -24.47 32.87 71.95
C LEU L 67 -23.80 31.97 72.99
N ALA L 68 -23.20 30.88 72.52
CA ALA L 68 -22.56 29.95 73.46
C ALA L 68 -21.61 30.66 74.41
N LYS L 69 -20.77 31.53 73.87
CA LYS L 69 -19.87 32.33 74.69
C LYS L 69 -20.64 32.96 75.84
N SER L 70 -21.63 33.77 75.47
CA SER L 70 -22.52 34.43 76.43
C SER L 70 -22.70 33.62 77.72
N GLY L 71 -23.00 32.33 77.58
CA GLY L 71 -23.09 31.45 78.73
C GLY L 71 -24.52 31.11 79.09
N LYS L 72 -25.43 32.03 78.83
CA LYS L 72 -26.82 31.87 79.22
C LYS L 72 -27.44 30.57 78.72
N TYR L 73 -26.96 30.04 77.59
CA TYR L 73 -27.61 28.90 76.94
C TYR L 73 -26.84 27.61 77.17
N ASP L 74 -27.57 26.50 77.22
CA ASP L 74 -26.97 25.18 77.43
C ASP L 74 -26.59 24.47 76.13
N ALA L 75 -27.15 24.94 75.01
CA ALA L 75 -26.82 24.40 73.70
C ALA L 75 -27.37 25.30 72.61
N VAL L 76 -26.75 25.22 71.44
CA VAL L 76 -27.16 26.04 70.31
C VAL L 76 -27.54 25.13 69.19
N VAL L 77 -28.74 25.33 68.64
CA VAL L 77 -29.14 24.58 67.46
C VAL L 77 -28.98 25.46 66.22
N ALA L 78 -28.03 25.09 65.36
CA ALA L 78 -27.72 25.84 64.15
C ALA L 78 -28.52 25.32 62.95
N LEU L 79 -29.30 26.20 62.35
CA LEU L 79 -30.23 25.83 61.28
C LEU L 79 -30.02 26.65 60.03
N GLY L 80 -29.60 25.98 58.96
CA GLY L 80 -29.44 26.63 57.68
C GLY L 80 -29.61 25.66 56.52
N THR L 81 -29.60 26.19 55.31
CA THR L 81 -29.71 25.36 54.13
C THR L 81 -28.83 25.92 53.03
N VAL L 82 -27.97 25.05 52.47
CA VAL L 82 -27.09 25.41 51.37
C VAL L 82 -27.28 24.43 50.23
N ILE L 83 -27.76 24.92 49.09
CA ILE L 83 -27.95 24.08 47.92
C ILE L 83 -27.01 24.49 46.80
N ARG L 84 -26.16 23.56 46.38
CA ARG L 84 -25.16 23.83 45.35
C ARG L 84 -25.72 24.49 44.08
N GLY L 85 -24.85 25.14 43.31
CA GLY L 85 -25.29 25.82 42.11
C GLY L 85 -24.20 25.93 41.07
N GLY L 86 -24.27 26.98 40.25
CA GLY L 86 -23.35 27.17 39.15
C GLY L 86 -21.86 27.07 39.49
N THR L 87 -21.46 27.73 40.58
CA THR L 87 -20.07 27.75 40.97
C THR L 87 -19.90 27.01 42.28
N ALA L 88 -18.64 26.79 42.65
CA ALA L 88 -18.33 26.30 43.98
C ALA L 88 -18.27 27.47 44.94
N HIS L 89 -19.41 28.13 45.11
CA HIS L 89 -19.65 29.03 46.24
C HIS L 89 -20.09 28.10 47.38
N PHE L 90 -21.08 27.27 47.07
CA PHE L 90 -21.56 26.22 47.96
C PHE L 90 -20.42 25.64 48.78
N GLU L 91 -19.35 25.30 48.07
CA GLU L 91 -18.19 24.71 48.70
C GLU L 91 -17.79 25.51 49.92
N TYR L 92 -17.46 26.78 49.70
CA TYR L 92 -16.89 27.63 50.73
C TYR L 92 -17.88 28.04 51.84
N VAL L 93 -19.13 28.29 51.48
CA VAL L 93 -20.16 28.58 52.46
C VAL L 93 -20.39 27.36 53.36
N ALA L 94 -20.95 26.30 52.79
CA ALA L 94 -21.18 25.07 53.53
C ALA L 94 -19.98 24.71 54.41
N GLY L 95 -18.78 24.74 53.83
CA GLY L 95 -17.56 24.41 54.55
C GLY L 95 -17.23 25.37 55.68
N GLY L 96 -17.06 26.65 55.35
CA GLY L 96 -16.75 27.66 56.33
C GLY L 96 -17.81 27.80 57.42
N ALA L 97 -18.93 27.12 57.23
CA ALA L 97 -20.00 27.13 58.23
C ALA L 97 -20.16 25.75 58.89
N SER L 98 -19.47 24.75 58.35
CA SER L 98 -19.35 23.46 59.03
C SER L 98 -18.15 23.49 59.97
N ASN L 99 -16.97 23.71 59.41
CA ASN L 99 -15.77 23.90 60.20
C ASN L 99 -15.98 25.02 61.22
N GLY L 100 -16.77 26.01 60.83
CA GLY L 100 -17.11 27.10 61.73
C GLY L 100 -17.82 26.61 62.97
N LEU L 101 -19.08 26.20 62.79
CA LEU L 101 -19.89 25.72 63.91
C LEU L 101 -19.17 24.65 64.71
N ALA L 102 -18.31 23.89 64.03
CA ALA L 102 -17.52 22.85 64.68
C ALA L 102 -16.55 23.47 65.68
N SER L 103 -15.83 24.50 65.25
CA SER L 103 -14.85 25.15 66.10
C SER L 103 -15.53 25.87 67.29
N VAL L 104 -16.69 26.44 67.05
CA VAL L 104 -17.44 27.08 68.12
C VAL L 104 -17.73 26.08 69.24
N ALA L 105 -17.98 24.83 68.87
CA ALA L 105 -18.24 23.79 69.85
C ALA L 105 -17.00 23.56 70.71
N GLN L 106 -15.92 23.12 70.08
CA GLN L 106 -14.72 22.71 70.80
C GLN L 106 -14.07 23.82 71.62
N ASP L 107 -14.50 25.06 71.37
CA ASP L 107 -13.93 26.20 72.09
C ASP L 107 -14.84 26.73 73.16
N SER L 108 -16.10 26.29 73.15
CA SER L 108 -17.08 26.81 74.09
C SER L 108 -17.53 25.74 75.06
N GLY L 109 -17.36 24.48 74.66
CA GLY L 109 -17.80 23.35 75.46
C GLY L 109 -19.30 23.19 75.37
N VAL L 110 -19.94 24.13 74.70
CA VAL L 110 -21.38 24.11 74.49
C VAL L 110 -21.73 23.29 73.26
N PRO L 111 -22.57 22.26 73.42
CA PRO L 111 -22.94 21.43 72.27
C PRO L 111 -23.60 22.29 71.22
N VAL L 112 -23.37 21.97 69.96
CA VAL L 112 -23.99 22.69 68.87
C VAL L 112 -24.44 21.70 67.82
N ALA L 113 -25.72 21.79 67.44
CA ALA L 113 -26.29 20.90 66.42
C ALA L 113 -26.03 21.38 65.00
N PHE L 114 -25.42 20.51 64.19
CA PHE L 114 -25.15 20.87 62.81
C PHE L 114 -26.38 20.64 61.96
N GLY L 115 -27.39 21.49 62.16
CA GLY L 115 -28.63 21.37 61.44
C GLY L 115 -28.58 22.14 60.15
N VAL L 116 -27.50 21.94 59.39
CA VAL L 116 -27.32 22.66 58.13
C VAL L 116 -27.40 21.71 56.92
N LEU L 117 -28.44 21.90 56.12
CA LEU L 117 -28.63 21.08 54.94
C LEU L 117 -27.65 21.49 53.85
N THR L 118 -26.78 20.54 53.48
CA THR L 118 -25.82 20.74 52.39
C THR L 118 -26.14 19.79 51.26
N THR L 119 -26.93 20.26 50.30
CA THR L 119 -27.51 19.40 49.28
C THR L 119 -27.14 19.76 47.86
N GLU L 120 -27.99 19.33 46.92
CA GLU L 120 -27.76 19.55 45.49
C GLU L 120 -29.01 20.10 44.81
N SER L 121 -30.16 19.95 45.45
CA SER L 121 -31.41 20.38 44.85
C SER L 121 -32.43 20.79 45.89
N ILE L 122 -33.40 21.58 45.47
CA ILE L 122 -34.50 21.90 46.34
C ILE L 122 -35.19 20.57 46.65
N GLU L 123 -35.09 19.65 45.70
CA GLU L 123 -35.69 18.33 45.81
C GLU L 123 -35.19 17.62 47.04
N GLN L 124 -33.87 17.47 47.12
CA GLN L 124 -33.19 16.85 48.26
C GLN L 124 -33.45 17.58 49.56
N ALA L 125 -33.41 18.91 49.52
CA ALA L 125 -33.65 19.69 50.72
C ALA L 125 -35.07 19.48 51.25
N ILE L 126 -36.06 19.56 50.36
CA ILE L 126 -37.44 19.33 50.80
C ILE L 126 -37.63 17.93 51.34
N GLU L 127 -36.81 16.99 50.88
CA GLU L 127 -36.81 15.63 51.45
C GLU L 127 -36.30 15.62 52.89
N ARG L 128 -35.27 16.41 53.15
CA ARG L 128 -34.57 16.37 54.42
C ARG L 128 -35.09 17.42 55.43
N ALA L 129 -36.17 18.11 55.06
CA ALA L 129 -36.71 19.13 55.94
C ALA L 129 -38.21 18.98 56.13
N GLY L 130 -38.65 17.75 56.43
CA GLY L 130 -40.05 17.52 56.76
C GLY L 130 -40.72 16.33 56.09
N THR L 131 -40.34 16.08 54.84
CA THR L 131 -40.98 15.03 54.06
C THR L 131 -40.28 13.68 54.13
N LYS L 132 -40.12 13.07 52.97
CA LYS L 132 -39.57 11.72 52.85
C LYS L 132 -38.54 11.30 53.93
N ALA L 133 -37.43 12.02 54.02
CA ALA L 133 -36.37 11.60 54.94
C ALA L 133 -36.23 12.50 56.16
N GLY L 134 -37.26 12.53 56.98
CA GLY L 134 -37.20 13.26 58.24
C GLY L 134 -37.17 14.77 58.14
N ASN L 135 -36.66 15.39 59.19
CA ASN L 135 -36.73 16.83 59.34
C ASN L 135 -35.54 17.30 60.14
N LYS L 136 -34.35 17.28 59.51
CA LYS L 136 -33.09 17.48 60.22
C LYS L 136 -33.15 18.52 61.32
N GLY L 137 -33.96 19.56 61.12
CA GLY L 137 -34.12 20.59 62.14
C GLY L 137 -34.44 20.02 63.52
N ALA L 138 -35.43 19.14 63.54
CA ALA L 138 -35.87 18.50 64.77
C ALA L 138 -34.74 17.63 65.29
N GLU L 139 -34.29 16.71 64.47
CA GLU L 139 -33.14 15.87 64.80
C GLU L 139 -32.05 16.71 65.47
N ALA L 140 -31.63 17.79 64.82
CA ALA L 140 -30.60 18.67 65.37
C ALA L 140 -30.92 19.04 66.83
N ALA L 141 -32.18 19.33 67.10
CA ALA L 141 -32.59 19.71 68.44
C ALA L 141 -32.46 18.52 69.40
N LEU L 142 -32.97 17.36 69.01
CA LEU L 142 -32.85 16.20 69.88
C LEU L 142 -31.38 15.90 70.19
N THR L 143 -30.56 15.78 69.14
CA THR L 143 -29.13 15.56 69.32
C THR L 143 -28.56 16.67 70.21
N ALA L 144 -29.08 17.89 70.04
CA ALA L 144 -28.68 19.01 70.88
C ALA L 144 -28.93 18.64 72.33
N LEU L 145 -30.20 18.43 72.66
CA LEU L 145 -30.60 18.03 74.00
C LEU L 145 -29.74 16.88 74.53
N GLU L 146 -29.90 15.70 73.93
CA GLU L 146 -29.13 14.52 74.34
C GLU L 146 -27.71 14.92 74.74
N MET L 147 -27.00 15.60 73.84
CA MET L 147 -25.64 16.04 74.11
C MET L 147 -25.53 16.83 75.40
N ILE L 148 -26.53 17.66 75.68
CA ILE L 148 -26.56 18.41 76.94
C ILE L 148 -26.40 17.46 78.13
N ASN L 149 -27.29 16.48 78.22
CA ASN L 149 -27.25 15.51 79.31
C ASN L 149 -26.06 14.55 79.21
N VAL L 150 -25.57 14.29 78.01
CA VAL L 150 -24.40 13.46 77.86
C VAL L 150 -23.19 14.14 78.52
N LEU L 151 -22.91 15.36 78.09
CA LEU L 151 -21.80 16.12 78.65
C LEU L 151 -22.00 16.15 80.16
N LYS L 152 -23.21 16.50 80.56
CA LYS L 152 -23.55 16.56 81.98
C LYS L 152 -23.16 15.26 82.69
N ALA L 153 -23.23 14.14 81.99
CA ALA L 153 -22.97 12.84 82.60
C ALA L 153 -21.48 12.58 82.79
N ILE L 154 -20.67 13.63 82.70
CA ILE L 154 -19.25 13.52 82.94
C ILE L 154 -18.77 14.75 83.70
N MET M 1 21.76 1.74 68.30
CA MET M 1 20.54 2.44 67.86
C MET M 1 19.29 2.00 68.63
N ASN M 2 18.70 2.90 69.38
CA ASN M 2 17.57 2.53 70.25
C ASN M 2 16.21 2.61 69.57
N ILE M 3 15.45 1.52 69.67
CA ILE M 3 14.19 1.41 68.95
C ILE M 3 13.02 1.27 69.92
N ILE M 4 11.88 1.88 69.58
CA ILE M 4 10.71 1.76 70.44
C ILE M 4 9.57 0.99 69.77
N LYS M 5 9.44 -0.27 70.15
CA LYS M 5 8.31 -1.09 69.71
C LYS M 5 7.50 -1.47 70.93
N ALA M 6 6.21 -1.18 70.91
CA ALA M 6 5.38 -1.40 72.07
C ALA M 6 4.28 -2.43 71.83
N ASN M 7 4.03 -3.27 72.84
CA ASN M 7 2.93 -4.25 72.77
C ASN M 7 1.54 -3.70 73.08
N VAL M 8 0.53 -4.54 72.90
CA VAL M 8 -0.87 -4.12 73.03
C VAL M 8 -1.52 -4.50 74.36
N ALA M 9 -0.71 -4.94 75.31
CA ALA M 9 -1.25 -5.27 76.62
C ALA M 9 -1.05 -4.07 77.55
N ALA M 10 -1.98 -3.87 78.46
CA ALA M 10 -1.93 -2.73 79.37
C ALA M 10 -3.02 -2.80 80.46
N PRO M 11 -2.82 -3.68 81.47
CA PRO M 11 -3.91 -4.10 82.37
C PRO M 11 -4.43 -3.00 83.25
N ASP M 12 -3.70 -1.90 83.36
CA ASP M 12 -4.06 -0.81 84.26
C ASP M 12 -4.87 0.28 83.53
N ALA M 13 -4.37 0.75 82.41
CA ALA M 13 -5.12 1.64 81.55
C ALA M 13 -6.63 1.58 81.77
N ARG M 14 -7.25 2.73 82.03
CA ARG M 14 -8.70 2.88 81.93
C ARG M 14 -9.01 3.54 80.58
N VAL M 15 -9.68 2.79 79.70
CA VAL M 15 -10.03 3.25 78.35
C VAL M 15 -11.49 3.70 78.21
N ALA M 16 -11.72 4.81 77.51
CA ALA M 16 -13.08 5.28 77.27
C ALA M 16 -13.48 5.14 75.82
N ILE M 17 -14.57 4.41 75.61
CA ILE M 17 -15.09 4.17 74.25
C ILE M 17 -16.32 5.01 74.01
N THR M 18 -16.31 5.75 72.90
CA THR M 18 -17.44 6.58 72.52
C THR M 18 -18.07 6.04 71.23
N ILE M 19 -19.39 6.21 71.10
CA ILE M 19 -20.09 5.55 70.00
C ILE M 19 -21.30 6.33 69.53
N ALA M 20 -21.50 6.37 68.22
CA ALA M 20 -22.69 6.96 67.64
C ALA M 20 -23.74 5.88 67.47
N ARG M 21 -24.98 6.19 67.85
CA ARG M 21 -26.07 5.21 67.74
C ARG M 21 -26.67 5.17 66.33
N PHE M 22 -26.53 6.27 65.60
CA PHE M 22 -26.82 6.28 64.16
C PHE M 22 -25.94 5.25 63.46
N ASN M 23 -26.56 4.44 62.60
CA ASN M 23 -25.87 3.32 62.01
C ASN M 23 -25.53 2.34 63.10
N GLN M 24 -26.42 2.23 64.07
CA GLN M 24 -26.28 1.26 65.14
C GLN M 24 -26.00 -0.13 64.57
N PHE M 25 -26.85 -0.56 63.66
CA PHE M 25 -26.76 -1.92 63.14
C PHE M 25 -25.35 -2.27 62.69
N ILE M 26 -24.48 -1.27 62.57
CA ILE M 26 -23.11 -1.47 62.14
C ILE M 26 -22.12 -1.07 63.22
N ASN M 27 -22.38 0.06 63.88
CA ASN M 27 -21.53 0.49 64.98
C ASN M 27 -21.56 -0.50 66.14
N ASP M 28 -22.57 -1.36 66.19
CA ASP M 28 -22.69 -2.26 67.33
C ASP M 28 -21.62 -3.30 67.30
N SER M 29 -21.27 -3.77 66.12
CA SER M 29 -20.17 -4.73 66.01
C SER M 29 -18.83 -4.05 66.28
N LEU M 30 -18.71 -2.80 65.83
CA LEU M 30 -17.55 -1.98 66.17
C LEU M 30 -17.27 -2.02 67.68
N LEU M 31 -18.30 -1.84 68.49
CA LEU M 31 -18.13 -1.90 69.93
C LEU M 31 -17.71 -3.29 70.33
N ASP M 32 -18.42 -4.31 69.87
CA ASP M 32 -18.07 -5.67 70.23
C ASP M 32 -16.60 -5.95 69.96
N GLY M 33 -16.16 -5.57 68.78
CA GLY M 33 -14.75 -5.72 68.45
C GLY M 33 -13.90 -4.97 69.45
N ALA M 34 -14.13 -3.67 69.56
CA ALA M 34 -13.38 -2.83 70.47
C ALA M 34 -13.25 -3.53 71.81
N VAL M 35 -14.38 -3.75 72.48
CA VAL M 35 -14.35 -4.29 73.83
C VAL M 35 -13.58 -5.60 73.93
N ASP M 36 -13.97 -6.59 73.14
CA ASP M 36 -13.24 -7.86 73.12
C ASP M 36 -11.75 -7.59 73.11
N ALA M 37 -11.26 -6.99 72.03
CA ALA M 37 -9.85 -6.70 71.86
C ALA M 37 -9.28 -5.97 73.06
N LEU M 38 -10.09 -5.12 73.69
CA LEU M 38 -9.64 -4.35 74.83
C LEU M 38 -9.31 -5.24 76.01
N THR M 39 -10.29 -6.03 76.43
CA THR M 39 -10.09 -6.94 77.53
C THR M 39 -9.22 -8.09 77.08
N ARG M 40 -9.83 -9.02 76.33
CA ARG M 40 -9.15 -10.22 75.87
C ARG M 40 -7.66 -10.00 75.55
N ILE M 41 -7.38 -9.10 74.61
CA ILE M 41 -6.02 -8.89 74.12
C ILE M 41 -5.22 -7.91 74.98
N GLY M 42 -5.86 -6.83 75.39
CA GLY M 42 -5.18 -5.77 76.11
C GLY M 42 -5.16 -5.93 77.62
N GLN M 43 -5.75 -7.01 78.11
CA GLN M 43 -5.71 -7.34 79.54
C GLN M 43 -6.41 -6.30 80.37
N VAL M 44 -7.27 -5.51 79.73
CA VAL M 44 -8.01 -4.46 80.43
C VAL M 44 -9.25 -4.95 81.20
N LYS M 45 -9.32 -4.61 82.48
CA LYS M 45 -10.45 -5.04 83.28
C LYS M 45 -11.69 -4.28 82.82
N ASP M 46 -12.81 -5.00 82.74
CA ASP M 46 -14.01 -4.45 82.12
C ASP M 46 -14.70 -3.35 82.92
N ASP M 47 -14.12 -2.95 84.04
CA ASP M 47 -14.68 -1.82 84.74
C ASP M 47 -13.77 -0.60 84.59
N ASN M 48 -12.68 -0.76 83.85
CA ASN M 48 -11.85 0.38 83.49
C ASN M 48 -12.24 0.79 82.09
N ILE M 49 -13.31 0.17 81.62
CA ILE M 49 -13.90 0.51 80.35
C ILE M 49 -15.22 1.21 80.56
N THR M 50 -15.29 2.48 80.18
CA THR M 50 -16.58 3.16 80.16
C THR M 50 -16.96 3.47 78.72
N VAL M 51 -18.26 3.39 78.46
CA VAL M 51 -18.79 3.54 77.10
C VAL M 51 -19.80 4.69 76.98
N VAL M 52 -19.40 5.76 76.32
CA VAL M 52 -20.28 6.88 76.18
C VAL M 52 -20.98 6.82 74.82
N TRP M 53 -22.30 6.99 74.83
CA TRP M 53 -23.13 6.92 73.61
C TRP M 53 -23.64 8.29 73.18
N VAL M 54 -23.03 8.87 72.16
CA VAL M 54 -23.54 10.11 71.58
C VAL M 54 -24.42 9.78 70.37
N PRO M 55 -25.36 10.68 70.04
CA PRO M 55 -26.24 10.44 68.90
C PRO M 55 -25.49 10.09 67.63
N GLY M 56 -24.93 11.11 66.98
CA GLY M 56 -24.28 10.96 65.67
C GLY M 56 -22.77 11.08 65.67
N ALA M 57 -22.16 10.56 64.60
CA ALA M 57 -20.72 10.59 64.45
C ALA M 57 -20.16 12.00 64.53
N TYR M 58 -21.02 12.98 64.27
CA TYR M 58 -20.61 14.38 64.31
C TYR M 58 -20.34 14.83 65.73
N GLU M 59 -20.90 14.09 66.68
CA GLU M 59 -20.80 14.48 68.08
C GLU M 59 -19.61 13.78 68.75
N LEU M 60 -19.10 12.74 68.09
CA LEU M 60 -17.99 11.97 68.64
C LEU M 60 -16.92 12.85 69.27
N PRO M 61 -16.55 13.94 68.60
CA PRO M 61 -15.49 14.80 69.14
C PRO M 61 -15.79 15.28 70.56
N LEU M 62 -16.80 16.14 70.72
CA LEU M 62 -17.10 16.75 72.03
C LEU M 62 -17.11 15.71 73.15
N ALA M 63 -17.81 14.61 72.90
CA ALA M 63 -17.78 13.48 73.81
C ALA M 63 -16.32 13.13 74.16
N THR M 64 -15.52 12.78 73.14
CA THR M 64 -14.16 12.32 73.36
C THR M 64 -13.22 13.43 73.86
N GLU M 65 -13.71 14.66 73.91
CA GLU M 65 -12.90 15.72 74.52
C GLU M 65 -13.19 15.79 76.02
N ALA M 66 -14.47 15.96 76.37
CA ALA M 66 -14.89 15.90 77.76
C ALA M 66 -14.28 14.69 78.47
N LEU M 67 -14.16 13.58 77.74
CA LEU M 67 -13.56 12.38 78.29
C LEU M 67 -12.08 12.61 78.52
N ALA M 68 -11.30 12.70 77.44
CA ALA M 68 -9.85 12.84 77.55
C ALA M 68 -9.48 13.97 78.49
N LYS M 69 -10.10 15.13 78.28
CA LYS M 69 -9.90 16.26 79.20
C LYS M 69 -9.99 15.81 80.66
N SER M 70 -11.18 15.31 81.03
CA SER M 70 -11.44 14.75 82.36
C SER M 70 -10.18 14.23 83.02
N GLY M 71 -9.42 13.41 82.30
CA GLY M 71 -8.16 12.89 82.79
C GLY M 71 -8.20 11.44 83.25
N LYS M 72 -9.34 11.01 83.77
CA LYS M 72 -9.49 9.66 84.30
C LYS M 72 -9.07 8.55 83.33
N TYR M 73 -9.18 8.81 82.02
CA TYR M 73 -8.91 7.77 81.02
C TYR M 73 -7.55 7.91 80.36
N ASP M 74 -6.99 6.77 79.97
CA ASP M 74 -5.68 6.72 79.33
C ASP M 74 -5.74 6.80 77.80
N ALA M 75 -6.92 6.58 77.24
CA ALA M 75 -7.15 6.67 75.81
C ALA M 75 -8.64 6.58 75.49
N VAL M 76 -9.01 7.12 74.35
CA VAL M 76 -10.40 7.10 73.94
C VAL M 76 -10.48 6.36 72.63
N VAL M 77 -11.38 5.39 72.56
CA VAL M 77 -11.67 4.76 71.30
C VAL M 77 -12.95 5.33 70.70
N ALA M 78 -12.82 6.04 69.60
CA ALA M 78 -13.97 6.65 68.91
C ALA M 78 -14.59 5.75 67.83
N LEU M 79 -15.87 5.44 67.97
CA LEU M 79 -16.50 4.45 67.11
C LEU M 79 -17.76 5.00 66.48
N GLY M 80 -17.75 5.10 65.15
CA GLY M 80 -18.89 5.60 64.41
C GLY M 80 -18.87 5.10 62.99
N THR M 81 -19.97 5.32 62.28
CA THR M 81 -20.08 4.89 60.88
C THR M 81 -20.80 5.93 60.03
N VAL M 82 -20.16 6.34 58.93
CA VAL M 82 -20.72 7.34 58.03
C VAL M 82 -20.71 6.80 56.62
N ILE M 83 -21.90 6.59 56.05
CA ILE M 83 -22.00 6.05 54.71
C ILE M 83 -22.62 7.12 53.83
N ARG M 84 -21.86 7.53 52.81
CA ARG M 84 -22.29 8.56 51.86
C ARG M 84 -23.69 8.35 51.28
N GLY M 85 -24.30 9.44 50.82
CA GLY M 85 -25.62 9.36 50.24
C GLY M 85 -25.91 10.40 49.17
N GLY M 86 -27.16 10.82 49.10
CA GLY M 86 -27.60 11.75 48.08
C GLY M 86 -26.79 13.02 47.99
N THR M 87 -26.52 13.64 49.14
CA THR M 87 -25.80 14.91 49.13
C THR M 87 -24.45 14.72 49.77
N ALA M 88 -23.62 15.76 49.69
CA ALA M 88 -22.39 15.79 50.45
C ALA M 88 -22.67 16.33 51.87
N HIS M 89 -23.48 15.58 52.61
CA HIS M 89 -23.60 15.74 54.06
C HIS M 89 -22.47 14.91 54.60
N PHE M 90 -22.38 13.66 54.13
CA PHE M 90 -21.27 12.76 54.41
C PHE M 90 -19.94 13.50 54.52
N GLU M 91 -19.67 14.32 53.51
CA GLU M 91 -18.48 15.13 53.47
C GLU M 91 -18.22 15.82 54.81
N TYR M 92 -19.18 16.67 55.21
CA TYR M 92 -19.01 17.51 56.39
C TYR M 92 -19.04 16.74 57.71
N VAL M 93 -19.87 15.71 57.79
CA VAL M 93 -19.92 14.89 58.99
C VAL M 93 -18.58 14.17 59.15
N ALA M 94 -18.32 13.22 58.27
CA ALA M 94 -17.07 12.47 58.29
C ALA M 94 -15.87 13.38 58.56
N GLY M 95 -15.79 14.49 57.84
CA GLY M 95 -14.70 15.43 57.99
C GLY M 95 -14.64 16.11 59.34
N GLY M 96 -15.73 16.82 59.69
CA GLY M 96 -15.83 17.52 60.98
C GLY M 96 -15.65 16.63 62.20
N ALA M 97 -15.66 15.32 61.97
CA ALA M 97 -15.47 14.35 63.03
C ALA M 97 -14.15 13.61 62.84
N SER M 98 -13.50 13.82 61.71
CA SER M 98 -12.13 13.33 61.55
C SER M 98 -11.19 14.40 62.10
N ASN M 99 -11.21 15.57 61.47
CA ASN M 99 -10.48 16.72 61.98
C ASN M 99 -10.81 16.99 63.43
N GLY M 100 -12.04 16.66 63.81
CA GLY M 100 -12.47 16.82 65.18
C GLY M 100 -11.68 15.94 66.13
N LEU M 101 -11.89 14.63 66.03
CA LEU M 101 -11.20 13.67 66.89
C LEU M 101 -9.68 13.83 66.82
N ALA M 102 -9.19 14.31 65.67
CA ALA M 102 -7.77 14.58 65.49
C ALA M 102 -7.28 15.70 66.41
N SER M 103 -8.00 16.82 66.39
CA SER M 103 -7.68 17.96 67.25
C SER M 103 -7.78 17.62 68.75
N VAL M 104 -8.78 16.82 69.12
CA VAL M 104 -8.92 16.38 70.50
C VAL M 104 -7.65 15.66 70.96
N ALA M 105 -7.03 14.92 70.05
CA ALA M 105 -5.79 14.24 70.34
C ALA M 105 -4.65 15.21 70.66
N GLN M 106 -4.29 16.02 69.66
CA GLN M 106 -3.15 16.93 69.80
C GLN M 106 -3.28 17.95 70.92
N ASP M 107 -4.48 18.10 71.46
CA ASP M 107 -4.73 19.08 72.52
C ASP M 107 -4.83 18.45 73.91
N SER M 108 -4.98 17.13 73.97
CA SER M 108 -5.18 16.45 75.23
C SER M 108 -4.02 15.53 75.54
N GLY M 109 -3.25 15.18 74.50
CA GLY M 109 -2.12 14.30 74.67
C GLY M 109 -2.59 12.87 74.87
N VAL M 110 -3.90 12.71 74.92
CA VAL M 110 -4.51 11.41 75.06
C VAL M 110 -4.72 10.78 73.70
N PRO M 111 -4.16 9.59 73.51
CA PRO M 111 -4.35 8.93 72.21
C PRO M 111 -5.84 8.69 71.96
N VAL M 112 -6.24 8.81 70.71
CA VAL M 112 -7.62 8.57 70.32
C VAL M 112 -7.67 7.76 69.02
N ALA M 113 -8.42 6.66 69.05
CA ALA M 113 -8.50 5.78 67.90
C ALA M 113 -9.59 6.27 66.92
N PHE M 114 -9.21 6.45 65.66
CA PHE M 114 -10.17 6.88 64.64
C PHE M 114 -10.89 5.67 64.12
N GLY M 115 -11.76 5.09 64.95
CA GLY M 115 -12.57 3.95 64.54
C GLY M 115 -13.88 4.35 63.85
N VAL M 116 -13.77 5.29 62.92
CA VAL M 116 -14.94 5.77 62.22
C VAL M 116 -14.90 5.33 60.76
N LEU M 117 -15.87 4.49 60.39
CA LEU M 117 -15.96 3.99 59.03
C LEU M 117 -16.52 5.07 58.15
N THR M 118 -15.74 5.47 57.14
CA THR M 118 -16.17 6.45 56.16
C THR M 118 -16.26 5.78 54.80
N THR M 119 -17.46 5.29 54.45
CA THR M 119 -17.61 4.43 53.29
C THR M 119 -18.58 4.94 52.22
N GLU M 120 -19.06 4.02 51.38
CA GLU M 120 -19.95 4.35 50.27
C GLU M 120 -21.18 3.45 50.27
N SER M 121 -21.13 2.35 51.02
CA SER M 121 -22.23 1.42 51.04
C SER M 121 -22.32 0.67 52.35
N ILE M 122 -23.50 0.12 52.63
CA ILE M 122 -23.68 -0.77 53.75
C ILE M 122 -22.79 -1.96 53.46
N GLU M 123 -22.63 -2.26 52.17
CA GLU M 123 -21.78 -3.36 51.71
C GLU M 123 -20.34 -3.23 52.22
N GLN M 124 -19.73 -2.09 51.91
CA GLN M 124 -18.38 -1.77 52.37
C GLN M 124 -18.27 -1.74 53.90
N ALA M 125 -19.25 -1.12 54.54
CA ALA M 125 -19.21 -1.03 56.01
C ALA M 125 -19.24 -2.42 56.65
N ILE M 126 -20.17 -3.26 56.20
CA ILE M 126 -20.29 -4.60 56.72
C ILE M 126 -19.00 -5.37 56.48
N GLU M 127 -18.26 -4.99 55.44
CA GLU M 127 -16.95 -5.61 55.18
C GLU M 127 -15.94 -5.20 56.24
N ARG M 128 -15.99 -3.92 56.61
CA ARG M 128 -14.99 -3.36 57.49
C ARG M 128 -15.35 -3.40 58.98
N ALA M 129 -16.43 -4.11 59.31
CA ALA M 129 -16.90 -4.18 60.68
C ALA M 129 -17.23 -5.61 61.07
N GLY M 130 -16.31 -6.53 60.82
CA GLY M 130 -16.47 -7.90 61.27
C GLY M 130 -16.24 -8.98 60.23
N THR M 131 -16.61 -8.70 59.00
CA THR M 131 -16.53 -9.71 57.95
C THR M 131 -15.22 -9.66 57.16
N LYS M 132 -15.36 -9.76 55.84
CA LYS M 132 -14.25 -9.84 54.91
C LYS M 132 -12.97 -9.12 55.33
N ALA M 133 -13.03 -7.81 55.53
CA ALA M 133 -11.82 -7.06 55.81
C ALA M 133 -11.75 -6.58 57.25
N GLY M 134 -11.76 -7.52 58.20
CA GLY M 134 -11.54 -7.17 59.59
C GLY M 134 -12.67 -6.49 60.31
N ASN M 135 -12.33 -5.78 61.38
CA ASN M 135 -13.31 -5.22 62.31
C ASN M 135 -12.71 -3.96 62.93
N LYS M 136 -12.64 -2.90 62.14
CA LYS M 136 -11.92 -1.68 62.54
C LYS M 136 -12.11 -1.35 64.02
N GLY M 137 -13.28 -1.62 64.55
CA GLY M 137 -13.58 -1.34 65.95
C GLY M 137 -12.52 -1.89 66.86
N ALA M 138 -12.21 -3.18 66.64
CA ALA M 138 -11.19 -3.87 67.42
C ALA M 138 -9.82 -3.25 67.16
N GLU M 139 -9.47 -3.16 65.88
CA GLU M 139 -8.24 -2.51 65.47
C GLU M 139 -8.07 -1.19 66.20
N ALA M 140 -9.10 -0.36 66.17
CA ALA M 140 -9.06 0.94 66.82
C ALA M 140 -8.63 0.81 68.27
N ALA M 141 -9.10 -0.24 68.92
CA ALA M 141 -8.77 -0.47 70.32
C ALA M 141 -7.30 -0.87 70.50
N LEU M 142 -6.81 -1.76 69.65
CA LEU M 142 -5.41 -2.19 69.72
C LEU M 142 -4.48 -1.03 69.47
N THR M 143 -4.73 -0.29 68.39
CA THR M 143 -3.95 0.91 68.12
C THR M 143 -4.06 1.89 69.29
N ALA M 144 -5.26 1.96 69.88
CA ALA M 144 -5.45 2.71 71.10
C ALA M 144 -4.42 2.28 72.11
N LEU M 145 -4.59 1.07 72.61
CA LEU M 145 -3.66 0.49 73.58
C LEU M 145 -2.23 0.78 73.18
N GLU M 146 -1.78 0.18 72.07
CA GLU M 146 -0.38 0.34 71.65
C GLU M 146 0.06 1.79 71.89
N MET M 147 -0.70 2.73 71.35
CA MET M 147 -0.33 4.14 71.50
C MET M 147 -0.12 4.53 72.97
N ILE M 148 -0.96 4.00 73.85
CA ILE M 148 -0.79 4.24 75.27
C ILE M 148 0.63 3.96 75.68
N ASN M 149 1.09 2.74 75.41
CA ASN M 149 2.43 2.34 75.82
C ASN M 149 3.52 3.04 75.01
N VAL M 150 3.20 3.42 73.78
CA VAL M 150 4.17 4.10 72.93
C VAL M 150 4.49 5.46 73.51
N LEU M 151 3.45 6.25 73.72
CA LEU M 151 3.61 7.53 74.38
C LEU M 151 4.36 7.34 75.70
N LYS M 152 3.89 6.38 76.50
CA LYS M 152 4.54 6.07 77.77
C LYS M 152 6.04 5.89 77.58
N ALA M 153 6.43 5.32 76.43
CA ALA M 153 7.83 4.99 76.21
C ALA M 153 8.67 6.21 75.88
N ILE M 154 8.12 7.39 76.15
CA ILE M 154 8.88 8.61 75.97
C ILE M 154 8.63 9.58 77.13
N MET N 1 24.23 40.43 48.34
CA MET N 1 23.02 39.64 48.60
C MET N 1 23.32 38.32 49.30
N ASN N 2 22.87 38.16 50.53
CA ASN N 2 23.18 36.97 51.31
C ASN N 2 22.21 35.81 51.09
N ILE N 3 22.79 34.64 50.85
CA ILE N 3 22.05 33.45 50.48
C ILE N 3 22.28 32.33 51.50
N ILE N 4 21.22 31.60 51.84
CA ILE N 4 21.38 30.46 52.72
C ILE N 4 21.18 29.12 52.00
N LYS N 5 22.26 28.42 51.70
CA LYS N 5 22.17 27.07 51.18
C LYS N 5 22.77 26.14 52.20
N ALA N 6 22.04 25.10 52.60
CA ALA N 6 22.54 24.23 53.64
C ALA N 6 22.75 22.78 53.20
N ASN N 7 23.85 22.17 53.67
CA ASN N 7 24.19 20.78 53.36
C ASN N 7 23.45 19.77 54.24
N VAL N 8 23.59 18.49 53.91
CA VAL N 8 22.82 17.44 54.55
C VAL N 8 23.62 16.68 55.61
N ALA N 9 24.79 17.18 55.97
CA ALA N 9 25.58 16.54 57.01
C ALA N 9 25.30 17.22 58.35
N ALA N 10 25.29 16.42 59.42
CA ALA N 10 24.99 16.91 60.75
C ALA N 10 25.15 15.81 61.82
N PRO N 11 26.38 15.37 62.10
CA PRO N 11 26.56 14.25 63.04
C PRO N 11 26.03 14.47 64.48
N ASP N 12 26.39 15.62 65.04
CA ASP N 12 26.26 15.88 66.47
C ASP N 12 24.82 15.89 66.99
N ALA N 13 23.83 15.91 66.10
CA ALA N 13 22.42 15.99 66.51
C ALA N 13 21.74 14.62 66.69
N ARG N 14 20.47 14.59 67.08
CA ARG N 14 19.74 13.33 67.32
C ARG N 14 18.37 13.34 66.60
N VAL N 15 18.22 12.42 65.66
CA VAL N 15 17.02 12.34 64.85
C VAL N 15 16.07 11.23 65.33
N ALA N 16 14.78 11.55 65.38
CA ALA N 16 13.78 10.53 65.67
C ALA N 16 12.92 10.13 64.45
N ILE N 17 12.91 8.83 64.14
CA ILE N 17 12.13 8.28 63.05
C ILE N 17 10.92 7.55 63.60
N THR N 18 9.75 7.88 63.06
CA THR N 18 8.49 7.23 63.42
C THR N 18 7.95 6.42 62.22
N ILE N 19 7.26 5.33 62.49
CA ILE N 19 6.86 4.45 61.40
C ILE N 19 5.57 3.69 61.70
N ALA N 20 4.76 3.52 60.68
CA ALA N 20 3.55 2.73 60.82
C ALA N 20 3.82 1.33 60.33
N ARG N 21 3.42 0.33 61.10
CA ARG N 21 3.67 -1.07 60.74
C ARG N 21 2.68 -1.58 59.70
N PHE N 22 1.50 -0.98 59.65
CA PHE N 22 0.56 -1.23 58.55
C PHE N 22 1.25 -0.89 57.21
N ASN N 23 1.16 -1.78 56.25
CA ASN N 23 1.93 -1.61 55.04
C ASN N 23 3.40 -1.74 55.34
N GLN N 24 3.69 -2.58 56.32
CA GLN N 24 5.08 -2.91 56.66
C GLN N 24 5.87 -3.27 55.42
N PHE N 25 5.33 -4.21 54.64
CA PHE N 25 6.07 -4.72 53.49
C PHE N 25 6.61 -3.59 52.61
N ILE N 26 6.11 -2.38 52.83
CA ILE N 26 6.54 -1.24 52.04
C ILE N 26 7.23 -0.20 52.91
N ASN N 27 6.65 0.05 54.07
CA ASN N 27 7.26 0.96 55.03
C ASN N 27 8.65 0.51 55.47
N ASP N 28 8.93 -0.79 55.32
CA ASP N 28 10.17 -1.31 55.86
C ASP N 28 11.32 -0.77 55.05
N SER N 29 11.12 -0.62 53.75
CA SER N 29 12.18 -0.09 52.90
C SER N 29 12.34 1.38 53.22
N LEU N 30 11.21 2.05 53.41
CA LEU N 30 11.24 3.44 53.79
C LEU N 30 12.23 3.66 54.95
N LEU N 31 12.17 2.77 55.95
CA LEU N 31 13.07 2.89 57.10
C LEU N 31 14.49 2.69 56.66
N ASP N 32 14.72 1.65 55.86
CA ASP N 32 16.06 1.34 55.37
C ASP N 32 16.67 2.53 54.66
N GLY N 33 15.93 3.09 53.74
CA GLY N 33 16.36 4.32 53.11
C GLY N 33 16.67 5.39 54.14
N ALA N 34 15.66 5.77 54.91
CA ALA N 34 15.84 6.77 55.94
C ALA N 34 17.17 6.60 56.69
N VAL N 35 17.26 5.51 57.45
CA VAL N 35 18.44 5.23 58.27
C VAL N 35 19.76 5.31 57.49
N ASP N 36 19.87 4.56 56.39
CA ASP N 36 21.08 4.65 55.58
C ASP N 36 21.42 6.10 55.34
N ALA N 37 20.53 6.83 54.68
CA ALA N 37 20.74 8.23 54.37
C ALA N 37 21.12 9.04 55.61
N LEU N 38 20.53 8.69 56.73
CA LEU N 38 20.78 9.41 57.96
C LEU N 38 22.23 9.30 58.41
N THR N 39 22.69 8.07 58.58
CA THR N 39 24.06 7.80 58.98
C THR N 39 25.02 8.08 57.84
N ARG N 40 25.09 7.16 56.88
CA ARG N 40 25.96 7.25 55.71
C ARG N 40 26.15 8.67 55.16
N ILE N 41 25.05 9.34 54.80
CA ILE N 41 25.12 10.66 54.18
C ILE N 41 25.20 11.80 55.20
N GLY N 42 24.35 11.73 56.23
CA GLY N 42 24.24 12.79 57.22
C GLY N 42 25.20 12.69 58.40
N GLN N 43 26.03 11.66 58.41
CA GLN N 43 27.10 11.52 59.40
C GLN N 43 26.52 11.34 60.80
N VAL N 44 25.27 10.91 60.87
CA VAL N 44 24.61 10.72 62.18
C VAL N 44 24.96 9.40 62.85
N LYS N 45 25.39 9.46 64.09
CA LYS N 45 25.72 8.24 64.81
C LYS N 45 24.44 7.46 65.07
N ASP N 46 24.52 6.15 64.92
CA ASP N 46 23.33 5.32 64.95
C ASP N 46 22.70 5.16 66.32
N ASP N 47 23.25 5.82 67.33
CA ASP N 47 22.62 5.84 68.66
C ASP N 47 21.96 7.19 68.95
N ASN N 48 22.07 8.11 68.00
CA ASN N 48 21.30 9.35 68.08
C ASN N 48 20.04 9.19 67.23
N ILE N 49 19.85 7.97 66.75
CA ILE N 49 18.68 7.62 65.98
C ILE N 49 17.80 6.73 66.84
N THR N 50 16.63 7.22 67.20
CA THR N 50 15.64 6.36 67.82
C THR N 50 14.48 6.15 66.85
N VAL N 51 13.88 4.97 66.90
CA VAL N 51 12.83 4.63 65.97
C VAL N 51 11.56 4.23 66.70
N VAL N 52 10.53 5.05 66.59
CA VAL N 52 9.26 4.77 67.26
C VAL N 52 8.28 4.12 66.29
N TRP N 53 7.69 3.01 66.71
CA TRP N 53 6.76 2.26 65.85
C TRP N 53 5.30 2.40 66.31
N VAL N 54 4.52 3.19 65.60
CA VAL N 54 3.09 3.27 65.87
C VAL N 54 2.35 2.35 64.92
N PRO N 55 1.14 1.93 65.31
CA PRO N 55 0.35 1.04 64.45
C PRO N 55 0.17 1.60 63.05
N GLY N 56 -0.71 2.59 62.90
CA GLY N 56 -1.06 3.12 61.59
C GLY N 56 -0.60 4.53 61.29
N ALA N 57 -0.59 4.87 60.01
CA ALA N 57 -0.16 6.17 59.57
C ALA N 57 -0.99 7.26 60.18
N TYR N 58 -2.16 6.90 60.69
CA TYR N 58 -3.05 7.88 61.34
C TYR N 58 -2.50 8.33 62.68
N GLU N 59 -1.59 7.52 63.23
CA GLU N 59 -1.08 7.74 64.56
C GLU N 59 0.23 8.48 64.49
N LEU N 60 0.82 8.51 63.30
CA LEU N 60 2.12 9.16 63.08
C LEU N 60 2.24 10.50 63.82
N PRO N 61 1.19 11.32 63.73
CA PRO N 61 1.24 12.63 64.39
C PRO N 61 1.55 12.54 65.87
N LEU N 62 0.59 12.04 66.66
CA LEU N 62 0.79 12.00 68.11
C LEU N 62 2.19 11.50 68.48
N ALA N 63 2.62 10.41 67.85
CA ALA N 63 3.98 9.95 68.03
C ALA N 63 4.98 11.08 67.78
N THR N 64 4.96 11.65 66.58
CA THR N 64 5.96 12.66 66.24
C THR N 64 5.79 13.98 66.99
N GLU N 65 4.73 14.08 67.80
CA GLU N 65 4.56 15.24 68.67
C GLU N 65 5.24 14.99 70.02
N ALA N 66 4.82 13.94 70.71
CA ALA N 66 5.49 13.52 71.93
C ALA N 66 7.01 13.47 71.74
N LEU N 67 7.46 13.17 70.53
CA LEU N 67 8.88 13.17 70.26
C LEU N 67 9.39 14.59 70.20
N ALA N 68 8.97 15.34 69.19
CA ALA N 68 9.48 16.68 69.01
C ALA N 68 9.33 17.47 70.29
N LYS N 69 8.13 17.42 70.87
CA LYS N 69 7.86 18.10 72.13
C LYS N 69 8.98 17.79 73.11
N SER N 70 9.17 16.50 73.40
CA SER N 70 10.23 16.00 74.31
C SER N 70 11.49 16.87 74.31
N GLY N 71 11.95 17.24 73.12
CA GLY N 71 13.06 18.16 73.00
C GLY N 71 14.34 17.46 72.62
N LYS N 72 14.50 16.24 73.11
CA LYS N 72 15.74 15.49 72.91
C LYS N 72 16.18 15.43 71.43
N TYR N 73 15.23 15.47 70.49
CA TYR N 73 15.53 15.26 69.08
C TYR N 73 15.57 16.54 68.26
N ASP N 74 16.40 16.56 67.22
CA ASP N 74 16.57 17.74 66.37
C ASP N 74 15.64 17.73 65.18
N ALA N 75 15.05 16.58 64.90
CA ALA N 75 14.11 16.44 63.81
C ALA N 75 13.45 15.07 63.84
N VAL N 76 12.26 14.98 63.26
CA VAL N 76 11.54 13.74 63.24
C VAL N 76 11.26 13.37 61.81
N VAL N 77 11.61 12.14 61.46
CA VAL N 77 11.30 11.63 60.12
C VAL N 77 10.09 10.72 60.21
N ALA N 78 8.98 11.17 59.64
CA ALA N 78 7.71 10.44 59.65
C ALA N 78 7.58 9.52 58.44
N LEU N 79 7.42 8.23 58.71
CA LEU N 79 7.43 7.23 57.67
C LEU N 79 6.20 6.33 57.70
N GLY N 80 5.41 6.40 56.62
CA GLY N 80 4.20 5.60 56.51
C GLY N 80 3.78 5.41 55.06
N THR N 81 2.78 4.56 54.85
CA THR N 81 2.28 4.30 53.51
C THR N 81 0.76 4.15 53.55
N VAL N 82 0.08 4.89 52.69
CA VAL N 82 -1.37 4.81 52.58
C VAL N 82 -1.73 4.62 51.13
N ILE N 83 -2.34 3.48 50.81
CA ILE N 83 -2.75 3.17 49.44
C ILE N 83 -4.27 3.09 49.33
N ARG N 84 -4.86 3.97 48.53
CA ARG N 84 -6.30 4.06 48.39
C ARG N 84 -6.99 2.71 48.15
N GLY N 85 -8.27 2.64 48.50
CA GLY N 85 -9.06 1.43 48.30
C GLY N 85 -10.54 1.64 47.99
N GLY N 86 -11.36 0.70 48.47
CA GLY N 86 -12.78 0.70 48.19
C GLY N 86 -13.50 1.97 48.60
N THR N 87 -13.19 2.48 49.79
CA THR N 87 -13.85 3.70 50.28
C THR N 87 -12.84 4.82 50.42
N ALA N 88 -13.35 6.02 50.69
CA ALA N 88 -12.51 7.15 51.03
C ALA N 88 -12.19 7.12 52.51
N HIS N 89 -11.53 6.05 52.94
CA HIS N 89 -10.87 6.00 54.23
C HIS N 89 -9.53 6.66 53.99
N PHE N 90 -8.86 6.18 52.95
CA PHE N 90 -7.61 6.78 52.47
C PHE N 90 -7.63 8.28 52.65
N GLU N 91 -8.74 8.88 52.26
CA GLU N 91 -8.88 10.32 52.27
C GLU N 91 -8.54 10.80 53.65
N TYR N 92 -9.25 10.28 54.64
CA TYR N 92 -9.21 10.82 56.01
C TYR N 92 -7.90 10.47 56.71
N VAL N 93 -7.42 9.27 56.45
CA VAL N 93 -6.17 8.87 57.05
C VAL N 93 -5.07 9.78 56.48
N ALA N 94 -4.78 9.60 55.21
CA ALA N 94 -3.74 10.37 54.55
C ALA N 94 -3.80 11.82 54.99
N GLY N 95 -5.00 12.38 55.01
CA GLY N 95 -5.17 13.78 55.32
C GLY N 95 -4.89 14.09 56.77
N GLY N 96 -5.60 13.40 57.66
CA GLY N 96 -5.47 13.65 59.07
C GLY N 96 -4.05 13.41 59.54
N ALA N 97 -3.22 12.83 58.68
CA ALA N 97 -1.83 12.55 59.05
C ALA N 97 -0.89 13.42 58.23
N SER N 98 -1.43 14.12 57.24
CA SER N 98 -0.65 15.13 56.55
C SER N 98 -0.78 16.42 57.33
N ASN N 99 -2.01 16.93 57.43
CA ASN N 99 -2.32 18.09 58.25
C ASN N 99 -1.82 17.87 59.67
N GLY N 100 -1.83 16.62 60.09
CA GLY N 100 -1.36 16.28 61.40
C GLY N 100 0.11 16.62 61.54
N LEU N 101 0.96 15.85 60.84
CA LEU N 101 2.41 16.03 60.93
C LEU N 101 2.80 17.47 60.60
N ALA N 102 2.00 18.11 59.76
CA ALA N 102 2.22 19.51 59.42
C ALA N 102 2.08 20.40 60.66
N SER N 103 1.00 20.20 61.40
CA SER N 103 0.74 21.02 62.59
C SER N 103 1.81 20.78 63.67
N VAL N 104 2.25 19.53 63.81
CA VAL N 104 3.29 19.20 64.78
C VAL N 104 4.57 19.98 64.48
N ALA N 105 4.81 20.26 63.21
CA ALA N 105 5.95 21.06 62.82
C ALA N 105 5.81 22.49 63.32
N GLN N 106 4.79 23.19 62.85
CA GLN N 106 4.62 24.61 63.12
C GLN N 106 4.44 24.93 64.59
N ASP N 107 4.16 23.91 65.40
CA ASP N 107 3.95 24.10 66.85
C ASP N 107 5.15 23.69 67.73
N SER N 108 6.10 22.99 67.13
CA SER N 108 7.26 22.50 67.87
C SER N 108 8.53 23.18 67.40
N GLY N 109 8.51 23.69 66.18
CA GLY N 109 9.68 24.33 65.62
C GLY N 109 10.67 23.30 65.17
N VAL N 110 10.34 22.04 65.42
CA VAL N 110 11.14 20.91 64.98
C VAL N 110 10.76 20.48 63.57
N PRO N 111 11.74 20.46 62.65
CA PRO N 111 11.45 20.02 61.30
C PRO N 111 10.91 18.60 61.32
N VAL N 112 9.97 18.32 60.43
CA VAL N 112 9.42 16.98 60.30
C VAL N 112 9.31 16.59 58.82
N ALA N 113 9.86 15.43 58.46
CA ALA N 113 9.82 14.96 57.08
C ALA N 113 8.53 14.21 56.78
N PHE N 114 7.80 14.68 55.77
CA PHE N 114 6.59 14.02 55.36
C PHE N 114 6.91 12.82 54.48
N GLY N 115 7.50 11.78 55.08
CA GLY N 115 7.81 10.56 54.35
C GLY N 115 6.65 9.57 54.28
N VAL N 116 5.48 10.10 53.94
CA VAL N 116 4.26 9.28 53.90
C VAL N 116 3.76 9.11 52.46
N LEU N 117 3.80 7.88 51.99
CA LEU N 117 3.40 7.59 50.64
C LEU N 117 1.89 7.57 50.55
N THR N 118 1.34 8.46 49.74
CA THR N 118 -0.08 8.52 49.53
C THR N 118 -0.38 8.20 48.09
N THR N 119 -0.65 6.92 47.80
CA THR N 119 -0.73 6.43 46.44
C THR N 119 -2.07 5.82 46.06
N GLU N 120 -2.05 5.02 45.00
CA GLU N 120 -3.25 4.37 44.46
C GLU N 120 -3.06 2.88 44.28
N SER N 121 -1.80 2.41 44.31
CA SER N 121 -1.48 0.99 44.12
C SER N 121 -0.23 0.58 44.85
N ILE N 122 -0.11 -0.71 45.10
CA ILE N 122 1.13 -1.27 45.61
C ILE N 122 2.21 -1.04 44.54
N GLU N 123 1.76 -0.96 43.29
CA GLU N 123 2.63 -0.69 42.12
C GLU N 123 3.32 0.64 42.27
N GLN N 124 2.53 1.69 42.49
CA GLN N 124 3.05 3.04 42.71
C GLN N 124 3.92 3.13 43.97
N ALA N 125 3.46 2.52 45.06
CA ALA N 125 4.23 2.55 46.27
C ALA N 125 5.61 1.90 46.07
N ILE N 126 5.63 0.72 45.46
CA ILE N 126 6.88 0.01 45.27
C ILE N 126 7.83 0.81 44.40
N GLU N 127 7.25 1.63 43.55
CA GLU N 127 8.04 2.56 42.74
C GLU N 127 8.73 3.63 43.62
N ARG N 128 7.98 4.12 44.61
CA ARG N 128 8.38 5.30 45.38
C ARG N 128 9.05 4.92 46.69
N ALA N 129 9.35 3.63 46.82
CA ALA N 129 10.02 3.17 48.02
C ALA N 129 11.20 2.25 47.71
N GLY N 130 12.09 2.70 46.82
CA GLY N 130 13.27 1.93 46.52
C GLY N 130 13.59 1.71 45.06
N THR N 131 12.57 1.49 44.23
CA THR N 131 12.78 1.14 42.83
C THR N 131 12.80 2.35 41.91
N LYS N 132 12.03 2.22 40.83
CA LYS N 132 11.99 3.19 39.74
C LYS N 132 12.14 4.67 40.13
N ALA N 133 11.25 5.15 40.99
CA ALA N 133 11.30 6.56 41.36
C ALA N 133 11.80 6.79 42.80
N GLY N 134 13.05 6.41 43.07
CA GLY N 134 13.67 6.72 44.34
C GLY N 134 13.12 6.00 45.56
N ASN N 135 13.34 6.60 46.73
CA ASN N 135 13.04 5.93 47.97
C ASN N 135 12.65 6.98 49.01
N LYS N 136 11.43 7.48 48.92
CA LYS N 136 11.05 8.66 49.67
C LYS N 136 11.55 8.65 51.08
N GLY N 137 11.63 7.46 51.67
CA GLY N 137 12.12 7.30 53.04
C GLY N 137 13.44 8.03 53.25
N ALA N 138 14.40 7.73 52.38
CA ALA N 138 15.72 8.36 52.38
C ALA N 138 15.58 9.85 52.18
N GLU N 139 14.89 10.22 51.11
CA GLU N 139 14.65 11.62 50.80
C GLU N 139 14.19 12.34 52.05
N ALA N 140 13.15 11.80 52.67
CA ALA N 140 12.60 12.38 53.88
C ALA N 140 13.68 12.68 54.93
N ALA N 141 14.62 11.77 55.08
CA ALA N 141 15.68 11.97 56.05
C ALA N 141 16.62 13.11 55.63
N LEU N 142 16.99 13.15 54.35
CA LEU N 142 17.89 14.19 53.88
C LEU N 142 17.23 15.54 54.02
N THR N 143 16.01 15.66 53.52
CA THR N 143 15.26 16.89 53.73
C THR N 143 15.18 17.21 55.26
N ALA N 144 15.02 16.16 56.05
CA ALA N 144 15.03 16.31 57.50
C ALA N 144 16.30 17.03 57.91
N LEU N 145 17.42 16.34 57.72
CA LEU N 145 18.73 16.93 57.96
C LEU N 145 18.81 18.37 57.45
N GLU N 146 18.90 18.52 56.14
CA GLU N 146 19.01 19.85 55.56
C GLU N 146 18.23 20.87 56.40
N MET N 147 16.94 20.60 56.61
CA MET N 147 16.10 21.54 57.35
C MET N 147 16.69 21.89 58.73
N ILE N 148 17.27 20.88 59.40
CA ILE N 148 17.95 21.10 60.67
C ILE N 148 18.94 22.25 60.55
N ASN N 149 19.87 22.14 59.61
CA ASN N 149 20.87 23.18 59.39
C ASN N 149 20.29 24.47 58.79
N VAL N 150 19.21 24.36 58.04
CA VAL N 150 18.58 25.54 57.48
C VAL N 150 18.03 26.41 58.60
N LEU N 151 17.20 25.80 59.44
CA LEU N 151 16.65 26.50 60.57
C LEU N 151 17.81 27.07 61.39
N LYS N 152 18.78 26.23 61.69
CA LYS N 152 19.97 26.65 62.42
C LYS N 152 20.56 27.92 61.82
N ALA N 153 20.51 28.05 60.50
CA ALA N 153 21.13 29.17 59.81
C ALA N 153 20.34 30.47 59.95
N ILE N 154 19.44 30.51 60.92
CA ILE N 154 18.71 31.74 61.21
C ILE N 154 18.55 31.92 62.73
N MET O 1 -14.93 60.02 52.11
CA MET O 1 -14.64 58.59 52.20
C MET O 1 -13.17 58.32 51.99
N ASN O 2 -12.51 57.82 53.03
CA ASN O 2 -11.07 57.56 52.96
C ASN O 2 -10.68 56.19 52.39
N ILE O 3 -9.79 56.21 51.42
CA ILE O 3 -9.41 55.03 50.68
C ILE O 3 -7.93 54.75 50.87
N ILE O 4 -7.58 53.46 50.97
CA ILE O 4 -6.18 53.11 51.07
C ILE O 4 -5.68 52.35 49.84
N LYS O 5 -4.96 53.05 48.97
CA LYS O 5 -4.27 52.40 47.84
C LYS O 5 -2.77 52.55 48.03
N ALA O 6 -2.03 51.44 48.00
CA ALA O 6 -0.61 51.53 48.27
C ALA O 6 0.25 51.11 47.09
N ASN O 7 1.36 51.82 46.89
CA ASN O 7 2.31 51.50 45.82
C ASN O 7 3.29 50.37 46.14
N VAL O 8 4.09 49.97 45.16
CA VAL O 8 4.95 48.82 45.33
C VAL O 8 6.40 49.17 45.60
N ALA O 9 6.67 50.42 45.95
CA ALA O 9 8.04 50.82 46.25
C ALA O 9 8.23 50.84 47.75
N ALA O 10 9.42 50.48 48.21
CA ALA O 10 9.66 50.40 49.65
C ALA O 10 11.12 50.12 49.97
N PRO O 11 11.99 51.11 49.79
CA PRO O 11 13.42 50.77 49.91
C PRO O 11 13.89 50.23 51.28
N ASP O 12 13.36 50.83 52.34
CA ASP O 12 13.83 50.56 53.70
C ASP O 12 13.59 49.13 54.14
N ALA O 13 12.72 48.43 53.42
CA ALA O 13 12.27 47.12 53.85
C ALA O 13 13.34 46.05 53.62
N ARG O 14 13.41 45.09 54.53
CA ARG O 14 14.23 43.90 54.32
C ARG O 14 13.33 42.70 54.03
N VAL O 15 13.37 42.21 52.79
CA VAL O 15 12.51 41.10 52.37
C VAL O 15 13.27 39.77 52.36
N ALA O 16 12.61 38.71 52.83
CA ALA O 16 13.22 37.38 52.78
C ALA O 16 12.51 36.48 51.79
N ILE O 17 13.27 35.95 50.85
CA ILE O 17 12.75 35.02 49.86
C ILE O 17 13.14 33.58 50.23
N THR O 18 12.17 32.69 50.22
CA THR O 18 12.40 31.27 50.46
C THR O 18 12.10 30.49 49.19
N ILE O 19 12.79 29.39 48.97
CA ILE O 19 12.68 28.69 47.71
C ILE O 19 12.94 27.18 47.81
N ALA O 20 12.12 26.39 47.14
CA ALA O 20 12.35 24.94 47.02
C ALA O 20 13.26 24.62 45.83
N ARG O 21 14.26 23.77 46.05
CA ARG O 21 15.17 23.43 44.98
C ARG O 21 14.57 22.35 44.06
N PHE O 22 13.64 21.58 44.61
CA PHE O 22 12.87 20.64 43.80
C PHE O 22 12.09 21.43 42.76
N ASN O 23 12.16 21.01 41.51
CA ASN O 23 11.61 21.78 40.40
C ASN O 23 12.43 23.05 40.23
N GLN O 24 13.73 22.93 40.49
CA GLN O 24 14.66 24.03 40.32
C GLN O 24 14.50 24.63 38.95
N PHE O 25 14.57 23.77 37.93
CA PHE O 25 14.55 24.23 36.55
C PHE O 25 13.40 25.21 36.29
N ILE O 26 12.45 25.29 37.22
CA ILE O 26 11.31 26.19 37.09
C ILE O 26 11.30 27.21 38.19
N ASN O 27 11.56 26.77 39.41
CA ASN O 27 11.65 27.69 40.54
C ASN O 27 12.76 28.73 40.35
N ASP O 28 13.74 28.44 39.48
CA ASP O 28 14.87 29.33 39.36
C ASP O 28 14.44 30.67 38.74
N SER O 29 13.60 30.60 37.72
CA SER O 29 13.03 31.80 37.11
C SER O 29 12.14 32.56 38.11
N LEU O 30 11.39 31.80 38.90
CA LEU O 30 10.60 32.38 39.98
C LEU O 30 11.45 33.31 40.84
N LEU O 31 12.66 32.88 41.17
CA LEU O 31 13.57 33.72 41.94
C LEU O 31 13.98 34.93 41.14
N ASP O 32 14.40 34.72 39.88
CA ASP O 32 14.81 35.82 39.02
C ASP O 32 13.75 36.87 38.94
N GLY O 33 12.52 36.44 38.70
CA GLY O 33 11.40 37.36 38.70
C GLY O 33 11.32 38.11 40.01
N ALA O 34 11.19 37.34 41.09
CA ALA O 34 11.07 37.90 42.42
C ALA O 34 12.11 38.99 42.62
N VAL O 35 13.38 38.61 42.58
CA VAL O 35 14.47 39.53 42.89
C VAL O 35 14.42 40.79 42.02
N ASP O 36 14.36 40.60 40.70
CA ASP O 36 14.26 41.75 39.80
C ASP O 36 13.18 42.69 40.28
N ALA O 37 11.95 42.22 40.30
CA ALA O 37 10.81 43.02 40.73
C ALA O 37 11.06 43.70 42.08
N LEU O 38 11.78 42.99 42.97
CA LEU O 38 12.06 43.48 44.32
C LEU O 38 12.93 44.73 44.30
N THR O 39 14.09 44.61 43.69
CA THR O 39 15.01 45.73 43.58
C THR O 39 14.48 46.73 42.57
N ARG O 40 14.62 46.41 41.28
CA ARG O 40 14.20 47.27 40.18
C ARG O 40 12.90 48.03 40.45
N ILE O 41 11.81 47.32 40.75
CA ILE O 41 10.53 47.97 40.94
C ILE O 41 10.33 48.51 42.36
N GLY O 42 10.69 47.70 43.36
CA GLY O 42 10.39 48.03 44.75
C GLY O 42 11.46 48.87 45.43
N GLN O 43 12.53 49.19 44.70
CA GLN O 43 13.59 50.04 45.20
C GLN O 43 14.34 49.39 46.37
N VAL O 44 14.23 48.07 46.48
CA VAL O 44 14.90 47.37 47.59
C VAL O 44 16.39 47.11 47.34
N LYS O 45 17.21 47.49 48.32
CA LYS O 45 18.65 47.26 48.18
C LYS O 45 18.92 45.77 48.28
N ASP O 46 19.81 45.28 47.43
CA ASP O 46 20.00 43.84 47.30
C ASP O 46 20.67 43.16 48.50
N ASP O 47 20.98 43.92 49.54
CA ASP O 47 21.50 43.31 50.76
C ASP O 47 20.45 43.29 51.86
N ASN O 48 19.26 43.81 51.55
CA ASN O 48 18.11 43.66 52.42
C ASN O 48 17.25 42.51 51.91
N ILE O 49 17.84 41.78 50.97
CA ILE O 49 17.25 40.58 50.42
C ILE O 49 18.09 39.38 50.86
N THR O 50 17.51 38.51 51.66
CA THR O 50 18.16 37.25 51.93
C THR O 50 17.32 36.13 51.34
N VAL O 51 18.00 35.08 50.88
CA VAL O 51 17.32 34.01 50.14
C VAL O 51 17.57 32.67 50.80
N VAL O 52 16.53 32.11 51.41
CA VAL O 52 16.66 30.83 52.09
C VAL O 52 16.21 29.70 51.21
N TRP O 53 17.02 28.65 51.10
CA TRP O 53 16.76 27.54 50.19
C TRP O 53 16.38 26.28 50.95
N VAL O 54 15.10 25.94 51.00
CA VAL O 54 14.69 24.66 51.57
C VAL O 54 14.53 23.63 50.49
N PRO O 55 14.63 22.33 50.85
CA PRO O 55 14.52 21.25 49.84
C PRO O 55 13.25 21.34 49.03
N GLY O 56 12.12 20.96 49.64
CA GLY O 56 10.84 20.89 48.94
C GLY O 56 9.84 21.95 49.31
N ALA O 57 8.88 22.15 48.43
CA ALA O 57 7.81 23.10 48.67
C ALA O 57 7.09 22.84 50.00
N TYR O 58 7.17 21.60 50.48
CA TYR O 58 6.49 21.22 51.71
C TYR O 58 7.16 21.87 52.90
N GLU O 59 8.40 22.30 52.69
CA GLU O 59 9.21 22.83 53.78
C GLU O 59 9.09 24.35 53.80
N LEU O 60 8.60 24.91 52.71
CA LEU O 60 8.48 26.36 52.61
C LEU O 60 7.98 26.99 53.89
N PRO O 61 6.93 26.40 54.51
CA PRO O 61 6.36 27.01 55.72
C PRO O 61 7.39 27.23 56.84
N LEU O 62 7.90 26.14 57.40
CA LEU O 62 8.82 26.22 58.53
C LEU O 62 9.91 27.26 58.27
N ALA O 63 10.52 27.20 57.10
CA ALA O 63 11.44 28.23 56.68
C ALA O 63 10.83 29.63 56.85
N THR O 64 9.70 29.88 56.19
CA THR O 64 9.09 31.22 56.22
C THR O 64 8.49 31.63 57.58
N GLU O 65 8.50 30.68 58.53
CA GLU O 65 8.09 31.02 59.89
C GLU O 65 9.29 31.49 60.70
N ALA O 66 10.32 30.65 60.78
CA ALA O 66 11.57 31.05 61.43
C ALA O 66 12.01 32.42 60.91
N LEU O 67 11.77 32.69 59.63
CA LEU O 67 12.10 34.01 59.07
C LEU O 67 11.23 35.11 59.67
N ALA O 68 9.94 35.10 59.32
CA ALA O 68 9.01 36.11 59.80
C ALA O 68 9.06 36.24 61.31
N LYS O 69 9.03 35.12 62.01
CA LYS O 69 9.19 35.13 63.45
C LYS O 69 10.40 35.97 63.85
N SER O 70 11.58 35.59 63.35
CA SER O 70 12.82 36.30 63.59
C SER O 70 12.63 37.79 63.78
N GLY O 71 11.89 38.41 62.87
CA GLY O 71 11.53 39.81 62.98
C GLY O 71 12.28 40.69 62.01
N LYS O 72 13.52 40.30 61.72
CA LYS O 72 14.39 41.12 60.91
C LYS O 72 13.76 41.54 59.58
N TYR O 73 12.85 40.72 59.05
CA TYR O 73 12.30 40.95 57.70
C TYR O 73 10.91 41.55 57.70
N ASP O 74 10.60 42.31 56.66
CA ASP O 74 9.30 42.99 56.54
C ASP O 74 8.28 42.20 55.75
N ALA O 75 8.75 41.19 55.04
CA ALA O 75 7.85 40.30 54.34
C ALA O 75 8.63 39.13 53.77
N VAL O 76 7.94 38.03 53.55
CA VAL O 76 8.58 36.82 53.05
C VAL O 76 7.94 36.47 51.74
N VAL O 77 8.77 36.24 50.73
CA VAL O 77 8.26 35.78 49.45
C VAL O 77 8.53 34.29 49.33
N ALA O 78 7.45 33.51 49.33
CA ALA O 78 7.55 32.04 49.21
C ALA O 78 7.51 31.56 47.76
N LEU O 79 8.56 30.85 47.35
CA LEU O 79 8.70 30.44 45.96
C LEU O 79 8.91 28.94 45.81
N GLY O 80 7.95 28.30 45.15
CA GLY O 80 8.00 26.87 44.92
C GLY O 80 7.16 26.46 43.73
N THR O 81 7.29 25.19 43.34
CA THR O 81 6.53 24.66 42.22
C THR O 81 6.13 23.21 42.50
N VAL O 82 4.84 22.95 42.38
CA VAL O 82 4.30 21.60 42.56
C VAL O 82 3.47 21.22 41.36
N ILE O 83 3.92 20.19 40.63
CA ILE O 83 3.22 19.73 39.46
C ILE O 83 2.69 18.31 39.66
N ARG O 84 1.37 18.18 39.61
CA ARG O 84 0.68 16.90 39.88
C ARG O 84 1.30 15.72 39.14
N GLY O 85 1.04 14.51 39.63
CA GLY O 85 1.58 13.31 39.02
C GLY O 85 0.72 12.08 39.22
N GLY O 86 1.36 10.91 39.26
CA GLY O 86 0.68 9.63 39.39
C GLY O 86 -0.29 9.52 40.57
N THR O 87 0.13 9.99 41.73
CA THR O 87 -0.72 9.91 42.91
C THR O 87 -1.09 11.28 43.42
N ALA O 88 -2.00 11.32 44.39
CA ALA O 88 -2.34 12.57 45.04
C ALA O 88 -1.34 12.81 46.17
N HIS O 89 -0.06 12.94 45.80
CA HIS O 89 0.95 13.48 46.70
C HIS O 89 0.79 14.99 46.52
N PHE O 90 0.80 15.41 45.26
CA PHE O 90 0.56 16.80 44.91
C PHE O 90 -0.44 17.44 45.87
N GLU O 91 -1.51 16.69 46.11
CA GLU O 91 -2.61 17.16 46.93
C GLU O 91 -2.06 17.64 48.25
N TYR O 92 -1.40 16.73 48.96
CA TYR O 92 -0.97 16.98 50.33
C TYR O 92 0.18 17.98 50.41
N VAL O 93 1.10 17.91 49.45
CA VAL O 93 2.20 18.87 49.42
C VAL O 93 1.63 20.28 49.19
N ALA O 94 1.10 20.49 47.98
CA ALA O 94 0.52 21.79 47.64
C ALA O 94 -0.34 22.34 48.78
N GLY O 95 -1.22 21.51 49.32
CA GLY O 95 -2.10 21.93 50.38
C GLY O 95 -1.39 22.30 51.67
N GLY O 96 -0.64 21.34 52.21
CA GLY O 96 0.10 21.54 53.46
C GLY O 96 1.10 22.68 53.39
N ALA O 97 1.31 23.21 52.18
CA ALA O 97 2.21 24.33 52.00
C ALA O 97 1.44 25.57 51.56
N SER O 98 0.16 25.40 51.25
CA SER O 98 -0.69 26.55 51.08
C SER O 98 -1.26 26.96 52.45
N ASN O 99 -2.04 26.07 53.05
CA ASN O 99 -2.49 26.26 54.42
C ASN O 99 -1.33 26.57 55.37
N GLY O 100 -0.16 26.01 55.06
CA GLY O 100 1.03 26.29 55.84
C GLY O 100 1.38 27.76 55.78
N LEU O 101 1.85 28.21 54.62
CA LEU O 101 2.29 29.60 54.45
C LEU O 101 1.19 30.57 54.87
N ALA O 102 -0.05 30.14 54.72
CA ALA O 102 -1.19 30.95 55.12
C ALA O 102 -1.20 31.18 56.62
N SER O 103 -1.02 30.09 57.38
CA SER O 103 -1.03 30.20 58.83
C SER O 103 0.14 31.04 59.32
N VAL O 104 1.30 30.89 58.69
CA VAL O 104 2.48 31.65 59.06
C VAL O 104 2.20 33.13 58.99
N ALA O 105 1.34 33.51 58.04
CA ALA O 105 0.95 34.90 57.88
C ALA O 105 0.13 35.38 59.08
N GLN O 106 -1.01 34.74 59.29
CA GLN O 106 -1.96 35.20 60.29
C GLN O 106 -1.40 35.16 61.72
N ASP O 107 -0.29 34.47 61.89
CA ASP O 107 0.30 34.33 63.22
C ASP O 107 1.52 35.21 63.43
N SER O 108 2.05 35.77 62.34
CA SER O 108 3.26 36.57 62.42
C SER O 108 2.96 38.03 62.11
N GLY O 109 1.85 38.26 61.42
CA GLY O 109 1.51 39.60 60.99
C GLY O 109 2.42 40.05 59.85
N VAL O 110 3.36 39.20 59.47
CA VAL O 110 4.24 39.48 58.35
C VAL O 110 3.63 38.97 57.06
N PRO O 111 3.47 39.86 56.05
CA PRO O 111 2.87 39.45 54.78
C PRO O 111 3.70 38.36 54.17
N VAL O 112 3.06 37.43 53.49
CA VAL O 112 3.79 36.36 52.83
C VAL O 112 3.16 36.09 51.44
N ALA O 113 3.98 36.15 50.41
CA ALA O 113 3.51 35.96 49.05
C ALA O 113 3.40 34.47 48.73
N PHE O 114 2.22 34.04 48.31
CA PHE O 114 2.04 32.66 47.91
C PHE O 114 2.53 32.46 46.47
N GLY O 115 3.85 32.48 46.30
CA GLY O 115 4.47 32.28 45.00
C GLY O 115 4.72 30.82 44.65
N VAL O 116 3.71 30.00 44.91
CA VAL O 116 3.83 28.56 44.70
C VAL O 116 2.95 28.10 43.54
N LEU O 117 3.60 27.64 42.49
CA LEU O 117 2.88 27.14 41.35
C LEU O 117 2.32 25.76 41.65
N THR O 118 1.00 25.69 41.59
CA THR O 118 0.29 24.42 41.75
C THR O 118 -0.44 24.06 40.46
N THR O 119 0.23 23.27 39.61
CA THR O 119 -0.20 23.02 38.24
C THR O 119 -0.45 21.56 37.89
N GLU O 120 -0.45 21.26 36.59
CA GLU O 120 -0.70 19.92 36.07
C GLU O 120 0.35 19.48 35.05
N SER O 121 1.16 20.42 34.60
CA SER O 121 2.17 20.12 33.61
C SER O 121 3.35 21.06 33.68
N ILE O 122 4.48 20.60 33.17
CA ILE O 122 5.66 21.44 33.04
C ILE O 122 5.25 22.54 32.09
N GLU O 123 4.31 22.20 31.20
CA GLU O 123 3.79 23.12 30.20
C GLU O 123 3.15 24.33 30.87
N GLN O 124 2.21 24.05 31.77
CA GLN O 124 1.54 25.09 32.56
C GLN O 124 2.51 25.88 33.44
N ALA O 125 3.40 25.18 34.10
CA ALA O 125 4.37 25.86 34.93
C ALA O 125 5.23 26.82 34.11
N ILE O 126 5.80 26.36 33.01
CA ILE O 126 6.65 27.20 32.19
C ILE O 126 5.86 28.41 31.70
N GLU O 127 4.55 28.25 31.58
CA GLU O 127 3.68 29.38 31.20
C GLU O 127 3.62 30.42 32.29
N ARG O 128 3.59 29.94 33.53
CA ARG O 128 3.33 30.80 34.68
C ARG O 128 4.61 31.23 35.37
N ALA O 129 5.74 30.93 34.76
CA ALA O 129 7.04 31.29 35.33
C ALA O 129 7.96 31.95 34.30
N GLY O 130 7.46 32.97 33.61
CA GLY O 130 8.27 33.74 32.69
C GLY O 130 7.72 33.95 31.29
N THR O 131 7.05 32.94 30.75
CA THR O 131 6.54 33.04 29.40
C THR O 131 5.11 33.56 29.30
N LYS O 132 4.30 32.85 28.52
CA LYS O 132 2.95 33.27 28.15
C LYS O 132 2.19 34.05 29.23
N ALA O 133 2.01 33.46 30.40
CA ALA O 133 1.17 34.10 31.41
C ALA O 133 1.96 34.62 32.59
N GLY O 134 2.88 35.56 32.32
CA GLY O 134 3.62 36.20 33.39
C GLY O 134 4.63 35.34 34.13
N ASN O 135 4.95 35.79 35.34
CA ASN O 135 6.07 35.24 36.10
C ASN O 135 5.76 35.34 37.59
N LYS O 136 4.85 34.47 38.05
CA LYS O 136 4.30 34.58 39.40
C LYS O 136 5.31 34.98 40.46
N GLY O 137 6.56 34.53 40.27
CA GLY O 137 7.63 34.86 41.20
C GLY O 137 7.72 36.36 41.41
N ALA O 138 7.75 37.12 40.31
CA ALA O 138 7.82 38.58 40.37
C ALA O 138 6.56 39.12 41.02
N GLU O 139 5.42 38.72 40.49
CA GLU O 139 4.13 39.09 41.05
C GLU O 139 4.14 38.92 42.57
N ALA O 140 4.53 37.73 43.03
CA ALA O 140 4.56 37.43 44.44
C ALA O 140 5.36 38.48 45.19
N ALA O 141 6.45 38.94 44.59
CA ALA O 141 7.25 39.99 45.21
C ALA O 141 6.49 41.34 45.29
N LEU O 142 5.90 41.76 44.18
CA LEU O 142 5.14 43.00 44.16
C LEU O 142 4.01 42.97 45.18
N THR O 143 3.21 41.91 45.15
CA THR O 143 2.13 41.75 46.12
C THR O 143 2.72 41.75 47.54
N ALA O 144 3.91 41.17 47.67
CA ALA O 144 4.64 41.22 48.92
C ALA O 144 4.82 42.65 49.35
N LEU O 145 5.64 43.38 48.59
CA LEU O 145 5.83 44.81 48.80
C LEU O 145 4.50 45.52 49.11
N GLU O 146 3.63 45.65 48.11
CA GLU O 146 2.38 46.37 48.30
C GLU O 146 1.81 46.09 49.70
N MET O 147 1.68 44.82 50.04
CA MET O 147 1.11 44.43 51.32
C MET O 147 1.88 45.05 52.48
N ILE O 148 3.21 45.14 52.36
CA ILE O 148 4.02 45.82 53.35
C ILE O 148 3.48 47.20 53.64
N ASN O 149 3.35 48.02 52.60
CA ASN O 149 2.83 49.38 52.74
C ASN O 149 1.34 49.44 53.08
N VAL O 150 0.58 48.44 52.64
CA VAL O 150 -0.83 48.38 52.98
C VAL O 150 -1.02 48.22 54.48
N LEU O 151 -0.39 47.21 55.05
CA LEU O 151 -0.47 46.97 56.48
C LEU O 151 0.02 48.23 57.18
N LYS O 152 1.13 48.76 56.70
CA LYS O 152 1.71 49.97 57.26
C LYS O 152 0.64 51.08 57.33
N ALA O 153 -0.22 51.14 56.32
CA ALA O 153 -1.23 52.17 56.23
C ALA O 153 -2.37 52.01 57.24
N ILE O 154 -2.16 51.17 58.25
CA ILE O 154 -3.13 51.00 59.31
C ILE O 154 -2.45 50.92 60.66
N MET P 1 9.61 42.09 -43.04
CA MET P 1 9.51 40.66 -42.74
C MET P 1 8.60 39.91 -43.71
N ASN P 2 9.16 38.98 -44.46
CA ASN P 2 8.41 38.29 -45.50
C ASN P 2 7.71 37.03 -45.00
N ILE P 3 6.43 36.93 -45.30
CA ILE P 3 5.59 35.86 -44.79
C ILE P 3 5.02 35.03 -45.91
N ILE P 4 4.90 33.73 -45.70
CA ILE P 4 4.34 32.86 -46.73
C ILE P 4 3.02 32.24 -46.30
N LYS P 5 1.92 32.78 -46.83
CA LYS P 5 0.59 32.22 -46.61
C LYS P 5 0.07 31.83 -47.97
N ALA P 6 -0.34 30.56 -48.10
CA ALA P 6 -0.78 30.02 -49.38
C ALA P 6 -2.24 29.58 -49.40
N ASN P 7 -2.94 29.90 -50.49
CA ASN P 7 -4.34 29.50 -50.66
C ASN P 7 -4.53 28.06 -51.12
N VAL P 8 -5.79 27.62 -51.17
CA VAL P 8 -6.10 26.22 -51.47
C VAL P 8 -6.54 25.97 -52.90
N ALA P 9 -6.36 26.96 -53.77
CA ALA P 9 -6.72 26.78 -55.16
C ALA P 9 -5.48 26.42 -55.94
N ALA P 10 -5.66 25.57 -56.94
CA ALA P 10 -4.55 25.07 -57.74
C ALA P 10 -5.11 24.21 -58.85
N PRO P 11 -6.03 24.80 -59.64
CA PRO P 11 -6.70 24.17 -60.79
C PRO P 11 -5.72 23.67 -61.84
N ASP P 12 -4.51 23.33 -61.41
CA ASP P 12 -3.46 22.93 -62.30
C ASP P 12 -2.81 21.62 -61.85
N ALA P 13 -2.59 21.45 -60.55
CA ALA P 13 -1.94 20.23 -60.11
C ALA P 13 -2.74 18.99 -60.49
N ARG P 14 -2.07 17.87 -60.66
CA ARG P 14 -2.75 16.59 -60.75
C ARG P 14 -2.55 15.86 -59.43
N VAL P 15 -3.65 15.66 -58.70
CA VAL P 15 -3.63 15.03 -57.39
C VAL P 15 -4.00 13.53 -57.44
N ALA P 16 -3.29 12.71 -56.67
CA ALA P 16 -3.62 11.29 -56.60
C ALA P 16 -4.16 10.92 -55.22
N ILE P 17 -5.34 10.31 -55.22
CA ILE P 17 -6.00 9.91 -53.99
C ILE P 17 -5.95 8.42 -53.88
N THR P 18 -5.49 7.94 -52.73
CA THR P 18 -5.44 6.53 -52.44
C THR P 18 -6.42 6.19 -51.32
N ILE P 19 -6.97 4.99 -51.35
CA ILE P 19 -8.02 4.62 -50.41
C ILE P 19 -8.06 3.13 -50.05
N ALA P 20 -8.26 2.85 -48.76
CA ALA P 20 -8.46 1.47 -48.32
C ALA P 20 -9.94 1.11 -48.39
N ARG P 21 -10.25 -0.05 -48.94
CA ARG P 21 -11.65 -0.48 -49.05
C ARG P 21 -12.17 -1.04 -47.73
N PHE P 22 -11.28 -1.57 -46.90
CA PHE P 22 -11.64 -1.99 -45.56
C PHE P 22 -12.14 -0.78 -44.83
N ASN P 23 -13.28 -0.91 -44.17
CA ASN P 23 -13.98 0.23 -43.57
C ASN P 23 -14.51 1.14 -44.68
N GLN P 24 -14.90 0.51 -45.77
CA GLN P 24 -15.51 1.21 -46.87
C GLN P 24 -16.65 2.11 -46.39
N PHE P 25 -17.57 1.51 -45.66
CA PHE P 25 -18.74 2.25 -45.23
C PHE P 25 -18.37 3.59 -44.62
N ILE P 26 -17.12 3.80 -44.31
CA ILE P 26 -16.70 5.05 -43.69
C ILE P 26 -15.70 5.77 -44.58
N ASN P 27 -14.77 5.02 -45.17
CA ASN P 27 -13.81 5.58 -46.09
C ASN P 27 -14.48 6.17 -47.34
N ASP P 28 -15.69 5.73 -47.65
CA ASP P 28 -16.34 6.21 -48.86
C ASP P 28 -16.70 7.70 -48.79
N SER P 29 -17.14 8.15 -47.62
CA SER P 29 -17.41 9.56 -47.40
C SER P 29 -16.09 10.33 -47.46
N LEU P 30 -15.07 9.77 -46.85
CA LEU P 30 -13.76 10.37 -46.92
C LEU P 30 -13.42 10.76 -48.36
N LEU P 31 -13.69 9.85 -49.30
CA LEU P 31 -13.41 10.11 -50.71
C LEU P 31 -14.26 11.24 -51.19
N ASP P 32 -15.56 11.15 -50.87
CA ASP P 32 -16.52 12.16 -51.27
C ASP P 32 -16.05 13.53 -50.83
N GLY P 33 -15.72 13.65 -49.55
CA GLY P 33 -15.16 14.90 -49.05
C GLY P 33 -13.93 15.30 -49.86
N ALA P 34 -12.93 14.43 -49.88
CA ALA P 34 -11.71 14.71 -50.60
C ALA P 34 -12.03 15.28 -51.97
N VAL P 35 -12.66 14.48 -52.82
CA VAL P 35 -12.91 14.88 -54.21
C VAL P 35 -13.62 16.23 -54.30
N ASP P 36 -14.75 16.35 -53.62
CA ASP P 36 -15.47 17.62 -53.62
C ASP P 36 -14.54 18.77 -53.33
N ALA P 37 -13.93 18.75 -52.16
CA ALA P 37 -13.00 19.81 -51.79
C ALA P 37 -11.93 20.02 -52.87
N LEU P 38 -11.53 18.94 -53.53
CA LEU P 38 -10.46 19.02 -54.52
C LEU P 38 -10.87 19.85 -55.69
N THR P 39 -11.97 19.46 -56.31
CA THR P 39 -12.50 20.18 -57.47
C THR P 39 -13.12 21.50 -57.05
N ARG P 40 -14.35 21.41 -56.53
CA ARG P 40 -15.08 22.58 -56.04
C ARG P 40 -14.21 23.69 -55.45
N ILE P 41 -13.40 23.36 -54.43
CA ILE P 41 -12.62 24.37 -53.71
C ILE P 41 -11.27 24.62 -54.37
N GLY P 42 -10.59 23.55 -54.74
CA GLY P 42 -9.24 23.65 -55.26
C GLY P 42 -9.13 23.90 -56.75
N GLN P 43 -10.27 23.99 -57.42
CA GLN P 43 -10.32 24.28 -58.84
C GLN P 43 -9.66 23.18 -59.67
N VAL P 44 -9.58 21.97 -59.12
CA VAL P 44 -8.90 20.89 -59.83
C VAL P 44 -9.81 20.16 -60.80
N LYS P 45 -9.37 20.04 -62.05
CA LYS P 45 -10.17 19.33 -63.04
C LYS P 45 -10.23 17.85 -62.68
N ASP P 46 -11.41 17.27 -62.83
CA ASP P 46 -11.65 15.92 -62.33
C ASP P 46 -10.94 14.82 -63.13
N ASP P 47 -10.16 15.20 -64.13
CA ASP P 47 -9.35 14.20 -64.82
C ASP P 47 -7.88 14.32 -64.45
N ASN P 48 -7.55 15.30 -63.62
CA ASN P 48 -6.24 15.37 -62.98
C ASN P 48 -6.29 14.71 -61.60
N ILE P 49 -7.43 14.09 -61.32
CA ILE P 49 -7.63 13.30 -60.12
C ILE P 49 -7.66 11.82 -60.49
N THR P 50 -6.68 11.07 -60.01
CA THR P 50 -6.76 9.62 -60.13
C THR P 50 -6.89 9.02 -58.73
N VAL P 51 -7.68 7.96 -58.61
CA VAL P 51 -7.99 7.37 -57.32
C VAL P 51 -7.57 5.91 -57.26
N VAL P 52 -6.54 5.62 -56.47
CA VAL P 52 -6.03 4.27 -56.37
C VAL P 52 -6.61 3.57 -55.13
N TRP P 53 -7.13 2.35 -55.33
CA TRP P 53 -7.81 1.62 -54.27
C TRP P 53 -6.97 0.43 -53.82
N VAL P 54 -6.31 0.54 -52.67
CA VAL P 54 -5.62 -0.59 -52.04
C VAL P 54 -6.54 -1.25 -51.02
N PRO P 55 -6.28 -2.52 -50.71
CA PRO P 55 -7.11 -3.25 -49.75
C PRO P 55 -7.21 -2.52 -48.42
N GLY P 56 -6.16 -2.64 -47.60
CA GLY P 56 -6.15 -2.10 -46.25
C GLY P 56 -5.31 -0.85 -46.03
N ALA P 57 -5.56 -0.18 -44.91
CA ALA P 57 -4.87 1.05 -44.58
C ALA P 57 -3.40 0.81 -44.42
N TYR P 58 -3.04 -0.46 -44.19
CA TYR P 58 -1.63 -0.85 -44.08
C TYR P 58 -0.91 -0.73 -45.42
N GLU P 59 -1.67 -0.74 -46.50
CA GLU P 59 -1.09 -0.75 -47.82
C GLU P 59 -1.00 0.66 -48.38
N LEU P 60 -1.73 1.60 -47.79
CA LEU P 60 -1.71 2.98 -48.25
C LEU P 60 -0.31 3.48 -48.62
N PRO P 61 0.70 3.17 -47.79
CA PRO P 61 2.03 3.67 -48.10
C PRO P 61 2.51 3.26 -49.49
N LEU P 62 2.82 1.97 -49.70
CA LEU P 62 3.35 1.51 -50.99
C LEU P 62 2.62 2.11 -52.19
N ALA P 63 1.29 2.08 -52.14
CA ALA P 63 0.49 2.79 -53.12
C ALA P 63 0.99 4.23 -53.24
N THR P 64 0.93 4.99 -52.16
CA THR P 64 1.25 6.42 -52.22
C THR P 64 2.74 6.69 -52.52
N GLU P 65 3.54 5.63 -52.60
CA GLU P 65 4.93 5.83 -52.96
C GLU P 65 5.07 5.65 -54.46
N ALA P 66 4.60 4.51 -54.94
CA ALA P 66 4.55 4.29 -56.39
C ALA P 66 3.92 5.49 -57.12
N LEU P 67 2.94 6.12 -56.48
CA LEU P 67 2.30 7.31 -57.05
C LEU P 67 3.26 8.50 -57.05
N ALA P 68 3.59 9.01 -55.87
CA ALA P 68 4.48 10.17 -55.76
C ALA P 68 5.78 9.93 -56.53
N LYS P 69 6.38 8.77 -56.34
CA LYS P 69 7.59 8.45 -57.06
C LYS P 69 7.37 8.72 -58.53
N SER P 70 6.38 8.02 -59.11
CA SER P 70 5.99 8.19 -60.51
C SER P 70 6.30 9.61 -61.04
N GLY P 71 5.88 10.63 -60.28
CA GLY P 71 6.18 12.00 -60.65
C GLY P 71 4.98 12.71 -61.21
N LYS P 72 4.10 11.97 -61.88
CA LYS P 72 2.95 12.56 -62.57
C LYS P 72 2.10 13.47 -61.68
N TYR P 73 2.03 13.17 -60.38
CA TYR P 73 1.12 13.86 -59.46
C TYR P 73 1.82 14.89 -58.60
N ASP P 74 1.07 15.92 -58.23
CA ASP P 74 1.62 17.00 -57.43
C ASP P 74 1.42 16.78 -55.92
N ALA P 75 0.55 15.85 -55.57
CA ALA P 75 0.31 15.51 -54.16
C ALA P 75 -0.58 14.29 -54.06
N VAL P 76 -0.45 13.58 -52.94
CA VAL P 76 -1.21 12.38 -52.77
C VAL P 76 -2.07 12.54 -51.56
N VAL P 77 -3.36 12.27 -51.70
CA VAL P 77 -4.23 12.29 -50.53
C VAL P 77 -4.49 10.86 -50.08
N ALA P 78 -3.97 10.52 -48.90
CA ALA P 78 -4.14 9.18 -48.35
C ALA P 78 -5.40 9.08 -47.47
N LEU P 79 -6.28 8.13 -47.81
CA LEU P 79 -7.56 8.00 -47.13
C LEU P 79 -7.81 6.59 -46.63
N GLY P 80 -7.94 6.47 -45.31
CA GLY P 80 -8.20 5.18 -44.69
C GLY P 80 -8.83 5.36 -43.33
N THR P 81 -9.26 4.25 -42.73
CA THR P 81 -9.89 4.30 -41.41
C THR P 81 -9.50 3.06 -40.62
N VAL P 82 -9.00 3.28 -39.41
CA VAL P 82 -8.58 2.21 -38.52
C VAL P 82 -9.26 2.39 -37.17
N ILE P 83 -10.10 1.45 -36.81
CA ILE P 83 -10.82 1.54 -35.55
C ILE P 83 -10.39 0.42 -34.66
N ARG P 84 -9.84 0.77 -33.49
CA ARG P 84 -9.29 -0.20 -32.54
C ARG P 84 -10.26 -1.35 -32.22
N GLY P 85 -9.70 -2.48 -31.75
CA GLY P 85 -10.50 -3.63 -31.40
C GLY P 85 -9.91 -4.49 -30.29
N GLY P 86 -10.23 -5.78 -30.34
CA GLY P 86 -9.82 -6.73 -29.32
C GLY P 86 -8.33 -6.71 -29.01
N THR P 87 -7.50 -6.70 -30.04
CA THR P 87 -6.06 -6.71 -29.85
C THR P 87 -5.44 -5.41 -30.32
N ALA P 88 -4.15 -5.26 -30.04
CA ALA P 88 -3.38 -4.16 -30.61
C ALA P 88 -2.85 -4.58 -31.97
N HIS P 89 -3.79 -4.86 -32.87
CA HIS P 89 -3.50 -4.89 -34.29
C HIS P 89 -3.54 -3.43 -34.71
N PHE P 90 -4.64 -2.77 -34.37
CA PHE P 90 -4.78 -1.33 -34.58
C PHE P 90 -3.45 -0.62 -34.43
N GLU P 91 -2.74 -0.95 -33.36
CA GLU P 91 -1.49 -0.31 -33.05
C GLU P 91 -0.60 -0.33 -34.27
N TYR P 92 -0.31 -1.53 -34.75
CA TYR P 92 0.69 -1.75 -35.79
C TYR P 92 0.24 -1.27 -37.17
N VAL P 93 -1.04 -1.44 -37.46
CA VAL P 93 -1.57 -0.96 -38.73
C VAL P 93 -1.49 0.57 -38.71
N ALA P 94 -2.26 1.19 -37.84
CA ALA P 94 -2.30 2.65 -37.79
C ALA P 94 -0.90 3.23 -37.86
N GLY P 95 -0.02 2.65 -37.05
CA GLY P 95 1.34 3.13 -36.94
C GLY P 95 2.17 2.93 -38.20
N GLY P 96 2.27 1.68 -38.65
CA GLY P 96 2.99 1.36 -39.86
C GLY P 96 2.48 2.08 -41.09
N ALA P 97 1.34 2.73 -40.95
CA ALA P 97 0.77 3.46 -42.07
C ALA P 97 0.80 4.96 -41.79
N SER P 98 1.11 5.32 -40.55
CA SER P 98 1.35 6.73 -40.26
C SER P 98 2.82 7.02 -40.54
N ASN P 99 3.71 6.35 -39.82
CA ASN P 99 5.13 6.40 -40.12
C ASN P 99 5.41 6.08 -41.59
N GLY P 100 4.57 5.24 -42.17
CA GLY P 100 4.70 4.90 -43.58
C GLY P 100 4.50 6.12 -44.45
N LEU P 101 3.27 6.61 -44.50
CA LEU P 101 2.92 7.74 -45.36
C LEU P 101 3.83 8.94 -45.04
N ALA P 102 4.29 9.01 -43.80
CA ALA P 102 5.22 10.07 -43.40
C ALA P 102 6.54 9.96 -44.15
N SER P 103 7.11 8.77 -44.17
CA SER P 103 8.39 8.54 -44.83
C SER P 103 8.27 8.77 -46.34
N VAL P 104 7.16 8.35 -46.92
CA VAL P 104 6.92 8.55 -48.34
C VAL P 104 7.00 10.04 -48.68
N ALA P 105 6.56 10.88 -47.75
CA ALA P 105 6.63 12.32 -47.93
C ALA P 105 8.08 12.81 -48.00
N GLN P 106 8.81 12.61 -46.92
CA GLN P 106 10.18 13.13 -46.79
C GLN P 106 11.14 12.54 -47.83
N ASP P 107 10.75 11.46 -48.49
CA ASP P 107 11.61 10.87 -49.49
C ASP P 107 11.23 11.21 -50.93
N SER P 108 10.05 11.78 -51.12
CA SER P 108 9.56 12.07 -52.47
C SER P 108 9.44 13.56 -52.69
N GLY P 109 9.35 14.32 -51.60
CA GLY P 109 9.18 15.77 -51.66
C GLY P 109 7.76 16.13 -52.07
N VAL P 110 6.97 15.09 -52.33
CA VAL P 110 5.56 15.24 -52.66
C VAL P 110 4.71 15.28 -51.39
N PRO P 111 3.97 16.36 -51.21
CA PRO P 111 3.13 16.44 -50.02
C PRO P 111 2.14 15.28 -50.00
N VAL P 112 1.84 14.79 -48.80
CA VAL P 112 0.90 13.70 -48.63
C VAL P 112 0.00 13.99 -47.42
N ALA P 113 -1.31 13.93 -47.64
CA ALA P 113 -2.28 14.23 -46.60
C ALA P 113 -2.54 12.99 -45.77
N PHE P 114 -2.34 13.09 -44.46
CA PHE P 114 -2.66 11.98 -43.58
C PHE P 114 -4.15 11.92 -43.27
N GLY P 115 -4.96 11.53 -44.25
CA GLY P 115 -6.40 11.41 -44.07
C GLY P 115 -6.80 10.04 -43.56
N VAL P 116 -6.08 9.59 -42.55
CA VAL P 116 -6.36 8.27 -41.96
C VAL P 116 -6.95 8.39 -40.55
N LEU P 117 -8.21 7.96 -40.43
CA LEU P 117 -8.87 8.02 -39.16
C LEU P 117 -8.39 6.92 -38.27
N THR P 118 -7.84 7.31 -37.14
CA THR P 118 -7.37 6.37 -36.15
C THR P 118 -8.18 6.55 -34.87
N THR P 119 -9.24 5.77 -34.74
CA THR P 119 -10.22 6.00 -33.69
C THR P 119 -10.42 4.82 -32.73
N GLU P 120 -11.56 4.84 -32.04
CA GLU P 120 -11.91 3.84 -31.01
C GLU P 120 -13.30 3.24 -31.26
N SER P 121 -14.08 3.90 -32.12
CA SER P 121 -15.45 3.46 -32.36
C SER P 121 -15.92 3.86 -33.72
N ILE P 122 -16.90 3.14 -34.23
CA ILE P 122 -17.58 3.56 -35.43
C ILE P 122 -18.23 4.92 -35.13
N GLU P 123 -18.60 5.11 -33.87
CA GLU P 123 -19.18 6.37 -33.39
C GLU P 123 -18.25 7.54 -33.68
N GLN P 124 -17.03 7.45 -33.18
CA GLN P 124 -16.02 8.47 -33.40
C GLN P 124 -15.72 8.67 -34.89
N ALA P 125 -15.59 7.57 -35.63
CA ALA P 125 -15.26 7.66 -37.05
C ALA P 125 -16.36 8.41 -37.83
N ILE P 126 -17.61 8.03 -37.59
CA ILE P 126 -18.72 8.69 -38.26
C ILE P 126 -18.79 10.17 -37.89
N GLU P 127 -18.24 10.51 -36.73
CA GLU P 127 -18.14 11.90 -36.33
C GLU P 127 -17.14 12.63 -37.20
N ARG P 128 -16.03 11.96 -37.49
CA ARG P 128 -14.89 12.58 -38.15
C ARG P 128 -14.88 12.38 -39.66
N ALA P 129 -15.97 11.85 -40.18
CA ALA P 129 -16.05 11.61 -41.61
C ALA P 129 -17.38 12.10 -42.16
N GLY P 130 -17.73 13.34 -41.84
CA GLY P 130 -18.90 13.96 -42.44
C GLY P 130 -19.88 14.62 -41.49
N THR P 131 -20.00 14.08 -40.28
CA THR P 131 -20.98 14.60 -39.33
C THR P 131 -20.39 15.63 -38.36
N LYS P 132 -20.75 15.44 -37.10
CA LYS P 132 -20.40 16.38 -36.04
C LYS P 132 -19.06 17.13 -36.21
N ALA P 133 -17.97 16.40 -36.30
CA ALA P 133 -16.66 17.05 -36.34
C ALA P 133 -16.00 16.99 -37.71
N GLY P 134 -16.66 17.56 -38.70
CA GLY P 134 -16.07 17.67 -40.03
C GLY P 134 -15.94 16.38 -40.81
N ASN P 135 -15.02 16.40 -41.77
CA ASN P 135 -14.90 15.34 -42.76
C ASN P 135 -13.46 15.24 -43.20
N LYS P 136 -12.64 14.68 -42.32
CA LYS P 136 -11.18 14.72 -42.50
C LYS P 136 -10.74 14.51 -43.95
N GLY P 137 -11.49 13.69 -44.69
CA GLY P 137 -11.17 13.42 -46.08
C GLY P 137 -10.98 14.69 -46.87
N ALA P 138 -11.94 15.60 -46.74
CA ALA P 138 -11.91 16.90 -47.42
C ALA P 138 -10.73 17.71 -46.90
N GLU P 139 -10.67 17.83 -45.58
CA GLU P 139 -9.56 18.51 -44.94
C GLU P 139 -8.25 18.03 -45.55
N ALA P 140 -8.04 16.72 -45.53
CA ALA P 140 -6.82 16.16 -46.08
C ALA P 140 -6.55 16.74 -47.45
N ALA P 141 -7.58 16.88 -48.26
CA ALA P 141 -7.38 17.37 -49.60
C ALA P 141 -6.95 18.84 -49.57
N LEU P 142 -7.61 19.64 -48.73
CA LEU P 142 -7.28 21.06 -48.70
C LEU P 142 -5.86 21.25 -48.21
N THR P 143 -5.52 20.60 -47.10
CA THR P 143 -4.15 20.62 -46.63
C THR P 143 -3.19 20.13 -47.72
N ALA P 144 -3.62 19.12 -48.49
CA ALA P 144 -2.87 18.64 -49.64
C ALA P 144 -2.56 19.80 -50.57
N LEU P 145 -3.61 20.36 -51.15
CA LEU P 145 -3.49 21.52 -52.01
C LEU P 145 -2.59 22.59 -51.41
N GLU P 146 -3.04 23.22 -50.33
CA GLU P 146 -2.25 24.27 -49.66
C GLU P 146 -0.77 23.91 -49.70
N MET P 147 -0.42 22.74 -49.20
CA MET P 147 0.98 22.29 -49.18
C MET P 147 1.62 22.33 -50.55
N ILE P 148 0.86 22.00 -51.58
CA ILE P 148 1.37 22.13 -52.94
C ILE P 148 1.91 23.54 -53.18
N ASN P 149 1.06 24.54 -52.95
CA ASN P 149 1.44 25.93 -53.16
C ASN P 149 2.46 26.45 -52.14
N VAL P 150 2.39 25.93 -50.92
CA VAL P 150 3.39 26.28 -49.91
C VAL P 150 4.81 25.89 -50.36
N LEU P 151 4.99 24.60 -50.65
CA LEU P 151 6.25 24.11 -51.16
C LEU P 151 6.66 24.94 -52.36
N LYS P 152 5.73 25.10 -53.30
CA LYS P 152 5.98 25.92 -54.49
C LYS P 152 6.53 27.30 -54.12
N ALA P 153 6.09 27.83 -52.99
CA ALA P 153 6.49 29.17 -52.56
C ALA P 153 7.93 29.21 -52.01
N ILE P 154 8.69 28.18 -52.28
CA ILE P 154 10.09 28.18 -51.90
C ILE P 154 10.96 27.55 -53.00
N MET Q 1 41.20 22.22 -19.97
CA MET Q 1 39.97 21.61 -20.47
C MET Q 1 39.11 22.64 -21.20
N ASN Q 2 38.91 22.44 -22.50
CA ASN Q 2 38.18 23.41 -23.30
C ASN Q 2 36.67 23.16 -23.32
N ILE Q 3 35.92 24.24 -23.10
CA ILE Q 3 34.48 24.15 -22.92
C ILE Q 3 33.81 25.01 -23.95
N ILE Q 4 32.66 24.55 -24.45
CA ILE Q 4 31.92 25.36 -25.41
C ILE Q 4 30.58 25.79 -24.82
N LYS Q 5 30.49 27.06 -24.44
CA LYS Q 5 29.22 27.65 -24.04
C LYS Q 5 28.88 28.77 -25.01
N ALA Q 6 27.68 28.74 -25.61
CA ALA Q 6 27.36 29.71 -26.65
C ALA Q 6 26.19 30.61 -26.31
N ASN Q 7 26.31 31.88 -26.67
CA ASN Q 7 25.23 32.83 -26.40
C ASN Q 7 24.11 32.80 -27.45
N VAL Q 8 23.03 33.54 -27.20
CA VAL Q 8 21.83 33.52 -28.03
C VAL Q 8 21.73 34.68 -29.03
N ALA Q 9 22.80 35.45 -29.16
CA ALA Q 9 22.78 36.57 -30.11
C ALA Q 9 23.42 36.11 -31.39
N ALA Q 10 22.90 36.59 -32.51
CA ALA Q 10 23.38 36.16 -33.81
C ALA Q 10 22.75 37.03 -34.90
N PRO Q 11 23.18 38.30 -34.98
CA PRO Q 11 22.51 39.32 -35.79
C PRO Q 11 22.41 38.89 -37.22
N ASP Q 12 23.50 38.33 -37.75
CA ASP Q 12 23.61 38.10 -39.18
C ASP Q 12 22.68 37.03 -39.75
N ALA Q 13 22.27 36.08 -38.92
CA ALA Q 13 21.65 34.87 -39.45
C ALA Q 13 20.23 35.03 -39.98
N ARG Q 14 19.87 34.14 -40.90
CA ARG Q 14 18.52 34.16 -41.43
C ARG Q 14 17.74 32.95 -40.93
N VAL Q 15 16.78 33.20 -40.04
CA VAL Q 15 16.01 32.12 -39.43
C VAL Q 15 14.67 31.95 -40.10
N ALA Q 16 14.26 30.69 -40.31
CA ALA Q 16 12.95 30.42 -40.86
C ALA Q 16 12.00 29.80 -39.84
N ILE Q 17 10.86 30.44 -39.64
CA ILE Q 17 9.84 29.97 -38.72
C ILE Q 17 8.69 29.34 -39.48
N THR Q 18 8.30 28.14 -39.09
CA THR Q 18 7.16 27.46 -39.68
C THR Q 18 6.05 27.28 -38.64
N ILE Q 19 4.80 27.33 -39.08
CA ILE Q 19 3.67 27.37 -38.16
C ILE Q 19 2.40 26.69 -38.66
N ALA Q 20 1.76 25.93 -37.78
CA ALA Q 20 0.46 25.34 -38.12
C ALA Q 20 -0.66 26.30 -37.74
N ARG Q 21 -1.59 26.52 -38.66
CA ARG Q 21 -2.72 27.41 -38.39
C ARG Q 21 -3.78 26.75 -37.51
N PHE Q 22 -3.90 25.43 -37.61
CA PHE Q 22 -4.76 24.69 -36.69
C PHE Q 22 -4.29 24.98 -35.29
N ASN Q 23 -5.22 25.28 -34.40
CA ASN Q 23 -4.88 25.71 -33.06
C ASN Q 23 -4.21 27.07 -33.14
N GLN Q 24 -4.64 27.86 -34.11
CA GLN Q 24 -4.16 29.22 -34.28
C GLN Q 24 -4.22 29.95 -32.95
N PHE Q 25 -5.40 29.93 -32.33
CA PHE Q 25 -5.65 30.74 -31.14
C PHE Q 25 -4.55 30.53 -30.13
N ILE Q 26 -3.73 29.50 -30.33
CA ILE Q 26 -2.65 29.19 -29.41
C ILE Q 26 -1.29 29.31 -30.09
N ASN Q 27 -1.20 28.78 -31.29
CA ASN Q 27 0.02 28.90 -32.06
C ASN Q 27 0.40 30.36 -32.33
N ASP Q 28 -0.57 31.26 -32.26
CA ASP Q 28 -0.32 32.66 -32.61
C ASP Q 28 0.59 33.35 -31.61
N SER Q 29 0.40 33.02 -30.33
CA SER Q 29 1.32 33.50 -29.30
C SER Q 29 2.69 32.87 -29.50
N LEU Q 30 2.70 31.59 -29.82
CA LEU Q 30 3.95 30.89 -30.10
C LEU Q 30 4.80 31.70 -31.07
N LEU Q 31 4.17 32.21 -32.14
CA LEU Q 31 4.88 33.04 -33.10
C LEU Q 31 5.35 34.34 -32.48
N ASP Q 32 4.46 34.99 -31.74
CA ASP Q 32 4.82 36.25 -31.07
C ASP Q 32 6.05 36.06 -30.20
N GLY Q 33 6.03 35.02 -29.37
CA GLY Q 33 7.18 34.69 -28.56
C GLY Q 33 8.37 34.53 -29.46
N ALA Q 34 8.30 33.56 -30.36
CA ALA Q 34 9.41 33.28 -31.25
C ALA Q 34 10.02 34.55 -31.79
N VAL Q 35 9.24 35.31 -32.56
CA VAL Q 35 9.76 36.49 -33.24
C VAL Q 35 10.41 37.47 -32.27
N ASP Q 36 9.67 37.87 -31.23
CA ASP Q 36 10.24 38.78 -30.25
C ASP Q 36 11.62 38.30 -29.87
N ALA Q 37 11.67 37.13 -29.25
CA ALA Q 37 12.93 36.52 -28.82
C ALA Q 37 14.00 36.53 -29.91
N LEU Q 38 13.56 36.32 -31.14
CA LEU Q 38 14.48 36.25 -32.27
C LEU Q 38 15.17 37.59 -32.54
N THR Q 39 14.36 38.63 -32.69
CA THR Q 39 14.91 39.95 -32.94
C THR Q 39 15.46 40.51 -31.64
N ARG Q 40 14.56 40.95 -30.76
CA ARG Q 40 14.94 41.56 -29.48
C ARG Q 40 16.17 40.92 -28.82
N ILE Q 41 16.12 39.62 -28.56
CA ILE Q 41 17.19 38.94 -27.84
C ILE Q 41 18.32 38.49 -28.74
N GLY Q 42 17.98 37.92 -29.90
CA GLY Q 42 18.98 37.36 -30.78
C GLY Q 42 19.60 38.34 -31.74
N GLN Q 43 19.15 39.59 -31.71
CA GLN Q 43 19.69 40.62 -32.58
C GLN Q 43 19.40 40.37 -34.07
N VAL Q 44 18.39 39.57 -34.37
CA VAL Q 44 18.12 39.20 -35.77
C VAL Q 44 17.28 40.27 -36.45
N LYS Q 45 17.71 40.70 -37.63
CA LYS Q 45 16.95 41.67 -38.39
C LYS Q 45 15.67 41.03 -38.92
N ASP Q 46 14.57 41.77 -38.87
CA ASP Q 46 13.27 41.17 -39.12
C ASP Q 46 13.02 40.82 -40.58
N ASP Q 47 14.00 41.04 -41.44
CA ASP Q 47 13.86 40.61 -42.82
C ASP Q 47 14.71 39.39 -43.10
N ASN Q 48 15.43 38.94 -42.10
CA ASN Q 48 16.11 37.65 -42.16
C ASN Q 48 15.23 36.58 -41.50
N ILE Q 49 14.02 37.00 -41.18
CA ILE Q 49 13.01 36.11 -40.64
C ILE Q 49 11.92 35.90 -41.68
N THR Q 50 11.80 34.67 -42.17
CA THR Q 50 10.67 34.33 -43.03
C THR Q 50 9.79 33.33 -42.31
N VAL Q 51 8.48 33.47 -42.50
CA VAL Q 51 7.51 32.68 -41.74
C VAL Q 51 6.64 31.88 -42.67
N VAL Q 52 6.81 30.57 -42.65
CA VAL Q 52 6.02 29.70 -43.51
C VAL Q 52 4.83 29.13 -42.74
N TRP Q 53 3.62 29.24 -43.31
CA TRP Q 53 2.39 28.76 -42.66
C TRP Q 53 1.83 27.51 -43.30
N VAL Q 54 2.03 26.35 -42.69
CA VAL Q 54 1.40 25.11 -43.18
C VAL Q 54 0.11 24.88 -42.41
N PRO Q 55 -0.85 24.15 -43.03
CA PRO Q 55 -2.11 23.84 -42.36
C PRO Q 55 -1.91 23.25 -40.95
N GLY Q 56 -1.62 21.96 -40.86
CA GLY Q 56 -1.51 21.30 -39.57
C GLY Q 56 -0.10 20.98 -39.11
N ALA Q 57 0.03 20.64 -37.84
CA ALA Q 57 1.31 20.31 -37.25
C ALA Q 57 1.94 19.12 -37.93
N TYR Q 58 1.11 18.32 -38.57
CA TYR Q 58 1.61 17.13 -39.27
C TYR Q 58 2.45 17.50 -40.47
N GLU Q 59 2.24 18.73 -40.96
CA GLU Q 59 2.87 19.18 -42.17
C GLU Q 59 4.17 19.93 -41.85
N LEU Q 60 4.33 20.31 -40.59
CA LEU Q 60 5.53 21.02 -40.13
C LEU Q 60 6.84 20.47 -40.73
N PRO Q 61 7.00 19.14 -40.71
CA PRO Q 61 8.21 18.58 -41.28
C PRO Q 61 8.45 19.06 -42.70
N LEU Q 62 7.68 18.54 -43.66
CA LEU Q 62 7.94 18.85 -45.06
C LEU Q 62 8.30 20.31 -45.25
N ALA Q 63 7.51 21.19 -44.67
CA ALA Q 63 7.82 22.61 -44.71
C ALA Q 63 9.26 22.84 -44.24
N THR Q 64 9.57 22.38 -43.03
CA THR Q 64 10.88 22.67 -42.44
C THR Q 64 12.03 21.91 -43.12
N GLU Q 65 11.70 21.05 -44.06
CA GLU Q 65 12.73 20.39 -44.85
C GLU Q 65 13.05 21.22 -46.09
N ALA Q 66 12.02 21.50 -46.89
CA ALA Q 66 12.18 22.36 -48.04
C ALA Q 66 12.93 23.63 -47.63
N LEU Q 67 12.67 24.10 -46.41
CA LEU Q 67 13.36 25.28 -45.91
C LEU Q 67 14.84 25.00 -45.67
N ALA Q 68 15.13 24.19 -44.66
CA ALA Q 68 16.51 23.87 -44.32
C ALA Q 68 17.29 23.40 -45.54
N LYS Q 69 16.72 22.47 -46.30
CA LYS Q 69 17.32 22.02 -47.55
C LYS Q 69 17.75 23.23 -48.38
N SER Q 70 16.77 24.05 -48.76
CA SER Q 70 17.01 25.28 -49.51
C SER Q 70 18.40 25.87 -49.27
N GLY Q 71 18.77 25.99 -48.00
CA GLY Q 71 20.10 26.44 -47.61
C GLY Q 71 20.12 27.88 -47.12
N LYS Q 72 19.21 28.70 -47.64
CA LYS Q 72 19.19 30.12 -47.29
C LYS Q 72 19.16 30.43 -45.77
N TYR Q 73 18.57 29.53 -45.00
CA TYR Q 73 18.36 29.77 -43.56
C TYR Q 73 19.36 29.06 -42.66
N ASP Q 74 19.63 29.64 -41.52
CA ASP Q 74 20.61 29.08 -40.60
C ASP Q 74 19.94 28.21 -39.56
N ALA Q 75 18.63 28.29 -39.45
CA ALA Q 75 17.87 27.49 -38.51
C ALA Q 75 16.36 27.66 -38.69
N VAL Q 76 15.63 26.61 -38.35
CA VAL Q 76 14.20 26.64 -38.55
C VAL Q 76 13.55 26.49 -37.20
N VAL Q 77 12.61 27.37 -36.91
CA VAL Q 77 11.84 27.24 -35.69
C VAL Q 77 10.47 26.69 -36.02
N ALA Q 78 10.21 25.47 -35.55
CA ALA Q 78 8.95 24.79 -35.83
C ALA Q 78 7.94 25.08 -34.73
N LEU Q 79 6.79 25.63 -35.12
CA LEU Q 79 5.76 26.05 -34.17
C LEU Q 79 4.40 25.43 -34.45
N GLY Q 80 3.92 24.63 -33.50
CA GLY Q 80 2.63 23.98 -33.64
C GLY Q 80 2.04 23.63 -32.29
N THR Q 81 0.79 23.18 -32.28
CA THR Q 81 0.14 22.77 -31.04
C THR Q 81 -0.79 21.58 -31.31
N VAL Q 82 -0.61 20.54 -30.51
CA VAL Q 82 -1.42 19.34 -30.60
C VAL Q 82 -2.00 18.98 -29.24
N ILE Q 83 -3.32 19.03 -29.14
CA ILE Q 83 -3.97 18.73 -27.88
C ILE Q 83 -4.81 17.47 -28.03
N ARG Q 84 -4.48 16.46 -27.25
CA ARG Q 84 -5.17 15.18 -27.33
C ARG Q 84 -6.70 15.29 -27.30
N GLY Q 85 -7.38 14.28 -27.83
CA GLY Q 85 -8.83 14.25 -27.82
C GLY Q 85 -9.41 12.85 -27.75
N GLY Q 86 -10.58 12.69 -28.36
CA GLY Q 86 -11.32 11.44 -28.32
C GLY Q 86 -10.54 10.21 -28.72
N THR Q 87 -9.77 10.31 -29.79
CA THR Q 87 -9.02 9.18 -30.29
C THR Q 87 -7.51 9.44 -30.21
N ALA Q 88 -6.73 8.40 -30.45
CA ALA Q 88 -5.30 8.58 -30.54
C ALA Q 88 -4.97 8.98 -31.97
N HIS Q 89 -5.47 10.14 -32.36
CA HIS Q 89 -5.00 10.82 -33.58
C HIS Q 89 -3.80 11.60 -33.09
N PHE Q 90 -4.01 12.33 -32.00
CA PHE Q 90 -2.94 13.04 -31.32
C PHE Q 90 -1.65 12.26 -31.38
N GLU Q 91 -1.75 10.98 -31.05
CA GLU Q 91 -0.60 10.08 -31.02
C GLU Q 91 0.20 10.25 -32.29
N TYR Q 92 -0.45 9.97 -33.42
CA TYR Q 92 0.22 9.87 -34.72
C TYR Q 92 0.65 11.22 -35.27
N VAL Q 93 -0.17 12.24 -35.05
CA VAL Q 93 0.20 13.60 -35.45
C VAL Q 93 1.44 14.03 -34.65
N ALA Q 94 1.25 14.26 -33.35
CA ALA Q 94 2.36 14.67 -32.52
C ALA Q 94 3.62 13.88 -32.85
N GLY Q 95 3.49 12.56 -32.92
CA GLY Q 95 4.64 11.72 -33.17
C GLY Q 95 5.26 11.91 -34.54
N GLY Q 96 4.45 11.73 -35.58
CA GLY Q 96 4.93 11.89 -36.96
C GLY Q 96 5.48 13.27 -37.25
N ALA Q 97 5.30 14.18 -36.30
CA ALA Q 97 5.80 15.54 -36.46
C ALA Q 97 6.90 15.81 -35.47
N SER Q 98 7.08 14.88 -34.53
CA SER Q 98 8.25 14.94 -33.65
C SER Q 98 9.42 14.22 -34.32
N ASN Q 99 9.22 12.93 -34.55
CA ASN Q 99 10.16 12.14 -35.35
C ASN Q 99 10.44 12.79 -36.69
N GLY Q 100 9.45 13.48 -37.21
CA GLY Q 100 9.61 14.19 -38.46
C GLY Q 100 10.65 15.29 -38.34
N LEU Q 101 10.33 16.34 -37.59
CA LEU Q 101 11.22 17.47 -37.45
C LEU Q 101 12.60 17.02 -36.98
N ALA Q 102 12.63 15.94 -36.21
CA ALA Q 102 13.88 15.37 -35.73
C ALA Q 102 14.76 14.88 -36.87
N SER Q 103 14.16 14.12 -37.79
CA SER Q 103 14.87 13.60 -38.95
C SER Q 103 15.35 14.71 -39.89
N VAL Q 104 14.52 15.74 -40.08
CA VAL Q 104 14.91 16.88 -40.88
C VAL Q 104 16.18 17.53 -40.35
N ALA Q 105 16.36 17.49 -39.03
CA ALA Q 105 17.56 18.03 -38.42
C ALA Q 105 18.77 17.21 -38.83
N GLN Q 106 18.76 15.93 -38.46
CA GLN Q 106 19.92 15.06 -38.64
C GLN Q 106 20.32 14.89 -40.10
N ASP Q 107 19.44 15.27 -41.01
CA ASP Q 107 19.70 15.11 -42.44
C ASP Q 107 20.10 16.40 -43.13
N SER Q 108 19.88 17.54 -42.45
CA SER Q 108 20.15 18.83 -43.07
C SER Q 108 21.27 19.53 -42.35
N GLY Q 109 21.54 19.13 -41.12
CA GLY Q 109 22.60 19.74 -40.32
C GLY Q 109 22.14 21.09 -39.82
N VAL Q 110 20.94 21.48 -40.23
CA VAL Q 110 20.37 22.73 -39.77
C VAL Q 110 19.59 22.49 -38.49
N PRO Q 111 19.91 23.26 -37.45
CA PRO Q 111 19.21 23.10 -36.18
C PRO Q 111 17.73 23.39 -36.38
N VAL Q 112 16.89 22.69 -35.63
CA VAL Q 112 15.45 22.91 -35.71
C VAL Q 112 14.83 22.84 -34.32
N ALA Q 113 14.09 23.88 -33.97
CA ALA Q 113 13.50 23.98 -32.65
C ALA Q 113 12.18 23.25 -32.61
N PHE Q 114 12.06 22.29 -31.68
CA PHE Q 114 10.81 21.57 -31.53
C PHE Q 114 9.83 22.37 -30.71
N GLY Q 115 9.31 23.43 -31.30
CA GLY Q 115 8.36 24.29 -30.63
C GLY Q 115 6.92 23.80 -30.80
N VAL Q 116 6.71 22.53 -30.56
CA VAL Q 116 5.40 21.94 -30.74
C VAL Q 116 4.84 21.48 -29.42
N LEU Q 117 3.75 22.14 -29.02
CA LEU Q 117 3.07 21.80 -27.79
C LEU Q 117 2.28 20.51 -27.93
N THR Q 118 2.64 19.52 -27.12
CA THR Q 118 1.97 18.23 -27.12
C THR Q 118 1.32 18.00 -25.78
N THR Q 119 0.06 18.40 -25.64
CA THR Q 119 -0.58 18.50 -24.34
C THR Q 119 -1.84 17.65 -24.19
N GLU Q 120 -2.69 18.04 -23.25
CA GLU Q 120 -3.92 17.32 -22.96
C GLU Q 120 -5.12 18.27 -22.84
N SER Q 121 -4.85 19.56 -22.75
CA SER Q 121 -5.94 20.53 -22.60
C SER Q 121 -5.57 21.90 -23.15
N ILE Q 122 -6.60 22.68 -23.42
CA ILE Q 122 -6.39 24.07 -23.80
C ILE Q 122 -5.78 24.75 -22.59
N GLU Q 123 -6.12 24.22 -21.41
CA GLU Q 123 -5.59 24.70 -20.14
C GLU Q 123 -4.07 24.64 -20.11
N GLN Q 124 -3.54 23.44 -20.35
CA GLN Q 124 -2.12 23.20 -20.35
C GLN Q 124 -1.43 23.99 -21.45
N ALA Q 125 -2.03 24.01 -22.64
CA ALA Q 125 -1.46 24.74 -23.77
C ALA Q 125 -1.33 26.24 -23.44
N ILE Q 126 -2.41 26.84 -22.97
CA ILE Q 126 -2.35 28.24 -22.61
C ILE Q 126 -1.29 28.50 -21.54
N GLU Q 127 -1.03 27.51 -20.70
CA GLU Q 127 0.02 27.62 -19.71
C GLU Q 127 1.38 27.73 -20.36
N ARG Q 128 1.58 26.94 -21.41
CA ARG Q 128 2.90 26.77 -22.01
C ARG Q 128 3.14 27.67 -23.22
N ALA Q 129 2.20 28.59 -23.46
CA ALA Q 129 2.34 29.51 -24.58
C ALA Q 129 2.09 30.97 -24.18
N GLY Q 130 2.76 31.42 -23.12
CA GLY Q 130 2.64 32.81 -22.71
C GLY Q 130 2.36 33.06 -21.22
N THR Q 131 1.57 32.19 -20.61
CA THR Q 131 1.20 32.40 -19.22
C THR Q 131 2.10 31.67 -18.23
N LYS Q 132 1.46 31.04 -17.25
CA LYS Q 132 2.11 30.42 -16.10
C LYS Q 132 3.50 29.84 -16.37
N ALA Q 133 3.60 28.91 -17.31
CA ALA Q 133 4.87 28.24 -17.55
C ALA Q 133 5.55 28.64 -18.85
N GLY Q 134 5.84 29.92 -18.99
CA GLY Q 134 6.61 30.41 -20.12
C GLY Q 134 5.91 30.43 -21.48
N ASN Q 135 6.69 30.41 -22.54
CA ASN Q 135 6.16 30.63 -23.87
C ASN Q 135 6.98 29.86 -24.90
N LYS Q 136 6.80 28.54 -24.91
CA LYS Q 136 7.71 27.66 -25.61
C LYS Q 136 8.17 28.23 -26.95
N GLY Q 137 7.29 28.96 -27.59
CA GLY Q 137 7.61 29.55 -28.89
C GLY Q 137 8.90 30.34 -28.84
N ALA Q 138 9.02 31.21 -27.85
CA ALA Q 138 10.21 32.03 -27.66
C ALA Q 138 11.39 31.12 -27.35
N GLU Q 139 11.21 30.28 -26.34
CA GLU Q 139 12.22 29.31 -25.99
C GLU Q 139 12.77 28.65 -27.26
N ALA Q 140 11.87 28.09 -28.05
CA ALA Q 140 12.26 27.39 -29.24
C ALA Q 140 13.19 28.26 -30.07
N ALA Q 141 12.92 29.55 -30.13
CA ALA Q 141 13.79 30.45 -30.91
C ALA Q 141 15.17 30.62 -30.26
N LEU Q 142 15.20 30.83 -28.96
CA LEU Q 142 16.48 30.97 -28.28
C LEU Q 142 17.31 29.71 -28.49
N THR Q 143 16.72 28.56 -28.19
CA THR Q 143 17.41 27.29 -28.38
C THR Q 143 17.84 27.18 -29.83
N ALA Q 144 17.00 27.67 -30.74
CA ALA Q 144 17.36 27.72 -32.15
C ALA Q 144 18.67 28.49 -32.33
N LEU Q 145 18.62 29.79 -32.02
CA LEU Q 145 19.81 30.61 -32.04
C LEU Q 145 21.00 29.89 -31.42
N GLU Q 146 20.97 29.72 -30.09
CA GLU Q 146 22.10 29.09 -29.40
C GLU Q 146 22.70 27.97 -30.24
N MET Q 147 21.85 27.04 -30.69
CA MET Q 147 22.32 25.90 -31.47
C MET Q 147 23.09 26.35 -32.69
N ILE Q 148 22.63 27.43 -33.30
CA ILE Q 148 23.34 28.01 -34.45
C ILE Q 148 24.82 28.22 -34.10
N ASN Q 149 25.05 29.00 -33.04
CA ASN Q 149 26.40 29.31 -32.60
C ASN Q 149 27.13 28.12 -31.98
N VAL Q 150 26.37 27.19 -31.42
CA VAL Q 150 26.98 25.97 -30.89
C VAL Q 150 27.59 25.15 -32.01
N LEU Q 151 26.78 24.84 -33.01
CA LEU Q 151 27.28 24.09 -34.17
C LEU Q 151 28.49 24.85 -34.71
N LYS Q 152 28.29 26.15 -34.90
CA LYS Q 152 29.35 27.02 -35.42
C LYS Q 152 30.64 26.82 -34.67
N ALA Q 153 30.54 26.57 -33.38
CA ALA Q 153 31.72 26.43 -32.52
C ALA Q 153 32.43 25.11 -32.73
N ILE Q 154 32.13 24.42 -33.81
CA ILE Q 154 32.84 23.19 -34.12
C ILE Q 154 33.13 23.08 -35.63
N MET R 1 38.49 -20.93 -27.32
CA MET R 1 37.41 -19.95 -27.49
C MET R 1 37.86 -18.55 -27.09
N ASN R 2 37.89 -17.64 -28.06
CA ASN R 2 38.42 -16.29 -27.81
C ASN R 2 37.38 -15.30 -27.33
N ILE R 3 37.74 -14.60 -26.26
CA ILE R 3 36.81 -13.74 -25.55
C ILE R 3 37.33 -12.31 -25.53
N ILE R 4 36.43 -11.35 -25.67
CA ILE R 4 36.88 -9.97 -25.63
C ILE R 4 36.33 -9.27 -24.44
N LYS R 5 37.16 -9.05 -23.42
CA LYS R 5 36.76 -8.23 -22.28
C LYS R 5 37.68 -7.01 -22.24
N ALA R 6 37.12 -5.81 -22.13
CA ALA R 6 37.93 -4.60 -22.23
C ALA R 6 37.85 -3.78 -20.98
N ASN R 7 38.98 -3.20 -20.58
CA ASN R 7 39.04 -2.31 -19.43
C ASN R 7 38.59 -0.87 -19.71
N VAL R 8 38.56 -0.04 -18.68
CA VAL R 8 38.03 1.32 -18.78
C VAL R 8 39.11 2.39 -18.86
N ALA R 9 40.35 1.97 -18.99
CA ALA R 9 41.45 2.92 -19.13
C ALA R 9 41.78 3.17 -20.60
N ALA R 10 42.14 4.39 -20.93
CA ALA R 10 42.38 4.76 -22.31
C ALA R 10 42.97 6.16 -22.37
N PRO R 11 44.24 6.26 -21.99
CA PRO R 11 44.87 7.56 -21.69
C PRO R 11 45.14 8.46 -22.92
N ASP R 12 44.64 8.10 -24.09
CA ASP R 12 45.10 8.75 -25.31
C ASP R 12 43.98 9.36 -26.11
N ALA R 13 42.82 8.71 -26.05
CA ALA R 13 41.63 9.10 -26.83
C ALA R 13 40.97 10.36 -26.31
N ARG R 14 40.47 11.18 -27.22
CA ARG R 14 39.83 12.42 -26.84
C ARG R 14 38.31 12.26 -26.76
N VAL R 15 37.74 12.47 -25.58
CA VAL R 15 36.31 12.31 -25.39
C VAL R 15 35.54 13.63 -25.43
N ALA R 16 34.38 13.63 -26.05
CA ALA R 16 33.55 14.82 -26.04
C ALA R 16 32.29 14.61 -25.21
N ILE R 17 32.07 15.48 -24.23
CA ILE R 17 30.89 15.42 -23.39
C ILE R 17 29.94 16.53 -23.81
N THR R 18 28.66 16.17 -24.01
CA THR R 18 27.60 17.12 -24.33
C THR R 18 26.60 17.17 -23.17
N ILE R 19 25.99 18.33 -22.96
CA ILE R 19 25.14 18.53 -21.78
C ILE R 19 23.99 19.52 -22.00
N ALA R 20 22.82 19.19 -21.49
CA ALA R 20 21.69 20.12 -21.49
C ALA R 20 21.69 20.97 -20.22
N ARG R 21 21.52 22.28 -20.35
CA ARG R 21 21.54 23.16 -19.20
C ARG R 21 20.19 23.17 -18.47
N PHE R 22 19.13 22.80 -19.19
CA PHE R 22 17.84 22.61 -18.56
C PHE R 22 17.98 21.45 -17.58
N ASN R 23 17.49 21.65 -16.37
CA ASN R 23 17.68 20.67 -15.32
C ASN R 23 19.14 20.67 -14.91
N GLN R 24 19.74 21.85 -15.00
CA GLN R 24 21.13 22.07 -14.62
C GLN R 24 21.35 21.54 -13.23
N PHE R 25 20.51 21.96 -12.29
CA PHE R 25 20.70 21.56 -10.91
C PHE R 25 20.90 20.05 -10.74
N ILE R 26 20.64 19.28 -11.80
CA ILE R 26 20.79 17.83 -11.74
C ILE R 26 21.81 17.35 -12.76
N ASN R 27 21.77 17.93 -13.95
CA ASN R 27 22.77 17.62 -14.96
C ASN R 27 24.22 17.96 -14.54
N ASP R 28 24.36 18.89 -13.61
CA ASP R 28 25.67 19.40 -13.24
C ASP R 28 26.50 18.36 -12.51
N SER R 29 25.82 17.57 -11.68
CA SER R 29 26.44 16.42 -11.03
C SER R 29 26.80 15.38 -12.12
N LEU R 30 25.90 15.20 -13.08
CA LEU R 30 26.12 14.26 -14.15
C LEU R 30 27.46 14.56 -14.76
N LEU R 31 27.75 15.84 -15.00
CA LEU R 31 29.03 16.22 -15.57
C LEU R 31 30.16 15.91 -14.63
N ASP R 32 30.00 16.28 -13.35
CA ASP R 32 31.04 15.99 -12.35
C ASP R 32 31.38 14.51 -12.34
N GLY R 33 30.35 13.67 -12.28
CA GLY R 33 30.56 12.24 -12.36
C GLY R 33 31.36 11.89 -13.60
N ALA R 34 30.79 12.22 -14.76
CA ALA R 34 31.41 11.96 -16.05
C ALA R 34 32.90 12.30 -16.03
N VAL R 35 33.22 13.58 -15.84
CA VAL R 35 34.60 14.05 -15.90
C VAL R 35 35.48 13.29 -14.91
N ASP R 36 35.09 13.23 -13.63
CA ASP R 36 35.88 12.50 -12.66
C ASP R 36 36.23 11.12 -13.18
N ALA R 37 35.20 10.30 -13.44
CA ALA R 37 35.37 8.97 -13.99
C ALA R 37 36.27 8.95 -15.23
N LEU R 38 36.15 9.98 -16.05
CA LEU R 38 36.91 10.05 -17.29
C LEU R 38 38.40 10.14 -17.03
N THR R 39 38.80 11.18 -16.32
CA THR R 39 40.20 11.35 -15.97
C THR R 39 40.66 10.29 -14.96
N ARG R 40 40.29 10.49 -13.69
CA ARG R 40 40.65 9.60 -12.58
C ARG R 40 40.69 8.13 -12.98
N ILE R 41 39.58 7.60 -13.49
CA ILE R 41 39.50 6.18 -13.79
C ILE R 41 40.05 5.80 -15.17
N GLY R 42 39.67 6.58 -16.19
CA GLY R 42 40.02 6.28 -17.56
C GLY R 42 41.35 6.85 -18.01
N GLN R 43 42.07 7.50 -17.10
CA GLN R 43 43.41 8.02 -17.37
C GLN R 43 43.41 9.09 -18.45
N VAL R 44 42.27 9.70 -18.69
CA VAL R 44 42.16 10.69 -19.76
C VAL R 44 42.66 12.07 -19.33
N LYS R 45 43.54 12.66 -20.14
CA LYS R 45 44.04 13.99 -19.84
C LYS R 45 42.91 15.01 -20.03
N ASP R 46 42.83 15.96 -19.11
CA ASP R 46 41.67 16.86 -19.08
C ASP R 46 41.60 17.88 -20.22
N ASP R 47 42.56 17.82 -21.15
CA ASP R 47 42.48 18.66 -22.34
C ASP R 47 42.11 17.85 -23.56
N ASN R 48 41.91 16.55 -23.36
CA ASN R 48 41.34 15.71 -24.41
C ASN R 48 39.85 15.56 -24.14
N ILE R 49 39.39 16.33 -23.16
CA ILE R 49 37.98 16.42 -22.81
C ILE R 49 37.42 17.78 -23.24
N THR R 50 36.52 17.78 -24.20
CA THR R 50 35.80 19.01 -24.51
C THR R 50 34.34 18.85 -24.12
N VAL R 51 33.74 19.92 -23.65
CA VAL R 51 32.39 19.86 -23.13
C VAL R 51 31.47 20.83 -23.86
N VAL R 52 30.54 20.29 -24.64
CA VAL R 52 29.63 21.12 -25.39
C VAL R 52 28.30 21.25 -24.64
N TRP R 53 27.84 22.48 -24.48
CA TRP R 53 26.61 22.78 -23.74
C TRP R 53 25.48 23.18 -24.69
N VAL R 54 24.54 22.27 -24.95
CA VAL R 54 23.33 22.63 -25.69
C VAL R 54 22.20 22.94 -24.74
N PRO R 55 21.20 23.73 -25.18
CA PRO R 55 20.08 24.10 -24.31
C PRO R 55 19.38 22.92 -23.64
N GLY R 56 18.55 22.22 -24.39
CA GLY R 56 17.77 21.12 -23.85
C GLY R 56 18.22 19.73 -24.30
N ALA R 57 17.76 18.72 -23.57
CA ALA R 57 18.05 17.32 -23.90
C ALA R 57 17.65 16.94 -25.33
N TYR R 58 16.71 17.69 -25.90
CA TYR R 58 16.23 17.43 -27.25
C TYR R 58 17.30 17.76 -28.27
N GLU R 59 18.27 18.57 -27.85
CA GLU R 59 19.30 19.06 -28.76
C GLU R 59 20.54 18.22 -28.67
N LEU R 60 20.62 17.40 -27.63
CA LEU R 60 21.77 16.50 -27.44
C LEU R 60 22.24 15.78 -28.71
N PRO R 61 21.31 15.24 -29.51
CA PRO R 61 21.71 14.58 -30.74
C PRO R 61 22.55 15.48 -31.64
N LEU R 62 21.94 16.51 -32.22
CA LEU R 62 22.67 17.32 -33.21
C LEU R 62 24.07 17.65 -32.71
N ALA R 63 24.15 18.09 -31.47
CA ALA R 63 25.45 18.34 -30.84
C ALA R 63 26.35 17.12 -30.99
N THR R 64 25.91 15.98 -30.46
CA THR R 64 26.72 14.77 -30.47
C THR R 64 26.95 14.18 -31.87
N GLU R 65 26.32 14.74 -32.89
CA GLU R 65 26.60 14.29 -34.25
C GLU R 65 27.70 15.16 -34.81
N ALA R 66 27.51 16.47 -34.78
CA ALA R 66 28.55 17.39 -35.23
C ALA R 66 29.88 17.02 -34.57
N LEU R 67 29.81 16.57 -33.32
CA LEU R 67 31.02 16.12 -32.62
C LEU R 67 31.58 14.85 -33.23
N ALA R 68 30.89 13.73 -33.06
CA ALA R 68 31.37 12.46 -33.61
C ALA R 68 31.75 12.56 -35.09
N LYS R 69 30.89 13.16 -35.90
CA LYS R 69 31.17 13.39 -37.31
C LYS R 69 32.55 14.00 -37.44
N SER R 70 32.70 15.19 -36.85
CA SER R 70 33.98 15.89 -36.82
C SER R 70 35.16 14.94 -36.92
N GLY R 71 35.16 13.93 -36.04
CA GLY R 71 36.18 12.90 -36.06
C GLY R 71 37.19 13.02 -34.94
N LYS R 72 37.46 14.25 -34.50
CA LYS R 72 38.49 14.50 -33.52
C LYS R 72 38.34 13.63 -32.27
N TYR R 73 37.11 13.25 -31.96
CA TYR R 73 36.84 12.57 -30.69
C TYR R 73 36.66 11.06 -30.85
N ASP R 74 37.01 10.32 -29.79
CA ASP R 74 36.90 8.86 -29.79
C ASP R 74 35.58 8.37 -29.21
N ALA R 75 34.88 9.24 -28.50
CA ALA R 75 33.56 8.90 -28.01
C ALA R 75 32.85 10.14 -27.47
N VAL R 76 31.53 10.09 -27.45
CA VAL R 76 30.75 11.19 -26.95
C VAL R 76 29.97 10.71 -25.73
N VAL R 77 30.06 11.46 -24.64
CA VAL R 77 29.21 11.19 -23.49
C VAL R 77 28.06 12.17 -23.46
N ALA R 78 26.85 11.67 -23.68
CA ALA R 78 25.65 12.51 -23.72
C ALA R 78 25.00 12.59 -22.34
N LEU R 79 24.86 13.81 -21.82
CA LEU R 79 24.37 14.06 -20.47
C LEU R 79 23.17 15.01 -20.43
N GLY R 80 22.03 14.48 -20.01
CA GLY R 80 20.81 15.27 -19.88
C GLY R 80 19.87 14.70 -18.83
N THR R 81 18.81 15.44 -18.53
CA THR R 81 17.82 14.98 -17.57
C THR R 81 16.43 15.40 -18.01
N VAL R 82 15.52 14.44 -18.04
CA VAL R 82 14.15 14.71 -18.45
C VAL R 82 13.23 14.10 -17.42
N ILE R 83 12.46 14.95 -16.76
CA ILE R 83 11.53 14.51 -15.72
C ILE R 83 10.10 14.81 -16.15
N ARG R 84 9.32 13.74 -16.31
CA ARG R 84 7.94 13.84 -16.76
C ARG R 84 7.13 14.91 -16.03
N GLY R 85 6.03 15.34 -16.65
CA GLY R 85 5.20 16.39 -16.07
C GLY R 85 3.74 16.31 -16.49
N GLY R 86 3.07 17.47 -16.48
CA GLY R 86 1.67 17.57 -16.84
C GLY R 86 1.25 16.88 -18.14
N THR R 87 2.02 17.08 -19.21
CA THR R 87 1.72 16.49 -20.51
C THR R 87 2.76 15.47 -20.93
N ALA R 88 2.45 14.75 -21.98
CA ALA R 88 3.46 13.91 -22.63
C ALA R 88 4.30 14.75 -23.59
N HIS R 89 5.00 15.74 -23.03
CA HIS R 89 6.13 16.38 -23.71
C HIS R 89 7.33 15.47 -23.45
N PHE R 90 7.49 15.11 -22.18
CA PHE R 90 8.51 14.17 -21.76
C PHE R 90 8.66 13.07 -22.77
N GLU R 91 7.53 12.52 -23.18
CA GLU R 91 7.50 11.42 -24.13
C GLU R 91 8.40 11.74 -25.31
N TYR R 92 8.06 12.83 -26.00
CA TYR R 92 8.70 13.18 -27.26
C TYR R 92 10.14 13.67 -27.10
N VAL R 93 10.41 14.41 -26.04
CA VAL R 93 11.78 14.85 -25.79
C VAL R 93 12.63 13.63 -25.51
N ALA R 94 12.39 12.97 -24.38
CA ALA R 94 13.14 11.78 -24.00
C ALA R 94 13.34 10.84 -25.17
N GLY R 95 12.26 10.56 -25.91
CA GLY R 95 12.31 9.67 -27.05
C GLY R 95 13.16 10.17 -28.22
N GLY R 96 12.79 11.35 -28.72
CA GLY R 96 13.52 11.96 -29.82
C GLY R 96 15.00 12.18 -29.53
N ALA R 97 15.39 12.02 -28.27
CA ALA R 97 16.77 12.21 -27.88
C ALA R 97 17.38 10.88 -27.46
N SER R 98 16.55 9.85 -27.36
CA SER R 98 17.08 8.50 -27.18
C SER R 98 17.33 7.90 -28.57
N ASN R 99 16.26 7.77 -29.35
CA ASN R 99 16.38 7.36 -30.73
C ASN R 99 17.35 8.25 -31.50
N GLY R 100 17.43 9.52 -31.10
CA GLY R 100 18.38 10.45 -31.65
C GLY R 100 19.81 9.99 -31.41
N LEU R 101 20.27 10.10 -30.16
CA LEU R 101 21.63 9.71 -29.81
C LEU R 101 21.96 8.30 -30.29
N ALA R 102 20.94 7.43 -30.34
CA ALA R 102 21.10 6.08 -30.84
C ALA R 102 21.53 6.05 -32.32
N SER R 103 20.81 6.82 -33.14
CA SER R 103 21.10 6.87 -34.55
C SER R 103 22.48 7.47 -34.81
N VAL R 104 22.84 8.48 -34.01
CA VAL R 104 24.15 9.13 -34.16
C VAL R 104 25.27 8.12 -33.96
N ALA R 105 25.02 7.14 -33.10
CA ALA R 105 25.96 6.06 -32.89
C ALA R 105 26.12 5.24 -34.17
N GLN R 106 25.05 4.58 -34.58
CA GLN R 106 25.11 3.62 -35.68
C GLN R 106 25.55 4.23 -37.02
N ASP R 107 25.54 5.56 -37.09
CA ASP R 107 25.92 6.24 -38.33
C ASP R 107 27.32 6.83 -38.30
N SER R 108 27.91 6.89 -37.10
CA SER R 108 29.22 7.50 -36.93
C SER R 108 30.27 6.49 -36.52
N GLY R 109 29.81 5.37 -35.97
CA GLY R 109 30.73 4.33 -35.54
C GLY R 109 31.38 4.72 -34.23
N VAL R 110 31.07 5.95 -33.81
CA VAL R 110 31.59 6.48 -32.56
C VAL R 110 30.65 6.09 -31.45
N PRO R 111 31.17 5.46 -30.41
CA PRO R 111 30.34 5.08 -29.26
C PRO R 111 29.78 6.32 -28.61
N VAL R 112 28.56 6.23 -28.12
CA VAL R 112 27.92 7.34 -27.45
C VAL R 112 27.21 6.84 -26.19
N ALA R 113 27.49 7.46 -25.06
CA ALA R 113 26.88 7.06 -23.80
C ALA R 113 25.52 7.70 -23.62
N PHE R 114 24.50 6.88 -23.40
CA PHE R 114 23.17 7.41 -23.12
C PHE R 114 23.04 7.81 -21.64
N GLY R 115 23.68 8.92 -21.29
CA GLY R 115 23.65 9.41 -19.92
C GLY R 115 22.50 10.38 -19.70
N VAL R 116 21.33 10.00 -20.19
CA VAL R 116 20.15 10.83 -20.07
C VAL R 116 19.15 10.23 -19.10
N LEU R 117 18.95 10.93 -17.99
CA LEU R 117 17.97 10.52 -17.00
C LEU R 117 16.54 10.76 -17.46
N THR R 118 15.77 9.68 -17.58
CA THR R 118 14.38 9.76 -17.98
C THR R 118 13.51 9.23 -16.84
N THR R 119 13.06 10.15 -15.99
CA THR R 119 12.44 9.78 -14.73
C THR R 119 11.03 10.32 -14.55
N GLU R 120 10.60 10.41 -13.29
CA GLU R 120 9.26 10.83 -12.96
C GLU R 120 9.28 11.89 -11.87
N SER R 121 10.43 12.01 -11.19
CA SER R 121 10.52 12.98 -10.10
C SER R 121 11.92 13.52 -9.91
N ILE R 122 12.02 14.69 -9.31
CA ILE R 122 13.32 15.21 -8.94
C ILE R 122 13.89 14.19 -7.96
N GLU R 123 12.99 13.53 -7.24
CA GLU R 123 13.35 12.52 -6.26
C GLU R 123 14.18 11.40 -6.91
N GLN R 124 13.60 10.82 -7.94
CA GLN R 124 14.26 9.74 -8.68
C GLN R 124 15.54 10.24 -9.34
N ALA R 125 15.50 11.43 -9.92
CA ALA R 125 16.70 11.97 -10.58
C ALA R 125 17.86 12.15 -9.58
N ILE R 126 17.57 12.76 -8.44
CA ILE R 126 18.61 12.99 -7.45
C ILE R 126 19.13 11.67 -6.92
N GLU R 127 18.31 10.61 -7.03
CA GLU R 127 18.77 9.27 -6.71
C GLU R 127 19.80 8.76 -7.71
N ARG R 128 19.56 9.06 -8.97
CA ARG R 128 20.33 8.49 -10.05
C ARG R 128 21.46 9.40 -10.52
N ALA R 129 21.72 10.47 -9.78
CA ALA R 129 22.76 11.40 -10.17
C ALA R 129 23.66 11.76 -9.00
N GLY R 130 24.15 10.74 -8.30
CA GLY R 130 25.06 10.99 -7.20
C GLY R 130 24.74 10.31 -5.88
N THR R 131 23.47 10.22 -5.53
CA THR R 131 23.08 9.65 -4.26
C THR R 131 22.78 8.16 -4.31
N LYS R 132 21.68 7.78 -3.67
CA LYS R 132 21.28 6.40 -3.47
C LYS R 132 21.70 5.40 -4.55
N ALA R 133 21.27 5.61 -5.78
CA ALA R 133 21.58 4.65 -6.86
C ALA R 133 22.60 5.17 -7.87
N GLY R 134 23.83 5.43 -7.42
CA GLY R 134 24.89 5.81 -8.32
C GLY R 134 24.81 7.18 -8.93
N ASN R 135 25.50 7.33 -10.06
CA ASN R 135 25.71 8.61 -10.70
C ASN R 135 25.86 8.39 -12.20
N LYS R 136 24.75 8.05 -12.85
CA LYS R 136 24.74 7.67 -14.27
C LYS R 136 25.75 8.42 -15.12
N GLY R 137 25.95 9.71 -14.81
CA GLY R 137 26.89 10.51 -15.55
C GLY R 137 28.24 9.83 -15.64
N ALA R 138 28.76 9.39 -14.48
CA ALA R 138 30.04 8.70 -14.41
C ALA R 138 29.95 7.39 -15.16
N GLU R 139 28.96 6.58 -14.80
CA GLU R 139 28.68 5.34 -15.52
C GLU R 139 28.76 5.56 -17.03
N ALA R 140 28.00 6.52 -17.53
CA ALA R 140 28.00 6.82 -18.94
C ALA R 140 29.42 6.97 -19.49
N ALA R 141 30.30 7.58 -18.69
CA ALA R 141 31.68 7.80 -19.13
C ALA R 141 32.47 6.49 -19.15
N LEU R 142 32.28 5.66 -18.13
CA LEU R 142 33.00 4.40 -18.10
C LEU R 142 32.54 3.52 -19.26
N THR R 143 31.23 3.40 -19.44
CA THR R 143 30.70 2.64 -20.58
C THR R 143 31.19 3.25 -21.91
N ALA R 144 31.28 4.57 -21.96
CA ALA R 144 31.90 5.24 -23.09
C ALA R 144 33.28 4.67 -23.34
N LEU R 145 34.19 4.89 -22.40
CA LEU R 145 35.55 4.36 -22.47
C LEU R 145 35.56 2.91 -22.88
N GLU R 146 35.06 2.03 -22.01
CA GLU R 146 35.04 0.61 -22.31
C GLU R 146 34.71 0.39 -23.78
N MET R 147 33.60 0.96 -24.23
CA MET R 147 33.21 0.78 -25.62
C MET R 147 34.31 1.16 -26.61
N ILE R 148 35.01 2.26 -26.34
CA ILE R 148 36.13 2.65 -27.16
C ILE R 148 37.08 1.46 -27.38
N ASN R 149 37.55 0.87 -26.28
CA ASN R 149 38.48 -0.25 -26.38
C ASN R 149 37.81 -1.52 -26.90
N VAL R 150 36.52 -1.67 -26.68
CA VAL R 150 35.81 -2.83 -27.19
C VAL R 150 35.79 -2.81 -28.71
N LEU R 151 35.32 -1.70 -29.28
CA LEU R 151 35.30 -1.53 -30.71
C LEU R 151 36.73 -1.72 -31.25
N LYS R 152 37.67 -1.03 -30.63
CA LYS R 152 39.08 -1.18 -30.97
C LYS R 152 39.50 -2.66 -31.06
N ALA R 153 38.95 -3.50 -30.19
CA ALA R 153 39.33 -4.90 -30.13
C ALA R 153 38.77 -5.69 -31.29
N ILE R 154 38.30 -5.00 -32.33
CA ILE R 154 37.82 -5.69 -33.53
C ILE R 154 38.26 -5.00 -34.81
N MET S 1 5.22 -27.83 -55.31
CA MET S 1 5.40 -26.67 -54.42
C MET S 1 6.64 -26.80 -53.55
N ASN S 2 7.62 -25.93 -53.75
CA ASN S 2 8.90 -26.06 -53.06
C ASN S 2 8.94 -25.33 -51.72
N ILE S 3 9.40 -26.05 -50.69
CA ILE S 3 9.36 -25.57 -49.33
C ILE S 3 10.77 -25.51 -48.75
N ILE S 4 11.04 -24.48 -47.94
CA ILE S 4 12.35 -24.37 -47.35
C ILE S 4 12.29 -24.54 -45.86
N LYS S 5 12.66 -25.72 -45.35
CA LYS S 5 12.79 -25.94 -43.91
C LYS S 5 14.25 -26.22 -43.62
N ALA S 6 14.83 -25.48 -42.68
CA ALA S 6 16.26 -25.62 -42.39
C ALA S 6 16.58 -26.15 -40.98
N ASN S 7 17.58 -27.00 -40.89
CA ASN S 7 18.00 -27.55 -39.60
C ASN S 7 18.95 -26.60 -38.85
N VAL S 8 19.28 -26.98 -37.61
CA VAL S 8 20.06 -26.13 -36.71
C VAL S 8 21.51 -26.53 -36.58
N ALA S 9 21.97 -27.44 -37.43
CA ALA S 9 23.39 -27.80 -37.44
C ALA S 9 24.11 -26.99 -38.50
N ALA S 10 25.37 -26.65 -38.21
CA ALA S 10 26.16 -25.85 -39.14
C ALA S 10 27.60 -25.77 -38.70
N PRO S 11 28.31 -26.91 -38.77
CA PRO S 11 29.70 -26.95 -38.33
C PRO S 11 30.54 -25.77 -38.81
N ASP S 12 30.60 -25.51 -40.11
CA ASP S 12 31.43 -24.43 -40.62
C ASP S 12 31.25 -23.14 -39.87
N ALA S 13 30.27 -22.37 -40.30
CA ALA S 13 30.02 -21.03 -39.80
C ALA S 13 30.67 -20.66 -38.45
N ARG S 14 31.22 -19.45 -38.38
CA ARG S 14 31.76 -18.85 -37.15
C ARG S 14 30.75 -17.86 -36.54
N VAL S 15 30.30 -18.14 -35.33
CA VAL S 15 29.27 -17.31 -34.70
C VAL S 15 29.87 -16.35 -33.69
N ALA S 16 29.40 -15.10 -33.68
CA ALA S 16 29.82 -14.15 -32.65
C ALA S 16 28.71 -13.84 -31.63
N ILE S 17 29.00 -14.10 -30.35
CA ILE S 17 28.07 -13.82 -29.25
C ILE S 17 28.48 -12.56 -28.50
N THR S 18 27.53 -11.65 -28.34
CA THR S 18 27.74 -10.41 -27.59
C THR S 18 26.91 -10.41 -26.32
N ILE S 19 27.41 -9.77 -25.27
CA ILE S 19 26.79 -9.86 -23.96
C ILE S 19 26.94 -8.61 -23.10
N ALA S 20 25.88 -8.22 -22.40
CA ALA S 20 25.95 -7.13 -21.43
C ALA S 20 26.25 -7.69 -20.06
N ARG S 21 27.21 -7.08 -19.35
CA ARG S 21 27.61 -7.60 -18.03
C ARG S 21 26.65 -7.14 -16.95
N PHE S 22 26.03 -6.00 -17.16
CA PHE S 22 24.93 -5.58 -16.29
C PHE S 22 23.85 -6.66 -16.32
N ASN S 23 23.37 -7.02 -15.14
CA ASN S 23 22.49 -8.18 -15.00
C ASN S 23 23.26 -9.46 -15.35
N GLN S 24 24.55 -9.46 -15.02
CA GLN S 24 25.42 -10.61 -15.19
C GLN S 24 24.76 -11.83 -14.57
N PHE S 25 24.34 -11.70 -13.31
CA PHE S 25 23.81 -12.85 -12.58
C PHE S 25 22.75 -13.59 -13.39
N ILE S 26 22.22 -12.93 -14.41
CA ILE S 26 21.18 -13.52 -15.25
C ILE S 26 21.64 -13.77 -16.69
N ASN S 27 22.36 -12.79 -17.23
CA ASN S 27 22.96 -12.92 -18.55
C ASN S 27 23.96 -14.06 -18.65
N ASP S 28 24.54 -14.46 -17.52
CA ASP S 28 25.58 -15.49 -17.54
C ASP S 28 25.04 -16.85 -17.93
N SER S 29 23.83 -17.17 -17.48
CA SER S 29 23.17 -18.39 -17.93
C SER S 29 22.83 -18.27 -19.42
N LEU S 30 22.40 -17.07 -19.83
CA LEU S 30 22.09 -16.83 -21.20
C LEU S 30 23.25 -17.28 -22.06
N LEU S 31 24.47 -16.93 -21.66
CA LEU S 31 25.66 -17.36 -22.39
C LEU S 31 25.82 -18.87 -22.35
N ASP S 32 25.71 -19.46 -21.18
CA ASP S 32 25.82 -20.90 -21.04
C ASP S 32 24.86 -21.61 -21.99
N GLY S 33 23.60 -21.15 -22.00
CA GLY S 33 22.62 -21.69 -22.91
C GLY S 33 23.11 -21.55 -24.36
N ALA S 34 23.36 -20.30 -24.73
CA ALA S 34 23.83 -19.99 -26.08
C ALA S 34 24.93 -20.96 -26.48
N VAL S 35 26.05 -20.92 -25.75
CA VAL S 35 27.24 -21.69 -26.15
C VAL S 35 26.93 -23.18 -26.26
N ASP S 36 26.36 -23.75 -25.21
CA ASP S 36 25.99 -25.17 -25.26
C ASP S 36 25.27 -25.46 -26.56
N ALA S 37 24.09 -24.87 -26.72
CA ALA S 37 23.28 -25.04 -27.93
C ALA S 37 24.10 -24.90 -29.20
N LEU S 38 25.05 -23.96 -29.19
CA LEU S 38 25.85 -23.64 -30.36
C LEU S 38 26.70 -24.81 -30.77
N THR S 39 27.51 -25.27 -29.82
CA THR S 39 28.40 -26.40 -30.07
C THR S 39 27.59 -27.69 -30.12
N ARG S 40 27.15 -28.13 -28.95
CA ARG S 40 26.42 -29.39 -28.78
C ARG S 40 25.39 -29.64 -29.88
N ILE S 41 24.47 -28.70 -30.07
CA ILE S 41 23.40 -28.88 -31.06
C ILE S 41 23.84 -28.49 -32.48
N GLY S 42 24.50 -27.35 -32.58
CA GLY S 42 24.82 -26.78 -33.87
C GLY S 42 26.10 -27.27 -34.49
N GLN S 43 26.81 -28.14 -33.76
CA GLN S 43 28.04 -28.74 -34.28
C GLN S 43 29.12 -27.68 -34.53
N VAL S 44 29.00 -26.55 -33.87
CA VAL S 44 29.98 -25.48 -34.03
C VAL S 44 31.23 -25.69 -33.16
N LYS S 45 32.40 -25.61 -33.78
CA LYS S 45 33.66 -25.73 -33.05
C LYS S 45 33.85 -24.51 -32.17
N ASP S 46 34.30 -24.75 -30.94
CA ASP S 46 34.30 -23.70 -29.92
C ASP S 46 35.34 -22.60 -30.17
N ASP S 47 36.10 -22.70 -31.26
CA ASP S 47 37.02 -21.63 -31.62
C ASP S 47 36.49 -20.80 -32.78
N ASN S 48 35.30 -21.18 -33.28
CA ASN S 48 34.60 -20.36 -34.26
C ASN S 48 33.56 -19.51 -33.52
N ILE S 49 33.59 -19.60 -32.20
CA ILE S 49 32.75 -18.81 -31.31
C ILE S 49 33.60 -17.77 -30.62
N THR S 50 33.36 -16.51 -30.93
CA THR S 50 34.00 -15.44 -30.17
C THR S 50 32.93 -14.71 -29.38
N VAL S 51 33.29 -14.25 -28.18
CA VAL S 51 32.31 -13.67 -27.27
C VAL S 51 32.72 -12.28 -26.87
N VAL S 52 31.95 -11.30 -27.32
CA VAL S 52 32.27 -9.92 -27.02
C VAL S 52 31.43 -9.44 -25.83
N TRP S 53 32.06 -8.77 -24.88
CA TRP S 53 31.39 -8.32 -23.67
C TRP S 53 31.29 -6.80 -23.62
N VAL S 54 30.12 -6.27 -23.94
CA VAL S 54 29.89 -4.83 -23.74
C VAL S 54 29.24 -4.60 -22.39
N PRO S 55 29.38 -3.37 -21.87
CA PRO S 55 28.80 -3.02 -20.56
C PRO S 55 27.30 -3.34 -20.50
N GLY S 56 26.48 -2.44 -21.04
CA GLY S 56 25.04 -2.57 -20.95
C GLY S 56 24.33 -3.03 -22.21
N ALA S 57 23.08 -3.44 -22.06
CA ALA S 57 22.28 -3.92 -23.19
C ALA S 57 22.10 -2.84 -24.21
N TYR S 58 22.29 -1.59 -23.80
CA TYR S 58 22.17 -0.46 -24.72
C TYR S 58 23.28 -0.46 -25.77
N GLU S 59 24.38 -1.12 -25.42
CA GLU S 59 25.56 -1.10 -26.25
C GLU S 59 25.57 -2.30 -27.18
N LEU S 60 24.72 -3.28 -26.89
CA LEU S 60 24.65 -4.49 -27.72
C LEU S 60 24.71 -4.21 -29.22
N PRO S 61 23.96 -3.20 -29.68
CA PRO S 61 23.96 -2.92 -31.12
C PRO S 61 25.37 -2.65 -31.65
N LEU S 62 25.98 -1.54 -31.26
CA LEU S 62 27.28 -1.15 -31.82
C LEU S 62 28.25 -2.33 -31.86
N ALA S 63 28.35 -3.04 -30.74
CA ALA S 63 29.10 -4.30 -30.71
C ALA S 63 28.69 -5.23 -31.86
N THR S 64 27.41 -5.58 -31.94
CA THR S 64 26.95 -6.54 -32.96
C THR S 64 26.96 -6.00 -34.39
N GLU S 65 27.28 -4.71 -34.54
CA GLU S 65 27.48 -4.15 -35.87
C GLU S 65 28.96 -4.32 -36.30
N ALA S 66 29.86 -3.78 -35.50
CA ALA S 66 31.25 -3.92 -35.76
C ALA S 66 31.54 -5.39 -36.04
N LEU S 67 30.81 -6.29 -35.39
CA LEU S 67 31.02 -7.72 -35.60
C LEU S 67 30.53 -8.13 -36.97
N ALA S 68 29.21 -8.07 -37.18
CA ALA S 68 28.66 -8.50 -38.45
C ALA S 68 29.36 -7.80 -39.60
N LYS S 69 29.51 -6.48 -39.46
CA LYS S 69 30.19 -5.67 -40.49
C LYS S 69 31.47 -6.36 -40.84
N SER S 70 32.35 -6.53 -39.84
CA SER S 70 33.64 -7.21 -39.98
C SER S 70 33.62 -8.28 -41.05
N GLY S 71 32.58 -9.11 -41.02
CA GLY S 71 32.40 -10.13 -42.05
C GLY S 71 32.80 -11.51 -41.60
N LYS S 72 33.79 -11.58 -40.71
CA LYS S 72 34.32 -12.86 -40.26
C LYS S 72 33.25 -13.84 -39.77
N TYR S 73 32.13 -13.31 -39.25
CA TYR S 73 31.11 -14.15 -38.59
C TYR S 73 29.89 -14.39 -39.45
N ASP S 74 29.25 -15.53 -39.24
CA ASP S 74 28.07 -15.89 -40.02
C ASP S 74 26.78 -15.49 -39.35
N ALA S 75 26.85 -15.19 -38.07
CA ALA S 75 25.69 -14.70 -37.32
C ALA S 75 26.11 -14.19 -35.94
N VAL S 76 25.31 -13.29 -35.40
CA VAL S 76 25.59 -12.72 -34.09
C VAL S 76 24.47 -13.05 -33.13
N VAL S 77 24.83 -13.62 -31.98
CA VAL S 77 23.85 -13.88 -30.94
C VAL S 77 23.96 -12.79 -29.90
N ALA S 78 22.93 -11.95 -29.83
CA ALA S 78 22.87 -10.85 -28.88
C ALA S 78 22.22 -11.25 -27.56
N LEU S 79 22.98 -11.11 -26.46
CA LEU S 79 22.53 -11.57 -25.14
C LEU S 79 22.55 -10.47 -24.07
N GLY S 80 21.37 -10.10 -23.59
CA GLY S 80 21.26 -9.10 -22.55
C GLY S 80 20.01 -9.28 -21.71
N THR S 81 19.91 -8.50 -20.63
CA THR S 81 18.74 -8.55 -19.78
C THR S 81 18.37 -7.17 -19.28
N VAL S 82 17.11 -6.80 -19.46
CA VAL S 82 16.61 -5.51 -19.04
C VAL S 82 15.34 -5.72 -18.21
N ILE S 83 15.41 -5.39 -16.93
CA ILE S 83 14.27 -5.53 -16.05
C ILE S 83 13.78 -4.15 -15.62
N ARG S 84 12.53 -3.83 -15.94
CA ARG S 84 11.93 -2.53 -15.64
C ARG S 84 12.11 -2.12 -14.20
N GLY S 85 12.01 -0.81 -13.95
CA GLY S 85 12.15 -0.27 -12.61
C GLY S 85 11.36 1.00 -12.34
N GLY S 86 11.92 1.84 -11.46
CA GLY S 86 11.26 3.06 -11.04
C GLY S 86 10.80 3.96 -12.16
N THR S 87 11.67 4.18 -13.13
CA THR S 87 11.38 5.05 -14.26
C THR S 87 11.30 4.27 -15.55
N ALA S 88 10.85 4.95 -16.61
CA ALA S 88 10.90 4.38 -17.92
C ALA S 88 12.28 4.65 -18.52
N HIS S 89 13.31 4.12 -17.86
CA HIS S 89 14.63 3.98 -18.48
C HIS S 89 14.55 2.71 -19.29
N PHE S 90 14.04 1.66 -18.64
CA PHE S 90 13.77 0.39 -19.30
C PHE S 90 13.26 0.58 -20.71
N GLU S 91 12.29 1.47 -20.84
CA GLU S 91 11.67 1.76 -22.12
C GLU S 91 12.73 2.00 -23.16
N TYR S 92 13.55 3.01 -22.91
CA TYR S 92 14.53 3.51 -23.88
C TYR S 92 15.70 2.55 -24.11
N VAL S 93 16.14 1.89 -23.05
CA VAL S 93 17.18 0.90 -23.20
C VAL S 93 16.68 -0.26 -24.04
N ALA S 94 15.74 -1.02 -23.49
CA ALA S 94 15.16 -2.16 -24.20
C ALA S 94 14.84 -1.83 -25.66
N GLY S 95 14.19 -0.69 -25.87
CA GLY S 95 13.81 -0.24 -27.21
C GLY S 95 14.97 0.07 -28.11
N GLY S 96 15.81 1.02 -27.70
CA GLY S 96 16.99 1.40 -28.46
C GLY S 96 17.96 0.25 -28.73
N ALA S 97 17.73 -0.89 -28.09
CA ALA S 97 18.57 -2.06 -28.27
C ALA S 97 17.79 -3.16 -28.96
N SER S 98 16.48 -2.98 -29.07
CA SER S 98 15.68 -3.86 -29.93
C SER S 98 15.73 -3.34 -31.37
N ASN S 99 15.19 -2.14 -31.56
CA ASN S 99 15.31 -1.45 -32.84
C ASN S 99 16.76 -1.40 -33.32
N GLY S 100 17.68 -1.33 -32.37
CA GLY S 100 19.09 -1.30 -32.68
C GLY S 100 19.52 -2.58 -33.36
N LEU S 101 19.55 -3.67 -32.58
CA LEU S 101 19.94 -4.96 -33.11
C LEU S 101 19.15 -5.33 -34.37
N ALA S 102 17.91 -4.81 -34.49
CA ALA S 102 17.06 -5.05 -35.66
C ALA S 102 17.64 -4.41 -36.90
N SER S 103 18.03 -3.15 -36.77
CA SER S 103 18.63 -2.40 -37.86
C SER S 103 19.99 -3.01 -38.29
N VAL S 104 20.79 -3.43 -37.32
CA VAL S 104 22.06 -4.08 -37.63
C VAL S 104 21.84 -5.28 -38.53
N ALA S 105 20.73 -5.97 -38.34
CA ALA S 105 20.39 -7.11 -39.18
C ALA S 105 20.14 -6.69 -40.64
N GLN S 106 19.12 -5.86 -40.82
CA GLN S 106 18.68 -5.49 -42.16
C GLN S 106 19.76 -4.75 -42.96
N ASP S 107 20.80 -4.29 -42.27
CA ASP S 107 21.84 -3.53 -42.95
C ASP S 107 23.09 -4.36 -43.21
N SER S 108 23.16 -5.53 -42.61
CA SER S 108 24.38 -6.33 -42.69
C SER S 108 24.07 -7.63 -43.41
N GLY S 109 22.80 -8.00 -43.42
CA GLY S 109 22.41 -9.26 -44.02
C GLY S 109 22.80 -10.44 -43.16
N VAL S 110 23.48 -10.15 -42.06
CA VAL S 110 23.86 -11.18 -41.08
C VAL S 110 22.77 -11.37 -40.03
N PRO S 111 22.30 -12.61 -39.88
CA PRO S 111 21.23 -12.87 -38.91
C PRO S 111 21.69 -12.50 -37.53
N VAL S 112 20.79 -11.98 -36.71
CA VAL S 112 21.11 -11.63 -35.32
C VAL S 112 19.99 -12.08 -34.41
N ALA S 113 20.37 -12.79 -33.34
CA ALA S 113 19.40 -13.35 -32.41
C ALA S 113 19.07 -12.33 -31.35
N PHE S 114 17.78 -12.02 -31.21
CA PHE S 114 17.34 -11.07 -30.19
C PHE S 114 17.20 -11.78 -28.85
N GLY S 115 18.34 -12.15 -28.28
CA GLY S 115 18.37 -12.85 -27.00
C GLY S 115 18.39 -11.88 -25.84
N VAL S 116 17.53 -10.87 -25.90
CA VAL S 116 17.48 -9.86 -24.86
C VAL S 116 16.20 -9.96 -24.04
N LEU S 117 16.34 -10.33 -22.78
CA LEU S 117 15.21 -10.44 -21.88
C LEU S 117 14.70 -9.07 -21.49
N THR S 118 13.45 -8.79 -21.85
CA THR S 118 12.79 -7.54 -21.50
C THR S 118 11.63 -7.80 -20.56
N THR S 119 11.87 -7.75 -19.26
CA THR S 119 10.91 -8.24 -18.28
C THR S 119 10.46 -7.20 -17.27
N GLU S 120 9.94 -7.69 -16.14
CA GLU S 120 9.38 -6.85 -15.09
C GLU S 120 9.95 -7.25 -13.72
N SER S 121 10.55 -8.42 -13.65
CA SER S 121 11.07 -8.91 -12.38
C SER S 121 12.26 -9.83 -12.56
N ILE S 122 13.10 -9.94 -11.54
CA ILE S 122 14.15 -10.94 -11.52
C ILE S 122 13.46 -12.30 -11.59
N GLU S 123 12.23 -12.34 -11.06
CA GLU S 123 11.39 -13.54 -11.06
C GLU S 123 11.16 -14.04 -12.49
N GLN S 124 10.62 -13.16 -13.34
CA GLN S 124 10.36 -13.45 -14.75
C GLN S 124 11.64 -13.76 -15.49
N ALA S 125 12.71 -13.01 -15.22
CA ALA S 125 13.97 -13.23 -15.93
C ALA S 125 14.55 -14.60 -15.57
N ILE S 126 14.54 -14.94 -14.29
CA ILE S 126 15.03 -16.25 -13.89
C ILE S 126 14.21 -17.37 -14.52
N GLU S 127 12.95 -17.08 -14.82
CA GLU S 127 12.11 -18.06 -15.49
C GLU S 127 12.57 -18.28 -16.90
N ARG S 128 12.95 -17.19 -17.55
CA ARG S 128 13.23 -17.19 -18.97
C ARG S 128 14.71 -17.40 -19.30
N ALA S 129 15.49 -17.73 -18.28
CA ALA S 129 16.91 -17.90 -18.48
C ALA S 129 17.40 -19.16 -17.80
N GLY S 130 16.71 -20.27 -18.04
CA GLY S 130 17.17 -21.55 -17.55
C GLY S 130 16.12 -22.40 -16.86
N THR S 131 15.21 -21.75 -16.16
CA THR S 131 14.25 -22.49 -15.37
C THR S 131 12.93 -22.70 -16.12
N LYS S 132 11.84 -22.47 -15.39
CA LYS S 132 10.48 -22.79 -15.83
C LYS S 132 10.26 -22.68 -17.34
N ALA S 133 10.48 -21.50 -17.89
CA ALA S 133 10.18 -21.28 -19.31
C ALA S 133 11.40 -21.17 -20.17
N GLY S 134 12.21 -22.22 -20.21
CA GLY S 134 13.33 -22.28 -21.13
C GLY S 134 14.50 -21.40 -20.79
N ASN S 135 15.31 -21.15 -21.82
CA ASN S 135 16.60 -20.49 -21.67
C ASN S 135 16.89 -19.67 -22.91
N LYS S 136 16.19 -18.56 -23.07
CA LYS S 136 16.21 -17.79 -24.31
C LYS S 136 17.60 -17.72 -24.95
N GLY S 137 18.64 -17.67 -24.11
CA GLY S 137 20.01 -17.62 -24.61
C GLY S 137 20.24 -18.70 -25.62
N ALA S 138 19.90 -19.93 -25.27
CA ALA S 138 20.09 -21.09 -26.14
C ALA S 138 19.20 -20.94 -27.35
N GLU S 139 17.92 -20.71 -27.10
CA GLU S 139 16.98 -20.47 -28.18
C GLU S 139 17.61 -19.50 -29.17
N ALA S 140 18.08 -18.36 -28.67
CA ALA S 140 18.64 -17.33 -29.53
C ALA S 140 19.67 -17.92 -30.47
N ALA S 141 20.46 -18.83 -29.93
CA ALA S 141 21.53 -19.45 -30.71
C ALA S 141 20.98 -20.39 -31.78
N LEU S 142 20.00 -21.21 -31.44
CA LEU S 142 19.42 -22.10 -32.44
C LEU S 142 18.77 -21.30 -33.57
N THR S 143 17.91 -20.35 -33.22
CA THR S 143 17.30 -19.48 -34.22
C THR S 143 18.40 -18.79 -35.03
N ALA S 144 19.50 -18.44 -34.36
CA ALA S 144 20.68 -17.89 -35.04
C ALA S 144 21.10 -18.86 -36.11
N LEU S 145 21.55 -20.03 -35.69
CA LEU S 145 21.93 -21.08 -36.60
C LEU S 145 20.91 -21.28 -37.71
N GLU S 146 19.75 -21.82 -37.38
CA GLU S 146 18.70 -22.03 -38.39
C GLU S 146 18.75 -20.90 -39.42
N MET S 147 18.64 -19.65 -38.98
CA MET S 147 18.63 -18.51 -39.88
C MET S 147 19.82 -18.48 -40.83
N ILE S 148 20.98 -18.84 -40.31
CA ILE S 148 22.14 -19.03 -41.17
C ILE S 148 21.85 -19.92 -42.40
N ASN S 149 21.36 -21.13 -42.15
CA ASN S 149 21.05 -22.05 -43.24
C ASN S 149 19.82 -21.64 -44.03
N VAL S 150 18.92 -20.90 -43.40
CA VAL S 150 17.72 -20.43 -44.09
C VAL S 150 18.15 -19.45 -45.16
N LEU S 151 18.88 -18.43 -44.74
CA LEU S 151 19.36 -17.43 -45.69
C LEU S 151 20.15 -18.13 -46.78
N LYS S 152 21.05 -19.00 -46.37
CA LYS S 152 21.84 -19.79 -47.30
C LYS S 152 20.96 -20.49 -48.34
N ALA S 153 19.78 -20.92 -47.93
CA ALA S 153 18.88 -21.65 -48.83
C ALA S 153 18.24 -20.78 -49.92
N ILE S 154 18.78 -19.58 -50.11
CA ILE S 154 18.24 -18.65 -51.11
C ILE S 154 19.37 -17.91 -51.84
N MET T 1 -12.51 11.36 -64.76
CA MET T 1 -11.73 10.98 -63.58
C MET T 1 -11.33 9.51 -63.63
N ASN T 2 -10.02 9.24 -63.67
CA ASN T 2 -9.51 7.87 -63.78
C ASN T 2 -9.24 7.18 -62.44
N ILE T 3 -9.77 5.97 -62.32
CA ILE T 3 -9.78 5.26 -61.06
C ILE T 3 -9.03 3.95 -61.24
N ILE T 4 -8.30 3.54 -60.20
CA ILE T 4 -7.60 2.27 -60.26
C ILE T 4 -8.17 1.30 -59.24
N LYS T 5 -8.96 0.36 -59.70
CA LYS T 5 -9.41 -0.76 -58.86
C LYS T 5 -8.83 -2.05 -59.44
N ALA T 6 -8.18 -2.85 -58.61
CA ALA T 6 -7.52 -4.04 -59.13
C ALA T 6 -8.06 -5.34 -58.54
N ASN T 7 -8.21 -6.36 -59.38
CA ASN T 7 -8.66 -7.66 -58.90
C ASN T 7 -7.57 -8.51 -58.22
N VAL T 8 -7.97 -9.67 -57.67
CA VAL T 8 -7.05 -10.51 -56.92
C VAL T 8 -6.53 -11.72 -57.68
N ALA T 9 -6.72 -11.74 -59.01
CA ALA T 9 -6.20 -12.82 -59.82
C ALA T 9 -4.91 -12.37 -60.46
N ALA T 10 -3.97 -13.30 -60.61
CA ALA T 10 -2.63 -12.99 -61.10
C ALA T 10 -1.88 -14.29 -61.34
N PRO T 11 -2.37 -15.04 -62.31
CA PRO T 11 -2.03 -16.43 -62.60
C PRO T 11 -0.54 -16.62 -62.65
N ASP T 12 0.19 -15.64 -63.15
CA ASP T 12 1.64 -15.78 -63.23
C ASP T 12 2.32 -15.66 -61.87
N ALA T 13 2.42 -14.41 -61.40
CA ALA T 13 3.16 -14.03 -60.18
C ALA T 13 3.78 -15.19 -59.42
N ARG T 14 5.06 -15.04 -59.08
CA ARG T 14 5.64 -16.00 -58.15
C ARG T 14 5.62 -15.37 -56.78
N VAL T 15 4.80 -15.91 -55.88
CA VAL T 15 4.69 -15.39 -54.51
C VAL T 15 5.52 -16.18 -53.50
N ALA T 16 6.18 -15.46 -52.60
CA ALA T 16 6.92 -16.13 -51.52
C ALA T 16 6.28 -15.93 -50.15
N ILE T 17 5.96 -17.04 -49.49
CA ILE T 17 5.33 -17.00 -48.18
C ILE T 17 6.37 -17.36 -47.15
N THR T 18 6.46 -16.54 -46.12
CA THR T 18 7.36 -16.79 -44.99
C THR T 18 6.55 -17.05 -43.72
N ILE T 19 7.05 -17.89 -42.83
CA ILE T 19 6.28 -18.33 -41.68
C ILE T 19 7.14 -18.62 -40.44
N ALA T 20 6.63 -18.23 -39.27
CA ALA T 20 7.26 -18.59 -38.01
C ALA T 20 6.70 -19.90 -37.46
N ARG T 21 7.57 -20.82 -37.06
CA ARG T 21 7.11 -22.11 -36.56
C ARG T 21 6.63 -22.02 -35.11
N PHE T 22 7.15 -21.03 -34.39
CA PHE T 22 6.64 -20.70 -33.06
C PHE T 22 5.17 -20.32 -33.20
N ASN T 23 4.33 -20.91 -32.36
CA ASN T 23 2.89 -20.76 -32.51
C ASN T 23 2.44 -21.46 -33.78
N GLN T 24 3.12 -22.55 -34.07
CA GLN T 24 2.77 -23.41 -35.20
C GLN T 24 1.30 -23.73 -35.17
N PHE T 25 0.84 -24.25 -34.03
CA PHE T 25 -0.53 -24.71 -33.93
C PHE T 25 -1.54 -23.69 -34.47
N ILE T 26 -1.08 -22.45 -34.63
CA ILE T 26 -1.94 -21.40 -35.11
C ILE T 26 -1.45 -20.87 -36.43
N ASN T 27 -0.14 -20.70 -36.57
CA ASN T 27 0.41 -20.25 -37.84
C ASN T 27 0.16 -21.24 -38.98
N ASP T 28 -0.13 -22.49 -38.63
CA ASP T 28 -0.31 -23.52 -39.66
C ASP T 28 -1.58 -23.30 -40.45
N SER T 29 -2.62 -22.82 -39.78
CA SER T 29 -3.86 -22.45 -40.46
C SER T 29 -3.63 -21.23 -41.34
N LEU T 30 -2.92 -20.24 -40.78
CA LEU T 30 -2.50 -19.09 -41.56
C LEU T 30 -1.93 -19.49 -42.94
N LEU T 31 -1.08 -20.50 -42.97
CA LEU T 31 -0.50 -20.96 -44.22
C LEU T 31 -1.59 -21.56 -45.07
N ASP T 32 -2.37 -22.45 -44.49
CA ASP T 32 -3.45 -23.07 -45.25
C ASP T 32 -4.30 -22.03 -45.93
N GLY T 33 -4.75 -21.03 -45.17
CA GLY T 33 -5.52 -19.93 -45.73
C GLY T 33 -4.78 -19.26 -46.86
N ALA T 34 -3.57 -18.79 -46.56
CA ALA T 34 -2.73 -18.13 -47.54
C ALA T 34 -2.71 -18.93 -48.84
N VAL T 35 -2.16 -20.14 -48.78
CA VAL T 35 -1.97 -20.94 -49.99
C VAL T 35 -3.28 -21.12 -50.77
N ASP T 36 -4.33 -21.59 -50.08
CA ASP T 36 -5.63 -21.76 -50.73
C ASP T 36 -5.99 -20.52 -51.51
N ALA T 37 -6.20 -19.42 -50.79
CA ALA T 37 -6.50 -18.12 -51.40
C ALA T 37 -5.56 -17.79 -52.57
N LEU T 38 -4.28 -18.13 -52.42
CA LEU T 38 -3.28 -17.85 -53.44
C LEU T 38 -3.58 -18.56 -54.75
N THR T 39 -3.68 -19.89 -54.68
CA THR T 39 -3.98 -20.67 -55.87
C THR T 39 -5.44 -20.51 -56.29
N ARG T 40 -6.33 -21.16 -55.55
CA ARG T 40 -7.78 -21.11 -55.77
C ARG T 40 -8.29 -19.77 -56.27
N ILE T 41 -8.07 -18.71 -55.51
CA ILE T 41 -8.60 -17.40 -55.85
C ILE T 41 -7.72 -16.60 -56.81
N GLY T 42 -6.42 -16.64 -56.57
CA GLY T 42 -5.49 -15.80 -57.32
C GLY T 42 -4.94 -16.46 -58.56
N GLN T 43 -5.35 -17.70 -58.81
CA GLN T 43 -4.97 -18.40 -60.02
C GLN T 43 -3.47 -18.68 -60.06
N VAL T 44 -2.83 -18.70 -58.90
CA VAL T 44 -1.38 -18.92 -58.88
C VAL T 44 -1.01 -20.38 -58.93
N LYS T 45 -0.08 -20.73 -59.81
CA LYS T 45 0.35 -22.12 -59.91
C LYS T 45 1.20 -22.45 -58.69
N ASP T 46 0.99 -23.64 -58.14
CA ASP T 46 1.55 -23.98 -56.84
C ASP T 46 3.05 -24.19 -56.84
N ASP T 47 3.70 -23.99 -57.98
CA ASP T 47 5.17 -24.07 -58.01
C ASP T 47 5.78 -22.67 -58.15
N ASN T 48 4.92 -21.67 -58.23
CA ASN T 48 5.38 -20.28 -58.18
C ASN T 48 5.22 -19.81 -56.75
N ILE T 49 4.88 -20.75 -55.88
CA ILE T 49 4.76 -20.49 -54.44
C ILE T 49 5.88 -21.18 -53.73
N THR T 50 6.76 -20.40 -53.13
CA THR T 50 7.78 -20.98 -52.26
C THR T 50 7.54 -20.54 -50.83
N VAL T 51 7.78 -21.44 -49.89
CA VAL T 51 7.45 -21.20 -48.50
C VAL T 51 8.68 -21.29 -47.61
N VAL T 52 9.10 -20.15 -47.09
CA VAL T 52 10.27 -20.11 -46.24
C VAL T 52 9.87 -20.15 -44.77
N TRP T 53 10.48 -21.05 -44.00
CA TRP T 53 10.15 -21.23 -42.59
C TRP T 53 11.27 -20.71 -41.66
N VAL T 54 11.07 -19.54 -41.06
CA VAL T 54 11.99 -19.04 -40.04
C VAL T 54 11.48 -19.42 -38.67
N PRO T 55 12.37 -19.48 -37.68
CA PRO T 55 11.97 -19.84 -36.33
C PRO T 55 10.85 -18.95 -35.79
N GLY T 56 11.18 -17.73 -35.39
CA GLY T 56 10.20 -16.85 -34.76
C GLY T 56 9.75 -15.68 -35.62
N ALA T 57 8.64 -15.08 -35.22
CA ALA T 57 8.08 -13.94 -35.91
C ALA T 57 9.07 -12.79 -35.98
N TYR T 58 10.06 -12.81 -35.09
CA TYR T 58 11.06 -11.76 -35.06
C TYR T 58 12.00 -11.85 -36.25
N GLU T 59 12.02 -13.03 -36.87
CA GLU T 59 12.94 -13.29 -37.96
C GLU T 59 12.26 -13.04 -39.29
N LEU T 60 10.93 -13.02 -39.27
CA LEU T 60 10.16 -12.78 -40.49
C LEU T 60 10.80 -11.74 -41.41
N PRO T 61 11.25 -10.61 -40.86
CA PRO T 61 11.82 -9.58 -41.73
C PRO T 61 12.97 -10.09 -42.55
N LEU T 62 14.11 -10.39 -41.93
CA LEU T 62 15.28 -10.80 -42.69
C LEU T 62 14.94 -11.80 -43.80
N ALA T 63 14.19 -12.84 -43.44
CA ALA T 63 13.67 -13.77 -44.43
C ALA T 63 13.02 -13.03 -45.59
N THR T 64 11.98 -12.27 -45.31
CA THR T 64 11.23 -11.57 -46.36
C THR T 64 12.02 -10.48 -47.08
N GLU T 65 13.23 -10.21 -46.60
CA GLU T 65 14.09 -9.26 -47.31
C GLU T 65 14.94 -10.03 -48.32
N ALA T 66 15.67 -11.01 -47.83
CA ALA T 66 16.43 -11.86 -48.73
C ALA T 66 15.54 -12.35 -49.86
N LEU T 67 14.26 -12.57 -49.57
CA LEU T 67 13.32 -12.99 -50.61
C LEU T 67 13.09 -11.85 -51.59
N ALA T 68 12.37 -10.82 -51.14
CA ALA T 68 12.05 -9.70 -52.04
C ALA T 68 13.29 -9.19 -52.76
N LYS T 69 14.36 -8.96 -52.02
CA LYS T 69 15.61 -8.52 -52.63
C LYS T 69 15.93 -9.43 -53.81
N SER T 70 16.07 -10.71 -53.54
CA SER T 70 16.32 -11.72 -54.57
C SER T 70 15.76 -11.32 -55.95
N GLY T 71 14.50 -10.90 -55.97
CA GLY T 71 13.87 -10.44 -57.19
C GLY T 71 12.92 -11.45 -57.81
N LYS T 72 13.23 -12.73 -57.61
CA LYS T 72 12.44 -13.80 -58.21
C LYS T 72 10.92 -13.69 -57.94
N TYR T 73 10.55 -13.13 -56.80
CA TYR T 73 9.16 -13.12 -56.38
C TYR T 73 8.49 -11.77 -56.61
N ASP T 74 7.18 -11.80 -56.81
CA ASP T 74 6.41 -10.61 -57.06
C ASP T 74 5.78 -10.03 -55.80
N ALA T 75 5.73 -10.84 -54.74
CA ALA T 75 5.22 -10.39 -53.46
C ALA T 75 5.56 -11.40 -52.36
N VAL T 76 5.63 -10.93 -51.12
CA VAL T 76 5.89 -11.81 -50.00
C VAL T 76 4.74 -11.77 -49.03
N VAL T 77 4.24 -12.93 -48.65
CA VAL T 77 3.21 -12.98 -47.62
C VAL T 77 3.85 -13.42 -46.33
N ALA T 78 3.87 -12.50 -45.35
CA ALA T 78 4.48 -12.76 -44.03
C ALA T 78 3.46 -13.28 -43.02
N LEU T 79 3.74 -14.46 -42.47
CA LEU T 79 2.80 -15.17 -41.61
C LEU T 79 3.41 -15.55 -40.28
N GLY T 80 2.87 -14.95 -39.23
CA GLY T 80 3.32 -15.24 -37.88
C GLY T 80 2.24 -14.96 -36.85
N THR T 81 2.50 -15.37 -35.62
CA THR T 81 1.57 -15.17 -34.51
C THR T 81 2.31 -14.80 -33.21
N VAL T 82 1.91 -13.69 -32.60
CA VAL T 82 2.51 -13.21 -31.36
C VAL T 82 1.39 -12.94 -30.37
N ILE T 83 1.38 -13.70 -29.29
CA ILE T 83 0.36 -13.56 -28.25
C ILE T 83 0.99 -13.10 -26.96
N ARG T 84 0.62 -11.90 -26.54
CA ARG T 84 1.19 -11.30 -25.33
C ARG T 84 1.29 -12.26 -24.14
N GLY T 85 2.19 -11.95 -23.20
CA GLY T 85 2.36 -12.77 -22.01
C GLY T 85 2.80 -12.00 -20.76
N GLY T 86 3.57 -12.68 -19.90
CA GLY T 86 4.01 -12.11 -18.65
C GLY T 86 4.73 -10.77 -18.77
N THR T 87 5.63 -10.65 -19.72
CA THR T 87 6.39 -9.43 -19.90
C THR T 87 6.07 -8.77 -21.23
N ALA T 88 6.57 -7.56 -21.41
CA ALA T 88 6.50 -6.90 -22.70
C ALA T 88 7.68 -7.37 -23.54
N HIS T 89 7.71 -8.67 -23.80
CA HIS T 89 8.51 -9.22 -24.89
C HIS T 89 7.65 -9.04 -26.15
N PHE T 90 6.42 -9.49 -26.07
CA PHE T 90 5.44 -9.28 -27.12
C PHE T 90 5.65 -7.94 -27.80
N GLU T 91 5.79 -6.90 -26.97
CA GLU T 91 5.97 -5.53 -27.44
C GLU T 91 7.03 -5.48 -28.52
N TYR T 92 8.25 -5.89 -28.16
CA TYR T 92 9.44 -5.77 -29.00
C TYR T 92 9.45 -6.72 -30.18
N VAL T 93 8.98 -7.94 -29.97
CA VAL T 93 8.83 -8.86 -31.08
C VAL T 93 7.82 -8.32 -32.09
N ALA T 94 6.56 -8.29 -31.70
CA ALA T 94 5.50 -7.80 -32.57
C ALA T 94 5.93 -6.52 -33.30
N GLY T 95 6.47 -5.57 -32.55
CA GLY T 95 6.92 -4.31 -33.12
C GLY T 95 8.08 -4.44 -34.10
N GLY T 96 9.20 -4.99 -33.64
CA GLY T 96 10.37 -5.15 -34.48
C GLY T 96 10.12 -5.97 -35.74
N ALA T 97 8.95 -6.61 -35.79
CA ALA T 97 8.56 -7.43 -36.94
C ALA T 97 7.40 -6.78 -37.68
N SER T 98 6.83 -5.74 -37.11
CA SER T 98 5.90 -4.92 -37.85
C SER T 98 6.69 -3.86 -38.58
N ASN T 99 7.34 -2.98 -37.82
CA ASN T 99 8.26 -2.02 -38.42
C ASN T 99 9.27 -2.68 -39.36
N GLY T 100 9.62 -3.91 -39.04
CA GLY T 100 10.51 -4.67 -39.88
C GLY T 100 9.92 -4.91 -41.25
N LEU T 101 8.91 -5.75 -41.32
CA LEU T 101 8.31 -6.12 -42.60
C LEU T 101 7.90 -4.87 -43.36
N ALA T 102 7.59 -3.81 -42.62
CA ALA T 102 7.19 -2.54 -43.23
C ALA T 102 8.34 -1.92 -43.99
N SER T 103 9.51 -1.87 -43.35
CA SER T 103 10.70 -1.31 -43.99
C SER T 103 11.15 -2.15 -45.21
N VAL T 104 11.03 -3.47 -45.11
CA VAL T 104 11.35 -4.33 -46.22
C VAL T 104 10.52 -3.98 -47.46
N ALA T 105 9.28 -3.57 -47.22
CA ALA T 105 8.42 -3.16 -48.32
C ALA T 105 8.98 -1.92 -49.00
N GLN T 106 9.09 -0.83 -48.22
CA GLN T 106 9.44 0.48 -48.77
C GLN T 106 10.82 0.51 -49.40
N ASP T 107 11.64 -0.50 -49.10
CA ASP T 107 13.00 -0.55 -49.62
C ASP T 107 13.16 -1.52 -50.78
N SER T 108 12.15 -2.34 -51.02
CA SER T 108 12.23 -3.36 -52.05
C SER T 108 11.23 -3.10 -53.16
N GLY T 109 10.19 -2.34 -52.83
CA GLY T 109 9.14 -2.04 -53.79
C GLY T 109 8.24 -3.25 -53.98
N VAL T 110 8.60 -4.34 -53.32
CA VAL T 110 7.81 -5.56 -53.37
C VAL T 110 6.77 -5.54 -52.28
N PRO T 111 5.50 -5.70 -52.63
CA PRO T 111 4.45 -5.68 -51.65
C PRO T 111 4.66 -6.80 -50.66
N VAL T 112 4.30 -6.56 -49.41
CA VAL T 112 4.42 -7.55 -48.36
C VAL T 112 3.18 -7.51 -47.46
N ALA T 113 2.55 -8.68 -47.27
CA ALA T 113 1.33 -8.77 -46.50
C ALA T 113 1.70 -8.93 -45.02
N PHE T 114 1.17 -8.06 -44.18
CA PHE T 114 1.39 -8.16 -42.76
C PHE T 114 0.44 -9.18 -42.14
N GLY T 115 0.70 -10.46 -42.42
CA GLY T 115 -0.12 -11.54 -41.90
C GLY T 115 0.31 -12.02 -40.52
N VAL T 116 0.58 -11.06 -39.64
CA VAL T 116 1.07 -11.38 -38.31
C VAL T 116 0.01 -11.05 -37.24
N LEU T 117 -0.47 -12.09 -36.58
CA LEU T 117 -1.44 -11.92 -35.52
C LEU T 117 -0.77 -11.40 -34.26
N THR T 118 -1.16 -10.21 -33.84
CA THR T 118 -0.66 -9.62 -32.60
C THR T 118 -1.80 -9.51 -31.58
N THR T 119 -1.95 -10.52 -30.74
CA THR T 119 -3.16 -10.64 -29.92
C THR T 119 -2.86 -10.67 -28.44
N GLU T 120 -3.80 -11.23 -27.68
CA GLU T 120 -3.72 -11.27 -26.22
C GLU T 120 -4.02 -12.66 -25.71
N SER T 121 -4.63 -13.48 -26.55
CA SER T 121 -5.01 -14.83 -26.14
C SER T 121 -5.00 -15.82 -27.30
N ILE T 122 -4.88 -17.09 -26.96
CA ILE T 122 -5.02 -18.14 -27.94
C ILE T 122 -6.44 -18.04 -28.46
N GLU T 123 -7.34 -17.59 -27.58
CA GLU T 123 -8.74 -17.40 -27.91
C GLU T 123 -8.88 -16.46 -29.10
N GLN T 124 -8.30 -15.27 -28.97
CA GLN T 124 -8.32 -14.26 -30.02
C GLN T 124 -7.64 -14.75 -31.30
N ALA T 125 -6.49 -15.38 -31.15
CA ALA T 125 -5.76 -15.88 -32.32
C ALA T 125 -6.58 -16.92 -33.07
N ILE T 126 -7.11 -17.91 -32.37
CA ILE T 126 -7.95 -18.92 -33.01
C ILE T 126 -9.15 -18.28 -33.70
N GLU T 127 -9.58 -17.11 -33.21
CA GLU T 127 -10.67 -16.39 -33.85
C GLU T 127 -10.22 -15.82 -35.19
N ARG T 128 -9.00 -15.31 -35.23
CA ARG T 128 -8.52 -14.58 -36.40
C ARG T 128 -7.72 -15.46 -37.37
N ALA T 129 -7.75 -16.77 -37.14
CA ALA T 129 -7.01 -17.70 -37.97
C ALA T 129 -7.89 -18.89 -38.39
N GLY T 130 -9.07 -18.57 -38.90
CA GLY T 130 -9.92 -19.61 -39.46
C GLY T 130 -11.36 -19.63 -38.99
N THR T 131 -11.58 -19.30 -37.73
CA THR T 131 -12.91 -19.37 -37.15
C THR T 131 -13.66 -18.04 -37.21
N LYS T 132 -14.26 -17.69 -36.09
CA LYS T 132 -15.18 -16.56 -36.00
C LYS T 132 -14.87 -15.39 -36.94
N ALA T 133 -13.67 -14.82 -36.82
CA ALA T 133 -13.38 -13.61 -37.56
C ALA T 133 -12.37 -13.85 -38.66
N GLY T 134 -12.72 -14.69 -39.62
CA GLY T 134 -11.85 -14.89 -40.76
C GLY T 134 -10.56 -15.64 -40.51
N ASN T 135 -9.61 -15.43 -41.42
CA ASN T 135 -8.39 -16.22 -41.48
C ASN T 135 -7.25 -15.38 -42.04
N LYS T 136 -6.79 -14.43 -41.24
CA LYS T 136 -5.91 -13.38 -41.75
C LYS T 136 -4.89 -13.86 -42.76
N GLY T 137 -4.46 -15.12 -42.62
CA GLY T 137 -3.48 -15.68 -43.53
C GLY T 137 -3.91 -15.53 -44.98
N ALA T 138 -5.15 -15.97 -45.27
CA ALA T 138 -5.70 -15.89 -46.61
C ALA T 138 -5.80 -14.43 -47.02
N GLU T 139 -6.45 -13.63 -46.19
CA GLU T 139 -6.55 -12.19 -46.37
C GLU T 139 -5.19 -11.63 -46.80
N ALA T 140 -4.18 -11.90 -45.99
CA ALA T 140 -2.85 -11.43 -46.28
C ALA T 140 -2.46 -11.76 -47.70
N ALA T 141 -2.81 -12.95 -48.16
CA ALA T 141 -2.49 -13.36 -49.54
C ALA T 141 -3.27 -12.56 -50.59
N LEU T 142 -4.56 -12.40 -50.37
CA LEU T 142 -5.36 -11.63 -51.29
C LEU T 142 -4.83 -10.20 -51.37
N THR T 143 -4.60 -9.57 -50.22
CA THR T 143 -4.10 -8.21 -50.21
C THR T 143 -2.73 -8.20 -50.89
N ALA T 144 -1.99 -9.28 -50.71
CA ALA T 144 -0.72 -9.46 -51.44
C ALA T 144 -0.96 -9.34 -52.92
N LEU T 145 -1.67 -10.32 -53.47
CA LEU T 145 -2.06 -10.30 -54.87
C LEU T 145 -2.53 -8.90 -55.31
N GLU T 146 -3.74 -8.52 -54.89
CA GLU T 146 -4.25 -7.19 -55.25
C GLU T 146 -3.12 -6.17 -55.39
N MET T 147 -2.30 -6.02 -54.34
CA MET T 147 -1.24 -5.03 -54.35
C MET T 147 -0.32 -5.22 -55.53
N ILE T 148 -0.06 -6.48 -55.88
CA ILE T 148 0.74 -6.77 -57.04
C ILE T 148 0.22 -6.03 -58.28
N ASN T 149 -1.05 -6.26 -58.61
CA ASN T 149 -1.71 -5.63 -59.75
C ASN T 149 -1.93 -4.13 -59.58
N VAL T 150 -2.10 -3.68 -58.33
CA VAL T 150 -2.23 -2.25 -58.07
C VAL T 150 -0.94 -1.53 -58.45
N LEU T 151 0.18 -1.97 -57.88
CA LEU T 151 1.45 -1.37 -58.20
C LEU T 151 1.64 -1.41 -59.70
N LYS T 152 1.42 -2.60 -60.28
CA LYS T 152 1.47 -2.79 -61.73
C LYS T 152 0.67 -1.72 -62.48
N ALA T 153 -0.44 -1.29 -61.90
CA ALA T 153 -1.30 -0.32 -62.56
C ALA T 153 -0.74 1.09 -62.53
N ILE T 154 0.54 1.23 -62.21
CA ILE T 154 1.18 2.53 -62.25
C ILE T 154 2.59 2.42 -62.84
N MET U 1 26.79 -54.77 22.08
CA MET U 1 25.90 -54.40 20.98
C MET U 1 26.67 -53.69 19.86
N ASN U 2 26.72 -54.31 18.69
CA ASN U 2 27.49 -53.75 17.59
C ASN U 2 26.73 -52.74 16.75
N ILE U 3 27.38 -51.61 16.51
CA ILE U 3 26.77 -50.50 15.81
C ILE U 3 27.54 -50.15 14.54
N ILE U 4 26.85 -49.80 13.47
CA ILE U 4 27.52 -49.39 12.26
C ILE U 4 27.28 -47.92 11.96
N LYS U 5 28.29 -47.10 12.17
CA LYS U 5 28.27 -45.69 11.79
C LYS U 5 29.39 -45.48 10.78
N ALA U 6 29.07 -44.91 9.63
CA ALA U 6 30.04 -44.77 8.54
C ALA U 6 30.34 -43.34 8.16
N ASN U 7 31.62 -43.05 7.92
CA ASN U 7 32.03 -41.69 7.54
C ASN U 7 31.84 -41.42 6.04
N VAL U 8 32.10 -40.19 5.63
CA VAL U 8 31.82 -39.76 4.27
C VAL U 8 33.05 -39.69 3.40
N ALA U 9 34.17 -40.24 3.86
CA ALA U 9 35.37 -40.21 3.05
C ALA U 9 35.47 -41.54 2.34
N ALA U 10 36.04 -41.52 1.13
CA ALA U 10 36.15 -42.74 0.33
C ALA U 10 36.90 -42.48 -0.99
N PRO U 11 38.21 -42.14 -0.93
CA PRO U 11 38.97 -41.73 -2.12
C PRO U 11 39.13 -42.79 -3.23
N ASP U 12 38.87 -44.04 -2.90
CA ASP U 12 38.99 -45.09 -3.91
C ASP U 12 37.76 -45.26 -4.84
N ALA U 13 36.59 -44.86 -4.35
CA ALA U 13 35.33 -45.11 -5.04
C ALA U 13 35.07 -44.17 -6.23
N ARG U 14 34.67 -44.75 -7.38
CA ARG U 14 34.31 -43.97 -8.57
C ARG U 14 32.81 -43.64 -8.58
N VAL U 15 32.48 -42.36 -8.40
CA VAL U 15 31.09 -41.91 -8.37
C VAL U 15 30.57 -41.36 -9.70
N ALA U 16 29.35 -41.70 -10.05
CA ALA U 16 28.78 -41.14 -11.26
C ALA U 16 27.62 -40.19 -10.97
N ILE U 17 27.76 -38.96 -11.45
CA ILE U 17 26.73 -37.94 -11.26
C ILE U 17 25.95 -37.72 -12.55
N THR U 18 24.63 -37.77 -12.44
CA THR U 18 23.75 -37.54 -13.57
C THR U 18 22.99 -36.26 -13.33
N ILE U 19 22.66 -35.55 -14.41
CA ILE U 19 22.07 -34.22 -14.29
C ILE U 19 21.11 -33.87 -15.41
N ALA U 20 19.98 -33.26 -15.08
CA ALA U 20 19.07 -32.74 -16.09
C ALA U 20 19.43 -31.30 -16.43
N ARG U 21 19.44 -30.97 -17.72
CA ARG U 21 19.81 -29.62 -18.12
C ARG U 21 18.63 -28.65 -17.99
N PHE U 22 17.41 -29.20 -18.05
CA PHE U 22 16.22 -28.41 -17.80
C PHE U 22 16.29 -27.89 -16.39
N ASN U 23 16.04 -26.60 -16.21
CA ASN U 23 16.24 -25.96 -14.92
C ASN U 23 17.72 -25.90 -14.62
N GLN U 24 18.50 -25.74 -15.69
CA GLN U 24 19.94 -25.62 -15.58
C GLN U 24 20.28 -24.57 -14.52
N PHE U 25 19.67 -23.40 -14.67
CA PHE U 25 20.06 -22.26 -13.84
C PHE U 25 20.02 -22.61 -12.37
N ILE U 26 19.47 -23.78 -12.05
CA ILE U 26 19.36 -24.23 -10.66
C ILE U 26 20.11 -25.54 -10.47
N ASN U 27 19.96 -26.45 -11.42
CA ASN U 27 20.67 -27.71 -11.33
C ASN U 27 22.18 -27.51 -11.39
N ASP U 28 22.61 -26.38 -11.91
CA ASP U 28 24.05 -26.14 -12.06
C ASP U 28 24.77 -26.03 -10.71
N SER U 29 24.10 -25.40 -9.75
CA SER U 29 24.65 -25.28 -8.41
C SER U 29 24.60 -26.65 -7.75
N LEU U 30 23.52 -27.37 -8.00
CA LEU U 30 23.43 -28.76 -7.53
C LEU U 30 24.72 -29.54 -7.87
N LEU U 31 25.17 -29.42 -9.10
CA LEU U 31 26.41 -30.06 -9.50
C LEU U 31 27.57 -29.52 -8.69
N ASP U 32 27.69 -28.20 -8.63
CA ASP U 32 28.81 -27.59 -7.93
C ASP U 32 28.88 -28.13 -6.54
N GLY U 33 27.74 -28.13 -5.84
CA GLY U 33 27.70 -28.70 -4.50
C GLY U 33 28.18 -30.15 -4.48
N ALA U 34 27.52 -30.98 -5.28
CA ALA U 34 27.85 -32.38 -5.39
C ALA U 34 29.36 -32.56 -5.53
N VAL U 35 29.93 -32.04 -6.62
CA VAL U 35 31.34 -32.27 -6.92
C VAL U 35 32.23 -31.82 -5.77
N ASP U 36 32.08 -30.57 -5.34
CA ASP U 36 32.87 -30.07 -4.21
C ASP U 36 32.83 -31.09 -3.09
N ALA U 37 31.66 -31.32 -2.53
CA ALA U 37 31.47 -32.28 -1.47
C ALA U 37 32.12 -33.61 -1.78
N LEU U 38 32.06 -34.02 -3.04
CA LEU U 38 32.58 -35.30 -3.45
C LEU U 38 34.09 -35.38 -3.28
N THR U 39 34.80 -34.44 -3.89
CA THR U 39 36.24 -34.37 -3.79
C THR U 39 36.66 -33.87 -2.43
N ARG U 40 36.53 -32.56 -2.23
CA ARG U 40 36.87 -31.93 -0.95
C ARG U 40 36.60 -32.77 0.30
N ILE U 41 35.35 -33.19 0.46
CA ILE U 41 34.96 -33.89 1.68
C ILE U 41 35.19 -35.39 1.58
N GLY U 42 34.81 -35.97 0.46
CA GLY U 42 34.88 -37.41 0.32
C GLY U 42 36.21 -37.93 -0.18
N GLN U 43 37.16 -37.03 -0.43
CA GLN U 43 38.51 -37.42 -0.82
C GLN U 43 38.52 -38.13 -2.16
N VAL U 44 37.49 -37.91 -2.96
CA VAL U 44 37.42 -38.54 -4.28
C VAL U 44 38.24 -37.82 -5.35
N LYS U 45 39.08 -38.56 -6.05
CA LYS U 45 39.85 -37.97 -7.15
C LYS U 45 38.92 -37.59 -8.29
N ASP U 46 39.14 -36.40 -8.85
CA ASP U 46 38.20 -35.84 -9.81
C ASP U 46 38.13 -36.56 -11.17
N ASP U 47 38.89 -37.64 -11.34
CA ASP U 47 38.78 -38.43 -12.56
C ASP U 47 38.06 -39.75 -12.28
N ASN U 48 37.69 -39.97 -11.02
CA ASN U 48 36.77 -41.05 -10.67
C ASN U 48 35.34 -40.52 -10.64
N ILE U 49 35.21 -39.26 -11.04
CA ILE U 49 33.92 -38.63 -11.17
C ILE U 49 33.61 -38.48 -12.65
N THR U 50 32.57 -39.16 -13.10
CA THR U 50 32.02 -38.89 -14.43
C THR U 50 30.61 -38.27 -14.31
N VAL U 51 30.31 -37.33 -15.20
CA VAL U 51 29.06 -36.59 -15.11
C VAL U 51 28.23 -36.74 -16.36
N VAL U 52 27.09 -37.43 -16.25
CA VAL U 52 26.27 -37.69 -17.42
C VAL U 52 25.15 -36.68 -17.43
N TRP U 53 24.92 -36.04 -18.59
CA TRP U 53 23.91 -35.01 -18.74
C TRP U 53 22.74 -35.50 -19.60
N VAL U 54 21.62 -35.83 -18.96
CA VAL U 54 20.38 -36.14 -19.69
C VAL U 54 19.50 -34.88 -19.79
N PRO U 55 18.61 -34.85 -20.79
CA PRO U 55 17.75 -33.67 -20.96
C PRO U 55 16.98 -33.35 -19.69
N GLY U 56 15.90 -34.10 -19.42
CA GLY U 56 15.02 -33.80 -18.30
C GLY U 56 15.13 -34.72 -17.10
N ALA U 57 14.60 -34.27 -15.96
CA ALA U 57 14.62 -35.06 -14.74
C ALA U 57 13.91 -36.39 -14.92
N TYR U 58 13.03 -36.46 -15.92
CA TYR U 58 12.30 -37.69 -16.23
C TYR U 58 13.25 -38.79 -16.75
N GLU U 59 14.39 -38.35 -17.26
CA GLU U 59 15.30 -39.27 -17.91
C GLU U 59 16.36 -39.75 -16.94
N LEU U 60 16.44 -39.06 -15.79
CA LEU U 60 17.44 -39.37 -14.76
C LEU U 60 17.58 -40.86 -14.50
N PRO U 61 16.44 -41.56 -14.40
CA PRO U 61 16.49 -43.01 -14.16
C PRO U 61 17.35 -43.75 -15.18
N LEU U 62 16.84 -43.89 -16.41
CA LEU U 62 17.54 -44.67 -17.44
C LEU U 62 19.04 -44.37 -17.43
N ALA U 63 19.40 -43.09 -17.41
CA ALA U 63 20.79 -42.71 -17.23
C ALA U 63 21.41 -43.43 -16.03
N THR U 64 20.84 -43.21 -14.85
CA THR U 64 21.42 -43.78 -13.64
C THR U 64 21.29 -45.32 -13.52
N GLU U 65 20.63 -45.94 -14.49
CA GLU U 65 20.61 -47.39 -14.54
C GLU U 65 21.76 -47.92 -15.42
N ALA U 66 21.82 -47.45 -16.65
CA ALA U 66 22.93 -47.79 -17.52
C ALA U 66 24.26 -47.57 -16.79
N LEU U 67 24.30 -46.55 -15.94
CA LEU U 67 25.50 -46.30 -15.14
C LEU U 67 25.72 -47.39 -14.10
N ALA U 68 24.86 -47.42 -13.08
CA ALA U 68 25.00 -48.44 -12.02
C ALA U 68 25.17 -49.84 -12.58
N LYS U 69 24.29 -50.21 -13.52
CA LYS U 69 24.39 -51.50 -14.18
C LYS U 69 25.84 -51.71 -14.63
N SER U 70 26.31 -50.81 -15.48
CA SER U 70 27.67 -50.87 -16.00
C SER U 70 28.63 -51.48 -15.00
N GLY U 71 28.55 -51.06 -13.75
CA GLY U 71 29.39 -51.66 -12.72
C GLY U 71 30.58 -50.79 -12.34
N LYS U 72 31.08 -50.02 -13.30
CA LYS U 72 32.27 -49.20 -13.08
C LYS U 72 32.20 -48.29 -11.84
N TYR U 73 30.98 -47.84 -11.51
CA TYR U 73 30.78 -46.85 -10.44
C TYR U 73 30.29 -47.45 -9.12
N ASP U 74 30.68 -46.81 -8.03
CA ASP U 74 30.32 -47.29 -6.70
C ASP U 74 29.03 -46.63 -6.19
N ALA U 75 28.61 -45.56 -6.85
CA ALA U 75 27.38 -44.87 -6.50
C ALA U 75 27.01 -43.81 -7.55
N VAL U 76 25.73 -43.52 -7.65
CA VAL U 76 25.29 -42.54 -8.59
C VAL U 76 24.61 -41.43 -7.85
N VAL U 77 25.01 -40.20 -8.12
CA VAL U 77 24.31 -39.06 -7.57
C VAL U 77 23.40 -38.48 -8.64
N ALA U 78 22.09 -38.57 -8.39
CA ALA U 78 21.10 -38.05 -9.32
C ALA U 78 20.73 -36.60 -8.98
N LEU U 79 20.89 -35.71 -9.96
CA LEU U 79 20.65 -34.28 -9.77
C LEU U 79 19.66 -33.70 -10.77
N GLY U 80 18.52 -33.25 -10.28
CA GLY U 80 17.53 -32.59 -11.10
C GLY U 80 16.71 -31.60 -10.28
N THR U 81 15.88 -30.84 -10.99
CA THR U 81 14.97 -29.89 -10.35
C THR U 81 13.63 -29.88 -11.09
N VAL U 82 12.56 -30.07 -10.33
CA VAL U 82 11.20 -30.03 -10.88
C VAL U 82 10.37 -29.04 -10.08
N ILE U 83 9.92 -27.98 -10.73
CA ILE U 83 9.09 -26.98 -10.06
C ILE U 83 7.67 -26.98 -10.64
N ARG U 84 6.69 -27.26 -9.77
CA ARG U 84 5.30 -27.38 -10.21
C ARG U 84 4.84 -26.18 -11.05
N GLY U 85 3.75 -26.38 -11.79
CA GLY U 85 3.24 -25.33 -12.65
C GLY U 85 1.74 -25.44 -12.91
N GLY U 86 1.32 -24.97 -14.09
CA GLY U 86 -0.07 -24.93 -14.49
C GLY U 86 -0.82 -26.25 -14.36
N THR U 87 -0.20 -27.34 -14.81
CA THR U 87 -0.82 -28.66 -14.75
C THR U 87 -0.06 -29.58 -13.83
N ALA U 88 -0.65 -30.74 -13.57
CA ALA U 88 0.05 -31.78 -12.85
C ALA U 88 0.86 -32.59 -13.87
N HIS U 89 1.79 -31.89 -14.51
CA HIS U 89 2.87 -32.56 -15.22
C HIS U 89 3.87 -32.87 -14.11
N PHE U 90 4.20 -31.84 -13.33
CA PHE U 90 5.08 -31.97 -12.19
C PHE U 90 4.87 -33.32 -11.50
N GLU U 91 3.61 -33.64 -11.28
CA GLU U 91 3.22 -34.87 -10.61
C GLU U 91 3.95 -36.05 -11.22
N TYR U 92 3.72 -36.28 -12.50
CA TYR U 92 4.22 -37.46 -13.19
C TYR U 92 5.74 -37.48 -13.42
N VAL U 93 6.31 -36.32 -13.70
CA VAL U 93 7.75 -36.22 -13.84
C VAL U 93 8.40 -36.53 -12.50
N ALA U 94 8.23 -35.64 -11.54
CA ALA U 94 8.79 -35.84 -10.20
C ALA U 94 8.63 -37.27 -9.70
N GLY U 95 7.41 -37.80 -9.81
CA GLY U 95 7.12 -39.15 -9.39
C GLY U 95 7.83 -40.22 -10.20
N GLY U 96 7.57 -40.26 -11.50
CA GLY U 96 8.22 -41.22 -12.37
C GLY U 96 9.74 -41.20 -12.28
N ALA U 97 10.28 -40.17 -11.63
CA ALA U 97 11.73 -40.04 -11.51
C ALA U 97 12.15 -40.21 -10.05
N SER U 98 11.17 -40.28 -9.17
CA SER U 98 11.46 -40.66 -7.79
C SER U 98 11.38 -42.17 -7.70
N ASN U 99 10.20 -42.70 -7.98
CA ASN U 99 10.01 -44.14 -8.07
C ASN U 99 11.02 -44.76 -9.02
N GLY U 100 11.40 -44.01 -10.03
CA GLY U 100 12.40 -44.46 -10.98
C GLY U 100 13.73 -44.70 -10.32
N LEU U 101 14.39 -43.61 -9.93
CA LEU U 101 15.70 -43.70 -9.29
C LEU U 101 15.68 -44.67 -8.11
N ALA U 102 14.53 -44.78 -7.47
CA ALA U 102 14.36 -45.70 -6.35
C ALA U 102 14.52 -47.15 -6.79
N SER U 103 13.82 -47.52 -7.85
CA SER U 103 13.89 -48.87 -8.39
C SER U 103 15.29 -49.21 -8.90
N VAL U 104 15.96 -48.25 -9.54
CA VAL U 104 17.32 -48.44 -10.01
C VAL U 104 18.25 -48.85 -8.86
N ALA U 105 17.97 -48.33 -7.68
CA ALA U 105 18.75 -48.67 -6.49
C ALA U 105 18.54 -50.13 -6.10
N GLN U 106 17.30 -50.48 -5.79
CA GLN U 106 16.98 -51.80 -5.27
C GLN U 106 17.29 -52.93 -6.26
N ASP U 107 17.51 -52.58 -7.53
CA ASP U 107 17.81 -53.59 -8.55
C ASP U 107 19.29 -53.66 -8.92
N SER U 108 20.07 -52.68 -8.49
CA SER U 108 21.47 -52.62 -8.85
C SER U 108 22.35 -52.79 -7.62
N GLY U 109 21.79 -52.54 -6.44
CA GLY U 109 22.55 -52.64 -5.22
C GLY U 109 23.49 -51.45 -5.08
N VAL U 110 23.52 -50.62 -6.13
CA VAL U 110 24.31 -49.39 -6.09
C VAL U 110 23.52 -48.26 -5.48
N PRO U 111 24.06 -47.66 -4.41
CA PRO U 111 23.37 -46.54 -3.77
C PRO U 111 23.16 -45.41 -4.78
N VAL U 112 22.03 -44.72 -4.66
CA VAL U 112 21.72 -43.61 -5.53
C VAL U 112 21.12 -42.48 -4.68
N ALA U 113 21.68 -41.28 -4.85
CA ALA U 113 21.24 -40.12 -4.09
C ALA U 113 20.10 -39.46 -4.80
N PHE U 114 18.99 -39.26 -4.08
CA PHE U 114 17.84 -38.57 -4.66
C PHE U 114 18.01 -37.05 -4.57
N GLY U 115 18.93 -36.51 -5.36
CA GLY U 115 19.19 -35.08 -5.33
C GLY U 115 18.29 -34.34 -6.29
N VAL U 116 17.00 -34.65 -6.24
CA VAL U 116 16.02 -34.03 -7.14
C VAL U 116 15.10 -33.11 -6.36
N LEU U 117 15.22 -31.81 -6.64
CA LEU U 117 14.38 -30.82 -6.00
C LEU U 117 12.97 -30.87 -6.56
N THR U 118 11.99 -31.15 -5.69
CA THR U 118 10.60 -31.18 -6.09
C THR U 118 9.86 -30.11 -5.31
N THR U 119 9.75 -28.93 -5.91
CA THR U 119 9.26 -27.75 -5.19
C THR U 119 8.03 -27.11 -5.80
N GLU U 120 7.84 -25.83 -5.49
CA GLU U 120 6.65 -25.09 -5.93
C GLU U 120 7.03 -23.73 -6.56
N SER U 121 8.27 -23.31 -6.34
CA SER U 121 8.71 -22.02 -6.82
C SER U 121 10.20 -22.00 -7.06
N ILE U 122 10.63 -21.06 -7.91
CA ILE U 122 12.05 -20.83 -8.12
C ILE U 122 12.59 -20.37 -6.77
N GLU U 123 11.71 -19.73 -6.01
CA GLU U 123 12.04 -19.24 -4.69
C GLU U 123 12.54 -20.38 -3.81
N GLN U 124 11.71 -21.43 -3.70
CA GLN U 124 12.00 -22.59 -2.88
C GLN U 124 13.22 -23.32 -3.39
N ALA U 125 13.32 -23.47 -4.71
CA ALA U 125 14.45 -24.17 -5.30
C ALA U 125 15.75 -23.45 -4.99
N ILE U 126 15.81 -22.15 -5.25
CA ILE U 126 17.01 -21.37 -4.93
C ILE U 126 17.38 -21.47 -3.44
N GLU U 127 16.37 -21.68 -2.59
CA GLU U 127 16.62 -21.89 -1.18
C GLU U 127 17.37 -23.19 -0.96
N ARG U 128 16.96 -24.21 -1.70
CA ARG U 128 17.43 -25.56 -1.43
C ARG U 128 18.62 -25.96 -2.29
N ALA U 129 19.18 -24.98 -2.99
CA ALA U 129 20.30 -25.24 -3.90
C ALA U 129 21.41 -24.21 -3.72
N GLY U 130 21.79 -23.94 -2.49
CA GLY U 130 22.94 -23.09 -2.23
C GLY U 130 22.75 -22.04 -1.15
N THR U 131 21.54 -21.50 -1.08
CA THR U 131 21.26 -20.41 -0.15
C THR U 131 20.67 -20.90 1.18
N LYS U 132 19.60 -20.22 1.58
CA LYS U 132 19.03 -20.37 2.92
C LYS U 132 19.10 -21.78 3.49
N ALA U 133 18.51 -22.75 2.80
CA ALA U 133 18.43 -24.08 3.37
C ALA U 133 19.35 -25.09 2.68
N GLY U 134 20.65 -24.84 2.72
CA GLY U 134 21.65 -25.78 2.23
C GLY U 134 21.71 -25.94 0.73
N ASN U 135 22.24 -27.08 0.28
CA ASN U 135 22.55 -27.28 -1.13
C ASN U 135 22.40 -28.76 -1.48
N LYS U 136 21.13 -29.22 -1.58
CA LYS U 136 20.82 -30.65 -1.68
C LYS U 136 21.77 -31.42 -2.56
N GLY U 137 22.29 -30.77 -3.59
CA GLY U 137 23.26 -31.40 -4.46
C GLY U 137 24.41 -31.99 -3.69
N ALA U 138 25.00 -31.17 -2.81
CA ALA U 138 26.14 -31.60 -2.00
C ALA U 138 25.70 -32.70 -1.06
N GLU U 139 24.63 -32.43 -0.33
CA GLU U 139 24.02 -33.41 0.57
C GLU U 139 23.89 -34.76 -0.14
N ALA U 140 23.28 -34.75 -1.30
CA ALA U 140 23.11 -35.97 -2.08
C ALA U 140 24.43 -36.73 -2.24
N ALA U 141 25.51 -36.01 -2.47
CA ALA U 141 26.82 -36.64 -2.64
C ALA U 141 27.34 -37.26 -1.33
N LEU U 142 27.27 -36.52 -0.24
CA LEU U 142 27.69 -37.07 1.04
C LEU U 142 26.87 -38.33 1.39
N THR U 143 25.55 -38.23 1.34
CA THR U 143 24.69 -39.40 1.57
C THR U 143 25.09 -40.53 0.61
N ALA U 144 25.45 -40.15 -0.62
CA ALA U 144 25.94 -41.11 -1.59
C ALA U 144 27.13 -41.83 -1.00
N LEU U 145 28.19 -41.07 -0.78
CA LEU U 145 29.39 -41.58 -0.12
C LEU U 145 29.03 -42.44 1.08
N GLU U 146 28.61 -41.81 2.16
CA GLU U 146 28.26 -42.55 3.37
C GLU U 146 27.65 -43.92 3.01
N MET U 147 26.62 -43.93 2.20
CA MET U 147 25.94 -45.16 1.85
C MET U 147 26.90 -46.18 1.28
N ILE U 148 27.86 -45.71 0.47
CA ILE U 148 28.91 -46.57 -0.06
C ILE U 148 29.58 -47.39 1.05
N ASN U 149 30.11 -46.69 2.04
CA ASN U 149 30.76 -47.34 3.16
C ASN U 149 29.80 -48.07 4.09
N VAL U 150 28.55 -47.63 4.15
CA VAL U 150 27.56 -48.33 4.97
C VAL U 150 27.28 -49.72 4.43
N LEU U 151 26.90 -49.77 3.15
CA LEU U 151 26.73 -51.06 2.47
C LEU U 151 28.01 -51.90 2.64
N LYS U 152 29.14 -51.28 2.36
CA LYS U 152 30.42 -51.95 2.52
C LYS U 152 30.50 -52.61 3.86
N ALA U 153 29.94 -51.97 4.86
CA ALA U 153 30.06 -52.46 6.24
C ALA U 153 29.17 -53.66 6.53
N ILE U 154 28.67 -54.29 5.48
CA ILE U 154 27.90 -55.51 5.67
C ILE U 154 28.25 -56.53 4.56
N MET V 1 -11.42 -74.97 15.34
CA MET V 1 -10.88 -73.86 14.57
C MET V 1 -9.54 -73.39 15.11
N ASN V 2 -8.49 -73.53 14.31
CA ASN V 2 -7.14 -73.23 14.79
C ASN V 2 -6.74 -71.77 14.58
N ILE V 3 -6.19 -71.19 15.64
CA ILE V 3 -5.91 -69.76 15.67
C ILE V 3 -4.43 -69.55 15.94
N ILE V 4 -3.84 -68.55 15.29
CA ILE V 4 -2.43 -68.23 15.56
C ILE V 4 -2.28 -66.87 16.24
N LYS V 5 -2.03 -66.88 17.55
CA LYS V 5 -1.70 -65.65 18.26
C LYS V 5 -0.27 -65.80 18.78
N ALA V 6 0.58 -64.83 18.49
CA ALA V 6 1.99 -64.95 18.84
C ALA V 6 2.45 -63.89 19.81
N ASN V 7 3.25 -64.29 20.80
CA ASN V 7 3.82 -63.35 21.78
C ASN V 7 5.03 -62.56 21.27
N VAL V 8 5.49 -61.60 22.06
CA VAL V 8 6.58 -60.72 21.64
C VAL V 8 7.94 -61.09 22.22
N ALA V 9 8.06 -62.27 22.81
CA ALA V 9 9.36 -62.69 23.33
C ALA V 9 10.03 -63.57 22.29
N ALA V 10 11.36 -63.51 22.24
CA ALA V 10 12.16 -64.22 21.23
C ALA V 10 13.67 -64.02 21.44
N PRO V 11 14.21 -64.45 22.59
CA PRO V 11 15.58 -64.20 23.07
C PRO V 11 16.67 -64.50 22.07
N ASP V 12 16.34 -65.32 21.09
CA ASP V 12 17.35 -65.99 20.26
C ASP V 12 17.69 -65.23 19.00
N ALA V 13 16.76 -65.21 18.06
CA ALA V 13 16.87 -64.41 16.84
C ALA V 13 17.53 -63.03 17.00
N ARG V 14 18.30 -62.68 15.98
CA ARG V 14 19.12 -61.49 15.95
C ARG V 14 18.44 -60.40 15.12
N VAL V 15 18.13 -59.28 15.75
CA VAL V 15 17.41 -58.19 15.09
C VAL V 15 18.38 -57.10 14.61
N ALA V 16 18.13 -56.57 13.42
CA ALA V 16 18.90 -55.42 12.95
C ALA V 16 18.04 -54.15 12.87
N ILE V 17 18.52 -53.10 13.54
CA ILE V 17 17.84 -51.81 13.57
C ILE V 17 18.58 -50.83 12.66
N THR V 18 17.83 -50.17 11.78
CA THR V 18 18.40 -49.14 10.91
C THR V 18 17.82 -47.78 11.28
N ILE V 19 18.62 -46.72 11.12
CA ILE V 19 18.24 -45.42 11.60
C ILE V 19 18.78 -44.26 10.78
N ALA V 20 17.92 -43.29 10.48
CA ALA V 20 18.35 -42.05 9.81
C ALA V 20 18.82 -41.02 10.83
N ARG V 21 19.99 -40.45 10.60
CA ARG V 21 20.52 -39.46 11.54
C ARG V 21 19.82 -38.10 11.38
N PHE V 22 19.33 -37.81 10.17
CA PHE V 22 18.52 -36.61 9.94
C PHE V 22 17.31 -36.68 10.85
N ASN V 23 17.03 -35.60 11.56
CA ASN V 23 15.97 -35.63 12.57
C ASN V 23 16.44 -36.49 13.74
N GLN V 24 17.75 -36.47 13.96
CA GLN V 24 18.33 -37.17 15.08
C GLN V 24 17.58 -36.85 16.37
N PHE V 25 17.41 -35.56 16.64
CA PHE V 25 16.85 -35.13 17.90
C PHE V 25 15.56 -35.88 18.19
N ILE V 26 14.99 -36.53 17.17
CA ILE V 26 13.73 -37.22 17.34
C ILE V 26 13.89 -38.72 17.13
N ASN V 27 14.69 -39.07 16.13
CA ASN V 27 14.97 -40.47 15.84
C ASN V 27 15.71 -41.16 16.99
N ASP V 28 16.39 -40.37 17.81
CA ASP V 28 17.20 -40.94 18.87
C ASP V 28 16.37 -41.63 19.94
N SER V 29 15.22 -41.02 20.29
CA SER V 29 14.26 -41.66 21.17
C SER V 29 13.68 -42.91 20.50
N LEU V 30 13.37 -42.80 19.22
CA LEU V 30 12.92 -43.95 18.49
C LEU V 30 13.82 -45.14 18.79
N LEU V 31 15.14 -44.94 18.69
CA LEU V 31 16.08 -46.02 18.95
C LEU V 31 15.96 -46.51 20.37
N ASP V 32 15.99 -45.58 21.32
CA ASP V 32 15.89 -45.94 22.73
C ASP V 32 14.69 -46.83 22.93
N GLY V 33 13.56 -46.43 22.36
CA GLY V 33 12.32 -47.18 22.47
C GLY V 33 12.55 -48.56 21.91
N ALA V 34 12.92 -48.60 20.64
CA ALA V 34 13.18 -49.86 19.96
C ALA V 34 14.04 -50.79 20.82
N VAL V 35 15.27 -50.37 21.11
CA VAL V 35 16.19 -51.22 21.85
C VAL V 35 15.57 -51.70 23.16
N ASP V 36 15.10 -50.77 23.99
CA ASP V 36 14.52 -51.18 25.27
C ASP V 36 13.52 -52.30 25.02
N ALA V 37 12.48 -52.00 24.26
CA ALA V 37 11.46 -52.97 23.97
C ALA V 37 12.04 -54.29 23.47
N LEU V 38 13.13 -54.20 22.69
CA LEU V 38 13.76 -55.38 22.09
C LEU V 38 14.33 -56.32 23.13
N THR V 39 15.19 -55.78 23.99
CA THR V 39 15.78 -56.55 25.07
C THR V 39 14.77 -56.81 26.18
N ARG V 40 14.53 -55.79 27.01
CA ARG V 40 13.59 -55.85 28.14
C ARG V 40 12.37 -56.72 27.87
N ILE V 41 11.59 -56.39 26.83
CA ILE V 41 10.36 -57.12 26.56
C ILE V 41 10.57 -58.39 25.72
N GLY V 42 11.37 -58.30 24.66
CA GLY V 42 11.53 -59.41 23.74
C GLY V 42 12.61 -60.40 24.13
N GLN V 43 13.27 -60.16 25.26
CA GLN V 43 14.27 -61.08 25.78
C GLN V 43 15.48 -61.21 24.85
N VAL V 44 15.68 -60.22 23.99
CA VAL V 44 16.79 -60.29 23.03
C VAL V 44 18.12 -59.85 23.62
N LYS V 45 19.14 -60.68 23.46
CA LYS V 45 20.47 -60.32 23.98
C LYS V 45 21.05 -59.17 23.18
N ASP V 46 21.65 -58.21 23.87
CA ASP V 46 22.02 -56.96 23.25
C ASP V 46 23.16 -57.07 22.23
N ASP V 47 23.67 -58.28 22.04
CA ASP V 47 24.69 -58.46 21.01
C ASP V 47 24.11 -59.16 19.79
N ASN V 48 22.82 -59.49 19.85
CA ASN V 48 22.09 -59.95 18.67
C ASN V 48 21.38 -58.77 18.02
N ILE V 49 21.67 -57.59 18.56
CA ILE V 49 21.16 -56.34 18.04
C ILE V 49 22.30 -55.59 17.38
N THR V 50 22.20 -55.40 16.07
CA THR V 50 23.12 -54.49 15.40
C THR V 50 22.31 -53.30 14.89
N VAL V 51 22.97 -52.14 14.91
CA VAL V 51 22.30 -50.89 14.56
C VAL V 51 23.02 -50.19 13.41
N VAL V 52 22.36 -50.10 12.26
CA VAL V 52 23.00 -49.48 11.11
C VAL V 52 22.48 -48.05 10.97
N TRP V 53 23.40 -47.10 10.82
CA TRP V 53 23.06 -45.69 10.69
C TRP V 53 23.22 -45.17 9.27
N VAL V 54 22.13 -45.03 8.53
CA VAL V 54 22.18 -44.34 7.24
C VAL V 54 21.85 -42.86 7.38
N PRO V 55 22.29 -42.04 6.41
CA PRO V 55 22.02 -40.61 6.50
C PRO V 55 20.54 -40.31 6.65
N GLY V 56 19.78 -40.39 5.57
CA GLY V 56 18.39 -39.98 5.56
C GLY V 56 17.38 -41.11 5.49
N ALA V 57 16.13 -40.79 5.79
CA ALA V 57 15.06 -41.78 5.79
C ALA V 57 14.88 -42.37 4.42
N TYR V 58 15.38 -41.66 3.40
CA TYR V 58 15.30 -42.14 2.02
C TYR V 58 16.21 -43.34 1.77
N GLU V 59 17.20 -43.48 2.63
CA GLU V 59 18.20 -44.50 2.44
C GLU V 59 17.82 -45.73 3.24
N LEU V 60 16.87 -45.59 4.15
CA LEU V 60 16.45 -46.71 4.99
C LEU V 60 16.28 -48.02 4.24
N PRO V 61 15.68 -47.97 3.04
CA PRO V 61 15.46 -49.20 2.28
C PRO V 61 16.76 -49.93 2.00
N LEU V 62 17.62 -49.39 1.15
CA LEU V 62 18.84 -50.09 0.75
C LEU V 62 19.56 -50.69 1.94
N ALA V 63 19.69 -49.91 3.01
CA ALA V 63 20.24 -50.44 4.25
C ALA V 63 19.48 -51.70 4.66
N THR V 64 18.19 -51.59 4.89
CA THR V 64 17.41 -52.72 5.40
C THR V 64 17.26 -53.87 4.41
N GLU V 65 17.75 -53.68 3.17
CA GLU V 65 17.79 -54.77 2.20
C GLU V 65 19.10 -55.55 2.34
N ALA V 66 20.22 -54.84 2.25
CA ALA V 66 21.51 -55.44 2.48
C ALA V 66 21.53 -56.22 3.80
N LEU V 67 20.77 -55.73 4.78
CA LEU V 67 20.65 -56.43 6.04
C LEU V 67 19.84 -57.70 5.86
N ALA V 68 18.53 -57.57 5.64
CA ALA V 68 17.68 -58.75 5.51
C ALA V 68 18.28 -59.75 4.52
N LYS V 69 18.69 -59.26 3.35
CA LYS V 69 19.29 -60.11 2.35
C LYS V 69 20.35 -60.95 3.02
N SER V 70 21.33 -60.28 3.61
CA SER V 70 22.45 -60.91 4.32
C SER V 70 22.06 -62.24 4.98
N GLY V 71 20.91 -62.23 5.65
CA GLY V 71 20.36 -63.44 6.24
C GLY V 71 20.57 -63.54 7.73
N LYS V 72 21.68 -62.99 8.20
CA LYS V 72 22.08 -63.09 9.59
C LYS V 72 20.96 -62.71 10.57
N TYR V 73 20.08 -61.80 10.15
CA TYR V 73 19.08 -61.24 11.05
C TYR V 73 17.70 -61.84 10.83
N ASP V 74 16.89 -61.87 11.89
CA ASP V 74 15.54 -62.41 11.82
C ASP V 74 14.47 -61.36 11.56
N ALA V 75 14.83 -60.10 11.72
CA ALA V 75 13.94 -58.99 11.41
C ALA V 75 14.69 -57.67 11.44
N VAL V 76 14.19 -56.70 10.68
CA VAL V 76 14.80 -55.38 10.65
C VAL V 76 13.82 -54.36 11.17
N VAL V 77 14.25 -53.55 12.13
CA VAL V 77 13.45 -52.43 12.57
C VAL V 77 13.95 -51.16 11.91
N ALA V 78 13.11 -50.59 11.04
CA ALA V 78 13.44 -49.34 10.35
C ALA V 78 12.98 -48.11 11.12
N LEU V 79 13.91 -47.21 11.41
CA LEU V 79 13.60 -46.06 12.25
C LEU V 79 14.02 -44.75 11.59
N GLY V 80 13.04 -43.91 11.28
CA GLY V 80 13.28 -42.60 10.70
C GLY V 80 12.17 -41.63 11.03
N THR V 81 12.39 -40.36 10.68
CA THR V 81 11.38 -39.32 10.91
C THR V 81 11.36 -38.34 9.75
N VAL V 82 10.19 -38.12 9.18
CA VAL V 82 10.03 -37.18 8.06
C VAL V 82 8.90 -36.20 8.37
N ILE V 83 9.26 -34.93 8.49
CA ILE V 83 8.28 -33.91 8.84
C ILE V 83 8.13 -32.98 7.66
N ARG V 84 6.93 -32.92 7.12
CA ARG V 84 6.63 -32.07 5.95
C ARG V 84 7.11 -30.63 6.08
N GLY V 85 7.29 -29.96 4.93
CA GLY V 85 7.80 -28.61 4.92
C GLY V 85 7.35 -27.82 3.72
N GLY V 86 8.17 -26.88 3.30
CA GLY V 86 7.81 -25.93 2.24
C GLY V 86 7.33 -26.56 0.95
N THR V 87 8.03 -27.61 0.51
CA THR V 87 7.69 -28.30 -0.73
C THR V 87 7.22 -29.72 -0.46
N ALA V 88 6.69 -30.37 -1.49
CA ALA V 88 6.45 -31.81 -1.43
C ALA V 88 7.73 -32.59 -1.74
N HIS V 89 8.75 -32.37 -0.92
CA HIS V 89 9.88 -33.26 -0.85
C HIS V 89 9.40 -34.38 0.06
N PHE V 90 8.86 -34.00 1.22
CA PHE V 90 8.27 -34.93 2.16
C PHE V 90 7.57 -36.07 1.45
N GLU V 91 6.77 -35.69 0.46
CA GLU V 91 5.98 -36.64 -0.32
C GLU V 91 6.86 -37.78 -0.78
N TYR V 92 7.87 -37.45 -1.58
CA TYR V 92 8.73 -38.42 -2.26
C TYR V 92 9.65 -39.21 -1.32
N VAL V 93 10.16 -38.52 -0.30
CA VAL V 93 10.97 -39.19 0.71
C VAL V 93 10.10 -40.18 1.47
N ALA V 94 9.17 -39.68 2.26
CA ALA V 94 8.29 -40.57 3.00
C ALA V 94 7.80 -41.73 2.14
N GLY V 95 7.30 -41.42 0.95
CA GLY V 95 6.78 -42.45 0.07
C GLY V 95 7.82 -43.45 -0.37
N GLY V 96 8.87 -42.96 -1.04
CA GLY V 96 9.94 -43.81 -1.56
C GLY V 96 10.61 -44.66 -0.48
N ALA V 97 10.29 -44.36 0.78
CA ALA V 97 10.88 -45.11 1.88
C ALA V 97 9.80 -45.93 2.57
N SER V 98 8.55 -45.68 2.24
CA SER V 98 7.50 -46.54 2.71
C SER V 98 7.38 -47.69 1.74
N ASN V 99 7.01 -47.37 0.50
CA ASN V 99 7.02 -48.36 -0.57
C ASN V 99 8.34 -49.12 -0.61
N GLY V 100 9.42 -48.43 -0.25
CA GLY V 100 10.74 -49.03 -0.24
C GLY V 100 10.80 -50.16 0.76
N LEU V 101 10.75 -49.80 2.05
CA LEU V 101 10.82 -50.78 3.13
C LEU V 101 9.77 -51.87 2.94
N ALA V 102 8.64 -51.51 2.32
CA ALA V 102 7.59 -52.48 2.05
C ALA V 102 8.07 -53.55 1.06
N SER V 103 8.69 -53.12 -0.02
CA SER V 103 9.19 -54.05 -1.04
C SER V 103 10.29 -54.95 -0.48
N VAL V 104 11.16 -54.38 0.33
CA VAL V 104 12.22 -55.14 0.98
C VAL V 104 11.64 -56.29 1.78
N ALA V 105 10.46 -56.09 2.34
CA ALA V 105 9.79 -57.14 3.09
C ALA V 105 9.38 -58.27 2.17
N GLN V 106 8.52 -57.96 1.21
CA GLN V 106 7.92 -58.99 0.37
C GLN V 106 8.93 -59.74 -0.49
N ASP V 107 10.15 -59.21 -0.59
CA ASP V 107 11.19 -59.85 -1.40
C ASP V 107 12.22 -60.64 -0.59
N SER V 108 12.22 -60.42 0.73
CA SER V 108 13.21 -61.04 1.59
C SER V 108 12.56 -62.03 2.53
N GLY V 109 11.26 -61.87 2.74
CA GLY V 109 10.57 -62.74 3.67
C GLY V 109 10.90 -62.39 5.11
N VAL V 110 11.81 -61.44 5.28
CA VAL V 110 12.14 -60.92 6.60
C VAL V 110 11.20 -59.79 6.99
N PRO V 111 10.53 -59.94 8.16
CA PRO V 111 9.63 -58.88 8.63
C PRO V 111 10.39 -57.59 8.83
N VAL V 112 9.76 -56.48 8.52
CA VAL V 112 10.38 -55.18 8.68
C VAL V 112 9.39 -54.19 9.33
N ALA V 113 9.81 -53.57 10.41
CA ALA V 113 8.94 -52.64 11.11
C ALA V 113 8.99 -51.25 10.48
N PHE V 114 7.84 -50.73 10.08
CA PHE V 114 7.77 -49.39 9.53
C PHE V 114 7.75 -48.34 10.64
N GLY V 115 8.88 -48.19 11.32
CA GLY V 115 9.00 -47.22 12.41
C GLY V 115 9.39 -45.84 11.91
N VAL V 116 8.74 -45.40 10.85
CA VAL V 116 9.07 -44.12 10.26
C VAL V 116 7.95 -43.10 10.50
N LEU V 117 8.26 -42.07 11.27
CA LEU V 117 7.28 -41.03 11.54
C LEU V 117 7.09 -40.12 10.35
N THR V 118 5.87 -40.09 9.81
CA THR V 118 5.55 -39.22 8.69
C THR V 118 4.52 -38.19 9.14
N THR V 119 5.00 -37.02 9.57
CA THR V 119 4.14 -36.08 10.27
C THR V 119 4.07 -34.72 9.61
N GLU V 120 3.70 -33.71 10.41
CA GLU V 120 3.50 -32.34 9.92
C GLU V 120 4.19 -31.32 10.79
N SER V 121 4.65 -31.75 11.97
CA SER V 121 5.27 -30.84 12.91
C SER V 121 6.19 -31.57 13.87
N ILE V 122 7.14 -30.83 14.41
CA ILE V 122 8.01 -31.36 15.44
C ILE V 122 7.11 -31.69 16.60
N GLU V 123 6.01 -30.94 16.70
CA GLU V 123 4.99 -31.14 17.73
C GLU V 123 4.40 -32.55 17.68
N GLN V 124 3.91 -32.94 16.49
CA GLN V 124 3.35 -34.27 16.26
C GLN V 124 4.40 -35.37 16.44
N ALA V 125 5.59 -35.13 15.92
CA ALA V 125 6.67 -36.12 16.06
C ALA V 125 7.04 -36.36 17.53
N ILE V 126 7.23 -35.28 18.28
CA ILE V 126 7.53 -35.43 19.69
C ILE V 126 6.40 -36.14 20.43
N GLU V 127 5.18 -36.03 19.92
CA GLU V 127 4.08 -36.79 20.49
C GLU V 127 4.25 -38.28 20.26
N ARG V 128 4.67 -38.62 19.04
CA ARG V 128 4.71 -40.02 18.61
C ARG V 128 6.05 -40.70 18.85
N ALA V 129 6.94 -40.04 19.57
CA ALA V 129 8.24 -40.63 19.85
C ALA V 129 8.61 -40.52 21.34
N GLY V 130 7.71 -40.95 22.20
CA GLY V 130 8.00 -40.98 23.63
C GLY V 130 6.98 -40.36 24.55
N THR V 131 6.34 -39.29 24.10
CA THR V 131 5.40 -38.56 24.93
C THR V 131 3.96 -39.01 24.73
N LYS V 132 3.06 -38.02 24.68
CA LYS V 132 1.60 -38.21 24.65
C LYS V 132 1.11 -39.50 24.02
N ALA V 133 1.47 -39.74 22.76
CA ALA V 133 0.96 -40.90 22.04
C ALA V 133 2.03 -41.95 21.79
N GLY V 134 2.61 -42.49 22.86
CA GLY V 134 3.52 -43.61 22.74
C GLY V 134 4.89 -43.31 22.15
N ASN V 135 5.51 -44.34 21.61
CA ASN V 135 6.89 -44.24 21.16
C ASN V 135 7.13 -45.21 19.99
N LYS V 136 6.61 -44.84 18.82
CA LYS V 136 6.54 -45.78 17.69
C LYS V 136 7.77 -46.67 17.58
N GLY V 137 8.93 -46.14 17.94
CA GLY V 137 10.17 -46.86 17.84
C GLY V 137 10.03 -48.19 18.53
N ALA V 138 9.54 -48.15 19.77
CA ALA V 138 9.36 -49.36 20.57
C ALA V 138 8.33 -50.25 19.92
N GLU V 139 7.17 -49.67 19.63
CA GLU V 139 6.12 -50.38 18.94
C GLU V 139 6.69 -51.16 17.77
N ALA V 140 7.40 -50.44 16.91
CA ALA V 140 8.01 -51.04 15.73
C ALA V 140 8.77 -52.31 16.09
N ALA V 141 9.49 -52.28 17.20
CA ALA V 141 10.27 -53.43 17.62
C ALA V 141 9.38 -54.60 18.05
N LEU V 142 8.32 -54.30 18.81
CA LEU V 142 7.41 -55.35 19.28
C LEU V 142 6.73 -55.99 18.09
N THR V 143 6.20 -55.16 17.20
CA THR V 143 5.56 -55.68 16.00
C THR V 143 6.60 -56.46 15.19
N ALA V 144 7.83 -55.99 15.22
CA ALA V 144 8.92 -56.71 14.61
C ALA V 144 8.96 -58.12 15.20
N LEU V 145 9.26 -58.19 16.49
CA LEU V 145 9.30 -59.45 17.18
C LEU V 145 8.07 -60.29 16.83
N GLU V 146 6.91 -59.86 17.32
CA GLU V 146 5.69 -60.64 17.09
C GLU V 146 5.72 -61.26 15.70
N MET V 147 5.93 -60.45 14.68
CA MET V 147 5.94 -60.95 13.30
C MET V 147 6.93 -62.10 13.12
N ILE V 148 8.11 -62.00 13.74
CA ILE V 148 9.08 -63.08 13.70
C ILE V 148 8.39 -64.40 14.06
N ASN V 149 7.78 -64.45 15.25
CA ASN V 149 7.10 -65.64 15.73
C ASN V 149 5.84 -65.98 14.94
N VAL V 150 5.19 -64.98 14.36
CA VAL V 150 3.99 -65.20 13.54
C VAL V 150 4.33 -65.97 12.29
N LEU V 151 5.31 -65.45 11.55
CA LEU V 151 5.81 -66.12 10.36
C LEU V 151 6.27 -67.52 10.73
N LYS V 152 7.08 -67.61 11.78
CA LYS V 152 7.52 -68.90 12.30
C LYS V 152 6.36 -69.88 12.48
N ALA V 153 5.20 -69.37 12.85
CA ALA V 153 4.05 -70.21 13.17
C ALA V 153 3.36 -70.75 11.91
N ILE V 154 4.06 -70.69 10.78
CA ILE V 154 3.55 -71.22 9.53
C ILE V 154 4.68 -71.90 8.75
N MET W 1 -23.38 -67.89 -26.32
CA MET W 1 -22.47 -67.09 -25.49
C MET W 1 -22.35 -67.64 -24.08
N ASN W 2 -21.15 -68.09 -23.72
CA ASN W 2 -20.91 -68.72 -22.41
C ASN W 2 -20.53 -67.75 -21.28
N ILE W 3 -21.25 -67.89 -20.18
CA ILE W 3 -21.15 -66.93 -19.10
C ILE W 3 -20.70 -67.65 -17.83
N ILE W 4 -19.86 -67.01 -17.03
CA ILE W 4 -19.43 -67.60 -15.78
C ILE W 4 -19.94 -66.84 -14.60
N LYS W 5 -20.98 -67.37 -13.95
CA LYS W 5 -21.46 -66.83 -12.68
C LYS W 5 -21.22 -67.89 -11.59
N ALA W 6 -20.58 -67.50 -10.51
CA ALA W 6 -20.23 -68.46 -9.46
C ALA W 6 -20.89 -68.16 -8.11
N ASN W 7 -21.34 -69.22 -7.42
CA ASN W 7 -21.95 -69.09 -6.12
C ASN W 7 -20.93 -69.01 -4.99
N VAL W 8 -21.42 -68.74 -3.79
CA VAL W 8 -20.57 -68.49 -2.64
C VAL W 8 -20.44 -69.69 -1.69
N ALA W 9 -20.86 -70.86 -2.16
CA ALA W 9 -20.72 -72.06 -1.34
C ALA W 9 -19.50 -72.81 -1.80
N ALA W 10 -18.79 -73.42 -0.87
CA ALA W 10 -17.55 -74.12 -1.21
C ALA W 10 -17.08 -74.97 -0.04
N PRO W 11 -17.81 -76.10 0.17
CA PRO W 11 -17.86 -76.89 1.39
C PRO W 11 -16.52 -77.48 1.75
N ASP W 12 -15.55 -77.34 0.86
CA ASP W 12 -14.30 -78.08 1.00
C ASP W 12 -13.02 -77.29 0.77
N ALA W 13 -13.11 -75.96 0.86
CA ALA W 13 -11.95 -75.10 0.63
C ALA W 13 -11.40 -74.50 1.92
N ARG W 14 -10.12 -74.72 2.18
CA ARG W 14 -9.54 -74.22 3.43
C ARG W 14 -9.19 -72.73 3.32
N VAL W 15 -9.92 -71.89 4.02
CA VAL W 15 -9.68 -70.45 3.98
C VAL W 15 -8.84 -69.96 5.18
N ALA W 16 -7.92 -69.04 4.89
CA ALA W 16 -7.12 -68.42 5.95
C ALA W 16 -7.46 -66.95 6.16
N ILE W 17 -7.83 -66.61 7.38
CA ILE W 17 -8.19 -65.24 7.74
C ILE W 17 -7.08 -64.62 8.55
N THR W 18 -6.63 -63.44 8.12
CA THR W 18 -5.61 -62.68 8.81
C THR W 18 -6.22 -61.41 9.41
N ILE W 19 -5.71 -60.95 10.55
CA ILE W 19 -6.32 -59.83 11.26
C ILE W 19 -5.34 -58.98 12.04
N ALA W 20 -5.51 -57.66 11.98
CA ALA W 20 -4.74 -56.75 12.82
C ALA W 20 -5.41 -56.53 14.17
N ARG W 21 -4.66 -56.62 15.24
CA ARG W 21 -5.26 -56.44 16.55
C ARG W 21 -5.44 -54.96 16.87
N PHE W 22 -4.65 -54.10 16.25
CA PHE W 22 -4.84 -52.66 16.37
C PHE W 22 -6.21 -52.33 15.81
N ASN W 23 -6.98 -51.53 16.53
CA ASN W 23 -8.36 -51.29 16.15
C ASN W 23 -9.14 -52.57 16.33
N GLN W 24 -8.77 -53.30 17.37
CA GLN W 24 -9.46 -54.53 17.74
C GLN W 24 -10.94 -54.25 17.94
N PHE W 25 -11.24 -53.23 18.73
CA PHE W 25 -12.62 -52.98 19.04
C PHE W 25 -13.50 -52.94 17.80
N ILE W 26 -12.87 -52.85 16.62
CA ILE W 26 -13.60 -52.75 15.37
C ILE W 26 -13.32 -53.94 14.48
N ASN W 27 -12.06 -54.34 14.42
CA ASN W 27 -11.64 -55.52 13.67
C ASN W 27 -12.24 -56.81 14.19
N ASP W 28 -12.70 -56.79 15.44
CA ASP W 28 -13.27 -57.99 16.04
C ASP W 28 -14.60 -58.39 15.42
N SER W 29 -15.44 -57.39 15.12
CA SER W 29 -16.69 -57.66 14.39
C SER W 29 -16.38 -58.14 12.98
N LEU W 30 -15.37 -57.53 12.37
CA LEU W 30 -14.91 -57.92 11.04
C LEU W 30 -14.72 -59.42 11.00
N LEU W 31 -14.04 -59.95 12.02
CA LEU W 31 -13.81 -61.39 12.09
C LEU W 31 -15.14 -62.13 12.22
N ASP W 32 -15.97 -61.69 13.17
CA ASP W 32 -17.29 -62.31 13.38
C ASP W 32 -18.05 -62.41 12.09
N GLY W 33 -18.11 -61.29 11.37
CA GLY W 33 -18.74 -61.29 10.07
C GLY W 33 -18.12 -62.32 9.17
N ALA W 34 -16.81 -62.18 8.97
CA ALA W 34 -16.08 -63.10 8.11
C ALA W 34 -16.47 -64.53 8.44
N VAL W 35 -16.15 -64.97 9.66
CA VAL W 35 -16.30 -66.38 10.00
C VAL W 35 -17.73 -66.84 9.76
N ASP W 36 -18.70 -66.13 10.34
CA ASP W 36 -20.10 -66.49 10.15
C ASP W 36 -20.35 -66.76 8.68
N ALA W 37 -20.15 -65.73 7.85
CA ALA W 37 -20.38 -65.82 6.40
C ALA W 37 -19.66 -67.01 5.80
N LEU W 38 -18.46 -67.29 6.32
CA LEU W 38 -17.64 -68.38 5.82
C LEU W 38 -18.28 -69.73 6.02
N THR W 39 -18.58 -70.05 7.28
CA THR W 39 -19.24 -71.30 7.58
C THR W 39 -20.71 -71.27 7.12
N ARG W 40 -21.55 -70.58 7.88
CA ARG W 40 -22.98 -70.46 7.60
C ARG W 40 -23.33 -70.40 6.10
N ILE W 41 -22.79 -69.41 5.39
CA ILE W 41 -23.12 -69.21 3.98
C ILE W 41 -22.30 -70.07 3.02
N GLY W 42 -21.00 -70.17 3.29
CA GLY W 42 -20.08 -70.80 2.37
C GLY W 42 -19.89 -72.28 2.65
N GLN W 43 -20.61 -72.79 3.64
CA GLN W 43 -20.57 -74.22 3.95
C GLN W 43 -19.18 -74.72 4.36
N VAL W 44 -18.34 -73.79 4.82
CA VAL W 44 -16.98 -74.15 5.20
C VAL W 44 -16.90 -74.71 6.60
N LYS W 45 -16.27 -75.87 6.74
CA LYS W 45 -16.08 -76.44 8.06
C LYS W 45 -15.12 -75.58 8.87
N ASP W 46 -15.44 -75.39 10.14
CA ASP W 46 -14.71 -74.43 10.95
C ASP W 46 -13.27 -74.86 11.31
N ASP W 47 -12.83 -76.02 10.82
CA ASP W 47 -11.44 -76.43 11.04
C ASP W 47 -10.64 -76.29 9.76
N ASN W 48 -11.30 -75.86 8.69
CA ASN W 48 -10.61 -75.45 7.47
C ASN W 48 -10.39 -73.95 7.48
N ILE W 49 -10.73 -73.35 8.62
CA ILE W 49 -10.54 -71.94 8.84
C ILE W 49 -9.44 -71.76 9.88
N THR W 50 -8.31 -71.18 9.44
CA THR W 50 -7.29 -70.78 10.39
C THR W 50 -7.19 -69.27 10.40
N VAL W 51 -6.94 -68.71 11.58
CA VAL W 51 -6.98 -67.27 11.76
C VAL W 51 -5.63 -66.78 12.28
N VAL W 52 -4.93 -66.01 11.45
CA VAL W 52 -3.61 -65.52 11.85
C VAL W 52 -3.73 -64.07 12.29
N TRP W 53 -3.12 -63.77 13.44
CA TRP W 53 -3.22 -62.44 14.09
C TRP W 53 -1.90 -61.68 14.05
N VAL W 54 -1.76 -60.74 13.10
CA VAL W 54 -0.61 -59.84 13.08
C VAL W 54 -0.94 -58.55 13.81
N PRO W 55 0.09 -57.86 14.31
CA PRO W 55 -0.11 -56.62 15.05
C PRO W 55 -0.93 -55.62 14.28
N GLY W 56 -0.32 -54.96 13.30
CA GLY W 56 -0.97 -53.88 12.58
C GLY W 56 -1.37 -54.19 11.15
N ALA W 57 -2.27 -53.37 10.59
CA ALA W 57 -2.73 -53.56 9.23
C ALA W 57 -1.61 -53.50 8.22
N TYR W 58 -0.49 -52.90 8.64
CA TYR W 58 0.69 -52.81 7.78
C TYR W 58 1.35 -54.17 7.57
N GLU W 59 1.08 -55.09 8.50
CA GLU W 59 1.72 -56.40 8.49
C GLU W 59 0.86 -57.41 7.73
N LEU W 60 -0.41 -57.07 7.53
CA LEU W 60 -1.35 -57.95 6.84
C LEU W 60 -0.76 -58.66 5.62
N PRO W 61 -0.04 -57.91 4.77
CA PRO W 61 0.57 -58.55 3.59
C PRO W 61 1.43 -59.75 3.95
N LEU W 62 2.58 -59.50 4.58
CA LEU W 62 3.53 -60.58 4.86
C LEU W 62 2.80 -61.80 5.39
N ALA W 63 1.93 -61.60 6.38
CA ALA W 63 1.09 -62.66 6.87
C ALA W 63 0.39 -63.36 5.73
N THR W 64 -0.39 -62.62 4.96
CA THR W 64 -1.19 -63.25 3.90
C THR W 64 -0.36 -63.75 2.71
N GLU W 65 0.94 -63.52 2.74
CA GLU W 65 1.80 -64.10 1.73
C GLU W 65 2.27 -65.46 2.20
N ALA W 66 2.89 -65.49 3.38
CA ALA W 66 3.32 -66.74 3.97
C ALA W 66 2.19 -67.75 3.95
N LEU W 67 0.96 -67.26 4.12
CA LEU W 67 -0.20 -68.14 4.04
C LEU W 67 -0.41 -68.65 2.62
N ALA W 68 -0.79 -67.76 1.70
CA ALA W 68 -1.10 -68.16 0.34
C ALA W 68 0.05 -68.95 -0.25
N LYS W 69 1.27 -68.43 -0.11
CA LYS W 69 2.44 -69.15 -0.55
C LYS W 69 2.35 -70.59 -0.07
N SER W 70 2.30 -70.77 1.25
CA SER W 70 2.19 -72.08 1.87
C SER W 70 1.45 -73.07 1.03
N GLY W 71 0.33 -72.66 0.44
CA GLY W 71 -0.42 -73.53 -0.43
C GLY W 71 -1.63 -74.16 0.21
N LYS W 72 -1.53 -74.45 1.49
CA LYS W 72 -2.60 -75.16 2.18
C LYS W 72 -3.97 -74.53 1.99
N TYR W 73 -4.02 -73.21 1.79
CA TYR W 73 -5.30 -72.49 1.79
C TYR W 73 -5.77 -72.15 0.39
N ASP W 74 -7.08 -72.07 0.21
CA ASP W 74 -7.65 -71.76 -1.09
C ASP W 74 -7.90 -70.26 -1.27
N ALA W 75 -7.92 -69.52 -0.16
CA ALA W 75 -8.09 -68.07 -0.19
C ALA W 75 -7.79 -67.44 1.16
N VAL W 76 -7.38 -66.18 1.13
CA VAL W 76 -7.05 -65.50 2.35
C VAL W 76 -7.97 -64.31 2.51
N VAL W 77 -8.59 -64.20 3.67
CA VAL W 77 -9.40 -63.03 3.94
C VAL W 77 -8.59 -62.09 4.82
N ALA W 78 -8.25 -60.92 4.29
CA ALA W 78 -7.48 -59.92 5.05
C ALA W 78 -8.39 -58.93 5.77
N LEU W 79 -8.24 -58.83 7.09
CA LEU W 79 -9.14 -58.01 7.91
C LEU W 79 -8.39 -57.02 8.80
N GLY W 80 -8.58 -55.74 8.52
CA GLY W 80 -7.94 -54.70 9.30
C GLY W 80 -8.75 -53.41 9.28
N THR W 81 -8.33 -52.44 10.07
CA THR W 81 -9.01 -51.16 10.11
C THR W 81 -7.98 -50.03 10.29
N VAL W 82 -8.07 -49.04 9.42
CA VAL W 82 -7.18 -47.89 9.47
C VAL W 82 -7.99 -46.63 9.42
N ILE W 83 -7.96 -45.87 10.50
CA ILE W 83 -8.72 -44.61 10.57
C ILE W 83 -7.77 -43.41 10.63
N ARG W 84 -7.88 -42.55 9.62
CA ARG W 84 -6.98 -41.41 9.50
C ARG W 84 -6.84 -40.61 10.81
N GLY W 85 -5.74 -39.86 10.94
CA GLY W 85 -5.52 -39.03 12.10
C GLY W 85 -4.71 -37.77 11.84
N GLY W 86 -3.96 -37.35 12.85
CA GLY W 86 -3.19 -36.12 12.80
C GLY W 86 -2.28 -35.97 11.58
N THR W 87 -1.55 -37.02 11.27
CA THR W 87 -0.63 -37.01 10.14
C THR W 87 -1.09 -37.95 9.03
N ALA W 88 -0.42 -37.87 7.90
CA ALA W 88 -0.60 -38.87 6.86
C ALA W 88 0.30 -40.09 7.13
N HIS W 89 0.05 -40.74 8.27
CA HIS W 89 0.54 -42.08 8.53
C HIS W 89 -0.46 -43.00 7.82
N PHE W 90 -1.74 -42.79 8.15
CA PHE W 90 -2.85 -43.46 7.48
C PHE W 90 -2.54 -43.70 6.01
N GLU W 91 -2.09 -42.64 5.35
CA GLU W 91 -1.74 -42.72 3.95
C GLU W 91 -0.89 -43.94 3.69
N TYR W 92 0.28 -43.99 4.34
CA TYR W 92 1.29 -45.01 4.04
C TYR W 92 0.91 -46.40 4.52
N VAL W 93 0.25 -46.46 5.66
CA VAL W 93 -0.23 -47.75 6.17
C VAL W 93 -1.30 -48.28 5.22
N ALA W 94 -2.44 -47.60 5.15
CA ALA W 94 -3.53 -48.04 4.29
C ALA W 94 -3.03 -48.45 2.93
N GLY W 95 -2.18 -47.60 2.34
CA GLY W 95 -1.62 -47.85 1.02
C GLY W 95 -0.69 -49.06 0.92
N GLY W 96 0.37 -49.05 1.72
CA GLY W 96 1.31 -50.15 1.76
C GLY W 96 0.69 -51.50 2.09
N ALA W 97 -0.55 -51.46 2.52
CA ALA W 97 -1.29 -52.67 2.86
C ALA W 97 -2.43 -52.92 1.88
N SER W 98 -2.70 -51.94 1.02
CA SER W 98 -3.59 -52.18 -0.11
C SER W 98 -2.75 -52.74 -1.25
N ASN W 99 -1.82 -51.92 -1.73
CA ASN W 99 -0.88 -52.37 -2.76
C ASN W 99 -0.23 -53.68 -2.33
N GLY W 100 -0.02 -53.83 -1.02
CA GLY W 100 0.57 -55.03 -0.48
C GLY W 100 -0.29 -56.23 -0.76
N LEU W 101 -1.44 -56.33 -0.10
CA LEU W 101 -2.34 -57.47 -0.28
C LEU W 101 -2.65 -57.68 -1.76
N ALA W 102 -2.62 -56.59 -2.53
CA ALA W 102 -2.89 -56.69 -3.96
C ALA W 102 -1.80 -57.52 -4.65
N SER W 103 -0.55 -57.18 -4.36
CA SER W 103 0.58 -57.88 -4.98
C SER W 103 0.64 -59.34 -4.57
N VAL W 104 0.31 -59.62 -3.31
CA VAL W 104 0.28 -61.00 -2.83
C VAL W 104 -0.69 -61.83 -3.65
N ALA W 105 -1.75 -61.19 -4.13
CA ALA W 105 -2.74 -61.87 -4.96
C ALA W 105 -2.12 -62.25 -6.30
N GLN W 106 -1.72 -61.24 -7.06
CA GLN W 106 -1.22 -61.47 -8.42
C GLN W 106 0.02 -62.36 -8.48
N ASP W 107 0.68 -62.57 -7.36
CA ASP W 107 1.89 -63.38 -7.33
C ASP W 107 1.66 -64.80 -6.79
N SER W 108 0.50 -65.04 -6.18
CA SER W 108 0.22 -66.33 -5.56
C SER W 108 -0.92 -67.04 -6.29
N GLY W 109 -1.73 -66.28 -7.00
CA GLY W 109 -2.86 -66.85 -7.72
C GLY W 109 -3.98 -67.18 -6.75
N VAL W 110 -3.69 -66.97 -5.47
CA VAL W 110 -4.69 -67.17 -4.43
C VAL W 110 -5.49 -65.90 -4.23
N PRO W 111 -6.82 -66.00 -4.34
CA PRO W 111 -7.66 -64.82 -4.15
C PRO W 111 -7.47 -64.27 -2.74
N VAL W 112 -7.54 -62.96 -2.60
CA VAL W 112 -7.39 -62.33 -1.30
C VAL W 112 -8.42 -61.20 -1.12
N ALA W 113 -9.18 -61.25 -0.04
CA ALA W 113 -10.23 -60.27 0.16
C ALA W 113 -9.64 -59.06 0.83
N PHE W 114 -9.85 -57.90 0.21
CA PHE W 114 -9.42 -56.63 0.81
C PHE W 114 -10.43 -56.13 1.86
N GLY W 115 -10.48 -56.83 3.00
CA GLY W 115 -11.38 -56.47 4.07
C GLY W 115 -10.74 -55.50 5.03
N VAL W 116 -10.14 -54.45 4.47
CA VAL W 116 -9.48 -53.43 5.27
C VAL W 116 -10.23 -52.10 5.19
N LEU W 117 -10.80 -51.69 6.33
CA LEU W 117 -11.51 -50.42 6.42
C LEU W 117 -10.53 -49.24 6.43
N THR W 118 -10.65 -48.40 5.42
CA THR W 118 -9.83 -47.21 5.30
C THR W 118 -10.73 -45.99 5.40
N THR W 119 -10.91 -45.49 6.61
CA THR W 119 -11.93 -44.48 6.88
C THR W 119 -11.40 -43.16 7.42
N GLU W 120 -12.29 -42.38 8.04
CA GLU W 120 -11.94 -41.09 8.61
C GLU W 120 -12.40 -40.93 10.06
N SER W 121 -13.21 -41.86 10.52
CA SER W 121 -13.76 -41.79 11.87
C SER W 121 -14.14 -43.16 12.42
N ILE W 122 -14.19 -43.25 13.73
CA ILE W 122 -14.70 -44.45 14.37
C ILE W 122 -16.15 -44.58 13.98
N GLU W 123 -16.76 -43.43 13.71
CA GLU W 123 -18.15 -43.35 13.26
C GLU W 123 -18.35 -44.13 11.96
N GLN W 124 -17.52 -43.81 10.96
CA GLN W 124 -17.57 -44.45 9.67
C GLN W 124 -17.21 -45.92 9.78
N ALA W 125 -16.21 -46.22 10.59
CA ALA W 125 -15.80 -47.60 10.73
C ALA W 125 -16.92 -48.45 11.32
N ILE W 126 -17.50 -47.97 12.42
CA ILE W 126 -18.60 -48.67 13.06
C ILE W 126 -19.79 -48.86 12.10
N GLU W 127 -19.92 -47.96 11.13
CA GLU W 127 -20.94 -48.08 10.10
C GLU W 127 -20.65 -49.26 9.20
N ARG W 128 -19.37 -49.42 8.88
CA ARG W 128 -18.96 -50.37 7.86
C ARG W 128 -18.53 -51.70 8.45
N ALA W 129 -18.74 -51.87 9.75
CA ALA W 129 -18.36 -53.12 10.39
C ALA W 129 -19.49 -53.70 11.25
N GLY W 130 -20.69 -53.79 10.68
CA GLY W 130 -21.82 -54.41 11.36
C GLY W 130 -23.14 -53.65 11.40
N THR W 131 -23.05 -52.33 11.48
CA THR W 131 -24.25 -51.51 11.57
C THR W 131 -24.70 -51.01 10.21
N LYS W 132 -25.01 -49.71 10.18
CA LYS W 132 -25.71 -49.08 9.07
C LYS W 132 -25.40 -49.63 7.69
N ALA W 133 -24.12 -49.65 7.33
CA ALA W 133 -23.75 -50.07 5.97
C ALA W 133 -23.01 -51.37 5.96
N GLY W 134 -23.68 -52.43 6.40
CA GLY W 134 -23.11 -53.76 6.32
C GLY W 134 -21.91 -54.05 7.22
N ASN W 135 -21.14 -55.06 6.80
CA ASN W 135 -20.11 -55.65 7.66
C ASN W 135 -18.94 -56.19 6.82
N LYS W 136 -18.14 -55.27 6.28
CA LYS W 136 -17.21 -55.60 5.22
C LYS W 136 -16.51 -56.92 5.45
N GLY W 137 -16.28 -57.26 6.72
CA GLY W 137 -15.60 -58.50 7.08
C GLY W 137 -16.27 -59.72 6.46
N ALA W 138 -17.60 -59.76 6.58
CA ALA W 138 -18.39 -60.83 5.98
C ALA W 138 -18.31 -60.75 4.47
N GLU W 139 -18.60 -59.58 3.94
CA GLU W 139 -18.48 -59.33 2.52
C GLU W 139 -17.16 -59.89 2.00
N ALA W 140 -16.06 -59.45 2.60
CA ALA W 140 -14.74 -59.91 2.20
C ALA W 140 -14.69 -61.42 2.07
N ALA W 141 -15.35 -62.11 2.98
CA ALA W 141 -15.35 -63.57 2.97
C ALA W 141 -16.15 -64.12 1.80
N LEU W 142 -17.33 -63.57 1.56
CA LEU W 142 -18.15 -64.02 0.44
C LEU W 142 -17.42 -63.78 -0.89
N THR W 143 -16.95 -62.56 -1.10
CA THR W 143 -16.14 -62.27 -2.28
C THR W 143 -14.92 -63.23 -2.33
N ALA W 144 -14.34 -63.51 -1.18
CA ALA W 144 -13.29 -64.52 -1.10
C ALA W 144 -13.78 -65.82 -1.73
N LEU W 145 -14.78 -66.43 -1.11
CA LEU W 145 -15.39 -67.65 -1.61
C LEU W 145 -15.66 -67.55 -3.09
N GLU W 146 -16.62 -66.72 -3.47
CA GLU W 146 -16.97 -66.57 -4.89
C GLU W 146 -15.75 -66.66 -5.79
N MET W 147 -14.74 -65.82 -5.51
CA MET W 147 -13.52 -65.81 -6.29
C MET W 147 -12.89 -67.18 -6.40
N ILE W 148 -12.89 -67.92 -5.30
CA ILE W 148 -12.42 -69.31 -5.31
C ILE W 148 -13.03 -70.09 -6.47
N ASN W 149 -14.35 -70.16 -6.49
CA ASN W 149 -15.06 -70.88 -7.54
C ASN W 149 -14.95 -70.21 -8.89
N VAL W 150 -14.78 -68.89 -8.92
CA VAL W 150 -14.64 -68.18 -10.18
C VAL W 150 -13.34 -68.57 -10.89
N LEU W 151 -12.24 -68.44 -10.16
CA LEU W 151 -10.95 -68.89 -10.67
C LEU W 151 -11.10 -70.33 -11.11
N LYS W 152 -11.61 -71.16 -10.22
CA LYS W 152 -11.84 -72.58 -10.51
C LYS W 152 -12.53 -72.77 -11.87
N ALA W 153 -13.40 -71.83 -12.24
CA ALA W 153 -14.22 -71.98 -13.44
C ALA W 153 -13.44 -71.68 -14.69
N ILE W 154 -12.12 -71.65 -14.57
CA ILE W 154 -11.26 -71.43 -15.72
C ILE W 154 -10.02 -72.33 -15.69
N MET X 1 7.47 -43.12 -45.32
CA MET X 1 7.18 -43.23 -43.90
C MET X 1 6.00 -44.15 -43.64
N ASN X 2 6.27 -45.28 -42.97
CA ASN X 2 5.24 -46.29 -42.74
C ASN X 2 4.44 -46.04 -41.47
N ILE X 3 3.11 -46.08 -41.61
CA ILE X 3 2.18 -45.75 -40.54
C ILE X 3 1.27 -46.93 -40.22
N ILE X 4 0.98 -47.12 -38.94
CA ILE X 4 0.12 -48.22 -38.53
C ILE X 4 -1.18 -47.70 -37.95
N LYS X 5 -2.25 -47.78 -38.75
CA LYS X 5 -3.59 -47.46 -38.28
C LYS X 5 -4.42 -48.73 -38.40
N ALA X 6 -5.04 -49.15 -37.30
CA ALA X 6 -5.78 -50.40 -37.31
C ALA X 6 -7.29 -50.24 -37.12
N ASN X 7 -8.08 -51.05 -37.83
CA ASN X 7 -9.52 -51.01 -37.68
C ASN X 7 -10.03 -51.83 -36.50
N VAL X 8 -11.34 -51.73 -36.24
CA VAL X 8 -11.96 -52.35 -35.08
C VAL X 8 -12.72 -53.65 -35.40
N ALA X 9 -12.54 -54.17 -36.61
CA ALA X 9 -13.11 -55.48 -36.93
C ALA X 9 -12.07 -56.59 -36.72
N ALA X 10 -12.53 -57.75 -36.29
CA ALA X 10 -11.64 -58.86 -35.96
C ALA X 10 -12.43 -60.12 -35.67
N PRO X 11 -13.13 -60.64 -36.70
CA PRO X 11 -14.14 -61.68 -36.63
C PRO X 11 -13.66 -62.85 -35.80
N ASP X 12 -12.45 -63.30 -36.14
CA ASP X 12 -11.91 -64.52 -35.58
C ASP X 12 -11.81 -64.51 -34.06
N ALA X 13 -11.25 -63.43 -33.52
CA ALA X 13 -10.70 -63.45 -32.16
C ALA X 13 -11.67 -64.00 -31.13
N ARG X 14 -11.14 -64.36 -29.96
CA ARG X 14 -11.96 -64.69 -28.79
C ARG X 14 -11.70 -63.69 -27.66
N VAL X 15 -12.69 -62.84 -27.38
CA VAL X 15 -12.56 -61.84 -26.33
C VAL X 15 -13.18 -62.27 -25.00
N ALA X 16 -12.49 -61.98 -23.90
CA ALA X 16 -13.05 -62.23 -22.58
C ALA X 16 -13.44 -60.95 -21.82
N ILE X 17 -14.71 -60.86 -21.42
CA ILE X 17 -15.21 -59.71 -20.70
C ILE X 17 -15.37 -60.09 -19.24
N THR X 18 -14.82 -59.28 -18.35
CA THR X 18 -14.95 -59.44 -16.90
C THR X 18 -15.78 -58.30 -16.32
N ILE X 19 -16.54 -58.58 -15.26
CA ILE X 19 -17.48 -57.60 -14.74
C ILE X 19 -17.71 -57.67 -13.23
N ALA X 20 -17.78 -56.51 -12.58
CA ALA X 20 -18.15 -56.48 -11.17
C ALA X 20 -19.66 -56.34 -11.03
N ARG X 21 -20.26 -57.14 -10.15
CA ARG X 21 -21.71 -57.10 -9.95
C ARG X 21 -22.12 -55.94 -9.04
N PHE X 22 -21.20 -55.53 -8.18
CA PHE X 22 -21.39 -54.33 -7.37
C PHE X 22 -21.54 -53.17 -8.34
N ASN X 23 -22.54 -52.34 -8.10
CA ASN X 23 -22.91 -51.29 -9.04
C ASN X 23 -23.45 -51.93 -10.34
N GLN X 24 -24.10 -53.07 -10.15
CA GLN X 24 -24.77 -53.75 -11.24
C GLN X 24 -25.61 -52.77 -12.03
N PHE X 25 -26.50 -52.07 -11.32
CA PHE X 25 -27.44 -51.21 -11.99
C PHE X 25 -26.75 -50.31 -13.01
N ILE X 26 -25.42 -50.22 -12.93
CA ILE X 26 -24.65 -49.37 -13.84
C ILE X 26 -23.72 -50.19 -14.70
N ASN X 27 -23.06 -51.15 -14.10
CA ASN X 27 -22.19 -52.04 -14.87
C ASN X 27 -22.94 -52.88 -15.91
N ASP X 28 -24.25 -53.02 -15.77
CA ASP X 28 -25.02 -53.86 -16.68
C ASP X 28 -25.11 -53.27 -18.08
N SER X 29 -25.20 -51.95 -18.14
CA SER X 29 -25.18 -51.25 -19.42
C SER X 29 -23.78 -51.38 -20.01
N LEU X 30 -22.79 -51.19 -19.17
CA LEU X 30 -21.41 -51.36 -19.60
C LEU X 30 -21.24 -52.64 -20.38
N LEU X 31 -21.82 -53.73 -19.87
CA LEU X 31 -21.76 -55.01 -20.57
C LEU X 31 -22.51 -54.94 -21.90
N ASP X 32 -23.74 -54.43 -21.85
CA ASP X 32 -24.54 -54.28 -23.07
C ASP X 32 -23.74 -53.54 -24.14
N GLY X 33 -23.18 -52.40 -23.76
CA GLY X 33 -22.34 -51.64 -24.68
C GLY X 33 -21.24 -52.53 -25.22
N ALA X 34 -20.42 -53.06 -24.30
CA ALA X 34 -19.30 -53.90 -24.64
C ALA X 34 -19.71 -54.93 -25.68
N VAL X 35 -20.64 -55.81 -25.31
CA VAL X 35 -21.03 -56.92 -26.19
C VAL X 35 -21.53 -56.45 -27.58
N ASP X 36 -22.49 -55.53 -27.60
CA ASP X 36 -22.98 -54.99 -28.86
C ASP X 36 -21.79 -54.62 -29.74
N ALA X 37 -20.99 -53.69 -29.25
CA ALA X 37 -19.83 -53.19 -30.00
C ALA X 37 -18.94 -54.31 -30.46
N LEU X 38 -18.83 -55.32 -29.61
CA LEU X 38 -17.96 -56.47 -29.87
C LEU X 38 -18.44 -57.22 -31.09
N THR X 39 -19.66 -57.71 -31.03
CA THR X 39 -20.24 -58.41 -32.16
C THR X 39 -20.52 -57.47 -33.33
N ARG X 40 -21.61 -56.70 -33.20
CA ARG X 40 -22.06 -55.76 -34.21
C ARG X 40 -20.93 -55.06 -34.96
N ILE X 41 -20.08 -54.35 -34.22
CA ILE X 41 -18.98 -53.59 -34.83
C ILE X 41 -17.73 -54.42 -35.15
N GLY X 42 -17.32 -55.24 -34.19
CA GLY X 42 -16.07 -56.00 -34.33
C GLY X 42 -16.19 -57.33 -35.05
N GLN X 43 -17.40 -57.67 -35.46
CA GLN X 43 -17.63 -58.90 -36.24
C GLN X 43 -17.31 -60.14 -35.42
N VAL X 44 -17.34 -60.02 -34.09
CA VAL X 44 -17.01 -61.14 -33.23
C VAL X 44 -18.22 -62.06 -33.00
N LYS X 45 -18.00 -63.36 -33.21
CA LYS X 45 -19.06 -64.34 -32.99
C LYS X 45 -19.33 -64.48 -31.50
N ASP X 46 -20.61 -64.52 -31.13
CA ASP X 46 -20.99 -64.41 -29.72
C ASP X 46 -20.63 -65.62 -28.86
N ASP X 47 -19.97 -66.61 -29.46
CA ASP X 47 -19.47 -67.74 -28.66
C ASP X 47 -17.96 -67.68 -28.50
N ASN X 48 -17.36 -66.64 -29.07
CA ASN X 48 -15.95 -66.32 -28.79
C ASN X 48 -15.89 -65.23 -27.73
N ILE X 49 -17.06 -64.96 -27.16
CA ILE X 49 -17.18 -64.01 -26.06
C ILE X 49 -17.55 -64.78 -24.82
N THR X 50 -16.65 -64.80 -23.85
CA THR X 50 -17.00 -65.34 -22.54
C THR X 50 -17.02 -64.22 -21.51
N VAL X 51 -17.95 -64.30 -20.57
CA VAL X 51 -18.14 -63.22 -19.63
C VAL X 51 -17.96 -63.71 -18.19
N VAL X 52 -16.88 -63.25 -17.55
CA VAL X 52 -16.63 -63.65 -16.19
C VAL X 52 -17.14 -62.57 -15.23
N TRP X 53 -17.87 -63.01 -14.21
CA TRP X 53 -18.47 -62.13 -13.21
C TRP X 53 -17.77 -62.25 -11.85
N VAL X 54 -16.93 -61.27 -11.50
CA VAL X 54 -16.37 -61.21 -10.15
C VAL X 54 -17.19 -60.28 -9.30
N PRO X 55 -17.15 -60.46 -7.97
CA PRO X 55 -17.92 -59.60 -7.07
C PRO X 55 -17.65 -58.12 -7.32
N GLY X 56 -16.51 -57.64 -6.84
CA GLY X 56 -16.21 -56.22 -6.90
C GLY X 56 -15.12 -55.82 -7.88
N ALA X 57 -15.06 -54.52 -8.14
CA ALA X 57 -14.09 -53.98 -9.08
C ALA X 57 -12.68 -54.26 -8.62
N TYR X 58 -12.52 -54.49 -7.33
CA TYR X 58 -11.20 -54.77 -6.79
C TYR X 58 -10.69 -56.13 -7.26
N GLU X 59 -11.61 -56.98 -7.71
CA GLU X 59 -11.28 -58.35 -8.06
C GLU X 59 -11.01 -58.44 -9.55
N LEU X 60 -11.44 -57.44 -10.30
CA LEU X 60 -11.26 -57.40 -11.76
C LEU X 60 -9.90 -57.90 -12.23
N PRO X 61 -8.83 -57.48 -11.55
CA PRO X 61 -7.49 -57.92 -11.94
C PRO X 61 -7.40 -59.42 -11.95
N LEU X 62 -7.38 -60.04 -10.76
CA LEU X 62 -7.15 -61.49 -10.70
C LEU X 62 -7.94 -62.24 -11.75
N ALA X 63 -9.20 -61.90 -11.88
CA ALA X 63 -10.01 -62.44 -12.96
C ALA X 63 -9.34 -62.28 -14.33
N THR X 64 -9.05 -61.03 -14.70
CA THR X 64 -8.50 -60.73 -16.03
C THR X 64 -7.05 -61.20 -16.20
N GLU X 65 -6.45 -61.72 -15.12
CA GLU X 65 -5.13 -62.35 -15.26
C GLU X 65 -5.30 -63.82 -15.61
N ALA X 66 -5.97 -64.56 -14.74
CA ALA X 66 -6.30 -65.95 -15.03
C ALA X 66 -6.85 -66.10 -16.45
N LEU X 67 -7.59 -65.10 -16.92
CA LEU X 67 -8.10 -65.12 -18.28
C LEU X 67 -6.97 -64.96 -19.27
N ALA X 68 -6.38 -63.76 -19.35
CA ALA X 68 -5.29 -63.54 -20.31
C ALA X 68 -4.20 -64.61 -20.21
N LYS X 69 -3.73 -64.89 -18.99
CA LYS X 69 -2.76 -65.96 -18.78
C LYS X 69 -3.19 -67.19 -19.54
N SER X 70 -4.36 -67.72 -19.19
CA SER X 70 -4.94 -68.88 -19.86
C SER X 70 -4.51 -69.02 -21.33
N GLY X 71 -4.64 -67.92 -22.08
CA GLY X 71 -4.15 -67.88 -23.45
C GLY X 71 -5.25 -67.94 -24.48
N LYS X 72 -6.36 -68.57 -24.11
CA LYS X 72 -7.48 -68.78 -25.04
C LYS X 72 -8.01 -67.50 -25.66
N TYR X 73 -7.89 -66.37 -24.95
CA TYR X 73 -8.49 -65.12 -25.38
C TYR X 73 -7.49 -64.14 -25.99
N ASP X 74 -7.97 -63.28 -26.86
CA ASP X 74 -7.10 -62.35 -27.57
C ASP X 74 -7.09 -61.01 -26.92
N ALA X 75 -8.05 -60.78 -26.04
CA ALA X 75 -8.12 -59.54 -25.28
C ALA X 75 -9.16 -59.66 -24.19
N VAL X 76 -8.97 -58.88 -23.13
CA VAL X 76 -9.90 -58.89 -22.02
C VAL X 76 -10.48 -57.50 -21.88
N VAL X 77 -11.81 -57.42 -21.83
CA VAL X 77 -12.48 -56.16 -21.54
C VAL X 77 -12.88 -56.14 -20.08
N ALA X 78 -12.28 -55.24 -19.31
CA ALA X 78 -12.58 -55.09 -17.89
C ALA X 78 -13.68 -54.04 -17.64
N LEU X 79 -14.77 -54.45 -16.98
CA LEU X 79 -15.93 -53.59 -16.79
C LEU X 79 -16.35 -53.50 -15.33
N GLY X 80 -16.24 -52.30 -14.77
CA GLY X 80 -16.63 -52.07 -13.40
C GLY X 80 -17.01 -50.63 -13.19
N THR X 81 -17.53 -50.34 -12.01
CA THR X 81 -17.90 -48.98 -11.63
C THR X 81 -17.60 -48.69 -10.17
N VAL X 82 -16.87 -47.60 -9.93
CA VAL X 82 -16.51 -47.18 -8.59
C VAL X 82 -16.91 -45.73 -8.39
N ILE X 83 -17.83 -45.49 -7.47
CA ILE X 83 -18.27 -44.15 -7.19
C ILE X 83 -17.87 -43.79 -5.78
N ARG X 84 -17.08 -42.73 -5.67
CA ARG X 84 -16.56 -42.27 -4.38
C ARG X 84 -17.66 -42.10 -3.32
N GLY X 85 -17.27 -42.11 -2.05
CA GLY X 85 -18.21 -41.92 -0.95
C GLY X 85 -17.60 -41.29 0.29
N GLY X 86 -18.12 -41.69 1.45
CA GLY X 86 -17.71 -41.13 2.73
C GLY X 86 -16.23 -41.14 3.00
N THR X 87 -15.58 -42.28 2.73
CA THR X 87 -14.14 -42.43 2.97
C THR X 87 -13.37 -42.60 1.68
N ALA X 88 -12.05 -42.53 1.80
CA ALA X 88 -11.21 -42.89 0.66
C ALA X 88 -11.03 -44.40 0.62
N HIS X 89 -12.14 -45.11 0.48
CA HIS X 89 -12.10 -46.52 0.07
C HIS X 89 -11.95 -46.49 -1.45
N PHE X 90 -12.85 -45.73 -2.09
CA PHE X 90 -12.79 -45.46 -3.52
C PHE X 90 -11.35 -45.38 -3.99
N GLU X 91 -10.55 -44.63 -3.23
CA GLU X 91 -9.16 -44.40 -3.58
C GLU X 91 -8.48 -45.72 -3.85
N TYR X 92 -8.49 -46.60 -2.85
CA TYR X 92 -7.74 -47.86 -2.90
C TYR X 92 -8.33 -48.92 -3.85
N VAL X 93 -9.65 -48.99 -3.94
CA VAL X 93 -10.30 -49.87 -4.89
C VAL X 93 -9.96 -49.41 -6.30
N ALA X 94 -10.48 -48.25 -6.69
CA ALA X 94 -10.22 -47.71 -8.03
C ALA X 94 -8.76 -47.86 -8.42
N GLY X 95 -7.88 -47.46 -7.53
CA GLY X 95 -6.45 -47.55 -7.79
C GLY X 95 -5.90 -48.96 -7.93
N GLY X 96 -6.08 -49.77 -6.89
CA GLY X 96 -5.64 -51.16 -6.90
C GLY X 96 -6.21 -51.98 -8.04
N ALA X 97 -7.20 -51.43 -8.73
CA ALA X 97 -7.80 -52.12 -9.85
C ALA X 97 -7.44 -51.41 -11.15
N SER X 98 -6.86 -50.21 -11.05
CA SER X 98 -6.32 -49.56 -12.24
C SER X 98 -4.91 -50.05 -12.45
N ASN X 99 -4.05 -49.79 -11.46
CA ASN X 99 -2.71 -50.35 -11.45
C ASN X 99 -2.73 -51.86 -11.61
N GLY X 100 -3.79 -52.48 -11.10
CA GLY X 100 -3.96 -53.90 -11.28
C GLY X 100 -4.09 -54.30 -12.73
N LEU X 101 -5.24 -53.96 -13.33
CA LEU X 101 -5.50 -54.31 -14.73
C LEU X 101 -4.36 -53.85 -15.64
N ALA X 102 -3.68 -52.78 -15.24
CA ALA X 102 -2.53 -52.27 -15.98
C ALA X 102 -1.38 -53.28 -15.99
N SER X 103 -1.05 -53.80 -14.81
CA SER X 103 0.05 -54.73 -14.68
C SER X 103 -0.27 -56.04 -15.40
N VAL X 104 -1.53 -56.45 -15.36
CA VAL X 104 -1.96 -57.66 -16.05
C VAL X 104 -1.73 -57.55 -17.55
N ALA X 105 -1.81 -56.34 -18.06
CA ALA X 105 -1.50 -56.10 -19.45
C ALA X 105 -0.01 -56.35 -19.75
N GLN X 106 0.84 -55.55 -19.10
CA GLN X 106 2.26 -55.54 -19.41
C GLN X 106 2.94 -56.87 -19.14
N ASP X 107 2.25 -57.75 -18.41
CA ASP X 107 2.82 -59.05 -18.06
C ASP X 107 2.27 -60.21 -18.89
N SER X 108 1.18 -59.96 -19.62
CA SER X 108 0.54 -61.00 -20.41
C SER X 108 0.68 -60.72 -21.90
N GLY X 109 0.88 -59.45 -22.25
CA GLY X 109 0.96 -59.05 -23.63
C GLY X 109 -0.43 -58.99 -24.23
N VAL X 110 -1.42 -59.39 -23.43
CA VAL X 110 -2.79 -59.34 -23.88
C VAL X 110 -3.39 -57.98 -23.59
N PRO X 111 -3.93 -57.32 -24.62
CA PRO X 111 -4.49 -56.00 -24.39
C PRO X 111 -5.64 -56.11 -23.42
N VAL X 112 -5.82 -55.09 -22.58
CA VAL X 112 -6.93 -55.06 -21.64
C VAL X 112 -7.57 -53.66 -21.59
N ALA X 113 -8.88 -53.62 -21.76
CA ALA X 113 -9.60 -52.37 -21.79
C ALA X 113 -9.91 -51.92 -20.38
N PHE X 114 -9.49 -50.71 -20.02
CA PHE X 114 -9.84 -50.15 -18.73
C PHE X 114 -11.25 -49.56 -18.70
N GLY X 115 -12.26 -50.43 -18.78
CA GLY X 115 -13.64 -50.00 -18.80
C GLY X 115 -14.22 -49.82 -17.40
N VAL X 116 -13.46 -49.18 -16.53
CA VAL X 116 -13.87 -49.01 -15.15
C VAL X 116 -14.19 -47.56 -14.85
N LEU X 117 -15.45 -47.28 -14.58
CA LEU X 117 -15.88 -45.92 -14.26
C LEU X 117 -15.43 -45.51 -12.87
N THR X 118 -14.61 -44.46 -12.80
CA THR X 118 -14.15 -43.94 -11.52
C THR X 118 -14.67 -42.53 -11.30
N THR X 119 -15.81 -42.41 -10.64
CA THR X 119 -16.56 -41.16 -10.62
C THR X 119 -16.82 -40.63 -9.24
N GLU X 120 -17.80 -39.74 -9.15
CA GLU X 120 -18.15 -39.07 -7.91
C GLU X 120 -19.65 -39.15 -7.62
N SER X 121 -20.45 -39.53 -8.62
CA SER X 121 -21.89 -39.60 -8.43
C SER X 121 -22.51 -40.64 -9.34
N ILE X 122 -23.71 -41.10 -8.96
CA ILE X 122 -24.50 -41.95 -9.84
C ILE X 122 -24.85 -41.13 -11.09
N GLU X 123 -24.94 -39.82 -10.89
CA GLU X 123 -25.16 -38.87 -11.96
C GLU X 123 -24.12 -38.99 -13.06
N GLN X 124 -22.86 -38.83 -12.66
CA GLN X 124 -21.72 -38.93 -13.57
C GLN X 124 -21.62 -40.31 -14.19
N ALA X 125 -21.85 -41.35 -13.39
CA ALA X 125 -21.77 -42.71 -13.91
C ALA X 125 -22.81 -42.94 -15.01
N ILE X 126 -24.06 -42.55 -14.72
CA ILE X 126 -25.14 -42.75 -15.66
C ILE X 126 -24.89 -41.94 -16.92
N GLU X 127 -24.12 -40.87 -16.80
CA GLU X 127 -23.67 -40.10 -17.96
C GLU X 127 -22.70 -40.89 -18.83
N ARG X 128 -21.80 -41.62 -18.16
CA ARG X 128 -20.71 -42.28 -18.85
C ARG X 128 -21.00 -43.75 -19.22
N ALA X 129 -22.23 -44.16 -18.99
CA ALA X 129 -22.62 -45.54 -19.27
C ALA X 129 -23.93 -45.64 -20.07
N GLY X 130 -23.97 -44.93 -21.19
CA GLY X 130 -25.13 -45.02 -22.07
C GLY X 130 -25.77 -43.69 -22.48
N THR X 131 -25.81 -42.73 -21.56
CA THR X 131 -26.47 -41.49 -21.86
C THR X 131 -25.51 -40.42 -22.36
N LYS X 132 -25.66 -39.22 -21.78
CA LYS X 132 -25.03 -38.02 -22.29
C LYS X 132 -23.64 -38.20 -22.90
N ALA X 133 -22.71 -38.76 -22.14
CA ALA X 133 -21.34 -38.88 -22.62
C ALA X 133 -20.93 -40.29 -22.97
N GLY X 134 -21.66 -40.91 -23.91
CA GLY X 134 -21.27 -42.21 -24.42
C GLY X 134 -21.51 -43.39 -23.49
N ASN X 135 -20.77 -44.47 -23.73
CA ASN X 135 -21.00 -45.73 -23.04
C ASN X 135 -19.68 -46.47 -22.88
N LYS X 136 -18.84 -46.00 -21.97
CA LYS X 136 -17.47 -46.49 -21.88
C LYS X 136 -17.32 -48.00 -22.11
N GLY X 137 -18.31 -48.77 -21.69
CA GLY X 137 -18.29 -50.21 -21.87
C GLY X 137 -18.00 -50.58 -23.32
N ALA X 138 -18.74 -49.97 -24.22
CA ALA X 138 -18.59 -50.24 -25.65
C ALA X 138 -17.22 -49.76 -26.07
N GLU X 139 -16.94 -48.49 -25.79
CA GLU X 139 -15.63 -47.92 -26.10
C GLU X 139 -14.53 -48.91 -25.71
N ALA X 140 -14.56 -49.35 -24.45
CA ALA X 140 -13.56 -50.28 -23.95
C ALA X 140 -13.42 -51.46 -24.91
N ALA X 141 -14.53 -51.94 -25.43
CA ALA X 141 -14.49 -53.06 -26.36
C ALA X 141 -13.81 -52.72 -27.70
N LEU X 142 -14.20 -51.59 -28.29
CA LEU X 142 -13.58 -51.14 -29.51
C LEU X 142 -12.07 -50.95 -29.33
N THR X 143 -11.68 -50.24 -28.28
CA THR X 143 -10.27 -50.04 -28.00
C THR X 143 -9.60 -51.38 -27.76
N ALA X 144 -10.32 -52.28 -27.11
CA ALA X 144 -9.88 -53.67 -26.98
C ALA X 144 -9.52 -54.24 -28.35
N LEU X 145 -10.54 -54.42 -29.18
CA LEU X 145 -10.37 -54.87 -30.56
C LEU X 145 -9.20 -54.16 -31.24
N GLU X 146 -9.34 -52.86 -31.50
CA GLU X 146 -8.28 -52.12 -32.20
C GLU X 146 -6.91 -52.57 -31.73
N MET X 147 -6.71 -52.56 -30.42
CA MET X 147 -5.43 -52.95 -29.83
C MET X 147 -5.01 -54.33 -30.29
N ILE X 148 -5.98 -55.24 -30.39
CA ILE X 148 -5.70 -56.57 -30.92
C ILE X 148 -4.97 -56.49 -32.26
N ASN X 149 -5.56 -55.77 -33.19
CA ASN X 149 -4.98 -55.65 -34.53
C ASN X 149 -3.74 -54.78 -34.55
N VAL X 150 -3.65 -53.84 -33.61
CA VAL X 150 -2.48 -52.98 -33.53
C VAL X 150 -1.26 -53.79 -33.15
N LEU X 151 -1.36 -54.48 -32.02
CA LEU X 151 -0.30 -55.39 -31.60
C LEU X 151 0.05 -56.33 -32.75
N LYS X 152 -0.96 -56.97 -33.31
CA LYS X 152 -0.79 -57.86 -34.46
C LYS X 152 0.07 -57.22 -35.55
N ALA X 153 -0.06 -55.91 -35.70
CA ALA X 153 0.61 -55.19 -36.78
C ALA X 153 2.09 -54.98 -36.50
N ILE X 154 2.61 -55.73 -35.53
CA ILE X 154 4.04 -55.65 -35.20
C ILE X 154 4.62 -57.03 -34.88
N MET Y 1 38.50 -34.56 -15.43
CA MET Y 1 37.11 -34.95 -15.16
C MET Y 1 36.32 -35.11 -16.44
N ASN Y 2 35.89 -36.33 -16.73
CA ASN Y 2 35.19 -36.63 -17.99
C ASN Y 2 33.69 -36.40 -17.96
N ILE Y 3 33.21 -35.65 -18.94
CA ILE Y 3 31.83 -35.23 -18.97
C ILE Y 3 31.14 -35.77 -20.21
N ILE Y 4 29.88 -36.17 -20.08
CA ILE Y 4 29.16 -36.66 -21.24
C ILE Y 4 28.02 -35.72 -21.63
N LYS Y 5 28.22 -34.93 -22.68
CA LYS Y 5 27.15 -34.09 -23.22
C LYS Y 5 26.86 -34.57 -24.64
N ALA Y 6 25.61 -34.90 -24.94
CA ALA Y 6 25.30 -35.48 -26.24
C ALA Y 6 24.36 -34.62 -27.08
N ASN Y 7 24.64 -34.56 -28.38
CA ASN Y 7 23.81 -33.78 -29.31
C ASN Y 7 22.54 -34.51 -29.77
N VAL Y 8 21.69 -33.81 -30.52
CA VAL Y 8 20.38 -34.34 -30.91
C VAL Y 8 20.33 -34.89 -32.33
N ALA Y 9 21.48 -35.00 -32.98
CA ALA Y 9 21.50 -35.55 -34.32
C ALA Y 9 21.83 -37.04 -34.25
N ALA Y 10 21.21 -37.80 -35.14
CA ALA Y 10 21.40 -39.24 -35.16
C ALA Y 10 20.76 -39.86 -36.43
N PRO Y 11 21.33 -39.57 -37.63
CA PRO Y 11 20.74 -39.99 -38.89
C PRO Y 11 20.36 -41.45 -38.95
N ASP Y 12 21.18 -42.30 -38.37
CA ASP Y 12 21.03 -43.72 -38.66
C ASP Y 12 19.99 -44.50 -37.82
N ALA Y 13 19.77 -44.12 -36.58
CA ALA Y 13 18.80 -44.82 -35.77
C ALA Y 13 17.35 -44.72 -36.32
N ARG Y 14 16.54 -45.75 -36.01
CA ARG Y 14 15.13 -45.83 -36.42
C ARG Y 14 14.24 -45.59 -35.19
N VAL Y 15 13.47 -44.51 -35.24
CA VAL Y 15 12.62 -44.13 -34.12
C VAL Y 15 11.18 -44.56 -34.35
N ALA Y 16 10.52 -45.06 -33.32
CA ALA Y 16 9.09 -45.33 -33.40
C ALA Y 16 8.22 -44.36 -32.56
N ILE Y 17 7.29 -43.72 -33.24
CA ILE Y 17 6.35 -42.83 -32.58
C ILE Y 17 4.97 -43.47 -32.40
N THR Y 18 4.47 -43.41 -31.17
CA THR Y 18 3.15 -43.92 -30.84
C THR Y 18 2.21 -42.77 -30.46
N ILE Y 19 0.93 -42.90 -30.79
CA ILE Y 19 0.01 -41.78 -30.64
C ILE Y 19 -1.40 -42.22 -30.32
N ALA Y 20 -2.04 -41.52 -29.39
CA ALA Y 20 -3.47 -41.72 -29.12
C ALA Y 20 -4.33 -40.83 -30.02
N ARG Y 21 -5.37 -41.40 -30.60
CA ARG Y 21 -6.24 -40.64 -31.49
C ARG Y 21 -7.27 -39.81 -30.72
N PHE Y 22 -7.61 -40.26 -29.52
CA PHE Y 22 -8.43 -39.45 -28.62
C PHE Y 22 -7.68 -38.15 -28.34
N ASN Y 23 -8.40 -37.04 -28.43
CA ASN Y 23 -7.76 -35.74 -28.35
C ASN Y 23 -6.87 -35.55 -29.55
N GLN Y 24 -7.32 -36.09 -30.67
CA GLN Y 24 -6.63 -35.94 -31.94
C GLN Y 24 -6.37 -34.47 -32.20
N PHE Y 25 -7.41 -33.65 -32.09
CA PHE Y 25 -7.30 -32.25 -32.45
C PHE Y 25 -6.10 -31.60 -31.79
N ILE Y 26 -5.53 -32.28 -30.81
CA ILE Y 26 -4.37 -31.75 -30.11
C ILE Y 26 -3.15 -32.61 -30.28
N ASN Y 27 -3.35 -33.93 -30.20
CA ASN Y 27 -2.26 -34.87 -30.42
C ASN Y 27 -1.68 -34.77 -31.81
N ASP Y 28 -2.44 -34.20 -32.74
CA ASP Y 28 -2.01 -34.16 -34.14
C ASP Y 28 -0.82 -33.22 -34.33
N SER Y 29 -0.86 -32.09 -33.63
CA SER Y 29 0.27 -31.17 -33.64
C SER Y 29 1.45 -31.84 -32.94
N LEU Y 30 1.18 -32.53 -31.84
CA LEU Y 30 2.22 -33.29 -31.18
C LEU Y 30 3.05 -34.11 -32.19
N LEU Y 31 2.35 -34.82 -33.07
CA LEU Y 31 3.02 -35.61 -34.09
C LEU Y 31 3.83 -34.73 -35.03
N ASP Y 32 3.20 -33.68 -35.54
CA ASP Y 32 3.89 -32.75 -36.43
C ASP Y 32 5.19 -32.26 -35.78
N GLY Y 33 5.11 -31.80 -34.55
CA GLY Y 33 6.29 -31.38 -33.83
C GLY Y 33 7.30 -32.49 -33.81
N ALA Y 34 6.91 -33.63 -33.23
CA ALA Y 34 7.77 -34.79 -33.15
C ALA Y 34 8.50 -35.04 -34.47
N VAL Y 35 7.75 -35.38 -35.51
CA VAL Y 35 8.35 -35.73 -36.79
C VAL Y 35 9.29 -34.66 -37.31
N ASP Y 36 8.83 -33.41 -37.40
CA ASP Y 36 9.68 -32.33 -37.86
C ASP Y 36 11.00 -32.39 -37.12
N ALA Y 37 10.93 -32.23 -35.81
CA ALA Y 37 12.14 -32.26 -34.97
C ALA Y 37 12.99 -33.49 -35.23
N LEU Y 38 12.33 -34.61 -35.49
CA LEU Y 38 13.02 -35.87 -35.73
C LEU Y 38 13.89 -35.82 -36.97
N THR Y 39 13.27 -35.50 -38.10
CA THR Y 39 13.99 -35.41 -39.35
C THR Y 39 14.84 -34.15 -39.37
N ARG Y 40 14.19 -33.01 -39.59
CA ARG Y 40 14.86 -31.72 -39.68
C ARG Y 40 16.04 -31.56 -38.72
N ILE Y 41 15.80 -31.75 -37.43
CA ILE Y 41 16.84 -31.53 -36.41
C ILE Y 41 17.75 -32.74 -36.14
N GLY Y 42 17.14 -33.91 -36.08
CA GLY Y 42 17.86 -35.14 -35.73
C GLY Y 42 18.41 -35.91 -36.91
N GLN Y 43 18.19 -35.38 -38.12
CA GLN Y 43 18.79 -35.94 -39.34
C GLN Y 43 18.24 -37.33 -39.66
N VAL Y 44 17.10 -37.67 -39.07
CA VAL Y 44 16.50 -38.98 -39.26
C VAL Y 44 15.76 -39.11 -40.59
N LYS Y 45 16.07 -40.15 -41.35
CA LYS Y 45 15.39 -40.40 -42.60
C LYS Y 45 13.97 -40.83 -42.32
N ASP Y 46 13.03 -40.30 -43.12
CA ASP Y 46 11.61 -40.43 -42.80
C ASP Y 46 11.06 -41.84 -43.00
N ASP Y 47 11.92 -42.78 -43.39
CA ASP Y 47 11.49 -44.16 -43.46
C ASP Y 47 12.03 -44.97 -42.28
N ASN Y 48 12.80 -44.32 -41.42
CA ASN Y 48 13.23 -44.96 -40.20
C ASN Y 48 12.30 -44.53 -39.09
N ILE Y 49 11.26 -43.82 -39.51
CA ILE Y 49 10.21 -43.37 -38.62
C ILE Y 49 8.95 -44.16 -38.91
N THR Y 50 8.53 -44.99 -37.95
CA THR Y 50 7.22 -45.61 -38.05
C THR Y 50 6.32 -45.07 -36.96
N VAL Y 51 5.04 -44.93 -37.29
CA VAL Y 51 4.09 -44.27 -36.41
C VAL Y 51 2.93 -45.18 -36.07
N VAL Y 52 2.86 -45.59 -34.81
CA VAL Y 52 1.80 -46.50 -34.41
C VAL Y 52 0.65 -45.74 -33.72
N TRP Y 53 -0.58 -45.99 -34.16
CA TRP Y 53 -1.74 -45.27 -33.64
C TRP Y 53 -2.61 -46.17 -32.77
N VAL Y 54 -2.49 -46.04 -31.45
CA VAL Y 54 -3.41 -46.69 -30.52
C VAL Y 54 -4.57 -45.78 -30.18
N PRO Y 55 -5.71 -46.36 -29.77
CA PRO Y 55 -6.89 -45.55 -29.42
C PRO Y 55 -6.57 -44.47 -28.41
N GLY Y 56 -6.43 -44.86 -27.14
CA GLY Y 56 -6.30 -43.90 -26.06
C GLY Y 56 -4.93 -43.88 -25.41
N ALA Y 57 -4.66 -42.80 -24.69
CA ALA Y 57 -3.39 -42.63 -24.02
C ALA Y 57 -3.11 -43.76 -23.07
N TYR Y 58 -4.18 -44.45 -22.64
CA TYR Y 58 -4.05 -45.56 -21.71
C TYR Y 58 -3.35 -46.74 -22.37
N GLU Y 59 -3.40 -46.76 -23.70
CA GLU Y 59 -2.89 -47.89 -24.46
C GLU Y 59 -1.44 -47.65 -24.88
N LEU Y 60 -1.00 -46.40 -24.79
CA LEU Y 60 0.34 -46.01 -25.20
C LEU Y 60 1.42 -47.00 -24.74
N PRO Y 61 1.32 -47.45 -23.48
CA PRO Y 61 2.33 -48.39 -23.02
C PRO Y 61 2.42 -49.62 -23.91
N LEU Y 62 1.42 -50.49 -23.87
CA LEU Y 62 1.51 -51.76 -24.57
C LEU Y 62 2.06 -51.55 -25.97
N ALA Y 63 1.54 -50.56 -26.67
CA ALA Y 63 2.10 -50.21 -27.96
C ALA Y 63 3.62 -50.02 -27.85
N THR Y 64 4.05 -49.09 -27.00
CA THR Y 64 5.47 -48.75 -26.92
C THR Y 64 6.33 -49.85 -26.28
N GLU Y 65 5.71 -50.94 -25.85
CA GLU Y 65 6.47 -52.09 -25.37
C GLU Y 65 6.71 -53.06 -26.52
N ALA Y 66 5.62 -53.48 -27.17
CA ALA Y 66 5.73 -54.29 -28.38
C ALA Y 66 6.75 -53.68 -29.35
N LEU Y 67 6.77 -52.36 -29.44
CA LEU Y 67 7.75 -51.68 -30.27
C LEU Y 67 9.17 -51.88 -29.73
N ALA Y 68 9.48 -51.26 -28.58
CA ALA Y 68 10.83 -51.34 -28.04
C ALA Y 68 11.31 -52.80 -27.92
N LYS Y 69 10.46 -53.65 -27.37
CA LYS Y 69 10.78 -55.08 -27.30
C LYS Y 69 11.27 -55.53 -28.65
N SER Y 70 10.40 -55.43 -29.67
CA SER Y 70 10.73 -55.79 -31.04
C SER Y 70 12.22 -55.65 -31.34
N GLY Y 71 12.79 -54.51 -30.99
CA GLY Y 71 14.23 -54.31 -31.14
C GLY Y 71 14.58 -53.41 -32.30
N LYS Y 72 13.75 -53.45 -33.33
CA LYS Y 72 14.04 -52.73 -34.57
C LYS Y 72 14.30 -51.23 -34.34
N TYR Y 73 13.71 -50.66 -33.29
CA TYR Y 73 13.78 -49.22 -33.06
C TYR Y 73 14.78 -48.82 -31.99
N ASP Y 74 15.37 -47.64 -32.14
CA ASP Y 74 16.35 -47.14 -31.17
C ASP Y 74 15.74 -46.32 -30.05
N ALA Y 75 14.51 -45.88 -30.25
CA ALA Y 75 13.78 -45.13 -29.23
C ALA Y 75 12.32 -44.97 -29.65
N VAL Y 76 11.46 -44.79 -28.66
CA VAL Y 76 10.05 -44.63 -28.92
C VAL Y 76 9.62 -43.28 -28.41
N VAL Y 77 8.92 -42.52 -29.25
CA VAL Y 77 8.33 -41.28 -28.78
C VAL Y 77 6.84 -41.49 -28.50
N ALA Y 78 6.45 -41.41 -27.24
CA ALA Y 78 5.05 -41.57 -26.83
C ALA Y 78 4.28 -40.25 -26.84
N LEU Y 79 3.19 -40.19 -27.60
CA LEU Y 79 2.45 -38.96 -27.80
C LEU Y 79 0.97 -39.12 -27.51
N GLY Y 80 0.52 -38.41 -26.47
CA GLY Y 80 -0.88 -38.47 -26.06
C GLY Y 80 -1.30 -37.21 -25.34
N THR Y 81 -2.60 -37.04 -25.13
CA THR Y 81 -3.11 -35.88 -24.39
C THR Y 81 -4.24 -36.31 -23.48
N VAL Y 82 -4.15 -35.91 -22.22
CA VAL Y 82 -5.17 -36.22 -21.22
C VAL Y 82 -5.53 -34.93 -20.51
N ILE Y 83 -6.78 -34.51 -20.67
CA ILE Y 83 -7.26 -33.31 -20.00
C ILE Y 83 -8.32 -33.67 -18.96
N ARG Y 84 -8.04 -33.37 -17.70
CA ARG Y 84 -8.94 -33.70 -16.60
C ARG Y 84 -10.41 -33.32 -16.85
N GLY Y 85 -11.32 -33.95 -16.10
CA GLY Y 85 -12.73 -33.68 -16.27
C GLY Y 85 -13.57 -33.90 -15.03
N GLY Y 86 -14.84 -34.26 -15.23
CA GLY Y 86 -15.78 -34.44 -14.14
C GLY Y 86 -15.28 -35.36 -13.02
N THR Y 87 -14.70 -36.50 -13.41
CA THR Y 87 -14.26 -37.46 -12.42
C THR Y 87 -12.75 -37.61 -12.46
N ALA Y 88 -12.21 -38.32 -11.48
CA ALA Y 88 -10.81 -38.70 -11.52
C ALA Y 88 -10.66 -39.97 -12.36
N HIS Y 89 -11.02 -39.87 -13.63
CA HIS Y 89 -10.62 -40.85 -14.62
C HIS Y 89 -9.23 -40.41 -15.03
N PHE Y 90 -9.13 -39.12 -15.36
CA PHE Y 90 -7.85 -38.50 -15.68
C PHE Y 90 -6.75 -39.08 -14.82
N GLU Y 91 -7.01 -39.12 -13.52
CA GLU Y 91 -6.06 -39.65 -12.57
C GLU Y 91 -5.47 -40.97 -13.05
N TYR Y 92 -6.33 -41.95 -13.25
CA TYR Y 92 -5.91 -43.31 -13.54
C TYR Y 92 -5.33 -43.49 -14.96
N VAL Y 93 -5.89 -42.77 -15.92
CA VAL Y 93 -5.36 -42.83 -17.27
C VAL Y 93 -3.95 -42.23 -17.25
N ALA Y 94 -3.87 -40.92 -17.03
CA ALA Y 94 -2.60 -40.23 -17.04
C ALA Y 94 -1.54 -41.04 -16.28
N GLY Y 95 -1.91 -41.52 -15.10
CA GLY Y 95 -1.02 -42.27 -14.24
C GLY Y 95 -0.62 -43.62 -14.81
N GLY Y 96 -1.61 -44.47 -15.08
CA GLY Y 96 -1.33 -45.78 -15.63
C GLY Y 96 -0.57 -45.74 -16.95
N ALA Y 97 -0.47 -44.54 -17.52
CA ALA Y 97 0.24 -44.36 -18.79
C ALA Y 97 1.53 -43.59 -18.60
N SER Y 98 1.71 -43.02 -17.41
CA SER Y 98 3.01 -42.47 -17.03
C SER Y 98 3.87 -43.58 -16.45
N ASN Y 99 3.43 -44.14 -15.32
CA ASN Y 99 4.08 -45.31 -14.74
C ASN Y 99 4.23 -46.41 -15.78
N GLY Y 100 3.30 -46.45 -16.72
CA GLY Y 100 3.36 -47.42 -17.79
C GLY Y 100 4.58 -47.20 -18.66
N LEU Y 101 4.57 -46.12 -19.42
CA LEU Y 101 5.67 -45.80 -20.33
C LEU Y 101 6.99 -45.79 -19.59
N ALA Y 102 6.96 -45.43 -18.31
CA ALA Y 102 8.16 -45.46 -17.48
C ALA Y 102 8.74 -46.88 -17.33
N SER Y 103 7.88 -47.83 -16.99
CA SER Y 103 8.30 -49.21 -16.81
C SER Y 103 8.80 -49.81 -18.13
N VAL Y 104 8.14 -49.47 -19.24
CA VAL Y 104 8.58 -49.97 -20.54
C VAL Y 104 10.01 -49.54 -20.83
N ALA Y 105 10.39 -48.38 -20.31
CA ALA Y 105 11.75 -47.89 -20.44
C ALA Y 105 12.74 -48.79 -19.68
N GLN Y 106 12.59 -48.83 -18.36
CA GLN Y 106 13.53 -49.54 -17.49
C GLN Y 106 13.63 -51.03 -17.79
N ASP Y 107 12.69 -51.56 -18.56
CA ASP Y 107 12.67 -53.00 -18.84
C ASP Y 107 13.17 -53.31 -20.23
N SER Y 108 13.28 -52.30 -21.08
CA SER Y 108 13.67 -52.52 -22.47
C SER Y 108 15.04 -51.91 -22.75
N GLY Y 109 15.41 -50.93 -21.93
CA GLY Y 109 16.65 -50.21 -22.12
C GLY Y 109 16.51 -49.20 -23.24
N VAL Y 110 15.37 -49.22 -23.91
CA VAL Y 110 15.13 -48.31 -25.00
C VAL Y 110 14.55 -47.03 -24.42
N PRO Y 111 15.19 -45.90 -24.72
CA PRO Y 111 14.68 -44.62 -24.23
C PRO Y 111 13.25 -44.41 -24.74
N VAL Y 112 12.41 -43.77 -23.92
CA VAL Y 112 11.04 -43.45 -24.32
C VAL Y 112 10.68 -42.04 -23.87
N ALA Y 113 10.22 -41.22 -24.80
CA ALA Y 113 9.86 -39.83 -24.50
C ALA Y 113 8.44 -39.73 -23.95
N PHE Y 114 8.31 -39.16 -22.76
CA PHE Y 114 7.00 -38.97 -22.16
C PHE Y 114 6.32 -37.72 -22.73
N GLY Y 115 5.89 -37.82 -23.98
CA GLY Y 115 5.25 -36.70 -24.66
C GLY Y 115 3.74 -36.71 -24.45
N VAL Y 116 3.34 -36.91 -23.20
CA VAL Y 116 1.94 -36.99 -22.87
C VAL Y 116 1.50 -35.79 -22.05
N LEU Y 117 0.64 -34.97 -22.66
CA LEU Y 117 0.13 -33.79 -22.00
C LEU Y 117 -0.88 -34.18 -20.92
N THR Y 118 -0.59 -33.83 -19.67
CA THR Y 118 -1.50 -34.07 -18.59
C THR Y 118 -1.93 -32.73 -18.01
N THR Y 119 -3.06 -32.21 -18.51
CA THR Y 119 -3.46 -30.84 -18.19
C THR Y 119 -4.82 -30.72 -17.48
N GLU Y 120 -5.41 -29.53 -17.58
CA GLU Y 120 -6.68 -29.22 -16.93
C GLU Y 120 -7.64 -28.56 -17.90
N SER Y 121 -7.15 -28.12 -19.05
CA SER Y 121 -7.97 -27.43 -20.02
C SER Y 121 -7.46 -27.61 -21.45
N ILE Y 122 -8.36 -27.41 -22.41
CA ILE Y 122 -7.96 -27.40 -23.80
C ILE Y 122 -7.05 -26.20 -23.95
N GLU Y 123 -7.31 -25.19 -23.13
CA GLU Y 123 -6.50 -23.98 -23.10
C GLU Y 123 -5.04 -24.30 -22.84
N GLN Y 124 -4.79 -24.98 -21.74
CA GLN Y 124 -3.44 -25.37 -21.35
C GLN Y 124 -2.80 -26.30 -22.39
N ALA Y 125 -3.58 -27.25 -22.90
CA ALA Y 125 -3.05 -28.19 -23.89
C ALA Y 125 -2.63 -27.48 -25.18
N ILE Y 126 -3.49 -26.57 -25.65
CA ILE Y 126 -3.15 -25.82 -26.85
C ILE Y 126 -1.94 -24.92 -26.62
N GLU Y 127 -1.72 -24.53 -25.37
CA GLU Y 127 -0.47 -23.83 -25.01
C GLU Y 127 0.77 -24.70 -25.19
N ARG Y 128 0.66 -25.96 -24.78
CA ARG Y 128 1.80 -26.85 -24.70
C ARG Y 128 1.96 -27.73 -25.93
N ALA Y 129 1.17 -27.46 -26.95
CA ALA Y 129 1.23 -28.23 -28.17
C ALA Y 129 1.31 -27.34 -29.40
N GLY Y 130 2.23 -26.38 -29.38
CA GLY Y 130 2.49 -25.57 -30.57
C GLY Y 130 2.56 -24.08 -30.33
N THR Y 131 1.72 -23.59 -29.43
CA THR Y 131 1.62 -22.15 -29.19
C THR Y 131 2.52 -21.66 -28.06
N LYS Y 132 1.93 -20.87 -27.18
CA LYS Y 132 2.65 -20.10 -26.18
C LYS Y 132 3.88 -20.81 -25.56
N ALA Y 133 3.68 -21.99 -25.00
CA ALA Y 133 4.75 -22.69 -24.31
C ALA Y 133 5.23 -23.91 -25.06
N GLY Y 134 5.74 -23.70 -26.26
CA GLY Y 134 6.35 -24.78 -27.01
C GLY Y 134 5.42 -25.85 -27.56
N ASN Y 135 6.02 -27.00 -27.85
CA ASN Y 135 5.35 -28.07 -28.56
C ASN Y 135 5.89 -29.40 -28.06
N LYS Y 136 5.49 -29.79 -26.86
CA LYS Y 136 6.08 -30.96 -26.19
C LYS Y 136 6.38 -32.12 -27.14
N GLY Y 137 5.55 -32.31 -28.16
CA GLY Y 137 5.74 -33.37 -29.12
C GLY Y 137 7.15 -33.36 -29.67
N ALA Y 138 7.58 -32.19 -30.15
CA ALA Y 138 8.93 -32.01 -30.72
C ALA Y 138 9.96 -32.26 -29.64
N GLU Y 139 9.80 -31.55 -28.53
CA GLU Y 139 10.65 -31.73 -27.37
C GLU Y 139 10.84 -33.23 -27.08
N ALA Y 140 9.74 -33.96 -26.96
CA ALA Y 140 9.80 -35.39 -26.69
C ALA Y 140 10.73 -36.11 -27.66
N ALA Y 141 10.71 -35.68 -28.91
CA ALA Y 141 11.55 -36.29 -29.92
C ALA Y 141 13.01 -35.95 -29.72
N LEU Y 142 13.30 -34.69 -29.46
CA LEU Y 142 14.69 -34.30 -29.20
C LEU Y 142 15.25 -35.02 -27.99
N THR Y 143 14.55 -34.96 -26.86
CA THR Y 143 14.97 -35.71 -25.68
C THR Y 143 15.13 -37.19 -26.04
N ALA Y 144 14.22 -37.69 -26.87
CA ALA Y 144 14.32 -39.04 -27.39
C ALA Y 144 15.71 -39.24 -28.00
N LEU Y 145 15.96 -38.57 -29.13
CA LEU Y 145 17.27 -38.60 -29.78
C LEU Y 145 18.39 -38.46 -28.76
N GLU Y 146 18.52 -37.27 -28.16
CA GLU Y 146 19.61 -37.05 -27.21
C GLU Y 146 19.84 -38.33 -26.42
N MET Y 147 18.77 -38.84 -25.79
CA MET Y 147 18.92 -40.02 -24.95
C MET Y 147 19.57 -41.18 -25.69
N ILE Y 148 19.20 -41.35 -26.95
CA ILE Y 148 19.82 -42.37 -27.76
C ILE Y 148 21.35 -42.29 -27.69
N ASN Y 149 21.89 -41.13 -28.03
CA ASN Y 149 23.33 -40.92 -28.00
C ASN Y 149 23.92 -40.88 -26.60
N VAL Y 150 23.11 -40.50 -25.62
CA VAL Y 150 23.56 -40.49 -24.23
C VAL Y 150 23.83 -41.91 -23.74
N LEU Y 151 22.82 -42.77 -23.88
CA LEU Y 151 22.98 -44.18 -23.56
C LEU Y 151 24.17 -44.74 -24.34
N LYS Y 152 24.17 -44.50 -25.64
CA LYS Y 152 25.28 -44.91 -26.48
C LYS Y 152 26.63 -44.55 -25.85
N ALA Y 153 26.71 -43.39 -25.22
CA ALA Y 153 27.97 -42.88 -24.69
C ALA Y 153 28.44 -43.61 -23.43
N ILE Y 154 27.85 -44.78 -23.18
CA ILE Y 154 28.25 -45.60 -22.04
C ILE Y 154 28.27 -47.09 -22.41
N MET Z 1 -76.05 -37.47 -32.64
CA MET Z 1 -74.67 -37.03 -32.78
C MET Z 1 -73.67 -38.19 -32.68
N ASN Z 2 -72.97 -38.46 -33.78
CA ASN Z 2 -72.06 -39.61 -33.83
C ASN Z 2 -70.65 -39.33 -33.34
N ILE Z 3 -70.17 -40.17 -32.45
CA ILE Z 3 -68.89 -39.93 -31.80
C ILE Z 3 -67.95 -41.08 -32.09
N ILE Z 4 -66.66 -40.77 -32.27
CA ILE Z 4 -65.67 -41.82 -32.51
C ILE Z 4 -64.70 -41.90 -31.35
N LYS Z 5 -64.87 -42.91 -30.51
CA LYS Z 5 -63.89 -43.25 -29.46
C LYS Z 5 -63.32 -44.62 -29.76
N ALA Z 6 -61.98 -44.73 -29.82
CA ALA Z 6 -61.38 -46.00 -30.21
C ALA Z 6 -60.52 -46.60 -29.12
N ASN Z 7 -60.61 -47.92 -28.98
CA ASN Z 7 -59.80 -48.65 -28.00
C ASN Z 7 -58.37 -48.94 -28.46
N VAL Z 8 -57.54 -49.46 -27.55
CA VAL Z 8 -56.12 -49.69 -27.80
C VAL Z 8 -55.75 -51.11 -28.18
N ALA Z 9 -56.74 -51.95 -28.44
CA ALA Z 9 -56.46 -53.31 -28.86
C ALA Z 9 -56.51 -53.39 -30.38
N ALA Z 10 -55.64 -54.24 -30.96
CA ALA Z 10 -55.54 -54.34 -32.41
C ALA Z 10 -54.59 -55.47 -32.79
N PRO Z 11 -55.00 -56.70 -32.51
CA PRO Z 11 -54.05 -57.79 -32.66
C PRO Z 11 -53.46 -57.77 -34.06
N ASP Z 12 -54.37 -57.81 -35.03
CA ASP Z 12 -54.05 -57.99 -36.44
C ASP Z 12 -52.84 -57.19 -36.94
N ALA Z 13 -52.73 -55.96 -36.47
CA ALA Z 13 -51.76 -54.97 -36.96
C ALA Z 13 -50.26 -55.27 -36.79
N ARG Z 14 -49.46 -54.87 -37.78
CA ARG Z 14 -48.00 -54.99 -37.68
C ARG Z 14 -47.37 -53.64 -37.40
N VAL Z 15 -46.80 -53.50 -36.20
CA VAL Z 15 -46.24 -52.23 -35.75
C VAL Z 15 -44.72 -52.23 -35.90
N ALA Z 16 -44.17 -51.12 -36.37
CA ALA Z 16 -42.72 -50.98 -36.43
C ALA Z 16 -42.20 -49.97 -35.41
N ILE Z 17 -41.26 -50.40 -34.59
CA ILE Z 17 -40.67 -49.54 -33.56
C ILE Z 17 -39.27 -49.18 -33.98
N THR Z 18 -38.96 -47.89 -33.95
CA THR Z 18 -37.62 -47.40 -34.24
C THR Z 18 -36.96 -46.81 -32.99
N ILE Z 19 -35.65 -46.92 -32.86
CA ILE Z 19 -35.00 -46.50 -31.64
C ILE Z 19 -33.58 -45.98 -31.82
N ALA Z 20 -33.25 -44.91 -31.10
CA ALA Z 20 -31.87 -44.42 -31.10
C ALA Z 20 -31.07 -45.08 -29.99
N ARG Z 21 -29.87 -45.54 -30.31
CA ARG Z 21 -29.04 -46.24 -29.34
C ARG Z 21 -28.30 -45.25 -28.42
N PHE Z 22 -28.11 -44.03 -28.92
CA PHE Z 22 -27.60 -42.94 -28.10
C PHE Z 22 -28.58 -42.70 -26.97
N ASN Z 23 -28.06 -42.64 -25.74
CA ASN Z 23 -28.93 -42.57 -24.57
C ASN Z 23 -29.63 -43.90 -24.41
N GLN Z 24 -28.91 -44.95 -24.77
CA GLN Z 24 -29.39 -46.31 -24.62
C GLN Z 24 -29.89 -46.54 -23.21
N PHE Z 25 -29.06 -46.21 -22.23
CA PHE Z 25 -29.39 -46.49 -20.85
C PHE Z 25 -30.77 -46.00 -20.46
N ILE Z 26 -31.33 -45.12 -21.29
CA ILE Z 26 -32.68 -44.58 -21.07
C ILE Z 26 -33.67 -45.04 -22.15
N ASN Z 27 -33.24 -45.03 -23.40
CA ASN Z 27 -34.09 -45.47 -24.48
C ASN Z 27 -34.47 -46.93 -24.34
N ASP Z 28 -33.68 -47.69 -23.60
CA ASP Z 28 -33.91 -49.12 -23.50
C ASP Z 28 -35.19 -49.44 -22.74
N SER Z 29 -35.49 -48.67 -21.70
CA SER Z 29 -36.76 -48.81 -20.99
C SER Z 29 -37.90 -48.37 -21.89
N LEU Z 30 -37.66 -47.31 -22.66
CA LEU Z 30 -38.63 -46.86 -23.66
C LEU Z 30 -39.10 -48.02 -24.52
N LEU Z 31 -38.17 -48.83 -24.99
CA LEU Z 31 -38.54 -49.99 -25.78
C LEU Z 31 -39.34 -50.97 -24.94
N ASP Z 32 -38.84 -51.30 -23.76
CA ASP Z 32 -39.55 -52.23 -22.88
C ASP Z 32 -41.00 -51.80 -22.66
N GLY Z 33 -41.20 -50.52 -22.40
CA GLY Z 33 -42.54 -50.02 -22.23
C GLY Z 33 -43.33 -50.25 -23.50
N ALA Z 34 -42.79 -49.72 -24.59
CA ALA Z 34 -43.45 -49.86 -25.89
C ALA Z 34 -43.90 -51.29 -26.10
N VAL Z 35 -42.94 -52.20 -26.19
CA VAL Z 35 -43.27 -53.58 -26.53
C VAL Z 35 -44.35 -54.15 -25.61
N ASP Z 36 -44.13 -54.04 -24.30
CA ASP Z 36 -45.07 -54.60 -23.34
C ASP Z 36 -46.45 -54.10 -23.70
N ALA Z 37 -46.61 -52.78 -23.68
CA ALA Z 37 -47.88 -52.18 -23.98
C ALA Z 37 -48.43 -52.70 -25.32
N LEU Z 38 -47.54 -52.89 -26.27
CA LEU Z 38 -47.95 -53.32 -27.59
C LEU Z 38 -48.60 -54.69 -27.57
N THR Z 39 -47.89 -55.67 -27.04
CA THR Z 39 -48.42 -57.01 -26.97
C THR Z 39 -49.48 -57.10 -25.89
N ARG Z 40 -49.04 -57.16 -24.64
CA ARG Z 40 -49.93 -57.23 -23.48
C ARG Z 40 -51.26 -56.48 -23.66
N ILE Z 41 -51.19 -55.18 -23.90
CA ILE Z 41 -52.39 -54.36 -23.93
C ILE Z 41 -53.06 -54.36 -25.27
N GLY Z 42 -52.24 -54.22 -26.32
CA GLY Z 42 -52.74 -54.08 -27.68
C GLY Z 42 -53.01 -55.38 -28.44
N GLN Z 43 -52.73 -56.50 -27.78
CA GLN Z 43 -53.01 -57.82 -28.32
C GLN Z 43 -52.16 -58.11 -29.56
N VAL Z 44 -51.05 -57.40 -29.70
CA VAL Z 44 -50.21 -57.56 -30.89
C VAL Z 44 -49.26 -58.74 -30.79
N LYS Z 45 -49.29 -59.60 -31.79
CA LYS Z 45 -48.37 -60.73 -31.81
C LYS Z 45 -46.94 -60.25 -32.01
N ASP Z 46 -46.02 -60.82 -31.24
CA ASP Z 46 -44.65 -60.30 -31.15
C ASP Z 46 -43.84 -60.52 -32.43
N ASP Z 47 -44.43 -61.10 -33.45
CA ASP Z 47 -43.73 -61.20 -34.72
C ASP Z 47 -44.30 -60.20 -35.73
N ASN Z 48 -45.32 -59.45 -35.31
CA ASN Z 48 -45.80 -58.33 -36.11
C ASN Z 48 -45.15 -57.03 -35.64
N ILE Z 49 -44.22 -57.22 -34.72
CA ILE Z 49 -43.40 -56.15 -34.17
C ILE Z 49 -41.99 -56.26 -34.72
N THR Z 50 -41.59 -55.28 -35.53
CA THR Z 50 -40.20 -55.20 -35.92
C THR Z 50 -39.58 -53.96 -35.27
N VAL Z 51 -38.30 -54.06 -34.94
CA VAL Z 51 -37.61 -53.00 -34.20
C VAL Z 51 -36.36 -52.56 -34.94
N VAL Z 52 -36.41 -51.33 -35.45
CA VAL Z 52 -35.29 -50.82 -36.22
C VAL Z 52 -34.47 -49.90 -35.34
N TRP Z 53 -33.15 -50.12 -35.33
CA TRP Z 53 -32.23 -49.38 -34.48
C TRP Z 53 -31.36 -48.43 -35.29
N VAL Z 54 -31.68 -47.15 -35.27
CA VAL Z 54 -30.80 -46.14 -35.83
C VAL Z 54 -29.86 -45.57 -34.76
N PRO Z 55 -28.71 -45.01 -35.17
CA PRO Z 55 -27.76 -44.42 -34.22
C PRO Z 55 -28.42 -43.37 -33.32
N GLY Z 56 -28.62 -42.16 -33.85
CA GLY Z 56 -29.15 -41.06 -33.04
C GLY Z 56 -30.60 -40.69 -33.30
N ALA Z 57 -31.19 -39.96 -32.36
CA ALA Z 57 -32.58 -39.49 -32.48
C ALA Z 57 -32.80 -38.63 -33.73
N TYR Z 58 -31.71 -38.10 -34.29
CA TYR Z 58 -31.77 -37.29 -35.51
C TYR Z 58 -32.09 -38.14 -36.74
N GLU Z 59 -31.83 -39.43 -36.61
CA GLU Z 59 -32.02 -40.33 -37.73
C GLU Z 59 -33.38 -41.00 -37.70
N LEU Z 60 -34.05 -40.88 -36.55
CA LEU Z 60 -35.39 -41.48 -36.35
C LEU Z 60 -36.33 -41.26 -37.54
N PRO Z 61 -36.32 -40.04 -38.08
CA PRO Z 61 -37.20 -39.80 -39.23
C PRO Z 61 -36.94 -40.77 -40.36
N LEU Z 62 -35.82 -40.63 -41.08
CA LEU Z 62 -35.53 -41.47 -42.25
C LEU Z 62 -35.89 -42.92 -42.03
N ALA Z 63 -35.46 -43.45 -40.90
CA ALA Z 63 -35.89 -44.77 -40.52
C ALA Z 63 -37.42 -44.89 -40.61
N THR Z 64 -38.13 -44.08 -39.85
CA THR Z 64 -39.58 -44.22 -39.75
C THR Z 64 -40.31 -43.86 -41.05
N GLU Z 65 -39.56 -43.36 -42.03
CA GLU Z 65 -40.15 -43.10 -43.35
C GLU Z 65 -40.04 -44.33 -44.25
N ALA Z 66 -38.81 -44.81 -44.45
CA ALA Z 66 -38.61 -46.07 -45.15
C ALA Z 66 -39.54 -47.16 -44.60
N LEU Z 67 -39.84 -47.09 -43.31
CA LEU Z 67 -40.77 -48.05 -42.70
C LEU Z 67 -42.18 -47.80 -43.17
N ALA Z 68 -42.76 -46.70 -42.74
CA ALA Z 68 -44.15 -46.38 -43.12
C ALA Z 68 -44.35 -46.45 -44.63
N LYS Z 69 -43.47 -45.79 -45.37
CA LYS Z 69 -43.50 -45.88 -46.83
C LYS Z 69 -43.68 -47.32 -47.24
N SER Z 70 -42.70 -48.16 -46.89
CA SER Z 70 -42.76 -49.61 -47.13
C SER Z 70 -44.19 -50.14 -47.26
N GLY Z 71 -45.04 -49.80 -46.29
CA GLY Z 71 -46.44 -50.20 -46.32
C GLY Z 71 -46.77 -51.34 -45.38
N LYS Z 72 -45.79 -52.21 -45.13
CA LYS Z 72 -46.00 -53.42 -44.37
C LYS Z 72 -46.59 -53.14 -43.00
N TYR Z 73 -46.25 -51.98 -42.45
CA TYR Z 73 -46.63 -51.67 -41.07
C TYR Z 73 -47.84 -50.74 -40.96
N ASP Z 74 -48.57 -50.86 -39.86
CA ASP Z 74 -49.79 -50.09 -39.63
C ASP Z 74 -49.52 -48.85 -38.80
N ALA Z 75 -48.37 -48.83 -38.14
CA ALA Z 75 -47.95 -47.65 -37.39
C ALA Z 75 -46.50 -47.78 -36.94
N VAL Z 76 -45.87 -46.64 -36.73
CA VAL Z 76 -44.47 -46.62 -36.31
C VAL Z 76 -44.38 -45.96 -34.95
N VAL Z 77 -43.74 -46.64 -34.01
CA VAL Z 77 -43.46 -46.02 -32.73
C VAL Z 77 -42.00 -45.52 -32.69
N ALA Z 78 -41.83 -44.20 -32.62
CA ALA Z 78 -40.51 -43.59 -32.63
C ALA Z 78 -40.01 -43.37 -31.21
N LEU Z 79 -38.87 -43.98 -30.88
CA LEU Z 79 -38.33 -43.97 -29.52
C LEU Z 79 -36.90 -43.43 -29.44
N GLY Z 80 -36.75 -42.29 -28.79
CA GLY Z 80 -35.45 -41.69 -28.59
C GLY Z 80 -35.42 -40.79 -27.38
N THR Z 81 -34.22 -40.30 -27.05
CA THR Z 81 -34.07 -39.43 -25.90
C THR Z 81 -33.03 -38.36 -26.19
N VAL Z 82 -33.39 -37.10 -25.96
CA VAL Z 82 -32.49 -35.99 -26.18
C VAL Z 82 -32.43 -35.13 -24.94
N ILE Z 83 -31.26 -35.07 -24.31
CA ILE Z 83 -31.12 -34.28 -23.10
C ILE Z 83 -30.20 -33.10 -23.37
N ARG Z 84 -30.71 -31.89 -23.20
CA ARG Z 84 -29.94 -30.69 -23.47
C ARG Z 84 -28.57 -30.66 -22.80
N GLY Z 85 -27.67 -29.84 -23.34
CA GLY Z 85 -26.32 -29.74 -22.81
C GLY Z 85 -25.67 -28.38 -22.97
N GLY Z 86 -24.35 -28.37 -23.13
CA GLY Z 86 -23.57 -27.14 -23.25
C GLY Z 86 -24.01 -26.18 -24.36
N THR Z 87 -24.31 -26.74 -25.54
CA THR Z 87 -24.74 -25.92 -26.67
C THR Z 87 -26.18 -26.22 -27.05
N ALA Z 88 -26.73 -25.40 -27.93
CA ALA Z 88 -28.01 -25.71 -28.54
C ALA Z 88 -27.80 -26.65 -29.72
N HIS Z 89 -27.26 -27.83 -29.45
CA HIS Z 89 -27.28 -28.94 -30.39
C HIS Z 89 -28.63 -29.56 -30.16
N PHE Z 90 -28.94 -29.84 -28.90
CA PHE Z 90 -30.26 -30.30 -28.49
C PHE Z 90 -31.37 -29.66 -29.31
N GLU Z 91 -31.29 -28.35 -29.45
CA GLU Z 91 -32.27 -27.60 -30.19
C GLU Z 91 -32.51 -28.28 -31.52
N TYR Z 92 -31.46 -28.37 -32.32
CA TYR Z 92 -31.57 -28.81 -33.71
C TYR Z 92 -31.91 -30.28 -33.85
N VAL Z 93 -31.34 -31.10 -32.98
CA VAL Z 93 -31.64 -32.53 -33.00
C VAL Z 93 -33.10 -32.72 -32.63
N ALA Z 94 -33.44 -32.42 -31.39
CA ALA Z 94 -34.81 -32.58 -30.93
C ALA Z 94 -35.80 -32.06 -31.99
N GLY Z 95 -35.55 -30.86 -32.50
CA GLY Z 95 -36.43 -30.22 -33.47
C GLY Z 95 -36.50 -30.92 -34.81
N GLY Z 96 -35.33 -31.11 -35.41
CA GLY Z 96 -35.24 -31.79 -36.70
C GLY Z 96 -35.77 -33.22 -36.66
N ALA Z 97 -36.04 -33.71 -35.46
CA ALA Z 97 -36.57 -35.06 -35.28
C ALA Z 97 -38.00 -35.03 -34.75
N SER Z 98 -38.45 -33.84 -34.39
CA SER Z 98 -39.86 -33.65 -34.08
C SER Z 98 -40.57 -33.28 -35.37
N ASN Z 99 -40.20 -32.15 -35.94
CA ASN Z 99 -40.72 -31.78 -37.25
C ASN Z 99 -40.53 -32.91 -38.25
N GLY Z 100 -39.43 -33.67 -38.09
CA GLY Z 100 -39.16 -34.80 -38.95
C GLY Z 100 -40.28 -35.82 -38.87
N LEU Z 101 -40.33 -36.52 -37.74
CA LEU Z 101 -41.33 -37.57 -37.54
C LEU Z 101 -42.75 -37.05 -37.85
N ALA Z 102 -42.94 -35.76 -37.63
CA ALA Z 102 -44.23 -35.16 -37.89
C ALA Z 102 -44.55 -35.21 -39.36
N SER Z 103 -43.59 -34.78 -40.18
CA SER Z 103 -43.78 -34.75 -41.62
C SER Z 103 -43.97 -36.17 -42.19
N VAL Z 104 -43.23 -37.14 -41.65
CA VAL Z 104 -43.36 -38.53 -42.07
C VAL Z 104 -44.80 -39.01 -41.88
N ALA Z 105 -45.45 -38.49 -40.85
CA ALA Z 105 -46.84 -38.85 -40.59
C ALA Z 105 -47.72 -38.31 -41.72
N GLN Z 106 -47.74 -36.99 -41.87
CA GLN Z 106 -48.68 -36.35 -42.79
C GLN Z 106 -48.47 -36.75 -44.26
N ASP Z 107 -47.33 -37.38 -44.56
CA ASP Z 107 -47.02 -37.77 -45.94
C ASP Z 107 -47.22 -39.24 -46.21
N SER Z 108 -47.40 -40.03 -45.16
CA SER Z 108 -47.52 -41.49 -45.30
C SER Z 108 -48.90 -41.95 -44.88
N GLY Z 109 -49.58 -41.13 -44.09
CA GLY Z 109 -50.90 -41.49 -43.58
C GLY Z 109 -50.79 -42.50 -42.46
N VAL Z 110 -49.56 -42.92 -42.18
CA VAL Z 110 -49.31 -43.88 -41.13
C VAL Z 110 -49.10 -43.14 -39.84
N PRO Z 111 -49.88 -43.46 -38.81
CA PRO Z 111 -49.67 -42.82 -37.52
C PRO Z 111 -48.26 -43.10 -37.02
N VAL Z 112 -47.69 -42.11 -36.33
CA VAL Z 112 -46.37 -42.25 -35.75
C VAL Z 112 -46.33 -41.63 -34.34
N ALA Z 113 -45.89 -42.42 -33.36
CA ALA Z 113 -45.87 -41.97 -31.97
C ALA Z 113 -44.62 -41.18 -31.69
N PHE Z 114 -44.78 -39.96 -31.19
CA PHE Z 114 -43.65 -39.15 -30.84
C PHE Z 114 -43.11 -39.53 -29.47
N GLY Z 115 -42.51 -40.73 -29.39
CA GLY Z 115 -41.94 -41.21 -28.18
C GLY Z 115 -40.50 -40.74 -27.99
N VAL Z 116 -40.28 -39.44 -28.17
CA VAL Z 116 -38.94 -38.88 -28.03
C VAL Z 116 -38.86 -37.95 -26.83
N LEU Z 117 -38.08 -38.34 -25.83
CA LEU Z 117 -37.89 -37.53 -24.64
C LEU Z 117 -37.00 -36.33 -24.92
N THR Z 118 -37.57 -35.14 -24.77
CA THR Z 118 -36.82 -33.90 -24.93
C THR Z 118 -36.73 -33.15 -23.61
N THR Z 119 -35.66 -33.40 -22.86
CA THR Z 119 -35.57 -32.95 -21.48
C THR Z 119 -34.38 -32.05 -21.19
N GLU Z 120 -34.01 -31.99 -19.91
CA GLU Z 120 -32.93 -31.12 -19.46
C GLU Z 120 -31.95 -31.88 -18.55
N SER Z 121 -32.33 -33.08 -18.13
CA SER Z 121 -31.48 -33.83 -17.21
C SER Z 121 -31.75 -35.31 -17.33
N ILE Z 122 -30.78 -36.10 -16.90
CA ILE Z 122 -30.97 -37.55 -16.79
C ILE Z 122 -32.06 -37.79 -15.74
N GLU Z 123 -32.12 -36.86 -14.79
CA GLU Z 123 -33.15 -36.85 -13.74
C GLU Z 123 -34.55 -36.85 -14.34
N GLN Z 124 -34.83 -35.84 -15.16
CA GLN Z 124 -36.13 -35.73 -15.84
C GLN Z 124 -36.41 -36.90 -16.78
N ALA Z 125 -35.41 -37.35 -17.52
CA ALA Z 125 -35.59 -38.48 -18.42
C ALA Z 125 -35.94 -39.74 -17.63
N ILE Z 126 -35.18 -40.03 -16.58
CA ILE Z 126 -35.44 -41.21 -15.81
C ILE Z 126 -36.83 -41.14 -15.19
N GLU Z 127 -37.34 -39.93 -14.96
CA GLU Z 127 -38.73 -39.75 -14.49
C GLU Z 127 -39.74 -40.16 -15.55
N ARG Z 128 -39.45 -39.83 -16.78
CA ARG Z 128 -40.41 -39.99 -17.87
C ARG Z 128 -40.20 -41.30 -18.63
N ALA Z 129 -39.37 -42.18 -18.10
CA ALA Z 129 -39.11 -43.41 -18.78
C ALA Z 129 -39.18 -44.58 -17.82
N GLY Z 130 -40.29 -44.65 -17.08
CA GLY Z 130 -40.50 -45.78 -16.19
C GLY Z 130 -40.82 -45.49 -14.72
N THR Z 131 -40.23 -44.41 -14.19
CA THR Z 131 -40.43 -44.08 -12.80
C THR Z 131 -41.57 -43.09 -12.56
N LYS Z 132 -41.27 -42.09 -11.73
CA LYS Z 132 -42.27 -41.14 -11.23
C LYS Z 132 -43.38 -40.79 -12.21
N ALA Z 133 -43.04 -40.25 -13.37
CA ALA Z 133 -44.06 -39.82 -14.32
C ALA Z 133 -44.21 -40.73 -15.53
N GLY Z 134 -44.61 -41.97 -15.32
CA GLY Z 134 -44.89 -42.87 -16.42
C GLY Z 134 -43.70 -43.37 -17.24
N ASN Z 135 -44.00 -43.81 -18.45
CA ASN Z 135 -43.01 -44.47 -19.29
C ASN Z 135 -43.35 -44.17 -20.76
N LYS Z 136 -43.10 -42.93 -21.19
CA LYS Z 136 -43.57 -42.44 -22.49
C LYS Z 136 -43.54 -43.48 -23.58
N GLY Z 137 -42.54 -44.36 -23.52
CA GLY Z 137 -42.36 -45.40 -24.52
C GLY Z 137 -43.63 -46.22 -24.71
N ALA Z 138 -44.19 -46.66 -23.59
CA ALA Z 138 -45.42 -47.42 -23.58
C ALA Z 138 -46.55 -46.54 -24.11
N GLU Z 139 -46.69 -45.35 -23.51
CA GLU Z 139 -47.67 -44.39 -23.93
C GLU Z 139 -47.65 -44.23 -25.44
N ALA Z 140 -46.48 -43.92 -25.97
CA ALA Z 140 -46.31 -43.80 -27.41
C ALA Z 140 -46.96 -44.97 -28.17
N ALA Z 141 -46.81 -46.18 -27.65
CA ALA Z 141 -47.35 -47.36 -28.32
C ALA Z 141 -48.87 -47.38 -28.25
N LEU Z 142 -49.43 -47.07 -27.08
CA LEU Z 142 -50.88 -47.06 -26.95
C LEU Z 142 -51.47 -46.02 -27.87
N THR Z 143 -50.96 -44.79 -27.79
CA THR Z 143 -51.40 -43.75 -28.71
C THR Z 143 -51.19 -44.20 -30.16
N ALA Z 144 -50.11 -44.90 -30.41
CA ALA Z 144 -49.91 -45.51 -31.72
C ALA Z 144 -51.13 -46.35 -32.08
N LEU Z 145 -51.31 -47.42 -31.32
CA LEU Z 145 -52.46 -48.30 -31.50
C LEU Z 145 -53.74 -47.50 -31.68
N GLU Z 146 -54.18 -46.84 -30.62
CA GLU Z 146 -55.43 -46.09 -30.69
C GLU Z 146 -55.55 -45.41 -32.05
N MET Z 147 -54.53 -44.64 -32.44
CA MET Z 147 -54.58 -43.91 -33.69
C MET Z 147 -54.88 -44.82 -34.87
N ILE Z 148 -54.30 -46.02 -34.86
CA ILE Z 148 -54.57 -47.03 -35.90
C ILE Z 148 -56.07 -47.20 -36.07
N ASN Z 149 -56.76 -47.54 -34.99
CA ASN Z 149 -58.19 -47.77 -35.06
C ASN Z 149 -58.98 -46.48 -35.26
N VAL Z 150 -58.44 -45.35 -34.82
CA VAL Z 150 -59.12 -44.07 -35.03
C VAL Z 150 -59.19 -43.74 -36.53
N LEU Z 151 -58.02 -43.76 -37.16
CA LEU Z 151 -57.95 -43.52 -38.59
C LEU Z 151 -58.88 -44.50 -39.26
N LYS Z 152 -58.75 -45.78 -38.89
CA LYS Z 152 -59.61 -46.84 -39.42
C LYS Z 152 -61.10 -46.44 -39.35
N ALA Z 153 -61.45 -45.72 -38.29
CA ALA Z 153 -62.84 -45.38 -38.05
C ALA Z 153 -63.32 -44.28 -38.97
N ILE Z 154 -62.58 -44.02 -40.03
CA ILE Z 154 -62.98 -43.02 -41.02
C ILE Z 154 -62.65 -43.49 -42.43
N MET AA 1 -67.50 -0.13 -53.42
CA MET AA 1 -66.54 -1.03 -52.79
C MET AA 1 -67.24 -2.23 -52.12
N ASN AA 2 -66.95 -3.42 -52.63
CA ASN AA 2 -67.62 -4.63 -52.15
C ASN AA 2 -66.93 -5.31 -50.98
N ILE AA 3 -67.71 -5.56 -49.93
CA ILE AA 3 -67.19 -6.07 -48.67
C ILE AA 3 -67.79 -7.43 -48.37
N ILE AA 4 -67.00 -8.33 -47.81
CA ILE AA 4 -67.51 -9.62 -47.41
C ILE AA 4 -67.50 -9.82 -45.89
N LYS AA 5 -68.67 -9.68 -45.28
CA LYS AA 5 -68.85 -10.00 -43.87
C LYS AA 5 -69.81 -11.17 -43.76
N ALA AA 6 -69.42 -12.22 -43.06
CA ALA AA 6 -70.24 -13.42 -43.04
C ALA AA 6 -70.70 -13.77 -41.65
N ASN AA 7 -71.93 -14.24 -41.54
CA ASN AA 7 -72.50 -14.67 -40.26
C ASN AA 7 -72.07 -16.09 -39.77
N VAL AA 8 -72.48 -16.47 -38.56
CA VAL AA 8 -72.07 -17.73 -37.98
C VAL AA 8 -73.14 -18.81 -38.05
N ALA AA 9 -74.20 -18.56 -38.81
CA ALA AA 9 -75.21 -19.60 -39.00
C ALA AA 9 -74.97 -20.39 -40.28
N ALA AA 10 -75.23 -21.69 -40.24
CA ALA AA 10 -74.97 -22.55 -41.36
C ALA AA 10 -75.56 -23.92 -41.16
N PRO AA 11 -76.91 -23.99 -41.14
CA PRO AA 11 -77.71 -25.21 -41.14
C PRO AA 11 -77.11 -26.49 -41.75
N ASP AA 12 -76.73 -26.47 -43.02
CA ASP AA 12 -76.58 -27.74 -43.74
C ASP AA 12 -75.19 -28.34 -43.77
N ALA AA 13 -74.25 -27.60 -43.20
CA ALA AA 13 -72.86 -28.04 -43.15
C ALA AA 13 -72.65 -29.11 -42.10
N ARG AA 14 -71.80 -30.07 -42.42
CA ARG AA 14 -71.46 -31.11 -41.47
C ARG AA 14 -70.08 -30.82 -40.92
N VAL AA 15 -70.04 -30.51 -39.62
CA VAL AA 15 -68.78 -30.19 -38.95
C VAL AA 15 -68.18 -31.37 -38.17
N ALA AA 16 -66.86 -31.53 -38.27
CA ALA AA 16 -66.19 -32.59 -37.54
C ALA AA 16 -65.31 -32.00 -36.46
N ILE AA 17 -65.55 -32.44 -35.23
CA ILE AA 17 -64.79 -31.99 -34.07
C ILE AA 17 -63.83 -33.10 -33.67
N THR AA 18 -62.58 -32.73 -33.46
CA THR AA 18 -61.57 -33.65 -32.96
C THR AA 18 -61.11 -33.19 -31.57
N ILE AA 19 -60.72 -34.14 -30.74
CA ILE AA 19 -60.39 -33.84 -29.35
C ILE AA 19 -59.36 -34.78 -28.75
N ALA AA 20 -58.43 -34.20 -27.99
CA ALA AA 20 -57.46 -35.00 -27.20
C ALA AA 20 -57.99 -35.32 -25.81
N ARG AA 21 -57.91 -36.58 -25.40
CA ARG AA 21 -58.44 -36.96 -24.11
C ARG AA 21 -57.47 -36.59 -22.98
N PHE AA 22 -56.19 -36.49 -23.30
CA PHE AA 22 -55.22 -35.94 -22.35
C PHE AA 22 -55.66 -34.52 -21.99
N ASN AA 23 -55.65 -34.22 -20.71
CA ASN AA 23 -56.20 -32.96 -20.22
C ASN AA 23 -57.68 -32.94 -20.43
N GLN AA 24 -58.28 -34.11 -20.35
CA GLN AA 24 -59.73 -34.28 -20.44
C GLN AA 24 -60.41 -33.29 -19.52
N PHE AA 25 -60.01 -33.30 -18.27
CA PHE AA 25 -60.68 -32.46 -17.31
C PHE AA 25 -60.88 -31.03 -17.84
N ILE AA 26 -60.14 -30.67 -18.89
CA ILE AA 26 -60.21 -29.31 -19.41
C ILE AA 26 -60.75 -29.30 -20.82
N ASN AA 27 -60.28 -30.25 -21.61
CA ASN AA 27 -60.78 -30.37 -22.97
C ASN AA 27 -62.28 -30.67 -23.02
N ASP AA 28 -62.83 -31.20 -21.94
CA ASP AA 28 -64.22 -31.64 -21.97
C ASP AA 28 -65.17 -30.46 -22.07
N SER AA 29 -64.82 -29.37 -21.38
CA SER AA 29 -65.57 -28.14 -21.49
C SER AA 29 -65.41 -27.58 -22.90
N LEU AA 30 -64.18 -27.67 -23.42
CA LEU AA 30 -63.91 -27.22 -24.78
C LEU AA 30 -64.94 -27.81 -25.73
N LEU AA 31 -65.23 -29.09 -25.57
CA LEU AA 31 -66.21 -29.77 -26.42
C LEU AA 31 -67.58 -29.20 -26.17
N ASP AA 32 -67.95 -29.10 -24.89
CA ASP AA 32 -69.26 -28.54 -24.54
C ASP AA 32 -69.48 -27.19 -25.22
N GLY AA 33 -68.52 -26.29 -25.06
CA GLY AA 33 -68.57 -25.02 -25.72
C GLY AA 33 -68.78 -25.20 -27.21
N ALA AA 34 -67.83 -25.91 -27.84
CA ALA AA 34 -67.88 -26.14 -29.29
C ALA AA 34 -69.29 -26.56 -29.71
N VAL AA 35 -69.74 -27.71 -29.20
CA VAL AA 35 -71.01 -28.26 -29.63
C VAL AA 35 -72.14 -27.27 -29.42
N ASP AA 36 -72.27 -26.73 -28.21
CA ASP AA 36 -73.34 -25.76 -27.94
C ASP AA 36 -73.35 -24.70 -29.00
N ALA AA 37 -72.23 -23.99 -29.12
CA ALA AA 37 -72.08 -22.94 -30.12
C ALA AA 37 -72.41 -23.43 -31.53
N LEU AA 38 -72.07 -24.68 -31.80
CA LEU AA 38 -72.29 -25.26 -33.13
C LEU AA 38 -73.77 -25.35 -33.49
N THR AA 39 -74.50 -26.06 -32.65
CA THR AA 39 -75.94 -26.21 -32.82
C THR AA 39 -76.66 -24.89 -32.49
N ARG AA 40 -76.77 -24.59 -31.21
CA ARG AA 40 -77.46 -23.40 -30.73
C ARG AA 40 -77.30 -22.16 -31.62
N ILE AA 41 -76.06 -21.73 -31.82
CA ILE AA 41 -75.77 -20.52 -32.57
C ILE AA 41 -75.70 -20.73 -34.07
N GLY AA 42 -75.05 -21.81 -34.49
CA GLY AA 42 -74.80 -22.06 -35.90
C GLY AA 42 -75.91 -22.80 -36.63
N GLN AA 43 -76.96 -23.15 -35.90
CA GLN AA 43 -78.11 -23.84 -36.48
C GLN AA 43 -77.75 -25.22 -37.02
N VAL AA 44 -76.64 -25.81 -36.57
CA VAL AA 44 -76.19 -27.11 -37.07
C VAL AA 44 -76.93 -28.27 -36.40
N LYS AA 45 -77.48 -29.16 -37.22
CA LYS AA 45 -78.12 -30.37 -36.68
C LYS AA 45 -77.09 -31.31 -36.02
N ASP AA 46 -77.45 -31.85 -34.87
CA ASP AA 46 -76.48 -32.56 -34.06
C ASP AA 46 -76.07 -33.90 -34.65
N ASP AA 47 -76.58 -34.23 -35.83
CA ASP AA 47 -76.12 -35.46 -36.49
C ASP AA 47 -75.22 -35.13 -37.68
N ASN AA 48 -75.01 -33.84 -37.92
CA ASN AA 48 -74.00 -33.42 -38.88
C ASN AA 48 -72.73 -33.08 -38.13
N ILE AA 49 -72.76 -33.37 -36.83
CA ILE AA 49 -71.61 -33.20 -35.98
C ILE AA 49 -71.05 -34.58 -35.63
N THR AA 50 -69.84 -34.86 -36.08
CA THR AA 50 -69.16 -36.06 -35.62
C THR AA 50 -67.96 -35.67 -34.79
N VAL AA 51 -67.68 -36.46 -33.75
CA VAL AA 51 -66.63 -36.13 -32.80
C VAL AA 51 -65.57 -37.22 -32.72
N VAL AA 52 -64.38 -36.94 -33.24
CA VAL AA 52 -63.33 -37.92 -33.21
C VAL AA 52 -62.41 -37.65 -32.04
N TRP AA 53 -62.12 -38.69 -31.26
CA TRP AA 53 -61.29 -38.62 -30.06
C TRP AA 53 -59.92 -39.26 -30.26
N VAL AA 54 -58.88 -38.44 -30.43
CA VAL AA 54 -57.50 -38.94 -30.48
C VAL AA 54 -56.86 -38.83 -29.09
N PRO AA 55 -55.83 -39.64 -28.82
CA PRO AA 55 -55.16 -39.59 -27.52
C PRO AA 55 -54.69 -38.19 -27.15
N GLY AA 56 -53.56 -37.76 -27.73
CA GLY AA 56 -52.97 -36.47 -27.39
C GLY AA 56 -53.10 -35.37 -28.42
N ALA AA 57 -52.87 -34.14 -27.98
CA ALA AA 57 -52.95 -32.98 -28.86
C ALA AA 57 -51.98 -33.11 -30.02
N TYR AA 58 -50.98 -33.97 -29.87
CA TYR AA 58 -50.00 -34.15 -30.92
C TYR AA 58 -50.62 -34.87 -32.11
N GLU AA 59 -51.70 -35.59 -31.83
CA GLU AA 59 -52.33 -36.43 -32.83
C GLU AA 59 -53.44 -35.68 -33.56
N LEU AA 60 -53.85 -34.57 -32.99
CA LEU AA 60 -54.92 -33.76 -33.57
C LEU AA 60 -54.82 -33.60 -35.09
N PRO AA 61 -53.61 -33.31 -35.57
CA PRO AA 61 -53.46 -33.14 -37.02
C PRO AA 61 -53.96 -34.36 -37.83
N LEU AA 62 -53.25 -35.49 -37.75
CA LEU AA 62 -53.59 -36.65 -38.57
C LEU AA 62 -55.09 -36.91 -38.56
N ALA AA 63 -55.68 -36.89 -37.37
CA ALA AA 63 -57.12 -36.99 -37.25
C ALA AA 63 -57.82 -35.99 -38.14
N THR AA 64 -57.52 -34.70 -37.94
CA THR AA 64 -58.19 -33.64 -38.69
C THR AA 64 -57.81 -33.60 -40.19
N GLU AA 65 -56.85 -34.43 -40.58
CA GLU AA 65 -56.53 -34.55 -42.00
C GLU AA 65 -57.39 -35.64 -42.65
N ALA AA 66 -57.31 -36.85 -42.12
CA ALA AA 66 -58.21 -37.91 -42.55
C ALA AA 66 -59.67 -37.43 -42.60
N LEU AA 67 -60.05 -36.55 -41.66
CA LEU AA 67 -61.38 -35.98 -41.70
C LEU AA 67 -61.57 -35.06 -42.90
N ALA AA 68 -60.91 -33.91 -42.90
CA ALA AA 68 -61.07 -32.94 -43.98
C ALA AA 68 -60.86 -33.60 -45.33
N LYS AA 69 -59.79 -34.36 -45.46
CA LYS AA 69 -59.52 -35.09 -46.69
C LYS AA 69 -60.79 -35.82 -47.11
N SER AA 70 -61.27 -36.71 -46.24
CA SER AA 70 -62.51 -37.46 -46.49
C SER AA 70 -63.51 -36.70 -47.35
N GLY AA 71 -63.76 -35.45 -47.00
CA GLY AA 71 -64.59 -34.58 -47.81
C GLY AA 71 -65.95 -34.39 -47.19
N LYS AA 72 -66.43 -35.40 -46.48
CA LYS AA 72 -67.79 -35.34 -45.94
C LYS AA 72 -68.10 -34.07 -45.12
N TYR AA 73 -67.07 -33.49 -44.51
CA TYR AA 73 -67.26 -32.38 -43.57
C TYR AA 73 -66.89 -31.02 -44.17
N ASP AA 74 -67.56 -29.98 -43.70
CA ASP AA 74 -67.35 -28.64 -44.21
C ASP AA 74 -66.30 -27.89 -43.43
N ALA AA 75 -65.97 -28.38 -42.23
CA ALA AA 75 -64.95 -27.78 -41.37
C ALA AA 75 -64.63 -28.69 -40.19
N VAL AA 76 -63.41 -28.54 -39.67
CA VAL AA 76 -62.98 -29.34 -38.55
C VAL AA 76 -62.67 -28.42 -37.38
N VAL AA 77 -63.25 -28.70 -36.23
CA VAL AA 77 -62.88 -27.97 -35.02
C VAL AA 77 -61.90 -28.79 -34.21
N ALA AA 78 -60.65 -28.33 -34.12
CA ALA AA 78 -59.61 -29.03 -33.36
C ALA AA 78 -59.58 -28.57 -31.91
N LEU AA 79 -59.73 -29.51 -30.99
CA LEU AA 79 -59.81 -29.19 -29.57
C LEU AA 79 -58.80 -29.97 -28.75
N GLY AA 80 -57.88 -29.24 -28.12
CA GLY AA 80 -56.89 -29.82 -27.25
C GLY AA 80 -56.40 -28.83 -26.20
N THR AA 81 -55.59 -29.33 -25.26
CA THR AA 81 -55.01 -28.48 -24.24
C THR AA 81 -53.60 -28.94 -23.91
N VAL AA 82 -52.65 -28.00 -23.98
CA VAL AA 82 -51.25 -28.28 -23.67
C VAL AA 82 -50.75 -27.28 -22.64
N ILE AA 83 -50.40 -27.79 -21.46
CA ILE AA 83 -49.91 -26.92 -20.41
C ILE AA 83 -48.44 -27.25 -20.12
N ARG AA 84 -47.57 -26.26 -20.33
CA ARG AA 84 -46.14 -26.42 -20.11
C ARG AA 84 -45.78 -27.08 -18.78
N GLY AA 85 -44.58 -27.67 -18.73
CA GLY AA 85 -44.11 -28.34 -17.53
C GLY AA 85 -42.61 -28.29 -17.32
N GLY AA 86 -42.06 -29.34 -16.74
CA GLY AA 86 -40.63 -29.42 -16.44
C GLY AA 86 -39.70 -29.26 -17.63
N THR AA 87 -40.02 -29.91 -18.75
CA THR AA 87 -39.20 -29.79 -19.94
C THR AA 87 -39.90 -29.03 -21.06
N ALA AA 88 -39.17 -28.75 -22.12
CA ALA AA 88 -39.77 -28.26 -23.35
C ALA AA 88 -40.26 -29.45 -24.19
N HIS AA 89 -41.19 -30.21 -23.62
CA HIS AA 89 -42.00 -31.15 -24.38
C HIS AA 89 -43.13 -30.30 -24.95
N PHE AA 90 -43.77 -29.55 -24.07
CA PHE AA 90 -44.77 -28.57 -24.46
C PHE AA 90 -44.43 -27.92 -25.78
N GLU AA 91 -43.18 -27.48 -25.89
CA GLU AA 91 -42.71 -26.79 -27.08
C GLU AA 91 -43.11 -27.57 -28.32
N TYR AA 92 -42.60 -28.80 -28.38
CA TYR AA 92 -42.73 -29.63 -29.58
C TYR AA 92 -44.15 -30.12 -29.85
N VAL AA 93 -44.87 -30.43 -28.77
CA VAL AA 93 -46.26 -30.84 -28.90
C VAL AA 93 -47.08 -29.68 -29.44
N ALA AA 94 -47.25 -28.65 -28.61
CA ALA AA 94 -48.00 -27.47 -29.03
C ALA AA 94 -47.63 -27.04 -30.45
N GLY AA 95 -46.33 -26.96 -30.74
CA GLY AA 95 -45.88 -26.56 -32.05
C GLY AA 95 -46.27 -27.52 -33.18
N GLY AA 96 -45.82 -28.77 -33.08
CA GLY AA 96 -46.10 -29.75 -34.11
C GLY AA 96 -47.59 -29.98 -34.33
N ALA AA 97 -48.39 -29.42 -33.43
CA ALA AA 97 -49.83 -29.54 -33.53
C ALA AA 97 -50.47 -28.21 -33.88
N SER AA 98 -49.67 -27.15 -33.86
CA SER AA 98 -50.12 -25.87 -34.42
C SER AA 98 -49.78 -25.82 -35.90
N ASN AA 99 -48.49 -25.88 -36.21
CA ASN AA 99 -48.03 -26.02 -37.58
C ASN AA 99 -48.73 -27.17 -38.29
N GLY AA 100 -49.07 -28.20 -37.51
CA GLY AA 100 -49.78 -29.35 -38.04
C GLY AA 100 -51.15 -28.95 -38.56
N LEU AA 101 -52.04 -28.61 -37.63
CA LEU AA 101 -53.41 -28.25 -37.99
C LEU AA 101 -53.41 -27.14 -39.02
N ALA AA 102 -52.36 -26.32 -39.00
CA ALA AA 102 -52.22 -25.23 -39.96
C ALA AA 102 -52.03 -25.79 -41.37
N SER AA 103 -51.12 -26.74 -41.51
CA SER AA 103 -50.83 -27.36 -42.81
C SER AA 103 -52.06 -28.11 -43.35
N VAL AA 104 -52.77 -28.80 -42.46
CA VAL AA 104 -53.96 -29.53 -42.85
C VAL AA 104 -54.97 -28.59 -43.50
N ALA AA 105 -55.01 -27.35 -43.03
CA ALA AA 105 -55.89 -26.34 -43.60
C ALA AA 105 -55.51 -26.01 -45.04
N GLN AA 106 -54.28 -25.51 -45.22
CA GLN AA 106 -53.84 -25.00 -46.52
C GLN AA 106 -53.79 -26.08 -47.59
N ASP AA 107 -53.83 -27.34 -47.18
CA ASP AA 107 -53.77 -28.44 -48.13
C ASP AA 107 -55.13 -29.07 -48.45
N SER AA 108 -56.14 -28.75 -47.67
CA SER AA 108 -57.43 -29.38 -47.82
C SER AA 108 -58.45 -28.36 -48.25
N GLY AA 109 -58.15 -27.09 -47.97
CA GLY AA 109 -59.08 -26.01 -48.27
C GLY AA 109 -60.24 -25.98 -47.29
N VAL AA 110 -60.23 -26.94 -46.36
CA VAL AA 110 -61.24 -27.02 -45.33
C VAL AA 110 -60.79 -26.21 -44.13
N PRO AA 111 -61.62 -25.26 -43.70
CA PRO AA 111 -61.26 -24.44 -42.54
C PRO AA 111 -61.07 -25.35 -41.35
N VAL AA 112 -60.13 -24.98 -40.49
CA VAL AA 112 -59.89 -25.71 -39.25
C VAL AA 112 -59.66 -24.74 -38.08
N ALA AA 113 -60.44 -24.89 -37.02
CA ALA AA 113 -60.33 -24.01 -35.87
C ALA AA 113 -59.19 -24.47 -34.95
N PHE AA 114 -58.29 -23.55 -34.65
CA PHE AA 114 -57.21 -23.86 -33.74
C PHE AA 114 -57.66 -23.73 -32.30
N GLY AA 115 -58.51 -24.66 -31.85
CA GLY AA 115 -59.02 -24.63 -30.48
C GLY AA 115 -58.11 -25.37 -29.50
N VAL AA 116 -56.83 -25.05 -29.56
CA VAL AA 116 -55.86 -25.72 -28.72
C VAL AA 116 -55.27 -24.75 -27.71
N LEU AA 117 -55.58 -24.98 -26.46
CA LEU AA 117 -55.04 -24.15 -25.41
C LEU AA 117 -53.56 -24.44 -25.21
N THR AA 118 -52.74 -23.42 -25.41
CA THR AA 118 -51.30 -23.50 -25.15
C THR AA 118 -50.88 -22.57 -23.99
N THR AA 119 -50.85 -23.11 -22.79
CA THR AA 119 -50.76 -22.27 -21.61
C THR AA 119 -49.57 -22.60 -20.73
N GLU AA 120 -49.66 -22.20 -19.46
CA GLU AA 120 -48.59 -22.35 -18.47
C GLU AA 120 -49.10 -22.96 -17.16
N SER AA 121 -50.41 -22.92 -16.96
CA SER AA 121 -51.00 -23.41 -15.72
C SER AA 121 -52.40 -23.97 -15.93
N ILE AA 122 -52.83 -24.82 -15.01
CA ILE AA 122 -54.20 -25.29 -15.03
C ILE AA 122 -55.04 -24.04 -14.80
N GLU AA 123 -54.47 -23.08 -14.06
CA GLU AA 123 -55.11 -21.80 -13.75
C GLU AA 123 -55.53 -21.05 -15.00
N GLN AA 124 -54.55 -20.82 -15.87
CA GLN AA 124 -54.78 -20.17 -17.17
C GLN AA 124 -55.73 -20.96 -18.07
N ALA AA 125 -55.58 -22.29 -18.10
CA ALA AA 125 -56.45 -23.11 -18.92
C ALA AA 125 -57.89 -23.02 -18.47
N ILE AA 126 -58.13 -23.18 -17.17
CA ILE AA 126 -59.48 -23.06 -16.63
C ILE AA 126 -60.08 -21.68 -16.91
N GLU AA 127 -59.23 -20.67 -17.03
CA GLU AA 127 -59.67 -19.34 -17.42
C GLU AA 127 -60.19 -19.32 -18.85
N ARG AA 128 -59.49 -20.02 -19.72
CA ARG AA 128 -59.71 -19.97 -21.15
C ARG AA 128 -60.61 -21.10 -21.67
N ALA AA 129 -61.20 -21.85 -20.75
CA ALA AA 129 -62.12 -22.90 -21.12
C ALA AA 129 -63.43 -22.88 -20.32
N GLY AA 130 -64.07 -21.71 -20.27
CA GLY AA 130 -65.38 -21.59 -19.65
C GLY AA 130 -65.55 -20.46 -18.65
N THR AA 131 -64.50 -20.14 -17.91
CA THR AA 131 -64.60 -19.13 -16.88
C THR AA 131 -64.19 -17.74 -17.35
N LYS AA 132 -63.40 -17.08 -16.52
CA LYS AA 132 -63.01 -15.69 -16.70
C LYS AA 132 -62.90 -15.20 -18.15
N ALA AA 133 -62.04 -15.81 -18.93
CA ALA AA 133 -61.80 -15.33 -20.27
C ALA AA 133 -62.38 -16.25 -21.34
N GLY AA 134 -63.69 -16.45 -21.32
CA GLY AA 134 -64.34 -17.17 -22.39
C GLY AA 134 -64.14 -18.67 -22.41
N ASN AA 135 -64.41 -19.26 -23.57
CA ASN AA 135 -64.44 -20.69 -23.72
C ASN AA 135 -63.96 -21.05 -25.12
N LYS AA 136 -62.65 -20.92 -25.37
CA LYS AA 136 -62.10 -21.03 -26.72
C LYS AA 136 -62.75 -22.12 -27.56
N GLY AA 137 -63.14 -23.23 -26.93
CA GLY AA 137 -63.80 -24.30 -27.64
C GLY AA 137 -64.95 -23.79 -28.49
N ALA AA 138 -65.82 -23.00 -27.87
CA ALA AA 138 -66.98 -22.44 -28.55
C ALA AA 138 -66.49 -21.50 -29.63
N GLU AA 139 -65.64 -20.56 -29.23
CA GLU AA 139 -65.02 -19.64 -30.17
C GLU AA 139 -64.50 -20.37 -31.39
N ALA AA 140 -63.68 -21.38 -31.17
CA ALA AA 140 -63.18 -22.20 -32.27
C ALA AA 140 -64.30 -22.63 -33.24
N ALA AA 141 -65.44 -23.01 -32.69
CA ALA AA 141 -66.56 -23.45 -33.51
C ALA AA 141 -67.16 -22.29 -34.31
N LEU AA 142 -67.38 -21.16 -33.65
CA LEU AA 142 -67.91 -19.97 -34.35
C LEU AA 142 -66.99 -19.54 -35.50
N THR AA 143 -65.71 -19.37 -35.18
CA THR AA 143 -64.73 -19.04 -36.22
C THR AA 143 -64.74 -20.11 -37.28
N ALA AA 144 -64.92 -21.36 -36.87
CA ALA AA 144 -65.11 -22.44 -37.82
C ALA AA 144 -66.23 -22.12 -38.79
N LEU AA 145 -67.45 -22.07 -38.26
CA LEU AA 145 -68.62 -21.73 -39.05
C LEU AA 145 -68.33 -20.52 -39.93
N GLU AA 146 -68.17 -19.35 -39.31
CA GLU AA 146 -67.93 -18.13 -40.07
C GLU AA 146 -67.04 -18.43 -41.28
N MET AA 147 -65.88 -19.04 -41.05
CA MET AA 147 -64.95 -19.33 -42.15
C MET AA 147 -65.63 -20.13 -43.23
N ILE AA 148 -66.50 -21.04 -42.85
CA ILE AA 148 -67.25 -21.83 -43.83
C ILE AA 148 -67.92 -20.90 -44.85
N ASN AA 149 -68.74 -19.99 -44.32
CA ASN AA 149 -69.45 -19.03 -45.16
C ASN AA 149 -68.53 -18.00 -45.85
N VAL AA 150 -67.42 -17.69 -45.22
CA VAL AA 150 -66.47 -16.73 -45.78
C VAL AA 150 -65.89 -17.32 -47.05
N LEU AA 151 -65.29 -18.50 -46.93
CA LEU AA 151 -64.74 -19.18 -48.10
C LEU AA 151 -65.84 -19.32 -49.15
N LYS AA 152 -67.01 -19.78 -48.73
CA LYS AA 152 -68.16 -19.87 -49.62
C LYS AA 152 -68.37 -18.56 -50.40
N ALA AA 153 -68.12 -17.43 -49.74
CA ALA AA 153 -68.37 -16.13 -50.34
C ALA AA 153 -67.35 -15.76 -51.39
N ILE AA 154 -66.58 -16.74 -51.85
CA ILE AA 154 -65.63 -16.50 -52.93
C ILE AA 154 -65.64 -17.68 -53.90
N MET BA 1 -25.74 -1.65 -66.95
CA MET BA 1 -26.34 -2.39 -65.85
C MET BA 1 -27.81 -2.02 -65.65
N ASN BA 2 -28.70 -2.99 -65.87
CA ASN BA 2 -30.14 -2.74 -65.81
C ASN BA 2 -30.73 -2.93 -64.43
N ILE BA 3 -31.50 -1.92 -64.01
CA ILE BA 3 -32.03 -1.87 -62.66
C ILE BA 3 -33.53 -1.84 -62.68
N ILE BA 4 -34.17 -2.52 -61.74
CA ILE BA 4 -35.62 -2.50 -61.69
C ILE BA 4 -36.15 -1.77 -60.46
N LYS BA 5 -36.61 -0.53 -60.62
CA LYS BA 5 -37.25 0.20 -59.53
C LYS BA 5 -38.68 0.45 -59.91
N ALA BA 6 -39.65 0.08 -59.07
CA ALA BA 6 -41.05 0.19 -59.45
C ALA BA 6 -41.83 1.13 -58.55
N ASN BA 7 -42.74 1.88 -59.16
CA ASN BA 7 -43.59 2.84 -58.43
C ASN BA 7 -44.81 2.17 -57.79
N VAL BA 8 -45.56 2.94 -57.02
CA VAL BA 8 -46.69 2.41 -56.27
C VAL BA 8 -48.04 2.69 -56.88
N ALA BA 9 -48.05 3.17 -58.11
CA ALA BA 9 -49.31 3.43 -58.78
C ALA BA 9 -49.67 2.22 -59.62
N ALA BA 10 -50.96 1.91 -59.73
CA ALA BA 10 -51.39 0.75 -60.49
C ALA BA 10 -52.88 0.73 -60.60
N PRO BA 11 -53.44 1.72 -61.30
CA PRO BA 11 -54.88 2.03 -61.34
C PRO BA 11 -55.74 0.90 -61.87
N ASP BA 12 -55.15 -0.10 -62.53
CA ASP BA 12 -55.89 -1.26 -63.00
C ASP BA 12 -56.10 -2.24 -61.88
N ALA BA 13 -55.01 -2.90 -61.52
CA ALA BA 13 -55.07 -4.14 -60.77
C ALA BA 13 -56.06 -4.17 -59.60
N ARG BA 14 -56.79 -5.28 -59.48
CA ARG BA 14 -57.78 -5.50 -58.44
C ARG BA 14 -57.16 -6.12 -57.18
N VAL BA 15 -57.15 -5.36 -56.09
CA VAL BA 15 -56.55 -5.79 -54.84
C VAL BA 15 -57.58 -6.33 -53.85
N ALA BA 16 -57.25 -7.43 -53.16
CA ALA BA 16 -58.11 -7.98 -52.12
C ALA BA 16 -57.48 -7.83 -50.75
N ILE BA 17 -58.23 -7.19 -49.86
CA ILE BA 17 -57.81 -6.96 -48.49
C ILE BA 17 -58.55 -7.91 -47.57
N THR BA 18 -57.80 -8.59 -46.71
CA THR BA 18 -58.37 -9.49 -45.71
C THR BA 18 -58.10 -8.94 -44.31
N ILE BA 19 -59.03 -9.17 -43.39
CA ILE BA 19 -58.96 -8.54 -42.08
C ILE BA 19 -59.55 -9.39 -40.95
N ALA BA 20 -58.83 -9.45 -39.83
CA ALA BA 20 -59.34 -10.09 -38.61
C ALA BA 20 -60.16 -9.10 -37.77
N ARG BA 21 -61.35 -9.48 -37.35
CA ARG BA 21 -62.18 -8.58 -36.56
C ARG BA 21 -61.74 -8.53 -35.08
N PHE BA 22 -61.13 -9.61 -34.61
CA PHE BA 22 -60.48 -9.61 -33.30
C PHE BA 22 -59.42 -8.53 -33.26
N ASN BA 23 -59.46 -7.71 -32.23
CA ASN BA 23 -58.60 -6.54 -32.21
C ASN BA 23 -59.10 -5.53 -33.24
N GLN BA 24 -60.41 -5.53 -33.44
CA GLN BA 24 -61.03 -4.60 -34.35
C GLN BA 24 -60.57 -3.18 -34.03
N PHE BA 25 -60.66 -2.80 -32.77
CA PHE BA 25 -60.39 -1.42 -32.37
C PHE BA 25 -59.04 -0.96 -32.89
N ILE BA 26 -58.20 -1.89 -33.31
CA ILE BA 26 -56.89 -1.57 -33.86
C ILE BA 26 -56.79 -1.89 -35.35
N ASN BA 27 -57.28 -3.06 -35.73
CA ASN BA 27 -57.31 -3.46 -37.12
C ASN BA 27 -58.13 -2.50 -38.00
N ASP BA 28 -59.02 -1.74 -37.40
CA ASP BA 28 -59.90 -0.90 -38.19
C ASP BA 28 -59.14 0.23 -38.83
N SER BA 29 -58.16 0.77 -38.12
CA SER BA 29 -57.32 1.81 -38.69
C SER BA 29 -56.44 1.20 -39.76
N LEU BA 30 -55.97 -0.01 -39.50
CA LEU BA 30 -55.19 -0.76 -40.50
C LEU BA 30 -55.91 -0.75 -41.85
N LEU BA 31 -57.21 -1.03 -41.83
CA LEU BA 31 -57.99 -0.98 -43.04
C LEU BA 31 -58.03 0.44 -43.62
N ASP BA 32 -58.37 1.42 -42.79
CA ASP BA 32 -58.39 2.80 -43.28
C ASP BA 32 -57.09 3.16 -43.97
N GLY BA 33 -55.98 2.86 -43.34
CA GLY BA 33 -54.69 3.13 -43.94
C GLY BA 33 -54.65 2.44 -45.28
N ALA BA 34 -54.79 1.11 -45.24
CA ALA BA 34 -54.71 0.28 -46.44
C ALA BA 34 -55.48 0.91 -47.59
N VAL BA 35 -56.79 1.06 -47.40
CA VAL BA 35 -57.67 1.56 -48.46
C VAL BA 35 -57.25 2.93 -48.98
N ASP BA 36 -57.09 3.90 -48.08
CA ASP BA 36 -56.62 5.22 -48.48
C ASP BA 36 -55.42 5.09 -49.41
N ALA BA 37 -54.33 4.56 -48.87
CA ALA BA 37 -53.12 4.36 -49.65
C ALA BA 37 -53.39 3.66 -50.99
N LEU BA 38 -54.32 2.72 -50.99
CA LEU BA 38 -54.63 1.94 -52.18
C LEU BA 38 -55.19 2.83 -53.27
N THR BA 39 -56.26 3.51 -52.95
CA THR BA 39 -56.88 4.40 -53.92
C THR BA 39 -56.00 5.62 -54.11
N ARG BA 40 -56.08 6.55 -53.17
CA ARG BA 40 -55.34 7.82 -53.19
C ARG BA 40 -53.97 7.71 -53.84
N ILE BA 41 -53.13 6.84 -53.31
CA ILE BA 41 -51.75 6.76 -53.78
C ILE BA 41 -51.64 5.84 -54.98
N GLY BA 42 -52.28 4.67 -54.89
CA GLY BA 42 -52.12 3.64 -55.88
C GLY BA 42 -53.04 3.78 -57.07
N GLN BA 43 -53.90 4.81 -57.05
CA GLN BA 43 -54.78 5.09 -58.18
C GLN BA 43 -55.77 3.96 -58.40
N VAL BA 44 -56.01 3.15 -57.38
CA VAL BA 44 -56.90 2.01 -57.53
C VAL BA 44 -58.37 2.41 -57.39
N LYS BA 45 -59.21 1.98 -58.33
CA LYS BA 45 -60.63 2.27 -58.24
C LYS BA 45 -61.26 1.44 -57.13
N ASP BA 46 -62.15 2.08 -56.36
CA ASP BA 46 -62.61 1.48 -55.11
C ASP BA 46 -63.53 0.29 -55.31
N ASP BA 47 -63.78 -0.08 -56.57
CA ASP BA 47 -64.56 -1.27 -56.80
C ASP BA 47 -63.68 -2.41 -57.26
N ASN BA 48 -62.39 -2.14 -57.37
CA ASN BA 48 -61.43 -3.20 -57.63
C ASN BA 48 -60.83 -3.63 -56.30
N ILE BA 49 -61.40 -3.08 -55.24
CA ILE BA 49 -61.00 -3.43 -53.88
C ILE BA 49 -62.13 -4.21 -53.25
N THR BA 50 -61.87 -5.48 -52.96
CA THR BA 50 -62.81 -6.25 -52.15
C THR BA 50 -62.18 -6.54 -50.81
N VAL BA 51 -63.00 -6.56 -49.76
CA VAL BA 51 -62.50 -6.69 -48.39
C VAL BA 51 -63.14 -7.88 -47.69
N VAL BA 52 -62.33 -8.89 -47.41
CA VAL BA 52 -62.85 -10.09 -46.79
C VAL BA 52 -62.56 -10.05 -45.29
N TRP BA 53 -63.58 -10.34 -44.48
CA TRP BA 53 -63.45 -10.28 -43.03
C TRP BA 53 -63.46 -11.67 -42.42
N VAL BA 54 -62.30 -12.17 -42.00
CA VAL BA 54 -62.24 -13.42 -41.22
C VAL BA 54 -62.19 -13.13 -39.74
N PRO BA 55 -62.61 -14.10 -38.92
CA PRO BA 55 -62.61 -13.87 -37.49
C PRO BA 55 -61.25 -13.45 -36.97
N GLY BA 56 -60.34 -14.41 -36.81
CA GLY BA 56 -59.04 -14.14 -36.22
C GLY BA 56 -57.86 -14.13 -37.16
N ALA BA 57 -56.77 -13.54 -36.71
CA ALA BA 57 -55.55 -13.45 -37.52
C ALA BA 57 -55.06 -14.81 -37.92
N TYR BA 58 -55.51 -15.84 -37.21
CA TYR BA 58 -55.10 -17.21 -37.51
C TYR BA 58 -55.73 -17.66 -38.82
N GLU BA 59 -56.84 -17.01 -39.18
CA GLU BA 59 -57.61 -17.43 -40.34
C GLU BA 59 -57.17 -16.68 -41.57
N LEU BA 60 -56.43 -15.59 -41.37
CA LEU BA 60 -55.96 -14.76 -42.49
C LEU BA 60 -55.46 -15.56 -43.68
N PRO BA 61 -54.64 -16.60 -43.43
CA PRO BA 61 -54.11 -17.39 -44.54
C PRO BA 61 -55.22 -17.95 -45.44
N LEU BA 62 -56.00 -18.92 -44.96
CA LEU BA 62 -57.00 -19.59 -45.79
C LEU BA 62 -57.78 -18.57 -46.60
N ALA BA 63 -58.23 -17.51 -45.93
CA ALA BA 63 -58.86 -16.42 -46.64
C ALA BA 63 -57.99 -15.97 -47.81
N THR BA 64 -56.78 -15.52 -47.53
CA THR BA 64 -55.91 -14.96 -48.57
C THR BA 64 -55.42 -16.01 -49.59
N GLU BA 65 -55.74 -17.27 -49.36
CA GLU BA 65 -55.41 -18.29 -50.35
C GLU BA 65 -56.57 -18.44 -51.32
N ALA BA 66 -57.76 -18.66 -50.78
CA ALA BA 66 -58.95 -18.73 -51.61
C ALA BA 66 -59.03 -17.49 -52.50
N LEU BA 67 -58.55 -16.37 -51.99
CA LEU BA 67 -58.53 -15.14 -52.79
C LEU BA 67 -57.50 -15.23 -53.92
N ALA BA 68 -56.22 -15.20 -53.55
CA ALA BA 68 -55.17 -15.26 -54.56
C ALA BA 68 -55.44 -16.40 -55.55
N LYS BA 69 -55.66 -17.61 -55.02
CA LYS BA 69 -56.00 -18.76 -55.86
C LYS BA 69 -57.03 -18.33 -56.90
N SER BA 70 -58.20 -17.90 -56.43
CA SER BA 70 -59.27 -17.45 -57.29
C SER BA 70 -58.77 -16.86 -58.59
N GLY BA 71 -57.78 -15.97 -58.49
CA GLY BA 71 -57.14 -15.39 -59.66
C GLY BA 71 -57.57 -13.96 -59.93
N LYS BA 72 -58.81 -13.64 -59.57
CA LYS BA 72 -59.39 -12.33 -59.87
C LYS BA 72 -58.53 -11.15 -59.41
N TYR BA 73 -57.77 -11.37 -58.33
CA TYR BA 73 -57.01 -10.29 -57.70
C TYR BA 73 -55.51 -10.29 -58.03
N ASP BA 74 -54.92 -9.11 -58.04
CA ASP BA 74 -53.52 -8.95 -58.40
C ASP BA 74 -52.62 -8.96 -57.18
N ALA BA 75 -53.19 -8.77 -56.00
CA ALA BA 75 -52.44 -8.86 -54.76
C ALA BA 75 -53.39 -8.87 -53.58
N VAL BA 76 -52.97 -9.46 -52.47
CA VAL BA 76 -53.79 -9.50 -51.27
C VAL BA 76 -53.11 -8.73 -50.17
N VAL BA 77 -53.83 -7.82 -49.54
CA VAL BA 77 -53.29 -7.17 -48.35
C VAL BA 77 -53.86 -7.83 -47.08
N ALA BA 78 -53.01 -8.51 -46.33
CA ALA BA 78 -53.41 -9.17 -45.09
C ALA BA 78 -53.27 -8.24 -43.89
N LEU BA 79 -54.38 -8.03 -43.19
CA LEU BA 79 -54.45 -7.10 -42.07
C LEU BA 79 -54.97 -7.73 -40.78
N GLY BA 80 -54.10 -7.80 -39.77
CA GLY BA 80 -54.46 -8.35 -38.48
C GLY BA 80 -53.61 -7.78 -37.36
N THR BA 81 -54.00 -8.05 -36.13
CA THR BA 81 -53.26 -7.59 -34.97
C THR BA 81 -53.22 -8.71 -33.91
N VAL BA 82 -52.01 -9.02 -33.45
CA VAL BA 82 -51.80 -10.02 -32.39
C VAL BA 82 -50.94 -9.41 -31.31
N ILE BA 83 -51.52 -9.28 -30.12
CA ILE BA 83 -50.81 -8.73 -28.98
C ILE BA 83 -50.61 -9.79 -27.91
N ARG BA 84 -49.36 -10.11 -27.62
CA ARG BA 84 -49.03 -11.13 -26.63
C ARG BA 84 -49.80 -11.00 -25.30
N GLY BA 85 -49.89 -12.10 -24.57
CA GLY BA 85 -50.57 -12.12 -23.29
C GLY BA 85 -50.04 -13.14 -22.30
N GLY BA 86 -50.93 -13.66 -21.45
CA GLY BA 86 -50.56 -14.61 -20.43
C GLY BA 86 -49.78 -15.83 -20.89
N THR BA 87 -50.24 -16.44 -21.97
CA THR BA 87 -49.59 -17.65 -22.49
C THR BA 87 -48.97 -17.40 -23.85
N ALA BA 88 -48.19 -18.37 -24.32
CA ALA BA 88 -47.70 -18.32 -25.69
C ALA BA 88 -48.75 -18.90 -26.61
N HIS BA 89 -49.91 -18.26 -26.63
CA HIS BA 89 -50.88 -18.46 -27.70
C HIS BA 89 -50.45 -17.54 -28.84
N PHE BA 90 -50.24 -16.27 -28.53
CA PHE BA 90 -49.57 -15.33 -29.42
C PHE BA 90 -48.55 -16.00 -30.30
N GLU BA 91 -47.64 -16.77 -29.70
CA GLU BA 91 -46.62 -17.48 -30.44
C GLU BA 91 -47.21 -18.18 -31.65
N TYR BA 92 -48.13 -19.10 -31.40
CA TYR BA 92 -48.66 -19.98 -32.44
C TYR BA 92 -49.56 -19.27 -33.43
N VAL BA 93 -50.33 -18.31 -32.96
CA VAL BA 93 -51.18 -17.56 -33.84
C VAL BA 93 -50.30 -16.75 -34.76
N ALA BA 94 -49.57 -15.77 -34.21
CA ALA BA 94 -48.72 -14.90 -35.00
C ALA BA 94 -47.91 -15.71 -36.00
N GLY BA 95 -47.30 -16.79 -35.50
CA GLY BA 95 -46.48 -17.65 -36.33
C GLY BA 95 -47.24 -18.36 -37.44
N GLY BA 96 -48.21 -19.19 -37.06
CA GLY BA 96 -49.02 -19.90 -38.03
C GLY BA 96 -49.70 -18.99 -39.05
N ALA BA 97 -49.68 -17.69 -38.79
CA ALA BA 97 -50.29 -16.73 -39.71
C ALA BA 97 -49.24 -15.88 -40.40
N SER BA 98 -47.99 -16.01 -39.95
CA SER BA 98 -46.88 -15.43 -40.68
C SER BA 98 -46.44 -16.43 -41.71
N ASN BA 99 -45.96 -17.59 -41.24
CA ASN BA 99 -45.60 -18.71 -42.10
C ASN BA 99 -46.74 -19.06 -43.04
N GLY BA 100 -47.97 -18.84 -42.56
CA GLY BA 100 -49.14 -19.08 -43.37
C GLY BA 100 -49.16 -18.16 -44.58
N LEU BA 101 -49.38 -16.87 -44.34
CA LEU BA 101 -49.48 -15.90 -45.41
C LEU BA 101 -48.25 -15.96 -46.32
N ALA BA 102 -47.12 -16.36 -45.75
CA ALA BA 102 -45.87 -16.51 -46.50
C ALA BA 102 -45.98 -17.62 -47.55
N SER BA 103 -46.46 -18.78 -47.11
CA SER BA 103 -46.63 -19.91 -48.02
C SER BA 103 -47.67 -19.62 -49.12
N VAL BA 104 -48.75 -18.93 -48.76
CA VAL BA 104 -49.77 -18.56 -49.75
C VAL BA 104 -49.12 -17.75 -50.86
N ALA BA 105 -48.13 -16.95 -50.51
CA ALA BA 105 -47.41 -16.17 -51.49
C ALA BA 105 -46.67 -17.08 -52.47
N GLN BA 106 -45.71 -17.83 -51.94
CA GLN BA 106 -44.81 -18.62 -52.78
C GLN BA 106 -45.55 -19.68 -53.61
N ASP BA 107 -46.79 -19.99 -53.25
CA ASP BA 107 -47.56 -20.99 -53.98
C ASP BA 107 -48.58 -20.41 -54.97
N SER BA 108 -48.82 -19.11 -54.89
CA SER BA 108 -49.81 -18.48 -55.74
C SER BA 108 -49.16 -17.52 -56.71
N GLY BA 109 -47.96 -17.05 -56.36
CA GLY BA 109 -47.25 -16.08 -57.16
C GLY BA 109 -47.86 -14.72 -56.99
N VAL BA 110 -48.92 -14.65 -56.19
CA VAL BA 110 -49.60 -13.39 -55.90
C VAL BA 110 -48.95 -12.74 -54.70
N PRO BA 111 -48.47 -11.50 -54.86
CA PRO BA 111 -47.84 -10.83 -53.74
C PRO BA 111 -48.83 -10.71 -52.60
N VAL BA 112 -48.35 -10.83 -51.36
CA VAL BA 112 -49.19 -10.66 -50.18
C VAL BA 112 -48.48 -9.82 -49.13
N ALA BA 113 -49.15 -8.79 -48.65
CA ALA BA 113 -48.56 -7.88 -47.68
C ALA BA 113 -48.77 -8.41 -46.29
N PHE BA 114 -47.68 -8.54 -45.56
CA PHE BA 114 -47.78 -8.99 -44.19
C PHE BA 114 -48.14 -7.83 -43.27
N GLY BA 115 -49.38 -7.36 -43.38
CA GLY BA 115 -49.85 -6.27 -42.53
C GLY BA 115 -50.37 -6.72 -41.17
N VAL BA 116 -49.63 -7.62 -40.52
CA VAL BA 116 -50.07 -8.18 -39.24
C VAL BA 116 -49.18 -7.69 -38.11
N LEU BA 117 -49.78 -6.89 -37.23
CA LEU BA 117 -49.06 -6.37 -36.07
C LEU BA 117 -48.84 -7.48 -35.06
N THR BA 118 -47.56 -7.78 -34.79
CA THR BA 118 -47.20 -8.75 -33.77
C THR BA 118 -46.44 -8.04 -32.66
N THR BA 119 -47.18 -7.64 -31.62
CA THR BA 119 -46.63 -6.76 -30.59
C THR BA 119 -46.66 -7.33 -29.15
N GLU BA 120 -46.59 -6.42 -28.18
CA GLU BA 120 -46.58 -6.77 -26.77
C GLU BA 120 -47.61 -5.96 -25.98
N SER BA 121 -48.09 -4.87 -26.57
CA SER BA 121 -49.02 -3.99 -25.88
C SER BA 121 -49.98 -3.30 -26.83
N ILE BA 122 -51.12 -2.86 -26.31
CA ILE BA 122 -52.03 -2.02 -27.06
C ILE BA 122 -51.28 -0.73 -27.35
N GLU BA 123 -50.39 -0.37 -26.43
CA GLU BA 123 -49.55 0.81 -26.58
C GLU BA 123 -48.74 0.74 -27.88
N GLN BA 124 -47.97 -0.33 -28.04
CA GLN BA 124 -47.17 -0.57 -29.25
C GLN BA 124 -48.04 -0.65 -30.50
N ALA BA 125 -49.17 -1.35 -30.41
CA ALA BA 125 -50.03 -1.50 -31.57
C ALA BA 125 -50.57 -0.14 -31.99
N ILE BA 126 -51.07 0.64 -31.04
CA ILE BA 126 -51.58 1.96 -31.38
C ILE BA 126 -50.50 2.84 -31.98
N GLU BA 127 -49.25 2.60 -31.60
CA GLU BA 127 -48.13 3.29 -32.24
C GLU BA 127 -47.97 2.92 -33.73
N ARG BA 128 -48.15 1.64 -34.01
CA ARG BA 128 -47.86 1.11 -35.33
C ARG BA 128 -49.09 1.05 -36.24
N ALA BA 129 -50.18 1.67 -35.81
CA ALA BA 129 -51.38 1.64 -36.60
C ALA BA 129 -52.01 3.02 -36.69
N GLY BA 130 -51.19 4.02 -37.04
CA GLY BA 130 -51.69 5.37 -37.27
C GLY BA 130 -50.96 6.51 -36.57
N THR BA 131 -50.45 6.23 -35.38
CA THR BA 131 -49.81 7.27 -34.59
C THR BA 131 -48.32 7.32 -34.79
N LYS BA 132 -47.60 7.39 -33.66
CA LYS BA 132 -46.18 7.66 -33.63
C LYS BA 132 -45.37 7.03 -34.77
N ALA BA 133 -45.45 5.71 -34.91
CA ALA BA 133 -44.65 5.04 -35.91
C ALA BA 133 -45.49 4.54 -37.08
N GLY BA 134 -46.10 5.46 -37.82
CA GLY BA 134 -46.79 5.12 -39.06
C GLY BA 134 -48.07 4.34 -38.94
N ASN BA 135 -48.41 3.64 -40.02
CA ASN BA 135 -49.70 2.96 -40.11
C ASN BA 135 -49.56 1.72 -40.99
N LYS BA 136 -48.92 0.68 -40.45
CA LYS BA 136 -48.53 -0.50 -41.23
C LYS BA 136 -49.54 -0.93 -42.27
N GLY BA 137 -50.83 -0.76 -41.95
CA GLY BA 137 -51.88 -1.11 -42.88
C GLY BA 137 -51.67 -0.47 -44.24
N ALA BA 138 -51.44 0.85 -44.24
CA ALA BA 138 -51.17 1.59 -45.46
C ALA BA 138 -49.91 1.05 -46.09
N GLU BA 139 -48.83 1.03 -45.32
CA GLU BA 139 -47.56 0.49 -45.77
C GLU BA 139 -47.78 -0.83 -46.49
N ALA BA 140 -48.51 -1.72 -45.84
CA ALA BA 140 -48.76 -3.04 -46.40
C ALA BA 140 -49.34 -2.93 -47.80
N ALA BA 141 -50.27 -1.98 -47.99
CA ALA BA 141 -50.86 -1.73 -49.31
C ALA BA 141 -49.85 -1.22 -50.35
N LEU BA 142 -49.10 -0.18 -50.01
CA LEU BA 142 -48.05 0.30 -50.90
C LEU BA 142 -47.07 -0.83 -51.31
N THR BA 143 -46.50 -1.53 -50.33
CA THR BA 143 -45.60 -2.65 -50.64
C THR BA 143 -46.34 -3.67 -51.49
N ALA BA 144 -47.63 -3.87 -51.21
CA ALA BA 144 -48.49 -4.69 -52.06
C ALA BA 144 -48.40 -4.22 -53.51
N LEU BA 145 -48.96 -3.04 -53.78
CA LEU BA 145 -48.84 -2.40 -55.09
C LEU BA 145 -47.43 -2.55 -55.67
N GLU BA 146 -46.44 -1.85 -55.11
CA GLU BA 146 -45.09 -1.92 -55.65
C GLU BA 146 -44.78 -3.33 -56.11
N MET BA 147 -44.99 -4.32 -55.25
CA MET BA 147 -44.69 -5.69 -55.61
C MET BA 147 -45.39 -6.14 -56.88
N ILE BA 148 -46.64 -5.72 -57.04
CA ILE BA 148 -47.41 -5.99 -58.27
C ILE BA 148 -46.57 -5.62 -59.49
N ASN BA 149 -46.17 -4.35 -59.56
CA ASN BA 149 -45.39 -3.84 -60.68
C ASN BA 149 -43.97 -4.44 -60.73
N VAL BA 150 -43.41 -4.77 -59.57
CA VAL BA 150 -42.09 -5.38 -59.54
C VAL BA 150 -42.11 -6.75 -60.22
N LEU BA 151 -42.99 -7.63 -59.76
CA LEU BA 151 -43.16 -8.92 -60.40
C LEU BA 151 -43.41 -8.71 -61.89
N LYS BA 152 -44.34 -7.81 -62.19
CA LYS BA 152 -44.67 -7.48 -63.57
C LYS BA 152 -43.42 -7.17 -64.37
N ALA BA 153 -42.45 -6.54 -63.72
CA ALA BA 153 -41.23 -6.10 -64.39
C ALA BA 153 -40.29 -7.26 -64.68
N ILE BA 154 -40.81 -8.48 -64.61
CA ILE BA 154 -40.04 -9.65 -64.99
C ILE BA 154 -40.87 -10.68 -65.77
N MET CA 1 -8.58 -39.88 -54.21
CA MET CA 1 -9.73 -39.20 -53.61
C MET CA 1 -10.00 -37.86 -54.29
N ASN CA 2 -11.15 -37.75 -54.96
CA ASN CA 2 -11.44 -36.56 -55.74
C ASN CA 2 -12.13 -35.47 -54.93
N ILE CA 3 -11.59 -34.25 -55.04
CA ILE CA 3 -12.04 -33.14 -54.23
C ILE CA 3 -12.55 -32.01 -55.10
N ILE CA 4 -13.62 -31.34 -54.66
CA ILE CA 4 -14.13 -30.23 -55.44
C ILE CA 4 -13.97 -28.92 -54.72
N LYS CA 5 -12.97 -28.14 -55.14
CA LYS CA 5 -12.79 -26.78 -54.64
C LYS CA 5 -12.99 -25.80 -55.79
N ALA CA 6 -13.89 -24.84 -55.65
CA ALA CA 6 -14.20 -23.93 -56.76
C ALA CA 6 -13.84 -22.48 -56.50
N ASN CA 7 -13.30 -21.82 -57.53
CA ASN CA 7 -12.96 -20.40 -57.41
C ASN CA 7 -14.14 -19.45 -57.59
N VAL CA 8 -13.90 -18.15 -57.38
CA VAL CA 8 -14.96 -17.16 -57.36
C VAL CA 8 -15.04 -16.35 -58.64
N ALA CA 9 -14.31 -16.78 -59.67
CA ALA CA 9 -14.42 -16.07 -60.94
C ALA CA 9 -15.43 -16.80 -61.81
N ALA CA 10 -16.16 -16.05 -62.62
CA ALA CA 10 -17.18 -16.62 -63.49
C ALA CA 10 -17.71 -15.55 -64.43
N PRO CA 11 -16.82 -15.01 -65.27
CA PRO CA 11 -17.08 -13.84 -66.10
C PRO CA 11 -18.23 -13.92 -67.13
N ASP CA 12 -19.06 -14.96 -67.07
CA ASP CA 12 -20.04 -15.22 -68.14
C ASP CA 12 -21.51 -15.36 -67.67
N ALA CA 13 -21.64 -15.78 -66.42
CA ALA CA 13 -22.93 -16.04 -65.82
C ALA CA 13 -23.58 -14.75 -65.34
N ARG CA 14 -24.90 -14.65 -65.56
CA ARG CA 14 -25.66 -13.45 -65.27
C ARG CA 14 -26.26 -13.53 -63.87
N VAL CA 15 -25.86 -12.62 -63.00
CA VAL CA 15 -26.30 -12.62 -61.62
C VAL CA 15 -27.40 -11.59 -61.39
N ALA CA 16 -28.41 -11.97 -60.63
CA ALA CA 16 -29.45 -11.03 -60.22
C ALA CA 16 -29.36 -10.70 -58.72
N ILE CA 17 -29.30 -9.40 -58.44
CA ILE CA 17 -29.24 -8.89 -57.06
C ILE CA 17 -30.57 -8.26 -56.70
N THR CA 18 -31.13 -8.67 -55.56
CA THR CA 18 -32.38 -8.10 -55.04
C THR CA 18 -32.11 -7.36 -53.75
N ILE CA 19 -32.86 -6.30 -53.51
CA ILE CA 19 -32.58 -5.42 -52.39
C ILE CA 19 -33.83 -4.76 -51.77
N ALA CA 20 -33.88 -4.71 -50.45
CA ALA CA 20 -34.92 -3.97 -49.76
C ALA CA 20 -34.49 -2.54 -49.54
N ARG CA 21 -35.38 -1.60 -49.83
CA ARG CA 21 -35.04 -0.19 -49.67
C ARG CA 21 -35.17 0.26 -48.21
N PHE CA 22 -36.01 -0.44 -47.45
CA PHE CA 22 -36.07 -0.23 -46.00
C PHE CA 22 -34.70 -0.51 -45.38
N ASN CA 23 -34.21 0.39 -44.54
CA ASN CA 23 -32.86 0.30 -44.05
C ASN CA 23 -31.89 0.54 -45.20
N GLN CA 24 -32.32 1.39 -46.14
CA GLN CA 24 -31.48 1.81 -47.26
C GLN CA 24 -30.11 2.24 -46.77
N PHE CA 25 -30.08 3.16 -45.81
CA PHE CA 25 -28.83 3.74 -45.33
C PHE CA 25 -27.81 2.66 -45.01
N ILE CA 26 -28.27 1.43 -44.89
CA ILE CA 26 -27.37 0.33 -44.61
C ILE CA 26 -27.32 -0.66 -45.77
N ASN CA 27 -28.47 -0.97 -46.35
CA ASN CA 27 -28.51 -1.88 -47.47
C ASN CA 27 -27.75 -1.34 -48.67
N ASP CA 28 -27.57 -0.02 -48.74
CA ASP CA 28 -26.91 0.59 -49.89
C ASP CA 28 -25.44 0.16 -50.01
N SER CA 29 -24.77 0.04 -48.87
CA SER CA 29 -23.39 -0.44 -48.86
C SER CA 29 -23.40 -1.92 -49.24
N LEU CA 30 -24.40 -2.63 -48.76
CA LEU CA 30 -24.54 -4.04 -49.11
C LEU CA 30 -24.47 -4.19 -50.61
N LEU CA 31 -25.18 -3.34 -51.32
CA LEU CA 31 -25.16 -3.39 -52.78
C LEU CA 31 -23.77 -3.08 -53.30
N ASP CA 32 -23.17 -2.00 -52.79
CA ASP CA 32 -21.85 -1.58 -53.25
C ASP CA 32 -20.89 -2.72 -53.14
N GLY CA 33 -20.88 -3.37 -51.97
CA GLY CA 33 -20.04 -4.53 -51.76
C GLY CA 33 -20.34 -5.60 -52.80
N ALA CA 34 -21.60 -6.04 -52.81
CA ALA CA 34 -22.01 -7.07 -53.74
C ALA CA 34 -21.45 -6.78 -55.12
N VAL CA 35 -21.88 -5.67 -55.72
CA VAL CA 35 -21.51 -5.36 -57.11
C VAL CA 35 -19.99 -5.37 -57.31
N ASP CA 36 -19.27 -4.60 -56.52
CA ASP CA 36 -17.83 -4.57 -56.63
C ASP CA 36 -17.30 -5.99 -56.71
N ALA CA 37 -17.53 -6.77 -55.66
CA ALA CA 37 -17.06 -8.14 -55.58
C ALA CA 37 -17.48 -8.95 -56.80
N LEU CA 38 -18.68 -8.65 -57.31
CA LEU CA 38 -19.23 -9.37 -58.46
C LEU CA 38 -18.39 -9.15 -59.69
N THR CA 39 -18.25 -7.89 -60.08
CA THR CA 39 -17.43 -7.55 -61.25
C THR CA 39 -15.94 -7.74 -60.93
N ARG CA 40 -15.38 -6.79 -60.19
CA ARG CA 40 -13.97 -6.79 -59.83
C ARG CA 40 -13.40 -8.21 -59.58
N ILE CA 41 -13.99 -8.94 -58.62
CA ILE CA 41 -13.45 -10.25 -58.23
C ILE CA 41 -13.95 -11.41 -59.11
N GLY CA 42 -15.26 -11.40 -59.40
CA GLY CA 42 -15.87 -12.48 -60.15
C GLY CA 42 -15.83 -12.32 -61.66
N GLN CA 43 -15.25 -11.22 -62.16
CA GLN CA 43 -15.06 -11.02 -63.59
C GLN CA 43 -16.38 -10.91 -64.32
N VAL CA 44 -17.43 -10.58 -63.59
CA VAL CA 44 -18.76 -10.46 -64.19
C VAL CA 44 -18.97 -9.12 -64.87
N LYS CA 45 -19.40 -9.16 -66.12
CA LYS CA 45 -19.70 -7.94 -66.85
C LYS CA 45 -20.96 -7.25 -66.29
N ASP CA 46 -20.87 -5.92 -66.13
CA ASP CA 46 -21.87 -5.19 -65.37
C ASP CA 46 -23.22 -5.10 -66.06
N ASP CA 47 -23.37 -5.74 -67.21
CA ASP CA 47 -24.69 -5.79 -67.84
C ASP CA 47 -25.29 -7.18 -67.70
N ASN CA 48 -24.55 -8.07 -67.06
CA ASN CA 48 -25.10 -9.38 -66.71
C ASN CA 48 -25.54 -9.32 -65.27
N ILE CA 49 -25.50 -8.12 -64.71
CA ILE CA 49 -25.98 -7.85 -63.36
C ILE CA 49 -27.25 -7.02 -63.45
N THR CA 50 -28.38 -7.61 -63.03
CA THR CA 50 -29.59 -6.82 -62.88
C THR CA 50 -29.93 -6.69 -61.38
N VAL CA 51 -30.46 -5.54 -61.01
CA VAL CA 51 -30.73 -5.25 -59.61
C VAL CA 51 -32.21 -4.97 -59.38
N VAL CA 52 -32.89 -5.87 -58.70
CA VAL CA 52 -34.30 -5.67 -58.44
C VAL CA 52 -34.48 -5.10 -57.04
N TRP CA 53 -35.27 -4.04 -56.94
CA TRP CA 53 -35.53 -3.31 -55.69
C TRP CA 53 -36.94 -3.56 -55.16
N VAL CA 54 -37.09 -4.44 -54.17
CA VAL CA 54 -38.36 -4.62 -53.47
C VAL CA 54 -38.41 -3.76 -52.22
N PRO CA 55 -39.61 -3.44 -51.75
CA PRO CA 55 -39.75 -2.58 -50.56
C PRO CA 55 -39.01 -3.11 -49.34
N GLY CA 56 -39.55 -4.14 -48.70
CA GLY CA 56 -38.97 -4.67 -47.47
C GLY CA 56 -38.29 -6.03 -47.60
N ALA CA 57 -37.44 -6.36 -46.64
CA ALA CA 57 -36.77 -7.63 -46.61
C ALA CA 57 -37.74 -8.80 -46.66
N TYR CA 58 -39.00 -8.56 -46.27
CA TYR CA 58 -40.02 -9.60 -46.27
C TYR CA 58 -40.38 -10.02 -47.67
N GLU CA 59 -40.11 -9.12 -48.62
CA GLU CA 59 -40.51 -9.31 -49.99
C GLU CA 59 -39.38 -9.96 -50.78
N LEU CA 60 -38.18 -9.97 -50.20
CA LEU CA 60 -36.99 -10.52 -50.85
C LEU CA 60 -37.26 -11.85 -51.56
N PRO CA 61 -37.93 -12.78 -50.87
CA PRO CA 61 -38.23 -14.08 -51.49
C PRO CA 61 -38.92 -13.97 -52.86
N LEU CA 62 -40.20 -13.56 -52.90
CA LEU CA 62 -40.98 -13.50 -54.14
C LEU CA 62 -40.18 -12.91 -55.28
N ALA CA 63 -39.53 -11.78 -55.02
CA ALA CA 63 -38.58 -11.22 -55.98
C ALA CA 63 -37.57 -12.26 -56.45
N THR CA 64 -36.82 -12.83 -55.50
CA THR CA 64 -35.77 -13.78 -55.87
C THR CA 64 -36.31 -15.11 -56.39
N GLU CA 65 -37.62 -15.29 -56.37
CA GLU CA 65 -38.20 -16.48 -57.00
C GLU CA 65 -38.52 -16.19 -58.46
N ALA CA 66 -39.32 -15.15 -58.69
CA ALA CA 66 -39.61 -14.70 -60.04
C ALA CA 66 -38.32 -14.59 -60.86
N LEU CA 67 -37.24 -14.18 -60.19
CA LEU CA 67 -35.93 -14.10 -60.83
C LEU CA 67 -35.40 -15.48 -61.17
N ALA CA 68 -35.01 -16.25 -60.16
CA ALA CA 68 -34.44 -17.57 -60.39
C ALA CA 68 -35.33 -18.43 -61.30
N LYS CA 69 -36.63 -18.44 -61.01
CA LYS CA 69 -37.59 -19.14 -61.86
C LYS CA 69 -37.34 -18.77 -63.31
N SER CA 70 -37.49 -17.47 -63.60
CA SER CA 70 -37.22 -16.92 -64.93
C SER CA 70 -36.19 -17.73 -65.73
N GLY CA 71 -35.06 -18.01 -65.12
CA GLY CA 71 -34.05 -18.83 -65.76
C GLY CA 71 -32.86 -18.05 -66.27
N LYS CA 72 -33.12 -16.82 -66.67
CA LYS CA 72 -32.07 -15.98 -67.24
C LYS CA 72 -30.80 -15.87 -66.36
N TYR CA 73 -30.96 -15.96 -65.04
CA TYR CA 73 -29.84 -15.71 -64.14
C TYR CA 73 -29.22 -16.98 -63.56
N ASP CA 74 -27.93 -16.92 -63.26
CA ASP CA 74 -27.22 -18.09 -62.75
C ASP CA 74 -27.20 -18.14 -61.23
N ALA CA 75 -27.49 -17.01 -60.61
CA ALA CA 75 -27.59 -16.92 -59.15
C ALA CA 75 -28.25 -15.60 -58.70
N VAL CA 76 -28.84 -15.61 -57.52
CA VAL CA 76 -29.47 -14.42 -57.01
C VAL CA 76 -28.79 -14.04 -55.71
N VAL CA 77 -28.37 -12.78 -55.62
CA VAL CA 77 -27.84 -12.28 -54.36
C VAL CA 77 -28.91 -11.48 -53.64
N ALA CA 78 -29.34 -11.99 -52.48
CA ALA CA 78 -30.40 -11.34 -51.70
C ALA CA 78 -29.82 -10.42 -50.65
N LEU CA 79 -30.18 -9.14 -50.73
CA LEU CA 79 -29.61 -8.12 -49.86
C LEU CA 79 -30.67 -7.33 -49.07
N GLY CA 80 -30.62 -7.46 -47.74
CA GLY CA 80 -31.56 -6.77 -46.89
C GLY CA 80 -30.97 -6.59 -45.52
N THR CA 81 -31.67 -5.82 -44.67
CA THR CA 81 -31.24 -5.58 -43.30
C THR CA 81 -32.46 -5.51 -42.40
N VAL CA 82 -32.43 -6.28 -41.33
CA VAL CA 82 -33.51 -6.31 -40.34
C VAL CA 82 -32.90 -6.11 -38.97
N ILE CA 83 -33.26 -5.01 -38.31
CA ILE CA 83 -32.75 -4.72 -36.98
C ILE CA 83 -33.89 -4.75 -35.95
N ARG CA 84 -33.78 -5.66 -34.99
CA ARG CA 84 -34.82 -5.87 -33.98
C ARG CA 84 -35.28 -4.56 -33.31
N GLY CA 85 -36.50 -4.58 -32.77
CA GLY CA 85 -37.05 -3.41 -32.12
C GLY CA 85 -37.98 -3.73 -30.96
N GLY CA 86 -38.96 -2.85 -30.75
CA GLY CA 86 -39.91 -2.98 -29.66
C GLY CA 86 -40.66 -4.30 -29.58
N THR CA 87 -41.16 -4.79 -30.71
CA THR CA 87 -41.87 -6.06 -30.74
C THR CA 87 -41.10 -7.11 -31.53
N ALA CA 88 -41.58 -8.34 -31.46
CA ALA CA 88 -41.05 -9.41 -32.29
C ALA CA 88 -41.75 -9.37 -33.65
N HIS CA 89 -41.58 -8.25 -34.34
CA HIS CA 89 -41.86 -8.17 -35.76
C HIS CA 89 -40.61 -8.74 -36.43
N PHE CA 90 -39.47 -8.20 -36.03
CA PHE CA 90 -38.17 -8.69 -36.47
C PHE CA 90 -38.18 -10.21 -36.64
N GLU CA 91 -38.77 -10.88 -35.66
CA GLU CA 91 -38.83 -12.33 -35.64
C GLU CA 91 -39.39 -12.81 -36.95
N TYR CA 92 -40.62 -12.39 -37.23
CA TYR CA 92 -41.36 -12.93 -38.37
C TYR CA 92 -40.80 -12.49 -39.72
N VAL CA 93 -40.35 -11.24 -39.79
CA VAL CA 93 -39.75 -10.75 -41.02
C VAL CA 93 -38.47 -11.54 -41.28
N ALA CA 94 -37.46 -11.32 -40.45
CA ALA CA 94 -36.19 -12.01 -40.60
C ALA CA 94 -36.41 -13.48 -40.92
N GLY CA 95 -37.29 -14.14 -40.18
CA GLY CA 95 -37.55 -15.55 -40.39
C GLY CA 95 -38.22 -15.89 -41.73
N GLY CA 96 -39.38 -15.29 -41.97
CA GLY CA 96 -40.11 -15.52 -43.20
C GLY CA 96 -39.32 -15.16 -44.44
N ALA CA 97 -38.18 -14.49 -44.25
CA ALA CA 97 -37.34 -14.09 -45.36
C ALA CA 97 -36.05 -14.88 -45.34
N SER CA 98 -35.82 -15.62 -44.27
CA SER CA 98 -34.73 -16.58 -44.25
C SER CA 98 -35.24 -17.91 -44.81
N ASN CA 99 -36.22 -18.49 -44.14
CA ASN CA 99 -36.88 -19.68 -44.63
C ASN CA 99 -37.37 -19.45 -46.05
N GLY CA 100 -37.75 -18.21 -46.34
CA GLY CA 100 -38.20 -17.84 -47.66
C GLY CA 100 -37.11 -18.07 -48.70
N LEU CA 101 -36.08 -17.24 -48.64
CA LEU CA 101 -34.97 -17.32 -49.59
C LEU CA 101 -34.38 -18.72 -49.63
N ALA CA 102 -34.44 -19.40 -48.50
CA ALA CA 102 -33.99 -20.78 -48.44
C ALA CA 102 -34.80 -21.70 -49.36
N SER CA 103 -36.12 -21.61 -49.26
CA SER CA 103 -37.01 -22.45 -50.07
C SER CA 103 -36.85 -22.17 -51.56
N VAL CA 104 -36.69 -20.89 -51.90
CA VAL CA 104 -36.50 -20.48 -53.29
C VAL CA 104 -35.27 -21.16 -53.88
N ALA CA 105 -34.29 -21.41 -53.03
CA ALA CA 105 -33.09 -22.12 -53.47
C ALA CA 105 -33.43 -23.55 -53.85
N GLN CA 106 -33.88 -24.33 -52.86
CA GLN CA 106 -34.07 -25.77 -53.03
C GLN CA 106 -35.11 -26.12 -54.09
N ASP CA 107 -35.89 -25.13 -54.52
CA ASP CA 107 -36.94 -25.35 -55.51
C ASP CA 107 -36.56 -24.88 -56.90
N SER CA 108 -35.48 -24.10 -56.99
CA SER CA 108 -35.09 -23.52 -58.27
C SER CA 108 -33.77 -24.10 -58.73
N GLY CA 109 -32.99 -24.62 -57.80
CA GLY CA 109 -31.67 -25.15 -58.10
C GLY CA 109 -30.71 -24.01 -58.33
N VAL CA 110 -31.23 -22.79 -58.28
CA VAL CA 110 -30.39 -21.60 -58.41
C VAL CA 110 -29.86 -21.18 -57.04
N PRO CA 111 -28.52 -21.09 -56.93
CA PRO CA 111 -27.94 -20.65 -55.67
C PRO CA 111 -28.47 -19.28 -55.30
N VAL CA 112 -28.62 -19.03 -54.01
CA VAL CA 112 -29.05 -17.74 -53.50
C VAL CA 112 -28.23 -17.39 -52.26
N ALA CA 113 -27.65 -16.19 -52.28
CA ALA CA 113 -26.88 -15.70 -51.16
C ALA CA 113 -27.78 -15.04 -50.12
N PHE CA 114 -27.67 -15.52 -48.88
CA PHE CA 114 -28.43 -14.95 -47.78
C PHE CA 114 -27.72 -13.71 -47.23
N GLY CA 115 -27.75 -12.63 -48.00
CA GLY CA 115 -27.07 -11.41 -47.60
C GLY CA 115 -28.00 -10.50 -46.82
N VAL CA 116 -28.68 -11.09 -45.84
CA VAL CA 116 -29.65 -10.34 -45.03
C VAL CA 116 -29.14 -10.19 -43.61
N LEU CA 117 -28.85 -8.96 -43.22
CA LEU CA 117 -28.40 -8.69 -41.87
C LEU CA 117 -29.54 -8.79 -40.88
N THR CA 118 -29.40 -9.69 -39.92
CA THR CA 118 -30.39 -9.86 -38.86
C THR CA 118 -29.73 -9.54 -37.52
N THR CA 119 -29.84 -8.28 -37.10
CA THR CA 119 -29.07 -7.79 -35.96
C THR CA 119 -29.91 -7.26 -34.81
N GLU CA 120 -29.28 -6.42 -33.99
CA GLU CA 120 -29.94 -5.86 -32.79
C GLU CA 120 -29.77 -4.35 -32.74
N SER CA 121 -28.83 -3.83 -33.52
CA SER CA 121 -28.53 -2.40 -33.50
C SER CA 121 -28.01 -1.89 -34.82
N ILE CA 122 -28.14 -0.59 -35.01
CA ILE CA 122 -27.57 0.06 -36.17
C ILE CA 122 -26.08 -0.10 -36.03
N GLU CA 123 -25.63 -0.16 -34.78
CA GLU CA 123 -24.23 -0.39 -34.44
C GLU CA 123 -23.70 -1.68 -35.05
N GLN CA 124 -24.37 -2.79 -34.75
CA GLN CA 124 -24.01 -4.08 -35.30
C GLN CA 124 -24.13 -4.13 -36.81
N ALA CA 125 -25.17 -3.54 -37.36
CA ALA CA 125 -25.34 -3.57 -38.81
C ALA CA 125 -24.22 -2.81 -39.50
N ILE CA 126 -23.93 -1.60 -39.02
CA ILE CA 126 -22.84 -0.84 -39.62
C ILE CA 126 -21.50 -1.58 -39.51
N GLU CA 127 -21.35 -2.40 -38.48
CA GLU CA 127 -20.18 -3.28 -38.38
C GLU CA 127 -20.13 -4.30 -39.51
N ARG CA 128 -21.29 -4.85 -39.85
CA ARG CA 128 -21.37 -5.98 -40.76
C ARG CA 128 -21.68 -5.56 -42.21
N ALA CA 129 -21.62 -4.27 -42.45
CA ALA CA 129 -21.86 -3.76 -43.79
C ALA CA 129 -20.82 -2.75 -44.20
N GLY CA 130 -19.54 -3.13 -44.10
CA GLY CA 130 -18.46 -2.30 -44.60
C GLY CA 130 -17.32 -2.02 -43.64
N THR CA 131 -17.64 -1.88 -42.36
CA THR CA 131 -16.64 -1.49 -41.38
C THR CA 131 -16.00 -2.69 -40.68
N LYS CA 132 -15.92 -2.58 -39.36
CA LYS CA 132 -15.21 -3.53 -38.52
C LYS CA 132 -15.20 -4.98 -39.01
N ALA CA 133 -16.40 -5.56 -39.13
CA ALA CA 133 -16.50 -6.97 -39.49
C ALA CA 133 -17.00 -7.17 -40.93
N GLY CA 134 -16.25 -6.67 -41.88
CA GLY CA 134 -16.50 -6.99 -43.27
C GLY CA 134 -17.73 -6.34 -43.83
N ASN CA 135 -18.24 -6.93 -44.92
CA ASN CA 135 -19.30 -6.30 -45.72
C ASN CA 135 -20.19 -7.39 -46.35
N LYS CA 136 -21.00 -8.02 -45.52
CA LYS CA 136 -21.69 -9.24 -45.91
C LYS CA 136 -22.20 -9.23 -47.31
N GLY CA 137 -22.57 -8.04 -47.79
CA GLY CA 137 -23.06 -7.88 -49.16
C GLY CA 137 -22.12 -8.47 -50.19
N ALA CA 138 -20.84 -8.10 -50.06
CA ALA CA 138 -19.78 -8.59 -50.93
C ALA CA 138 -19.67 -10.08 -50.73
N GLU CA 139 -19.45 -10.48 -49.48
CA GLU CA 139 -19.40 -11.89 -49.14
C GLU CA 139 -20.51 -12.68 -49.83
N ALA CA 140 -21.74 -12.21 -49.69
CA ALA CA 140 -22.90 -12.87 -50.30
C ALA CA 140 -22.65 -13.12 -51.79
N ALA CA 141 -22.05 -12.15 -52.45
CA ALA CA 141 -21.83 -12.27 -53.88
C ALA CA 141 -20.74 -13.32 -54.18
N LEU CA 142 -19.64 -13.28 -53.45
CA LEU CA 142 -18.61 -14.28 -53.62
C LEU CA 142 -19.16 -15.68 -53.39
N THR CA 143 -19.77 -15.92 -52.23
CA THR CA 143 -20.45 -17.19 -51.97
C THR CA 143 -21.46 -17.53 -53.11
N ALA CA 144 -22.12 -16.49 -53.61
CA ALA CA 144 -22.99 -16.67 -54.74
C ALA CA 144 -22.19 -17.27 -55.87
N LEU CA 145 -21.25 -16.49 -56.40
CA LEU CA 145 -20.37 -16.98 -57.46
C LEU CA 145 -19.88 -18.39 -57.16
N GLU CA 146 -19.01 -18.55 -56.17
CA GLU CA 146 -18.48 -19.86 -55.83
C GLU CA 146 -19.53 -20.94 -56.02
N MET CA 147 -20.69 -20.76 -55.40
CA MET CA 147 -21.74 -21.77 -55.50
C MET CA 147 -22.13 -22.07 -56.94
N ILE CA 148 -22.12 -21.05 -57.78
CA ILE CA 148 -22.34 -21.24 -59.21
C ILE CA 148 -21.44 -22.34 -59.76
N ASN CA 149 -20.13 -22.16 -59.59
CA ASN CA 149 -19.13 -23.09 -60.09
C ASN CA 149 -19.10 -24.41 -59.33
N VAL CA 150 -19.52 -24.37 -58.07
CA VAL CA 150 -19.59 -25.59 -57.29
C VAL CA 150 -20.66 -26.50 -57.86
N LEU CA 151 -21.88 -25.98 -57.97
CA LEU CA 151 -22.98 -26.74 -58.55
C LEU CA 151 -22.55 -27.24 -59.93
N LYS CA 152 -22.00 -26.34 -60.72
CA LYS CA 152 -21.50 -26.67 -62.06
C LYS CA 152 -20.58 -27.88 -62.01
N ALA CA 153 -19.82 -28.00 -60.92
CA ALA CA 153 -18.82 -29.06 -60.80
C ALA CA 153 -19.45 -30.42 -60.52
N ILE CA 154 -20.75 -30.53 -60.70
CA ILE CA 154 -21.44 -31.80 -60.52
C ILE CA 154 -22.52 -31.99 -61.60
N MET DA 1 -39.72 -62.27 -32.89
CA MET DA 1 -39.68 -60.83 -33.09
C MET DA 1 -38.43 -60.41 -33.85
N ASN DA 2 -38.60 -59.88 -35.06
CA ASN DA 2 -37.47 -59.54 -35.90
C ASN DA 2 -36.91 -58.13 -35.66
N ILE DA 3 -35.60 -58.06 -35.45
CA ILE DA 3 -34.92 -56.84 -35.09
C ILE DA 3 -33.89 -56.43 -36.15
N ILE DA 4 -33.76 -55.14 -36.40
CA ILE DA 4 -32.79 -54.66 -37.38
C ILE DA 4 -31.68 -53.84 -36.74
N LYS DA 5 -30.53 -54.46 -36.51
CA LYS DA 5 -29.35 -53.74 -36.03
C LYS DA 5 -28.31 -53.82 -37.11
N ALA DA 6 -27.79 -52.66 -37.51
CA ALA DA 6 -26.84 -52.62 -38.63
C ALA DA 6 -25.44 -52.15 -38.26
N ASN DA 7 -24.42 -52.78 -38.85
CA ASN DA 7 -23.04 -52.38 -38.62
C ASN DA 7 -22.56 -51.20 -39.47
N VAL DA 8 -21.35 -50.71 -39.20
CA VAL DA 8 -20.84 -49.49 -39.80
C VAL DA 8 -19.87 -49.75 -40.93
N ALA DA 9 -19.78 -51.00 -41.37
CA ALA DA 9 -18.92 -51.32 -42.49
C ALA DA 9 -19.73 -51.35 -43.81
N ALA DA 10 -19.09 -50.99 -44.92
CA ALA DA 10 -19.79 -50.87 -46.22
C ALA DA 10 -18.88 -50.44 -47.39
N PRO DA 11 -18.11 -51.36 -47.98
CA PRO DA 11 -17.00 -50.89 -48.82
C PRO DA 11 -17.33 -50.39 -50.26
N ASP DA 12 -18.42 -50.87 -50.85
CA ASP DA 12 -18.77 -50.53 -52.24
C ASP DA 12 -19.60 -49.26 -52.39
N ALA DA 13 -19.97 -48.68 -51.26
CA ALA DA 13 -20.83 -47.52 -51.26
C ALA DA 13 -20.03 -46.24 -51.32
N ARG DA 14 -20.36 -45.41 -52.30
CA ARG DA 14 -19.67 -44.15 -52.54
C ARG DA 14 -20.26 -42.99 -51.70
N VAL DA 15 -19.49 -42.49 -50.75
CA VAL DA 15 -19.97 -41.43 -49.83
C VAL DA 15 -19.50 -40.05 -50.26
N ALA DA 16 -20.37 -39.05 -50.14
CA ALA DA 16 -20.00 -37.69 -50.48
C ALA DA 16 -19.98 -36.79 -49.25
N ILE DA 17 -18.82 -36.19 -49.00
CA ILE DA 17 -18.66 -35.29 -47.87
C ILE DA 17 -18.66 -33.85 -48.36
N THR DA 18 -19.48 -33.02 -47.71
CA THR DA 18 -19.56 -31.59 -47.99
C THR DA 18 -19.08 -30.78 -46.79
N ILE DA 19 -18.46 -29.64 -47.05
CA ILE DA 19 -17.79 -28.90 -45.98
C ILE DA 19 -17.76 -27.40 -46.20
N ALA DA 20 -18.01 -26.66 -45.13
CA ALA DA 20 -17.87 -25.21 -45.16
C ALA DA 20 -16.45 -24.80 -44.78
N ARG DA 21 -15.85 -23.91 -45.55
CA ARG DA 21 -14.48 -23.46 -45.28
C ARG DA 21 -14.42 -22.42 -44.18
N PHE DA 22 -15.53 -21.69 -44.00
CA PHE DA 22 -15.69 -20.76 -42.87
C PHE DA 22 -15.62 -21.58 -41.60
N ASN DA 23 -14.81 -21.14 -40.65
CA ASN DA 23 -14.50 -21.94 -39.48
C ASN DA 23 -13.68 -23.14 -39.88
N GLN DA 24 -12.85 -22.93 -40.91
CA GLN DA 24 -11.94 -23.94 -41.38
C GLN DA 24 -11.14 -24.52 -40.21
N PHE DA 25 -10.53 -23.64 -39.42
CA PHE DA 25 -9.66 -24.08 -38.36
C PHE DA 25 -10.31 -25.16 -37.52
N ILE DA 26 -11.63 -25.31 -37.63
CA ILE DA 26 -12.35 -26.27 -36.83
C ILE DA 26 -12.97 -27.33 -37.70
N ASN DA 27 -13.57 -26.92 -38.80
CA ASN DA 27 -14.15 -27.85 -39.74
C ASN DA 27 -13.10 -28.82 -40.30
N ASP DA 28 -11.82 -28.44 -40.26
CA ASP DA 28 -10.78 -29.27 -40.91
C ASP DA 28 -10.60 -30.59 -40.20
N SER DA 29 -10.69 -30.55 -38.87
CA SER DA 29 -10.66 -31.76 -38.06
C SER DA 29 -11.90 -32.59 -38.32
N LEU DA 30 -13.03 -31.91 -38.43
CA LEU DA 30 -14.29 -32.56 -38.78
C LEU DA 30 -14.11 -33.46 -39.99
N LEU DA 31 -13.44 -32.93 -41.02
CA LEU DA 31 -13.14 -33.71 -42.21
C LEU DA 31 -12.22 -34.89 -41.88
N ASP DA 32 -11.14 -34.62 -41.14
CA ASP DA 32 -10.20 -35.66 -40.77
C ASP DA 32 -10.90 -36.82 -40.07
N GLY DA 33 -11.74 -36.47 -39.10
CA GLY DA 33 -12.52 -37.49 -38.42
C GLY DA 33 -13.36 -38.25 -39.43
N ALA DA 34 -14.19 -37.51 -40.14
CA ALA DA 34 -15.09 -38.11 -41.10
C ALA DA 34 -14.32 -39.13 -41.93
N VAL DA 35 -13.34 -38.65 -42.72
CA VAL DA 35 -12.62 -39.50 -43.65
C VAL DA 35 -12.01 -40.73 -42.96
N ASP DA 36 -11.26 -40.50 -41.89
CA ASP DA 36 -10.68 -41.63 -41.16
C ASP DA 36 -11.75 -42.67 -40.90
N ALA DA 37 -12.76 -42.29 -40.14
CA ALA DA 37 -13.84 -43.19 -39.77
C ALA DA 37 -14.44 -43.86 -41.00
N LEU DA 38 -14.52 -43.13 -42.11
CA LEU DA 38 -15.11 -43.63 -43.34
C LEU DA 38 -14.32 -44.81 -43.87
N THR DA 39 -13.05 -44.58 -44.15
CA THR DA 39 -12.20 -45.62 -44.67
C THR DA 39 -11.92 -46.60 -43.58
N ARG DA 40 -11.01 -46.26 -42.67
CA ARG DA 40 -10.59 -47.12 -41.58
C ARG DA 40 -11.69 -48.01 -40.98
N ILE DA 41 -12.79 -47.41 -40.53
CA ILE DA 41 -13.83 -48.17 -39.89
C ILE DA 41 -14.85 -48.74 -40.87
N GLY DA 42 -15.22 -47.92 -41.84
CA GLY DA 42 -16.30 -48.29 -42.75
C GLY DA 42 -15.86 -49.05 -43.99
N GLN DA 43 -14.55 -49.27 -44.10
CA GLN DA 43 -14.00 -50.08 -45.18
C GLN DA 43 -14.20 -49.41 -46.55
N VAL DA 44 -14.39 -48.10 -46.55
CA VAL DA 44 -14.65 -47.41 -47.79
C VAL DA 44 -13.36 -47.06 -48.50
N LYS DA 45 -13.28 -47.41 -49.77
CA LYS DA 45 -12.12 -47.05 -50.58
C LYS DA 45 -12.09 -45.55 -50.80
N ASP DA 46 -10.90 -44.97 -50.70
CA ASP DA 46 -10.78 -43.51 -50.65
C ASP DA 46 -11.06 -42.81 -51.99
N ASP DA 47 -11.44 -43.58 -53.00
CA ASP DA 47 -11.85 -42.96 -54.27
C ASP DA 47 -13.35 -43.03 -54.46
N ASN DA 48 -14.04 -43.65 -53.51
CA ASN DA 48 -15.50 -43.58 -53.47
C ASN DA 48 -15.92 -42.46 -52.52
N ILE DA 49 -14.92 -41.70 -52.09
CA ILE DA 49 -15.13 -40.53 -51.27
C ILE DA 49 -14.84 -39.28 -52.11
N THR DA 50 -15.85 -38.49 -52.37
CA THR DA 50 -15.61 -37.18 -52.95
C THR DA 50 -15.99 -36.12 -51.94
N VAL DA 51 -15.24 -35.03 -51.95
CA VAL DA 51 -15.36 -33.97 -50.95
C VAL DA 51 -15.69 -32.64 -51.60
N VAL DA 52 -16.90 -32.17 -51.38
CA VAL DA 52 -17.31 -30.90 -51.95
C VAL DA 52 -17.15 -29.78 -50.92
N TRP DA 53 -16.52 -28.68 -51.33
CA TRP DA 53 -16.24 -27.55 -50.44
C TRP DA 53 -17.11 -26.33 -50.81
N VAL DA 54 -18.17 -26.08 -50.03
CA VAL DA 54 -18.95 -24.84 -50.18
C VAL DA 54 -18.46 -23.79 -49.19
N PRO DA 55 -18.72 -22.52 -49.49
CA PRO DA 55 -18.25 -21.43 -48.63
C PRO DA 55 -18.71 -21.60 -47.19
N GLY DA 56 -19.98 -21.30 -46.95
CA GLY DA 56 -20.53 -21.31 -45.60
C GLY DA 56 -21.48 -22.45 -45.29
N ALA DA 57 -21.68 -22.69 -44.01
CA ALA DA 57 -22.59 -23.74 -43.55
C ALA DA 57 -23.98 -23.54 -44.11
N TYR DA 58 -24.30 -22.31 -44.52
CA TYR DA 58 -25.61 -22.00 -45.04
C TYR DA 58 -25.81 -22.61 -46.41
N GLU DA 59 -24.68 -22.96 -47.02
CA GLU DA 59 -24.71 -23.48 -48.38
C GLU DA 59 -24.70 -24.98 -48.36
N LEU DA 60 -24.39 -25.57 -47.22
CA LEU DA 60 -24.32 -27.03 -47.11
C LEU DA 60 -25.48 -27.75 -47.77
N PRO DA 61 -26.70 -27.22 -47.60
CA PRO DA 61 -27.86 -27.88 -48.22
C PRO DA 61 -27.73 -28.04 -49.73
N LEU DA 62 -27.79 -26.93 -50.46
CA LEU DA 62 -27.75 -27.02 -51.92
C LEU DA 62 -26.67 -27.97 -52.42
N ALA DA 63 -25.48 -27.83 -51.87
CA ALA DA 63 -24.41 -28.78 -52.16
C ALA DA 63 -24.90 -30.21 -51.95
N THR DA 64 -25.32 -30.54 -50.73
CA THR DA 64 -25.73 -31.92 -50.42
C THR DA 64 -27.03 -32.36 -51.11
N GLU DA 65 -27.69 -31.46 -51.83
CA GLU DA 65 -28.83 -31.87 -52.64
C GLU DA 65 -28.37 -32.26 -54.04
N ALA DA 66 -27.67 -31.35 -54.71
CA ALA DA 66 -27.10 -31.67 -56.01
C ALA DA 66 -26.34 -32.99 -55.94
N LEU DA 67 -25.72 -33.26 -54.78
CA LEU DA 67 -25.02 -34.52 -54.60
C LEU DA 67 -26.00 -35.69 -54.52
N ALA DA 68 -26.76 -35.77 -53.45
CA ALA DA 68 -27.69 -36.88 -53.29
C ALA DA 68 -28.55 -37.06 -54.53
N LYS DA 69 -29.10 -35.96 -55.02
CA LYS DA 69 -29.93 -35.99 -56.23
C LYS DA 69 -29.18 -36.76 -57.29
N SER DA 70 -28.00 -36.26 -57.64
CA SER DA 70 -27.12 -36.88 -58.62
C SER DA 70 -27.27 -38.39 -58.69
N GLY DA 71 -27.29 -39.03 -57.52
CA GLY DA 71 -27.54 -40.46 -57.44
C GLY DA 71 -26.28 -41.29 -57.23
N LYS DA 72 -25.16 -40.82 -57.76
CA LYS DA 72 -23.89 -41.54 -57.67
C LYS DA 72 -23.50 -41.95 -56.24
N TYR DA 73 -23.93 -41.17 -55.23
CA TYR DA 73 -23.50 -41.41 -53.85
C TYR DA 73 -24.53 -42.12 -52.97
N ASP DA 74 -24.06 -42.89 -51.99
CA ASP DA 74 -24.95 -43.65 -51.12
C ASP DA 74 -25.33 -42.90 -49.85
N ALA DA 75 -24.57 -41.86 -49.54
CA ALA DA 75 -24.89 -40.98 -48.42
C ALA DA 75 -24.03 -39.75 -48.45
N VAL DA 76 -24.50 -38.70 -47.81
CA VAL DA 76 -23.77 -37.44 -47.77
C VAL DA 76 -23.44 -37.09 -46.34
N VAL DA 77 -22.19 -36.79 -46.09
CA VAL DA 77 -21.82 -36.35 -44.76
C VAL DA 77 -21.66 -34.84 -44.79
N ALA DA 78 -22.52 -34.13 -44.07
CA ALA DA 78 -22.48 -32.67 -44.05
C ALA DA 78 -21.66 -32.16 -42.87
N LEU DA 79 -20.64 -31.37 -43.16
CA LEU DA 79 -19.68 -30.92 -42.14
C LEU DA 79 -19.53 -29.41 -42.11
N GLY DA 80 -19.88 -28.81 -40.98
CA GLY DA 80 -19.79 -27.37 -40.84
C GLY DA 80 -19.71 -26.99 -39.38
N THR DA 81 -19.43 -25.72 -39.12
CA THR DA 81 -19.38 -25.21 -37.75
C THR DA 81 -19.95 -23.80 -37.69
N VAL DA 82 -20.90 -23.60 -36.77
CA VAL DA 82 -21.52 -22.29 -36.58
C VAL DA 82 -21.42 -21.94 -35.11
N ILE DA 83 -20.70 -20.85 -34.82
CA ILE DA 83 -20.55 -20.43 -33.43
C ILE DA 83 -21.20 -19.08 -33.22
N ARG DA 84 -22.22 -19.04 -32.35
CA ARG DA 84 -22.99 -17.81 -32.08
C ARG DA 84 -22.13 -16.58 -31.85
N GLY DA 85 -22.72 -15.41 -32.03
CA GLY DA 85 -22.02 -14.15 -31.88
C GLY DA 85 -22.92 -12.99 -31.46
N GLY DA 86 -22.53 -11.79 -31.87
CA GLY DA 86 -23.22 -10.58 -31.47
C GLY DA 86 -24.71 -10.58 -31.75
N THR DA 87 -25.09 -11.04 -32.93
CA THR DA 87 -26.49 -11.04 -33.33
C THR DA 87 -26.98 -12.46 -33.48
N ALA DA 88 -28.30 -12.61 -33.66
CA ALA DA 88 -28.87 -13.89 -34.06
C ALA DA 88 -28.77 -14.04 -35.57
N HIS DA 89 -27.55 -14.06 -36.08
CA HIS DA 89 -27.28 -14.54 -37.44
C HIS DA 89 -27.20 -16.06 -37.26
N PHE DA 90 -26.37 -16.47 -36.31
CA PHE DA 90 -26.25 -17.87 -35.92
C PHE DA 90 -27.59 -18.58 -36.05
N GLU DA 91 -28.63 -17.94 -35.53
CA GLU DA 91 -29.96 -18.50 -35.49
C GLU DA 91 -30.34 -18.98 -36.87
N TYR DA 92 -30.35 -18.05 -37.80
CA TYR DA 92 -30.83 -18.29 -39.16
C TYR DA 92 -29.90 -19.22 -39.97
N VAL DA 93 -28.59 -19.07 -39.77
CA VAL DA 93 -27.66 -19.93 -40.48
C VAL DA 93 -27.86 -21.35 -39.97
N ALA DA 94 -27.52 -21.57 -38.71
CA ALA DA 94 -27.64 -22.89 -38.12
C ALA DA 94 -28.96 -23.53 -38.49
N GLY DA 95 -30.04 -22.79 -38.34
CA GLY DA 95 -31.37 -23.30 -38.62
C GLY DA 95 -31.61 -23.64 -40.07
N GLY DA 96 -31.47 -22.64 -40.95
CA GLY DA 96 -31.65 -22.82 -42.37
C GLY DA 96 -30.75 -23.88 -42.99
N ALA DA 97 -29.81 -24.37 -42.20
CA ALA DA 97 -28.91 -25.42 -42.67
C ALA DA 97 -29.18 -26.70 -41.91
N SER DA 98 -29.99 -26.62 -40.86
CA SER DA 98 -30.44 -27.82 -40.18
C SER DA 98 -31.68 -28.30 -40.90
N ASN DA 99 -32.71 -27.46 -40.87
CA ASN DA 99 -33.93 -27.73 -41.63
C ASN DA 99 -33.59 -28.02 -43.08
N GLY DA 100 -32.56 -27.36 -43.58
CA GLY DA 100 -32.11 -27.57 -44.94
C GLY DA 100 -31.69 -29.00 -45.18
N LEU DA 101 -30.55 -29.39 -44.60
CA LEU DA 101 -30.02 -30.75 -44.75
C LEU DA 101 -31.05 -31.79 -44.38
N ALA DA 102 -31.97 -31.44 -43.47
CA ALA DA 102 -33.05 -32.34 -43.09
C ALA DA 102 -33.99 -32.61 -44.26
N SER DA 103 -34.43 -31.54 -44.92
CA SER DA 103 -35.31 -31.67 -46.06
C SER DA 103 -34.66 -32.44 -47.22
N VAL DA 104 -33.36 -32.18 -47.45
CA VAL DA 104 -32.62 -32.87 -48.51
C VAL DA 104 -32.67 -34.39 -48.29
N ALA DA 105 -32.66 -34.79 -47.03
CA ALA DA 105 -32.81 -36.21 -46.70
C ALA DA 105 -34.16 -36.76 -47.16
N GLN DA 106 -35.24 -36.22 -46.56
CA GLN DA 106 -36.58 -36.76 -46.76
C GLN DA 106 -37.04 -36.69 -48.22
N ASP DA 107 -36.34 -35.90 -49.03
CA ASP DA 107 -36.71 -35.75 -50.44
C ASP DA 107 -35.82 -36.56 -51.38
N SER DA 108 -34.73 -37.09 -50.86
CA SER DA 108 -33.78 -37.80 -51.71
C SER DA 108 -33.71 -39.27 -51.32
N GLY DA 109 -34.10 -39.57 -50.09
CA GLY DA 109 -34.01 -40.94 -49.59
C GLY DA 109 -32.57 -41.32 -49.29
N VAL DA 110 -31.66 -40.39 -49.58
CA VAL DA 110 -30.27 -40.58 -49.24
C VAL DA 110 -29.99 -40.08 -47.83
N PRO DA 111 -29.46 -40.95 -46.97
CA PRO DA 111 -29.12 -40.52 -45.61
C PRO DA 111 -28.13 -39.38 -45.64
N VAL DA 112 -28.29 -38.45 -44.70
CA VAL DA 112 -27.38 -37.32 -44.60
C VAL DA 112 -27.02 -37.07 -43.15
N ALA DA 113 -25.72 -37.00 -42.87
CA ALA DA 113 -25.26 -36.82 -41.50
C ALA DA 113 -25.24 -35.33 -41.14
N PHE DA 114 -25.93 -34.99 -40.06
CA PHE DA 114 -25.89 -33.62 -39.57
C PHE DA 114 -24.62 -33.35 -38.75
N GLY DA 115 -23.47 -33.31 -39.43
CA GLY DA 115 -22.19 -33.04 -38.80
C GLY DA 115 -21.89 -31.55 -38.68
N VAL DA 116 -22.88 -30.80 -38.20
CA VAL DA 116 -22.76 -29.36 -38.10
C VAL DA 116 -22.74 -28.92 -36.64
N LEU DA 117 -21.60 -28.39 -36.24
CA LEU DA 117 -21.46 -27.92 -34.88
C LEU DA 117 -22.19 -26.60 -34.68
N THR DA 118 -23.18 -26.61 -33.81
CA THR DA 118 -23.94 -25.41 -33.44
C THR DA 118 -23.71 -25.05 -31.97
N THR DA 119 -22.74 -24.18 -31.72
CA THR DA 119 -22.23 -23.97 -30.37
C THR DA 119 -22.29 -22.53 -29.92
N GLU DA 120 -21.47 -22.20 -28.92
CA GLU DA 120 -21.46 -20.86 -28.32
C GLU DA 120 -20.05 -20.30 -28.23
N SER DA 121 -19.05 -21.17 -28.35
CA SER DA 121 -17.67 -20.75 -28.22
C SER DA 121 -16.73 -21.62 -29.03
N ILE DA 122 -15.56 -21.07 -29.35
CA ILE DA 122 -14.49 -21.83 -29.98
C ILE DA 122 -14.13 -22.94 -29.01
N GLU DA 123 -14.29 -22.64 -27.72
CA GLU DA 123 -14.06 -23.59 -26.64
C GLU DA 123 -14.91 -24.84 -26.78
N GLN DA 124 -16.22 -24.65 -26.92
CA GLN DA 124 -17.15 -25.77 -27.09
C GLN DA 124 -16.90 -26.50 -28.39
N ALA DA 125 -16.65 -25.76 -29.46
CA ALA DA 125 -16.41 -26.37 -30.76
C ALA DA 125 -15.14 -27.25 -30.74
N ILE DA 126 -14.05 -26.71 -30.19
CA ILE DA 126 -12.82 -27.49 -30.09
C ILE DA 126 -13.02 -28.74 -29.23
N GLU DA 127 -13.98 -28.69 -28.31
CA GLU DA 127 -14.32 -29.85 -27.51
C GLU DA 127 -14.97 -30.92 -28.37
N ARG DA 128 -15.84 -30.47 -29.28
CA ARG DA 128 -16.70 -31.36 -30.05
C ARG DA 128 -16.12 -31.75 -31.41
N ALA DA 129 -14.87 -31.37 -31.65
CA ALA DA 129 -14.22 -31.65 -32.91
C ALA DA 129 -12.82 -32.23 -32.69
N GLY DA 130 -12.72 -33.24 -31.85
CA GLY DA 130 -11.45 -33.95 -31.67
C GLY DA 130 -10.98 -34.17 -30.24
N THR DA 131 -11.30 -33.22 -29.37
CA THR DA 131 -10.79 -33.27 -28.01
C THR DA 131 -11.79 -33.90 -27.06
N LYS DA 132 -11.96 -33.23 -25.92
CA LYS DA 132 -12.74 -33.73 -24.79
C LYS DA 132 -13.95 -34.59 -25.16
N ALA DA 133 -14.86 -34.01 -25.94
CA ALA DA 133 -16.08 -34.73 -26.23
C ALA DA 133 -16.16 -35.24 -27.66
N GLY DA 134 -15.25 -36.13 -28.02
CA GLY DA 134 -15.29 -36.72 -29.35
C GLY DA 134 -15.01 -35.82 -30.54
N ASN DA 135 -15.47 -36.26 -31.70
CA ASN DA 135 -15.14 -35.63 -32.96
C ASN DA 135 -16.31 -35.75 -33.95
N LYS DA 136 -17.39 -35.01 -33.68
CA LYS DA 136 -18.64 -35.20 -34.38
C LYS DA 136 -18.48 -35.56 -35.87
N GLY DA 137 -17.43 -35.03 -36.50
CA GLY DA 137 -17.16 -35.29 -37.91
C GLY DA 137 -17.15 -36.77 -38.17
N ALA DA 138 -16.43 -37.48 -37.31
CA ALA DA 138 -16.28 -38.92 -37.47
C ALA DA 138 -17.61 -39.59 -37.22
N GLU DA 139 -18.20 -39.24 -36.07
CA GLU DA 139 -19.52 -39.71 -35.70
C GLU DA 139 -20.48 -39.59 -36.85
N ALA DA 140 -20.55 -38.40 -37.42
CA ALA DA 140 -21.42 -38.14 -38.58
C ALA DA 140 -21.20 -39.16 -39.69
N ALA DA 141 -19.95 -39.54 -39.92
CA ALA DA 141 -19.65 -40.55 -40.93
C ALA DA 141 -20.20 -41.92 -40.56
N LEU DA 142 -19.94 -42.35 -39.33
CA LEU DA 142 -20.41 -43.65 -38.87
C LEU DA 142 -21.93 -43.74 -38.95
N THR DA 143 -22.59 -42.76 -38.36
CA THR DA 143 -24.05 -42.68 -38.47
C THR DA 143 -24.48 -42.68 -39.92
N ALA DA 144 -23.68 -42.03 -40.78
CA ALA DA 144 -23.92 -42.03 -42.21
C ALA DA 144 -23.94 -43.45 -42.69
N LEU DA 145 -22.78 -44.10 -42.57
CA LEU DA 145 -22.66 -45.51 -42.92
C LEU DA 145 -23.80 -46.33 -42.34
N GLU DA 146 -23.80 -46.54 -41.03
CA GLU DA 146 -24.89 -47.31 -40.43
C GLU DA 146 -26.21 -47.08 -41.18
N MET DA 147 -26.65 -45.84 -41.27
CA MET DA 147 -27.91 -45.54 -41.94
C MET DA 147 -28.01 -46.17 -43.34
N ILE DA 148 -26.91 -46.11 -44.08
CA ILE DA 148 -26.86 -46.75 -45.38
C ILE DA 148 -27.37 -48.18 -45.27
N ASN DA 149 -26.75 -48.96 -44.38
CA ASN DA 149 -27.13 -50.37 -44.23
C ASN DA 149 -28.49 -50.54 -43.56
N VAL DA 150 -28.89 -49.56 -42.76
CA VAL DA 150 -30.18 -49.61 -42.10
C VAL DA 150 -31.30 -49.51 -43.12
N LEU DA 151 -31.28 -48.43 -43.91
CA LEU DA 151 -32.24 -48.28 -45.00
C LEU DA 151 -32.22 -49.53 -45.89
N LYS DA 152 -31.02 -49.97 -46.27
CA LYS DA 152 -30.83 -51.17 -47.08
C LYS DA 152 -31.59 -52.36 -46.48
N ALA DA 153 -31.62 -52.45 -45.15
CA ALA DA 153 -32.27 -53.56 -44.46
C ALA DA 153 -33.81 -53.51 -44.54
N ILE DA 154 -34.32 -52.69 -45.44
CA ILE DA 154 -35.77 -52.61 -45.63
C ILE DA 154 -36.06 -52.49 -47.14
#